data_2M2U
#
_entry.id   2M2U
#
loop_
_entity.id
_entity.type
_entity.pdbx_description
1 polymer 'Repair DNA polymerase X'
2 non-polymer "2'-DEOXYGUANOSINE-5'-TRIPHOSPHATE"
3 non-polymer 'MAGNESIUM ION'
#
_entity_poly.entity_id   1
_entity_poly.type   'polypeptide(L)'
_entity_poly.pdbx_seq_one_letter_code
;MLTLIQGKKIVNHLRSRLAFEYNGQLIKILSKNIVAVGSLRREEKMLNDVDLLIIVPEKKLLKHVLPNIRIKGLSFSVKV
CGERKCVLFIEWEKKTYQLDLFTALAEEKPYAIFHFTGPVSYLIRIRAALKKKNYKLNQYGLFKNQTLVPLKITTEKELI
KELGFTYRIPKKRL
;
_entity_poly.pdbx_strand_id   A
#
loop_
_chem_comp.id
_chem_comp.type
_chem_comp.name
_chem_comp.formula
DGT non-polymer 2'-DEOXYGUANOSINE-5'-TRIPHOSPHATE 'C10 H16 N5 O13 P3'
MG non-polymer 'MAGNESIUM ION' 'Mg 2'
#
# COMPACT_ATOMS: atom_id res chain seq x y z
N MET A 1 -5.95 -17.48 -6.12
CA MET A 1 -6.25 -17.85 -4.71
C MET A 1 -7.50 -17.13 -4.23
N LEU A 2 -7.39 -15.83 -4.05
CA LEU A 2 -8.50 -15.02 -3.58
C LEU A 2 -9.32 -14.49 -4.74
N THR A 3 -10.59 -14.25 -4.48
CA THR A 3 -11.50 -13.73 -5.48
C THR A 3 -11.90 -12.32 -5.07
N LEU A 4 -12.46 -11.56 -6.01
CA LEU A 4 -12.91 -10.19 -5.74
C LEU A 4 -13.77 -10.12 -4.46
N ILE A 5 -14.73 -11.02 -4.34
CA ILE A 5 -15.60 -11.06 -3.17
C ILE A 5 -14.81 -11.41 -1.90
N GLN A 6 -13.99 -12.45 -1.99
CA GLN A 6 -13.19 -12.89 -0.86
C GLN A 6 -12.33 -11.74 -0.36
N GLY A 7 -11.59 -11.13 -1.28
CA GLY A 7 -10.74 -10.00 -0.93
C GLY A 7 -11.51 -8.90 -0.24
N LYS A 8 -12.67 -8.57 -0.79
CA LYS A 8 -13.50 -7.52 -0.23
C LYS A 8 -13.98 -7.85 1.18
N LYS A 9 -14.48 -9.06 1.38
CA LYS A 9 -15.00 -9.43 2.69
C LYS A 9 -13.87 -9.60 3.71
N ILE A 10 -12.75 -10.20 3.30
CA ILE A 10 -11.65 -10.40 4.23
C ILE A 10 -11.00 -9.07 4.59
N VAL A 11 -10.81 -8.19 3.61
CA VAL A 11 -10.21 -6.88 3.88
C VAL A 11 -11.10 -6.12 4.85
N ASN A 12 -12.41 -6.14 4.57
CA ASN A 12 -13.38 -5.46 5.42
C ASN A 12 -13.25 -5.95 6.87
N HIS A 13 -13.16 -7.27 7.03
CA HIS A 13 -13.01 -7.87 8.35
C HIS A 13 -11.65 -7.51 8.95
N LEU A 14 -10.62 -7.69 8.13
CA LEU A 14 -9.24 -7.42 8.51
C LEU A 14 -9.07 -6.01 9.05
N ARG A 15 -9.55 -5.04 8.30
CA ARG A 15 -9.41 -3.64 8.67
C ARG A 15 -10.19 -3.32 9.96
N SER A 16 -11.39 -3.84 10.09
CA SER A 16 -12.21 -3.57 11.26
C SER A 16 -11.80 -4.41 12.48
N ARG A 17 -10.88 -5.34 12.30
CA ARG A 17 -10.43 -6.21 13.39
C ARG A 17 -8.93 -6.08 13.69
N LEU A 18 -8.23 -5.10 13.10
CA LEU A 18 -6.80 -5.00 13.33
C LEU A 18 -6.49 -4.19 14.59
N ALA A 19 -5.44 -4.59 15.29
CA ALA A 19 -5.00 -3.89 16.49
C ALA A 19 -3.54 -4.17 16.76
N PHE A 20 -2.78 -3.13 17.06
CA PHE A 20 -1.37 -3.30 17.35
C PHE A 20 -1.08 -2.79 18.74
N GLU A 21 0.01 -3.25 19.33
CA GLU A 21 0.37 -2.83 20.66
C GLU A 21 1.59 -1.93 20.64
N TYR A 22 1.46 -0.82 21.35
CA TYR A 22 2.50 0.19 21.46
C TYR A 22 2.70 0.53 22.92
N ASN A 23 3.92 0.30 23.41
CA ASN A 23 4.28 0.59 24.81
C ASN A 23 3.36 -0.12 25.79
N GLY A 24 2.85 -1.28 25.38
CA GLY A 24 1.97 -2.05 26.23
C GLY A 24 0.51 -1.66 26.09
N GLN A 25 0.23 -0.65 25.26
CA GLN A 25 -1.13 -0.20 25.04
C GLN A 25 -1.64 -0.69 23.69
N LEU A 26 -2.87 -1.21 23.66
CA LEU A 26 -3.46 -1.71 22.43
C LEU A 26 -4.10 -0.59 21.62
N ILE A 27 -3.69 -0.47 20.38
CA ILE A 27 -4.20 0.54 19.47
C ILE A 27 -4.84 -0.13 18.25
N LYS A 28 -6.16 -0.04 18.14
CA LYS A 28 -6.89 -0.64 17.03
C LYS A 28 -6.61 0.10 15.73
N ILE A 29 -6.51 -0.66 14.65
CA ILE A 29 -6.23 -0.09 13.33
C ILE A 29 -7.27 -0.52 12.28
N LEU A 30 -7.95 0.49 11.75
CA LEU A 30 -8.94 0.31 10.70
C LEU A 30 -8.45 0.80 9.34
N SER A 31 -9.30 0.65 8.33
CA SER A 31 -9.03 1.12 6.97
C SER A 31 -8.79 2.62 6.94
N LYS A 32 -9.11 3.31 8.03
CA LYS A 32 -8.92 4.75 8.12
C LYS A 32 -7.45 5.09 7.89
N ASN A 33 -6.60 4.14 8.24
CA ASN A 33 -5.17 4.29 8.08
C ASN A 33 -4.61 3.28 7.08
N ILE A 34 -5.42 2.31 6.70
CA ILE A 34 -4.98 1.25 5.79
C ILE A 34 -5.87 1.15 4.57
N VAL A 35 -5.25 1.15 3.39
CA VAL A 35 -5.99 1.07 2.14
C VAL A 35 -5.66 -0.23 1.42
N ALA A 36 -6.69 -0.99 1.07
CA ALA A 36 -6.51 -2.26 0.38
C ALA A 36 -6.03 -2.03 -1.04
N VAL A 37 -4.91 -2.65 -1.40
CA VAL A 37 -4.35 -2.50 -2.71
C VAL A 37 -4.03 -3.84 -3.36
N GLY A 38 -4.24 -3.88 -4.65
CA GLY A 38 -3.98 -5.06 -5.43
C GLY A 38 -4.89 -5.15 -6.62
N SER A 39 -5.07 -6.37 -7.11
CA SER A 39 -5.98 -6.62 -8.19
C SER A 39 -7.39 -6.22 -7.77
N LEU A 40 -7.62 -6.23 -6.44
CA LEU A 40 -8.89 -5.82 -5.87
C LEU A 40 -9.22 -4.40 -6.29
N ARG A 41 -8.19 -3.55 -6.30
CA ARG A 41 -8.34 -2.16 -6.71
C ARG A 41 -8.52 -2.13 -8.22
N ARG A 42 -7.83 -3.02 -8.92
CA ARG A 42 -7.94 -3.08 -10.39
C ARG A 42 -9.23 -3.77 -10.86
N GLU A 43 -10.02 -4.30 -9.93
CA GLU A 43 -11.30 -4.97 -10.24
C GLU A 43 -11.06 -6.28 -11.01
N GLU A 44 -10.16 -7.10 -10.50
CA GLU A 44 -9.83 -8.37 -11.12
C GLU A 44 -10.66 -9.52 -10.55
N LYS A 45 -10.86 -10.53 -11.38
CA LYS A 45 -11.64 -11.72 -11.02
C LYS A 45 -10.98 -12.53 -9.92
N MET A 46 -9.67 -12.73 -10.01
CA MET A 46 -8.96 -13.52 -9.02
C MET A 46 -7.52 -13.05 -8.86
N LEU A 47 -7.06 -12.99 -7.62
CA LEU A 47 -5.70 -12.56 -7.33
C LEU A 47 -5.01 -13.50 -6.32
N ASN A 48 -3.70 -13.35 -6.17
CA ASN A 48 -2.92 -14.20 -5.27
C ASN A 48 -3.06 -13.76 -3.81
N ASP A 49 -2.37 -12.68 -3.43
CA ASP A 49 -2.41 -12.21 -2.05
C ASP A 49 -3.03 -10.83 -1.98
N VAL A 50 -3.57 -10.48 -0.81
CA VAL A 50 -4.19 -9.17 -0.61
C VAL A 50 -3.16 -8.25 0.01
N ASP A 51 -2.97 -7.10 -0.58
CA ASP A 51 -1.99 -6.19 -0.08
C ASP A 51 -2.65 -4.99 0.56
N LEU A 52 -2.04 -4.51 1.64
CA LEU A 52 -2.60 -3.39 2.37
C LEU A 52 -1.57 -2.31 2.64
N LEU A 53 -1.82 -1.13 2.08
CA LEU A 53 -0.94 0.00 2.31
C LEU A 53 -1.36 0.71 3.58
N ILE A 54 -0.46 0.79 4.54
CA ILE A 54 -0.76 1.45 5.79
C ILE A 54 -0.10 2.82 5.80
N ILE A 55 -0.94 3.85 5.69
CA ILE A 55 -0.45 5.21 5.66
C ILE A 55 -0.68 5.87 7.01
N VAL A 56 0.40 6.30 7.63
CA VAL A 56 0.33 6.92 8.94
C VAL A 56 0.88 8.35 8.90
N PRO A 57 0.18 9.30 9.54
CA PRO A 57 0.60 10.72 9.56
C PRO A 57 1.82 10.97 10.44
N GLU A 58 2.28 9.95 11.14
CA GLU A 58 3.44 10.09 12.01
C GLU A 58 4.39 8.92 11.84
N LYS A 59 5.68 9.25 11.75
CA LYS A 59 6.72 8.24 11.58
C LYS A 59 6.79 7.35 12.80
N LYS A 60 6.51 7.95 13.96
CA LYS A 60 6.52 7.23 15.20
C LYS A 60 5.41 6.19 15.22
N LEU A 61 4.16 6.65 15.14
CA LEU A 61 3.01 5.76 15.15
C LEU A 61 3.15 4.66 14.10
N LEU A 62 3.81 4.98 12.99
CA LEU A 62 4.02 4.02 11.91
C LEU A 62 4.93 2.90 12.40
N LYS A 63 6.01 3.30 13.03
CA LYS A 63 6.98 2.34 13.57
C LYS A 63 6.45 1.69 14.85
N HIS A 64 5.35 2.22 15.39
CA HIS A 64 4.75 1.69 16.62
C HIS A 64 3.90 0.46 16.32
N VAL A 65 3.66 0.21 15.04
CA VAL A 65 2.90 -0.94 14.61
C VAL A 65 3.79 -2.19 14.64
N LEU A 66 5.09 -1.95 14.52
CA LEU A 66 6.08 -3.02 14.48
C LEU A 66 6.24 -3.78 15.82
N PRO A 67 6.38 -3.11 16.98
CA PRO A 67 6.53 -3.77 18.29
C PRO A 67 5.57 -4.92 18.49
N ASN A 68 4.28 -4.66 18.34
CA ASN A 68 3.29 -5.70 18.46
C ASN A 68 2.11 -5.43 17.54
N ILE A 69 1.70 -6.46 16.83
CA ILE A 69 0.59 -6.37 15.90
C ILE A 69 -0.24 -7.64 16.00
N ARG A 70 -1.54 -7.51 16.14
CA ARG A 70 -2.39 -8.68 16.25
C ARG A 70 -3.75 -8.45 15.59
N ILE A 71 -4.52 -9.52 15.53
CA ILE A 71 -5.85 -9.47 14.94
C ILE A 71 -6.85 -10.11 15.91
N LYS A 72 -8.10 -9.68 15.84
CA LYS A 72 -9.13 -10.20 16.73
C LYS A 72 -9.67 -11.56 16.28
N GLY A 73 -9.33 -12.62 17.01
CA GLY A 73 -9.82 -13.96 16.70
C GLY A 73 -9.31 -14.53 15.40
N LEU A 74 -8.08 -14.20 15.03
CA LEU A 74 -7.52 -14.69 13.78
C LEU A 74 -6.13 -15.29 13.96
N SER A 75 -5.74 -16.18 13.05
CA SER A 75 -4.41 -16.79 13.09
C SER A 75 -3.50 -16.05 12.10
N PHE A 76 -2.33 -15.60 12.54
CA PHE A 76 -1.44 -14.85 11.65
C PHE A 76 0.04 -15.10 11.92
N SER A 77 0.89 -14.61 11.02
CA SER A 77 2.35 -14.72 11.13
C SER A 77 3.00 -13.45 10.58
N VAL A 78 4.08 -12.99 11.21
CA VAL A 78 4.73 -11.74 10.79
C VAL A 78 6.08 -11.96 10.08
N LYS A 79 6.17 -11.49 8.84
CA LYS A 79 7.37 -11.59 8.03
C LYS A 79 7.77 -10.20 7.51
N VAL A 80 9.01 -10.03 7.12
CA VAL A 80 9.45 -8.75 6.58
C VAL A 80 9.85 -8.92 5.12
N CYS A 81 9.83 -7.84 4.36
CA CYS A 81 10.17 -7.90 2.96
C CYS A 81 10.99 -6.67 2.55
N GLY A 82 12.20 -6.90 2.09
CA GLY A 82 13.03 -5.79 1.69
C GLY A 82 13.38 -4.91 2.87
N GLU A 83 13.42 -3.62 2.64
CA GLU A 83 13.74 -2.66 3.67
C GLU A 83 12.51 -1.96 4.23
N ARG A 84 11.49 -1.75 3.40
CA ARG A 84 10.27 -1.05 3.85
C ARG A 84 9.01 -1.89 3.67
N LYS A 85 9.13 -3.03 3.01
CA LYS A 85 7.98 -3.90 2.76
C LYS A 85 7.83 -4.93 3.88
N CYS A 86 6.60 -5.36 4.13
CA CYS A 86 6.34 -6.36 5.14
C CYS A 86 5.39 -7.41 4.60
N VAL A 87 5.47 -8.62 5.13
CA VAL A 87 4.62 -9.71 4.67
C VAL A 87 4.00 -10.43 5.86
N LEU A 88 2.72 -10.70 5.79
CA LEU A 88 2.05 -11.39 6.86
C LEU A 88 1.20 -12.52 6.29
N PHE A 89 0.86 -13.46 7.13
CA PHE A 89 0.05 -14.58 6.73
C PHE A 89 -1.17 -14.62 7.65
N ILE A 90 -2.31 -15.00 7.12
CA ILE A 90 -3.52 -15.06 7.93
C ILE A 90 -4.32 -16.31 7.62
N GLU A 91 -4.83 -16.96 8.65
CA GLU A 91 -5.61 -18.16 8.48
C GLU A 91 -6.86 -18.11 9.35
N TRP A 92 -7.97 -18.59 8.76
CA TRP A 92 -9.25 -18.62 9.45
C TRP A 92 -10.22 -19.53 8.70
N GLU A 93 -11.13 -20.17 9.43
CA GLU A 93 -12.12 -21.07 8.84
C GLU A 93 -11.42 -22.23 8.15
N LYS A 94 -10.32 -22.68 8.74
CA LYS A 94 -9.51 -23.77 8.21
C LYS A 94 -8.90 -23.39 6.86
N LYS A 95 -8.82 -22.10 6.60
CA LYS A 95 -8.25 -21.61 5.36
C LYS A 95 -7.04 -20.73 5.66
N THR A 96 -6.16 -20.61 4.69
CA THR A 96 -4.94 -19.83 4.83
C THR A 96 -4.78 -18.83 3.69
N TYR A 97 -4.33 -17.62 4.01
CA TYR A 97 -4.15 -16.57 3.01
C TYR A 97 -2.90 -15.74 3.27
N GLN A 98 -2.50 -14.99 2.26
CA GLN A 98 -1.31 -14.15 2.33
C GLN A 98 -1.69 -12.67 2.36
N LEU A 99 -1.12 -11.94 3.29
CA LEU A 99 -1.38 -10.53 3.46
C LEU A 99 -0.09 -9.72 3.43
N ASP A 100 0.07 -8.88 2.41
CA ASP A 100 1.26 -8.04 2.32
C ASP A 100 0.93 -6.67 2.84
N LEU A 101 1.79 -6.10 3.66
CA LEU A 101 1.54 -4.78 4.20
C LEU A 101 2.76 -3.91 4.03
N PHE A 102 2.54 -2.67 3.62
CA PHE A 102 3.61 -1.73 3.43
C PHE A 102 3.39 -0.53 4.32
N THR A 103 4.45 -0.09 4.95
CA THR A 103 4.39 1.05 5.84
C THR A 103 4.78 2.32 5.10
N ALA A 104 3.91 3.32 5.13
CA ALA A 104 4.17 4.58 4.44
C ALA A 104 3.69 5.75 5.27
N LEU A 105 4.20 6.94 4.96
CA LEU A 105 3.83 8.15 5.66
C LEU A 105 2.71 8.85 4.94
N ALA A 106 2.04 9.75 5.64
CA ALA A 106 0.92 10.52 5.06
C ALA A 106 1.36 11.29 3.82
N GLU A 107 2.65 11.58 3.73
CA GLU A 107 3.19 12.31 2.59
C GLU A 107 3.43 11.36 1.41
N GLU A 108 3.68 10.10 1.72
CA GLU A 108 3.93 9.07 0.72
C GLU A 108 2.62 8.40 0.31
N LYS A 109 1.52 9.10 0.54
CA LYS A 109 0.20 8.57 0.25
C LYS A 109 -0.07 8.47 -1.26
N PRO A 110 0.00 9.58 -2.03
CA PRO A 110 -0.28 9.56 -3.48
C PRO A 110 0.66 8.63 -4.24
N TYR A 111 1.95 8.71 -3.92
CA TYR A 111 2.96 7.89 -4.59
C TYR A 111 2.70 6.41 -4.37
N ALA A 112 2.58 6.01 -3.11
CA ALA A 112 2.35 4.61 -2.77
C ALA A 112 1.10 4.08 -3.47
N ILE A 113 0.01 4.82 -3.39
CA ILE A 113 -1.24 4.41 -4.01
C ILE A 113 -1.10 4.29 -5.52
N PHE A 114 -0.41 5.23 -6.16
CA PHE A 114 -0.23 5.21 -7.60
C PHE A 114 0.54 3.97 -8.02
N HIS A 115 1.49 3.60 -7.20
CA HIS A 115 2.32 2.43 -7.45
C HIS A 115 1.47 1.16 -7.45
N PHE A 116 0.73 0.93 -6.39
CA PHE A 116 -0.14 -0.25 -6.28
C PHE A 116 -1.43 -0.12 -7.09
N THR A 117 -1.71 1.07 -7.60
CA THR A 117 -2.94 1.32 -8.35
C THR A 117 -3.09 0.44 -9.60
N GLY A 118 -2.12 0.43 -10.53
CA GLY A 118 -2.32 -0.42 -11.69
C GLY A 118 -1.24 -1.45 -11.95
N PRO A 119 -0.46 -1.32 -13.05
CA PRO A 119 0.61 -2.22 -13.36
C PRO A 119 2.00 -1.61 -13.20
N VAL A 120 2.93 -2.42 -12.71
CA VAL A 120 4.32 -2.01 -12.51
C VAL A 120 4.93 -1.49 -13.82
N SER A 121 4.53 -2.12 -14.93
CA SER A 121 5.01 -1.75 -16.25
C SER A 121 4.82 -0.26 -16.53
N TYR A 122 3.62 0.23 -16.24
CA TYR A 122 3.30 1.64 -16.43
C TYR A 122 4.22 2.53 -15.61
N LEU A 123 4.47 2.11 -14.38
CA LEU A 123 5.33 2.87 -13.47
C LEU A 123 6.74 2.96 -14.03
N ILE A 124 7.30 1.81 -14.41
CA ILE A 124 8.63 1.76 -15.00
C ILE A 124 8.74 2.68 -16.21
N ARG A 125 7.69 2.71 -17.02
CA ARG A 125 7.64 3.55 -18.20
C ARG A 125 7.69 5.02 -17.82
N ILE A 126 6.96 5.35 -16.76
CA ILE A 126 6.90 6.72 -16.26
C ILE A 126 8.24 7.10 -15.62
N ARG A 127 8.83 6.17 -14.88
CA ARG A 127 10.11 6.40 -14.22
C ARG A 127 11.19 6.69 -15.25
N ALA A 128 11.16 5.95 -16.35
CA ALA A 128 12.13 6.12 -17.41
C ALA A 128 11.92 7.46 -18.13
N ALA A 129 10.66 7.80 -18.33
CA ALA A 129 10.32 9.05 -19.00
C ALA A 129 10.80 10.24 -18.17
N LEU A 130 10.54 10.19 -16.87
CA LEU A 130 10.97 11.24 -15.97
C LEU A 130 12.48 11.33 -15.98
N LYS A 131 13.14 10.17 -16.03
CA LYS A 131 14.59 10.12 -16.08
C LYS A 131 15.09 10.96 -17.25
N LYS A 132 14.41 10.85 -18.38
CA LYS A 132 14.76 11.62 -19.57
C LYS A 132 14.47 13.10 -19.33
N LYS A 133 13.45 13.38 -18.52
CA LYS A 133 13.05 14.75 -18.20
C LYS A 133 13.93 15.32 -17.08
N ASN A 134 14.84 14.48 -16.59
CA ASN A 134 15.78 14.84 -15.51
C ASN A 134 15.07 14.87 -14.16
N TYR A 135 14.04 14.05 -14.05
CA TYR A 135 13.26 13.91 -12.83
C TYR A 135 13.36 12.48 -12.35
N LYS A 136 13.28 12.27 -11.05
CA LYS A 136 13.34 10.92 -10.50
C LYS A 136 12.29 10.72 -9.44
N LEU A 137 11.40 9.77 -9.66
CA LEU A 137 10.34 9.47 -8.73
C LEU A 137 10.82 8.46 -7.71
N ASN A 138 10.46 8.67 -6.45
CA ASN A 138 10.85 7.78 -5.38
C ASN A 138 9.72 7.76 -4.36
N GLN A 139 9.66 6.72 -3.55
CA GLN A 139 8.60 6.58 -2.55
C GLN A 139 8.57 7.76 -1.57
N TYR A 140 9.67 8.50 -1.47
CA TYR A 140 9.76 9.60 -0.51
C TYR A 140 9.51 10.96 -1.17
N GLY A 141 9.55 11.03 -2.49
CA GLY A 141 9.33 12.30 -3.15
C GLY A 141 9.83 12.31 -4.59
N LEU A 142 9.96 13.51 -5.15
CA LEU A 142 10.44 13.65 -6.52
C LEU A 142 11.79 14.35 -6.53
N PHE A 143 12.74 13.78 -7.26
CA PHE A 143 14.07 14.36 -7.34
C PHE A 143 14.27 15.13 -8.61
N LYS A 144 14.39 16.44 -8.50
CA LYS A 144 14.64 17.29 -9.63
C LYS A 144 16.14 17.55 -9.69
N ASN A 145 16.81 16.90 -10.64
CA ASN A 145 18.26 17.01 -10.80
C ASN A 145 18.99 16.82 -9.47
N GLN A 146 18.74 15.67 -8.83
CA GLN A 146 19.35 15.30 -7.55
C GLN A 146 18.76 16.05 -6.35
N THR A 147 17.89 17.03 -6.61
CA THR A 147 17.28 17.80 -5.54
C THR A 147 15.90 17.24 -5.19
N LEU A 148 15.75 16.73 -3.98
CA LEU A 148 14.49 16.15 -3.54
C LEU A 148 13.45 17.23 -3.31
N VAL A 149 12.29 17.03 -3.89
CA VAL A 149 11.17 17.94 -3.77
C VAL A 149 9.94 17.17 -3.33
N PRO A 150 9.20 17.68 -2.31
CA PRO A 150 7.99 17.05 -1.81
C PRO A 150 6.83 17.13 -2.80
N LEU A 151 5.73 16.46 -2.47
CA LEU A 151 4.57 16.43 -3.32
C LEU A 151 3.47 17.37 -2.81
N LYS A 152 2.72 17.95 -3.74
CA LYS A 152 1.64 18.87 -3.37
C LYS A 152 0.31 18.26 -3.76
N ILE A 153 0.25 16.94 -3.77
CA ILE A 153 -0.95 16.24 -4.15
C ILE A 153 -1.33 15.15 -3.17
N THR A 154 -2.48 14.55 -3.41
CA THR A 154 -2.99 13.47 -2.59
C THR A 154 -3.73 12.44 -3.44
N THR A 155 -4.08 12.85 -4.66
CA THR A 155 -4.81 11.98 -5.59
C THR A 155 -3.90 11.44 -6.67
N GLU A 156 -4.24 10.26 -7.20
CA GLU A 156 -3.46 9.65 -8.26
C GLU A 156 -3.51 10.53 -9.50
N LYS A 157 -4.69 11.08 -9.75
CA LYS A 157 -4.90 11.97 -10.89
C LYS A 157 -4.07 13.23 -10.72
N GLU A 158 -4.16 13.81 -9.53
CA GLU A 158 -3.40 15.00 -9.23
C GLU A 158 -1.91 14.71 -9.36
N LEU A 159 -1.52 13.51 -8.93
CA LEU A 159 -0.14 13.08 -9.01
C LEU A 159 0.33 12.99 -10.47
N ILE A 160 -0.43 12.27 -11.30
CA ILE A 160 -0.05 12.15 -12.72
C ILE A 160 -0.02 13.52 -13.37
N LYS A 161 -1.00 14.37 -13.04
CA LYS A 161 -1.05 15.71 -13.60
C LYS A 161 0.15 16.52 -13.13
N GLU A 162 0.53 16.34 -11.86
CA GLU A 162 1.67 17.04 -11.29
C GLU A 162 2.97 16.54 -11.91
N LEU A 163 3.04 15.24 -12.17
CA LEU A 163 4.23 14.63 -12.77
C LEU A 163 4.36 15.02 -14.24
N GLY A 164 3.23 15.33 -14.86
CA GLY A 164 3.23 15.73 -16.26
C GLY A 164 2.84 14.59 -17.19
N PHE A 165 1.96 13.71 -16.71
CA PHE A 165 1.52 12.57 -17.50
C PHE A 165 -0.01 12.44 -17.50
N THR A 166 -0.50 11.48 -18.28
CA THR A 166 -1.92 11.22 -18.39
C THR A 166 -2.32 9.98 -17.57
N TYR A 167 -3.56 9.94 -17.11
CA TYR A 167 -4.03 8.81 -16.33
C TYR A 167 -4.88 7.86 -17.18
N ARG A 168 -4.43 6.63 -17.29
CA ARG A 168 -5.13 5.60 -18.04
C ARG A 168 -5.71 4.57 -17.07
N ILE A 169 -6.53 3.66 -17.57
CA ILE A 169 -7.12 2.66 -16.70
C ILE A 169 -6.23 1.42 -16.59
N PRO A 170 -5.90 1.02 -15.36
CA PRO A 170 -5.05 -0.15 -15.10
C PRO A 170 -5.67 -1.45 -15.59
N LYS A 171 -6.98 -1.43 -15.75
CA LYS A 171 -7.75 -2.58 -16.19
C LYS A 171 -7.30 -3.06 -17.58
N LYS A 172 -6.90 -2.13 -18.42
CA LYS A 172 -6.45 -2.46 -19.77
C LYS A 172 -4.93 -2.35 -19.90
N ARG A 173 -4.26 -2.29 -18.75
CA ARG A 173 -2.80 -2.18 -18.68
C ARG A 173 -2.29 -0.84 -19.20
N LEU A 174 -1.21 -0.35 -18.57
CA LEU A 174 -0.59 0.92 -18.93
C LEU A 174 -1.64 2.00 -19.14
PG DGT B . -1.19 -10.45 -6.58
O1G DGT B . -0.08 -11.33 -7.05
O2G DGT B . -2.58 -10.81 -6.88
O3G DGT B . -1.07 -10.37 -4.97
O3B DGT B . -0.87 -8.93 -7.00
PB DGT B . -1.54 -7.84 -6.02
O1B DGT B . -1.71 -6.60 -6.82
O2B DGT B . -2.71 -8.40 -5.31
O3A DGT B . -0.32 -7.69 -4.98
PA DGT B . 0.42 -6.32 -4.53
O1A DGT B . 1.56 -6.79 -3.73
O2A DGT B . -0.61 -5.50 -3.88
O5' DGT B . 1.05 -5.42 -5.70
C5' DGT B . 0.30 -4.88 -6.79
C4' DGT B . 1.24 -3.89 -7.46
O4' DGT B . 2.07 -3.44 -6.38
C3' DGT B . 2.17 -4.45 -8.53
O3' DGT B . 1.96 -3.69 -9.72
C2' DGT B . 3.58 -4.26 -7.99
C1' DGT B . 3.38 -3.22 -6.89
N9 DGT B . 4.33 -3.44 -5.76
C8 DGT B . 5.39 -2.70 -5.49
N7 DGT B . 6.34 -3.52 -5.01
C5 DGT B . 5.83 -4.75 -4.96
C6 DGT B . 6.42 -5.94 -4.84
O6 DGT B . 7.63 -6.01 -4.59
N1 DGT B . 5.70 -7.11 -5.07
C2 DGT B . 4.33 -7.01 -5.35
N2 DGT B . 3.65 -8.06 -5.77
N3 DGT B . 3.79 -5.78 -5.44
C4 DGT B . 4.55 -4.68 -5.32
H5' DGT B . -0.58 -4.37 -6.42
H5'A DGT B . 0.01 -5.68 -7.47
H4' DGT B . 0.70 -3.05 -7.89
H3' DGT B . 1.98 -5.51 -8.73
HO3' DGT B . 2.08 -4.28 -10.52
H2' DGT B . 3.91 -5.18 -7.50
H2'A DGT B . 4.29 -3.85 -8.70
H1' DGT B . 3.49 -2.22 -7.29
H8 DGT B . 5.38 -1.62 -5.36
HN2 DGT B . 2.74 -7.93 -6.19
HN2A DGT B . 4.05 -8.97 -5.72
H16 DGT B . 6.18 -7.97 -5.21
MG MG C . 1.13 -8.89 -1.90
MG MG D . -1.75 -9.82 -4.02
N MET A 1 -5.69 -18.91 -5.61
CA MET A 1 -6.05 -19.19 -4.20
C MET A 1 -7.45 -18.66 -3.91
N LEU A 2 -7.58 -17.34 -3.86
CA LEU A 2 -8.86 -16.71 -3.58
C LEU A 2 -9.35 -15.91 -4.79
N THR A 3 -10.55 -15.38 -4.69
CA THR A 3 -11.15 -14.59 -5.75
C THR A 3 -11.23 -13.13 -5.35
N LEU A 4 -11.63 -12.26 -6.27
CA LEU A 4 -11.75 -10.83 -6.00
C LEU A 4 -12.67 -10.57 -4.81
N ILE A 5 -13.83 -11.21 -4.83
CA ILE A 5 -14.80 -11.04 -3.76
C ILE A 5 -14.21 -11.47 -2.43
N GLN A 6 -13.48 -12.58 -2.45
CA GLN A 6 -12.83 -13.09 -1.24
C GLN A 6 -11.88 -12.04 -0.68
N GLY A 7 -10.99 -11.53 -1.53
CA GLY A 7 -10.07 -10.49 -1.11
C GLY A 7 -10.81 -9.30 -0.52
N LYS A 8 -11.94 -8.97 -1.13
CA LYS A 8 -12.78 -7.86 -0.70
C LYS A 8 -13.34 -8.14 0.69
N LYS A 9 -13.89 -9.34 0.88
CA LYS A 9 -14.48 -9.72 2.16
C LYS A 9 -13.43 -9.74 3.25
N ILE A 10 -12.32 -10.40 2.97
CA ILE A 10 -11.25 -10.52 3.95
C ILE A 10 -10.67 -9.17 4.31
N VAL A 11 -10.31 -8.36 3.31
CA VAL A 11 -9.74 -7.04 3.59
C VAL A 11 -10.71 -6.18 4.39
N ASN A 12 -11.99 -6.21 4.02
CA ASN A 12 -13.01 -5.44 4.73
C ASN A 12 -12.97 -5.77 6.22
N HIS A 13 -12.94 -7.06 6.54
CA HIS A 13 -12.91 -7.50 7.93
C HIS A 13 -11.55 -7.21 8.54
N LEU A 14 -10.49 -7.45 7.76
CA LEU A 14 -9.13 -7.23 8.20
C LEU A 14 -8.95 -5.79 8.65
N ARG A 15 -9.47 -4.87 7.87
CA ARG A 15 -9.35 -3.44 8.16
C ARG A 15 -10.17 -3.04 9.39
N SER A 16 -11.41 -3.48 9.42
CA SER A 16 -12.31 -3.18 10.53
C SER A 16 -11.93 -3.91 11.82
N ARG A 17 -11.02 -4.86 11.71
CA ARG A 17 -10.59 -5.65 12.85
C ARG A 17 -9.07 -5.56 13.12
N LEU A 18 -8.37 -4.63 12.48
CA LEU A 18 -6.92 -4.56 12.65
C LEU A 18 -6.57 -3.85 13.95
N ALA A 19 -5.46 -4.26 14.55
CA ALA A 19 -4.99 -3.66 15.78
C ALA A 19 -3.50 -3.85 15.91
N PHE A 20 -2.87 -3.09 16.80
CA PHE A 20 -1.43 -3.18 17.02
C PHE A 20 -1.12 -2.76 18.44
N GLU A 21 -0.10 -3.36 19.03
CA GLU A 21 0.26 -3.04 20.41
C GLU A 21 1.53 -2.21 20.45
N TYR A 22 1.47 -1.16 21.25
CA TYR A 22 2.59 -0.25 21.43
C TYR A 22 2.79 0.02 22.93
N ASN A 23 3.97 -0.32 23.42
CA ASN A 23 4.34 -0.11 24.82
C ASN A 23 3.35 -0.75 25.77
N GLY A 24 2.74 -1.85 25.34
CA GLY A 24 1.78 -2.55 26.19
C GLY A 24 0.35 -2.09 25.98
N GLN A 25 0.15 -1.03 25.21
CA GLN A 25 -1.20 -0.52 24.95
C GLN A 25 -1.69 -0.98 23.59
N LEU A 26 -2.93 -1.41 23.53
CA LEU A 26 -3.50 -1.88 22.28
C LEU A 26 -4.11 -0.71 21.52
N ILE A 27 -3.66 -0.54 20.30
CA ILE A 27 -4.12 0.52 19.43
C ILE A 27 -4.76 -0.10 18.18
N LYS A 28 -6.06 0.09 18.01
CA LYS A 28 -6.76 -0.48 16.87
C LYS A 28 -6.53 0.34 15.61
N ILE A 29 -6.53 -0.34 14.46
CA ILE A 29 -6.29 0.31 13.18
C ILE A 29 -7.32 -0.09 12.11
N LEU A 30 -7.97 0.93 11.55
CA LEU A 30 -8.95 0.74 10.48
C LEU A 30 -8.45 1.25 9.12
N SER A 31 -9.31 1.13 8.12
CA SER A 31 -9.04 1.56 6.74
C SER A 31 -8.56 3.02 6.63
N LYS A 32 -8.88 3.84 7.62
CA LYS A 32 -8.46 5.23 7.62
C LYS A 32 -6.94 5.32 7.60
N ASN A 33 -6.31 4.26 8.08
CA ASN A 33 -4.87 4.18 8.14
C ASN A 33 -4.34 3.12 7.18
N ILE A 34 -5.11 2.05 6.98
CA ILE A 34 -4.70 0.97 6.09
C ILE A 34 -5.46 1.01 4.77
N VAL A 35 -4.73 1.17 3.67
CA VAL A 35 -5.34 1.22 2.35
C VAL A 35 -4.94 -0.02 1.56
N ALA A 36 -5.94 -0.82 1.20
CA ALA A 36 -5.72 -2.04 0.46
C ALA A 36 -5.43 -1.77 -0.99
N VAL A 37 -4.50 -2.53 -1.54
CA VAL A 37 -4.10 -2.39 -2.93
C VAL A 37 -3.74 -3.74 -3.53
N GLY A 38 -3.97 -3.84 -4.82
CA GLY A 38 -3.67 -5.05 -5.52
C GLY A 38 -4.66 -5.28 -6.63
N SER A 39 -4.94 -6.56 -6.87
CA SER A 39 -5.92 -6.96 -7.86
C SER A 39 -7.30 -6.36 -7.53
N LEU A 40 -7.54 -6.10 -6.24
CA LEU A 40 -8.77 -5.46 -5.78
C LEU A 40 -8.98 -4.13 -6.49
N ARG A 41 -7.89 -3.38 -6.61
CA ARG A 41 -7.93 -2.08 -7.27
C ARG A 41 -7.99 -2.27 -8.79
N ARG A 42 -7.27 -3.27 -9.29
CA ARG A 42 -7.27 -3.55 -10.73
C ARG A 42 -8.57 -4.19 -11.19
N GLU A 43 -9.41 -4.60 -10.24
CA GLU A 43 -10.69 -5.22 -10.54
C GLU A 43 -10.49 -6.56 -11.25
N GLU A 44 -9.58 -7.36 -10.70
CA GLU A 44 -9.25 -8.70 -11.20
C GLU A 44 -10.27 -9.73 -10.72
N LYS A 45 -10.32 -10.87 -11.36
CA LYS A 45 -11.26 -11.90 -10.99
C LYS A 45 -10.65 -12.89 -9.98
N MET A 46 -9.37 -13.19 -10.15
CA MET A 46 -8.70 -14.15 -9.29
C MET A 46 -7.55 -13.48 -8.53
N LEU A 47 -7.19 -14.06 -7.38
CA LEU A 47 -6.12 -13.51 -6.56
C LEU A 47 -5.42 -14.60 -5.74
N ASN A 48 -4.26 -14.25 -5.20
CA ASN A 48 -3.49 -15.17 -4.35
C ASN A 48 -3.28 -14.52 -2.99
N ASP A 49 -2.73 -13.32 -3.01
CA ASP A 49 -2.47 -12.57 -1.79
C ASP A 49 -2.94 -11.14 -1.96
N VAL A 50 -3.40 -10.52 -0.88
CA VAL A 50 -3.86 -9.15 -0.97
C VAL A 50 -2.86 -8.24 -0.30
N ASP A 51 -2.63 -7.06 -0.86
CA ASP A 51 -1.66 -6.17 -0.30
C ASP A 51 -2.31 -4.90 0.20
N LEU A 52 -1.65 -4.24 1.15
CA LEU A 52 -2.18 -3.00 1.69
C LEU A 52 -1.06 -2.16 2.31
N LEU A 53 -1.10 -0.86 2.09
CA LEU A 53 -0.10 0.02 2.68
C LEU A 53 -0.71 0.79 3.84
N ILE A 54 0.04 0.89 4.93
CA ILE A 54 -0.44 1.61 6.11
C ILE A 54 0.13 3.02 6.09
N ILE A 55 -0.73 3.99 5.91
CA ILE A 55 -0.32 5.38 5.88
C ILE A 55 -0.47 6.01 7.24
N VAL A 56 0.65 6.40 7.82
CA VAL A 56 0.66 7.01 9.13
C VAL A 56 1.22 8.43 9.05
N PRO A 57 0.52 9.42 9.65
CA PRO A 57 0.95 10.81 9.63
C PRO A 57 2.14 11.08 10.56
N GLU A 58 2.54 10.06 11.31
CA GLU A 58 3.65 10.20 12.23
C GLU A 58 4.62 9.05 12.10
N LYS A 59 5.90 9.39 12.11
CA LYS A 59 6.96 8.41 12.00
C LYS A 59 6.94 7.53 13.25
N LYS A 60 6.53 8.14 14.36
CA LYS A 60 6.46 7.45 15.62
C LYS A 60 5.33 6.44 15.59
N LEU A 61 4.10 6.91 15.42
CA LEU A 61 2.92 6.05 15.36
C LEU A 61 3.11 4.93 14.35
N LEU A 62 3.86 5.19 13.29
CA LEU A 62 4.12 4.19 12.27
C LEU A 62 5.00 3.10 12.83
N LYS A 63 6.06 3.52 13.49
CA LYS A 63 7.01 2.60 14.09
C LYS A 63 6.38 1.89 15.30
N HIS A 64 5.25 2.41 15.78
CA HIS A 64 4.54 1.83 16.92
C HIS A 64 3.79 0.56 16.52
N VAL A 65 3.55 0.40 15.24
CA VAL A 65 2.84 -0.76 14.72
C VAL A 65 3.74 -2.00 14.71
N LEU A 66 5.04 -1.78 14.61
CA LEU A 66 6.02 -2.86 14.55
C LEU A 66 6.10 -3.68 15.85
N PRO A 67 6.16 -3.04 17.06
CA PRO A 67 6.21 -3.74 18.35
C PRO A 67 5.30 -4.97 18.41
N ASN A 68 4.03 -4.78 18.06
CA ASN A 68 3.09 -5.89 18.05
C ASN A 68 1.88 -5.56 17.20
N ILE A 69 1.31 -6.58 16.59
CA ILE A 69 0.13 -6.44 15.75
C ILE A 69 -0.89 -7.51 16.12
N ARG A 70 -2.17 -7.17 16.07
CA ARG A 70 -3.21 -8.12 16.44
C ARG A 70 -4.45 -7.99 15.55
N ILE A 71 -5.22 -9.05 15.48
CA ILE A 71 -6.46 -9.08 14.71
C ILE A 71 -7.55 -9.75 15.54
N LYS A 72 -8.73 -9.15 15.55
CA LYS A 72 -9.85 -9.68 16.33
C LYS A 72 -10.29 -11.07 15.87
N GLY A 73 -9.96 -12.09 16.66
CA GLY A 73 -10.38 -13.46 16.37
C GLY A 73 -9.77 -14.05 15.11
N LEU A 74 -8.51 -13.73 14.81
CA LEU A 74 -7.88 -14.26 13.62
C LEU A 74 -6.47 -14.80 13.91
N SER A 75 -6.01 -15.73 13.08
CA SER A 75 -4.68 -16.29 13.23
C SER A 75 -3.75 -15.61 12.24
N PHE A 76 -2.57 -15.18 12.67
CA PHE A 76 -1.64 -14.50 11.78
C PHE A 76 -0.18 -14.78 12.13
N SER A 77 0.70 -14.57 11.15
CA SER A 77 2.13 -14.78 11.33
C SER A 77 2.87 -13.51 10.88
N VAL A 78 3.94 -13.14 11.56
CA VAL A 78 4.67 -11.91 11.25
C VAL A 78 6.01 -12.18 10.55
N LYS A 79 6.13 -11.73 9.31
CA LYS A 79 7.36 -11.88 8.54
C LYS A 79 7.82 -10.53 8.03
N VAL A 80 9.09 -10.43 7.66
CA VAL A 80 9.63 -9.18 7.14
C VAL A 80 9.94 -9.29 5.66
N CYS A 81 9.95 -8.17 4.96
CA CYS A 81 10.23 -8.16 3.54
C CYS A 81 11.13 -6.99 3.15
N GLY A 82 12.23 -7.30 2.48
CA GLY A 82 13.14 -6.25 2.07
C GLY A 82 13.75 -5.53 3.24
N GLU A 83 13.82 -4.21 3.12
CA GLU A 83 14.37 -3.38 4.17
C GLU A 83 13.28 -2.72 5.01
N ARG A 84 12.20 -2.30 4.37
CA ARG A 84 11.12 -1.60 5.07
C ARG A 84 9.75 -2.26 4.84
N LYS A 85 9.70 -3.32 4.05
CA LYS A 85 8.43 -3.99 3.76
C LYS A 85 8.16 -5.11 4.76
N CYS A 86 6.89 -5.46 4.93
CA CYS A 86 6.51 -6.51 5.86
C CYS A 86 5.55 -7.50 5.20
N VAL A 87 5.57 -8.74 5.69
CA VAL A 87 4.72 -9.79 5.15
C VAL A 87 4.02 -10.50 6.30
N LEU A 88 2.72 -10.69 6.19
CA LEU A 88 1.98 -11.37 7.23
C LEU A 88 1.08 -12.44 6.62
N PHE A 89 0.83 -13.48 7.37
CA PHE A 89 -0.02 -14.56 6.91
C PHE A 89 -1.27 -14.59 7.78
N ILE A 90 -2.40 -14.94 7.21
CA ILE A 90 -3.63 -14.97 7.98
C ILE A 90 -4.36 -16.29 7.77
N GLU A 91 -4.86 -16.86 8.86
CA GLU A 91 -5.54 -18.14 8.80
C GLU A 91 -6.85 -18.12 9.60
N TRP A 92 -7.93 -18.53 8.94
CA TRP A 92 -9.25 -18.62 9.57
C TRP A 92 -10.24 -19.28 8.62
N GLU A 93 -11.30 -19.88 9.18
CA GLU A 93 -12.32 -20.58 8.39
C GLU A 93 -11.70 -21.80 7.74
N LYS A 94 -10.76 -22.40 8.45
CA LYS A 94 -10.04 -23.58 7.98
C LYS A 94 -9.34 -23.23 6.66
N LYS A 95 -8.92 -21.98 6.53
CA LYS A 95 -8.24 -21.52 5.35
C LYS A 95 -7.07 -20.61 5.71
N THR A 96 -6.15 -20.47 4.77
CA THR A 96 -4.96 -19.66 4.93
C THR A 96 -4.80 -18.69 3.76
N TYR A 97 -4.42 -17.45 4.05
CA TYR A 97 -4.22 -16.44 3.02
C TYR A 97 -2.97 -15.62 3.32
N GLN A 98 -2.48 -14.90 2.32
CA GLN A 98 -1.30 -14.07 2.48
C GLN A 98 -1.65 -12.59 2.46
N LEU A 99 -1.08 -11.87 3.42
CA LEU A 99 -1.32 -10.45 3.57
C LEU A 99 -0.01 -9.67 3.47
N ASP A 100 0.12 -8.88 2.43
CA ASP A 100 1.31 -8.06 2.22
C ASP A 100 1.08 -6.68 2.79
N LEU A 101 1.96 -6.19 3.63
CA LEU A 101 1.77 -4.86 4.19
C LEU A 101 3.02 -4.01 4.04
N PHE A 102 2.80 -2.78 3.64
CA PHE A 102 3.88 -1.83 3.46
C PHE A 102 3.61 -0.61 4.32
N THR A 103 4.61 -0.16 5.03
CA THR A 103 4.45 0.99 5.90
C THR A 103 4.93 2.27 5.21
N ALA A 104 4.11 3.32 5.25
CA ALA A 104 4.46 4.58 4.62
C ALA A 104 3.93 5.78 5.40
N LEU A 105 4.44 6.95 5.08
CA LEU A 105 4.02 8.18 5.75
C LEU A 105 2.85 8.79 5.01
N ALA A 106 2.14 9.68 5.69
CA ALA A 106 0.99 10.36 5.12
C ALA A 106 1.32 11.05 3.82
N GLU A 107 2.55 11.51 3.70
CA GLU A 107 2.98 12.21 2.49
C GLU A 107 3.42 11.24 1.39
N GLU A 108 3.65 9.99 1.74
CA GLU A 108 4.09 9.00 0.76
C GLU A 108 2.89 8.31 0.13
N LYS A 109 1.72 8.47 0.75
CA LYS A 109 0.49 7.86 0.28
C LYS A 109 0.25 8.07 -1.23
N PRO A 110 0.23 9.33 -1.73
CA PRO A 110 0.02 9.61 -3.15
C PRO A 110 0.85 8.73 -4.07
N TYR A 111 2.18 8.86 -3.99
CA TYR A 111 3.09 8.06 -4.80
C TYR A 111 2.85 6.57 -4.61
N ALA A 112 2.69 6.15 -3.36
CA ALA A 112 2.47 4.75 -3.03
C ALA A 112 1.23 4.21 -3.73
N ILE A 113 0.12 4.92 -3.61
CA ILE A 113 -1.13 4.49 -4.24
C ILE A 113 -0.99 4.42 -5.75
N PHE A 114 -0.34 5.42 -6.34
CA PHE A 114 -0.17 5.46 -7.78
C PHE A 114 0.56 4.21 -8.27
N HIS A 115 1.57 3.82 -7.52
CA HIS A 115 2.35 2.65 -7.85
C HIS A 115 1.49 1.38 -7.79
N PHE A 116 0.85 1.15 -6.66
CA PHE A 116 0.01 -0.03 -6.46
C PHE A 116 -1.34 0.07 -7.18
N THR A 117 -1.60 1.20 -7.85
CA THR A 117 -2.87 1.38 -8.55
C THR A 117 -3.16 0.23 -9.53
N GLY A 118 -2.37 0.10 -10.60
CA GLY A 118 -2.63 -1.00 -11.52
C GLY A 118 -1.41 -1.76 -11.98
N PRO A 119 -1.08 -1.65 -13.30
CA PRO A 119 0.09 -2.31 -13.89
C PRO A 119 1.39 -1.56 -13.62
N VAL A 120 2.32 -2.26 -12.97
CA VAL A 120 3.64 -1.74 -12.67
C VAL A 120 4.36 -1.32 -13.96
N SER A 121 4.07 -2.03 -15.04
CA SER A 121 4.67 -1.77 -16.33
C SER A 121 4.50 -0.29 -16.73
N TYR A 122 3.30 0.24 -16.54
CA TYR A 122 3.03 1.64 -16.85
C TYR A 122 3.96 2.56 -16.06
N LEU A 123 4.11 2.23 -14.78
CA LEU A 123 4.96 2.99 -13.87
C LEU A 123 6.39 3.04 -14.39
N ILE A 124 6.95 1.86 -14.62
CA ILE A 124 8.33 1.72 -15.10
C ILE A 124 8.58 2.57 -16.35
N ARG A 125 7.62 2.56 -17.27
CA ARG A 125 7.76 3.33 -18.50
C ARG A 125 7.80 4.82 -18.20
N ILE A 126 6.93 5.25 -17.29
CA ILE A 126 6.86 6.65 -16.90
C ILE A 126 8.10 7.06 -16.12
N ARG A 127 8.59 6.18 -15.26
CA ARG A 127 9.79 6.45 -14.48
C ARG A 127 10.98 6.65 -15.40
N ALA A 128 11.09 5.80 -16.42
CA ALA A 128 12.16 5.87 -17.39
C ALA A 128 12.05 7.15 -18.21
N ALA A 129 10.81 7.51 -18.55
CA ALA A 129 10.55 8.72 -19.33
C ALA A 129 10.99 9.95 -18.57
N LEU A 130 10.63 10.00 -17.30
CA LEU A 130 11.01 11.12 -16.45
C LEU A 130 12.52 11.15 -16.32
N LYS A 131 13.14 9.98 -16.28
CA LYS A 131 14.59 9.90 -16.18
C LYS A 131 15.20 10.57 -17.40
N LYS A 132 14.54 10.41 -18.55
CA LYS A 132 14.98 11.04 -19.79
C LYS A 132 14.85 12.56 -19.63
N LYS A 133 13.86 12.97 -18.85
CA LYS A 133 13.61 14.38 -18.56
C LYS A 133 14.50 14.85 -17.41
N ASN A 134 15.24 13.91 -16.83
CA ASN A 134 16.16 14.15 -15.70
C ASN A 134 15.37 14.35 -14.41
N TYR A 135 14.29 13.59 -14.31
CA TYR A 135 13.42 13.59 -13.15
C TYR A 135 13.28 12.16 -12.65
N LYS A 136 13.11 11.97 -11.36
CA LYS A 136 12.97 10.63 -10.80
C LYS A 136 11.93 10.62 -9.70
N LEU A 137 11.04 9.65 -9.74
CA LEU A 137 10.01 9.53 -8.73
C LEU A 137 10.49 8.68 -7.56
N ASN A 138 9.96 8.96 -6.38
CA ASN A 138 10.31 8.22 -5.18
C ASN A 138 9.17 8.37 -4.19
N GLN A 139 9.10 7.48 -3.22
CA GLN A 139 8.04 7.49 -2.21
C GLN A 139 8.00 8.81 -1.43
N TYR A 140 9.09 9.57 -1.45
CA TYR A 140 9.14 10.82 -0.70
C TYR A 140 8.84 12.02 -1.59
N GLY A 141 8.92 11.85 -2.89
CA GLY A 141 8.66 12.96 -3.79
C GLY A 141 9.28 12.77 -5.15
N LEU A 142 9.66 13.88 -5.77
CA LEU A 142 10.27 13.86 -7.09
C LEU A 142 11.72 14.31 -6.99
N PHE A 143 12.55 13.80 -7.87
CA PHE A 143 13.95 14.16 -7.88
C PHE A 143 14.33 14.86 -9.17
N LYS A 144 14.57 16.15 -9.10
CA LYS A 144 14.97 16.92 -10.27
C LYS A 144 16.49 16.95 -10.31
N ASN A 145 17.06 16.22 -11.28
CA ASN A 145 18.51 16.12 -11.44
C ASN A 145 19.11 15.28 -10.32
N GLN A 146 18.99 15.78 -9.09
CA GLN A 146 19.46 15.09 -7.90
C GLN A 146 18.92 15.77 -6.65
N THR A 147 17.99 16.70 -6.85
CA THR A 147 17.39 17.45 -5.76
C THR A 147 15.96 16.99 -5.52
N LEU A 148 15.65 16.62 -4.29
CA LEU A 148 14.32 16.16 -3.93
C LEU A 148 13.33 17.31 -3.86
N VAL A 149 12.17 17.07 -4.44
CA VAL A 149 11.08 18.02 -4.47
C VAL A 149 9.79 17.31 -4.10
N PRO A 150 9.27 17.51 -2.88
CA PRO A 150 8.04 16.88 -2.42
C PRO A 150 6.80 17.60 -2.91
N LEU A 151 5.81 16.82 -3.32
CA LEU A 151 4.56 17.36 -3.83
C LEU A 151 3.47 17.23 -2.76
N LYS A 152 2.65 18.26 -2.62
CA LYS A 152 1.59 18.25 -1.62
C LYS A 152 0.24 17.86 -2.23
N ILE A 153 0.03 16.58 -2.47
CA ILE A 153 -1.23 16.09 -3.01
C ILE A 153 -1.74 14.93 -2.16
N THR A 154 -2.98 14.55 -2.39
CA THR A 154 -3.56 13.44 -1.64
C THR A 154 -4.32 12.48 -2.56
N THR A 155 -4.49 12.87 -3.82
CA THR A 155 -5.20 12.05 -4.78
C THR A 155 -4.30 11.63 -5.94
N GLU A 156 -4.55 10.44 -6.48
CA GLU A 156 -3.76 9.92 -7.59
C GLU A 156 -3.89 10.85 -8.80
N LYS A 157 -5.09 11.41 -8.99
CA LYS A 157 -5.33 12.32 -10.09
C LYS A 157 -4.47 13.56 -9.92
N GLU A 158 -4.51 14.09 -8.71
CA GLU A 158 -3.72 15.25 -8.37
C GLU A 158 -2.24 14.94 -8.56
N LEU A 159 -1.84 13.72 -8.19
CA LEU A 159 -0.46 13.29 -8.33
C LEU A 159 -0.06 13.19 -9.80
N ILE A 160 -0.86 12.49 -10.61
CA ILE A 160 -0.54 12.35 -12.04
C ILE A 160 -0.48 13.72 -12.69
N LYS A 161 -1.38 14.61 -12.31
CA LYS A 161 -1.38 15.96 -12.84
C LYS A 161 -0.13 16.69 -12.39
N GLU A 162 0.25 16.46 -11.13
CA GLU A 162 1.44 17.06 -10.55
C GLU A 162 2.70 16.52 -11.24
N LEU A 163 2.64 15.25 -11.63
CA LEU A 163 3.76 14.60 -12.32
C LEU A 163 3.83 14.98 -13.79
N GLY A 164 2.69 15.35 -14.37
CA GLY A 164 2.66 15.73 -15.76
C GLY A 164 2.32 14.58 -16.69
N PHE A 165 1.40 13.71 -16.27
CA PHE A 165 0.98 12.58 -17.09
C PHE A 165 -0.53 12.38 -17.05
N THR A 166 -1.07 11.74 -18.08
CA THR A 166 -2.48 11.47 -18.17
C THR A 166 -2.87 10.27 -17.32
N TYR A 167 -3.99 10.36 -16.61
CA TYR A 167 -4.44 9.27 -15.77
C TYR A 167 -5.13 8.21 -16.60
N ARG A 168 -4.60 7.01 -16.55
CA ARG A 168 -5.15 5.90 -17.29
C ARG A 168 -5.72 4.88 -16.33
N ILE A 169 -6.66 4.07 -16.81
CA ILE A 169 -7.27 3.05 -15.98
C ILE A 169 -6.48 1.76 -16.10
N PRO A 170 -6.34 1.02 -14.99
CA PRO A 170 -5.58 -0.24 -14.97
C PRO A 170 -6.19 -1.33 -15.83
N LYS A 171 -7.51 -1.28 -15.97
CA LYS A 171 -8.27 -2.25 -16.75
C LYS A 171 -7.85 -2.28 -18.21
N LYS A 172 -7.42 -1.14 -18.72
CA LYS A 172 -7.00 -1.05 -20.11
C LYS A 172 -5.49 -1.19 -20.26
N ARG A 173 -4.80 -1.32 -19.12
CA ARG A 173 -3.34 -1.49 -19.06
C ARG A 173 -2.56 -0.31 -19.67
N LEU A 174 -1.58 0.18 -18.90
CA LEU A 174 -0.75 1.31 -19.33
C LEU A 174 -1.59 2.46 -19.85
PG DGT B . -0.17 -10.14 -7.17
O1G DGT B . 1.02 -10.61 -7.91
O2G DGT B . -1.46 -10.87 -7.29
O3G DGT B . 0.22 -10.21 -5.59
O3B DGT B . -0.38 -8.56 -7.35
PB DGT B . -1.22 -7.84 -6.20
O1B DGT B . -1.82 -6.60 -6.76
O2B DGT B . -2.12 -8.82 -5.53
O3A DGT B . 0.00 -7.50 -5.21
PA DGT B . 0.60 -6.07 -4.79
O1A DGT B . 1.84 -6.42 -4.05
O2A DGT B . -0.45 -5.32 -4.07
O5' DGT B . 1.04 -5.16 -6.03
C5' DGT B . 0.23 -4.83 -7.17
C4' DGT B . 1.08 -3.76 -7.87
O4' DGT B . 1.82 -3.25 -6.75
C3' DGT B . 2.09 -4.24 -8.90
O3' DGT B . 2.01 -3.38 -10.05
C2' DGT B . 3.45 -4.07 -8.23
C1' DGT B . 3.17 -3.01 -7.18
N9 DGT B . 4.08 -3.16 -6.03
C8 DGT B . 5.07 -2.33 -5.71
N7 DGT B . 6.01 -3.04 -5.10
C5 DGT B . 5.58 -4.29 -4.99
C6 DGT B . 6.23 -5.40 -4.62
O6 DGT B . 7.28 -5.33 -3.99
N1 DGT B . 5.63 -6.65 -4.82
C2 DGT B . 4.34 -6.69 -5.37
N2 DGT B . 3.85 -7.84 -5.82
N3 DGT B . 3.73 -5.53 -5.67
C4 DGT B . 4.37 -4.36 -5.52
H5' DGT B . -0.72 -4.40 -6.84
H5'A DGT B . 0.07 -5.69 -7.80
H4' DGT B . 0.47 -2.96 -8.30
H3' DGT B . 1.92 -5.27 -9.16
HO3' DGT B . 1.57 -3.85 -10.82
H2' DGT B . 3.74 -4.96 -7.68
H2'A DGT B . 4.21 -3.67 -8.89
H1' DGT B . 3.22 -2.01 -7.61
H8 DGT B . 5.00 -1.24 -5.71
HN2 DGT B . 4.38 -8.68 -5.70
HN2A DGT B . 3.03 -7.84 -6.39
H16 DGT B . 6.16 -7.49 -4.72
MG MG C . 1.98 -8.53 -2.33
MG MG D . -0.39 -10.33 -4.48
N MET A 1 -6.01 -18.83 -6.54
CA MET A 1 -6.31 -19.18 -5.14
C MET A 1 -7.68 -18.65 -4.74
N LEU A 2 -7.74 -17.41 -4.26
CA LEU A 2 -8.99 -16.81 -3.86
C LEU A 2 -9.58 -15.97 -4.99
N THR A 3 -10.79 -15.50 -4.80
CA THR A 3 -11.47 -14.69 -5.81
C THR A 3 -11.55 -13.23 -5.35
N LEU A 4 -12.07 -12.37 -6.22
CA LEU A 4 -12.21 -10.94 -5.91
C LEU A 4 -13.02 -10.74 -4.63
N ILE A 5 -14.05 -11.57 -4.45
CA ILE A 5 -14.91 -11.49 -3.28
C ILE A 5 -14.11 -11.78 -2.01
N GLN A 6 -13.29 -12.80 -2.07
CA GLN A 6 -12.45 -13.20 -0.94
C GLN A 6 -11.58 -12.06 -0.47
N GLY A 7 -10.84 -11.45 -1.40
CA GLY A 7 -10.00 -10.31 -1.07
C GLY A 7 -10.78 -9.22 -0.37
N LYS A 8 -11.97 -8.94 -0.91
CA LYS A 8 -12.84 -7.92 -0.36
C LYS A 8 -13.29 -8.30 1.05
N LYS A 9 -13.64 -9.57 1.24
CA LYS A 9 -14.11 -10.05 2.54
C LYS A 9 -12.98 -9.98 3.56
N ILE A 10 -11.80 -10.48 3.19
CA ILE A 10 -10.68 -10.49 4.10
C ILE A 10 -10.27 -9.07 4.47
N VAL A 11 -10.18 -8.19 3.47
CA VAL A 11 -9.79 -6.80 3.73
C VAL A 11 -10.78 -6.11 4.64
N ASN A 12 -12.05 -6.16 4.26
CA ASN A 12 -13.13 -5.54 5.03
C ASN A 12 -13.06 -5.96 6.50
N HIS A 13 -12.94 -7.25 6.73
CA HIS A 13 -12.88 -7.79 8.09
C HIS A 13 -11.54 -7.41 8.73
N LEU A 14 -10.46 -7.61 8.00
CA LEU A 14 -9.12 -7.32 8.47
C LEU A 14 -8.98 -5.87 8.93
N ARG A 15 -9.48 -4.95 8.11
CA ARG A 15 -9.40 -3.53 8.43
C ARG A 15 -10.23 -3.19 9.66
N SER A 16 -11.46 -3.71 9.71
CA SER A 16 -12.36 -3.46 10.83
C SER A 16 -11.92 -4.18 12.11
N ARG A 17 -10.95 -5.08 11.97
CA ARG A 17 -10.47 -5.86 13.11
C ARG A 17 -8.99 -5.67 13.41
N LEU A 18 -8.31 -4.72 12.74
CA LEU A 18 -6.89 -4.56 12.95
C LEU A 18 -6.59 -3.75 14.20
N ALA A 19 -5.54 -4.13 14.90
CA ALA A 19 -5.10 -3.43 16.10
C ALA A 19 -3.62 -3.69 16.33
N PHE A 20 -2.86 -2.66 16.65
CA PHE A 20 -1.45 -2.83 16.92
C PHE A 20 -1.09 -2.26 18.27
N GLU A 21 0.01 -2.70 18.83
CA GLU A 21 0.45 -2.21 20.12
C GLU A 21 1.66 -1.31 19.96
N TYR A 22 1.51 -0.11 20.51
CA TYR A 22 2.53 0.93 20.47
C TYR A 22 2.88 1.32 21.91
N ASN A 23 4.14 1.11 22.28
CA ASN A 23 4.60 1.43 23.64
C ASN A 23 3.74 0.76 24.71
N GLY A 24 3.17 -0.41 24.39
CA GLY A 24 2.33 -1.11 25.33
C GLY A 24 0.87 -0.69 25.25
N GLN A 25 0.60 0.35 24.47
CA GLN A 25 -0.75 0.85 24.31
C GLN A 25 -1.41 0.23 23.08
N LEU A 26 -2.62 -0.26 23.24
CA LEU A 26 -3.34 -0.87 22.13
C LEU A 26 -3.97 0.19 21.23
N ILE A 27 -3.63 0.13 19.96
CA ILE A 27 -4.14 1.07 18.97
C ILE A 27 -4.82 0.32 17.83
N LYS A 28 -6.14 0.40 17.79
CA LYS A 28 -6.92 -0.25 16.75
C LYS A 28 -6.73 0.49 15.43
N ILE A 29 -6.61 -0.26 14.34
CA ILE A 29 -6.39 0.36 13.03
C ILE A 29 -7.37 -0.14 11.97
N LEU A 30 -8.09 0.82 11.40
CA LEU A 30 -9.04 0.55 10.32
C LEU A 30 -8.49 1.06 9.02
N SER A 31 -9.26 0.87 7.95
CA SER A 31 -8.92 1.32 6.60
C SER A 31 -8.53 2.80 6.57
N LYS A 32 -8.83 3.53 7.65
CA LYS A 32 -8.48 4.95 7.76
C LYS A 32 -6.98 5.12 7.64
N ASN A 33 -6.28 4.08 8.03
CA ASN A 33 -4.83 4.05 8.00
C ASN A 33 -4.32 3.05 6.98
N ILE A 34 -5.07 1.98 6.80
CA ILE A 34 -4.70 0.93 5.89
C ILE A 34 -5.54 0.97 4.61
N VAL A 35 -4.87 1.13 3.48
CA VAL A 35 -5.55 1.18 2.19
C VAL A 35 -5.23 -0.08 1.39
N ALA A 36 -6.26 -0.82 1.01
CA ALA A 36 -6.11 -2.04 0.26
C ALA A 36 -5.73 -1.75 -1.20
N VAL A 37 -4.73 -2.46 -1.68
CA VAL A 37 -4.25 -2.30 -3.05
C VAL A 37 -3.86 -3.64 -3.63
N GLY A 38 -4.04 -3.76 -4.94
CA GLY A 38 -3.69 -5.00 -5.60
C GLY A 38 -4.55 -5.24 -6.81
N SER A 39 -4.61 -6.50 -7.21
CA SER A 39 -5.46 -6.89 -8.33
C SER A 39 -6.90 -6.69 -7.91
N LEU A 40 -7.13 -6.69 -6.59
CA LEU A 40 -8.43 -6.45 -6.00
C LEU A 40 -8.90 -5.06 -6.42
N ARG A 41 -7.96 -4.13 -6.48
CA ARG A 41 -8.25 -2.76 -6.90
C ARG A 41 -8.40 -2.72 -8.42
N ARG A 42 -7.63 -3.54 -9.12
CA ARG A 42 -7.69 -3.61 -10.59
C ARG A 42 -8.90 -4.40 -11.09
N GLU A 43 -9.63 -5.03 -10.17
CA GLU A 43 -10.85 -5.79 -10.49
C GLU A 43 -10.52 -7.12 -11.19
N GLU A 44 -9.62 -7.91 -10.60
CA GLU A 44 -9.21 -9.20 -11.17
C GLU A 44 -10.17 -10.33 -10.82
N LYS A 45 -10.21 -11.32 -11.71
CA LYS A 45 -11.08 -12.49 -11.57
C LYS A 45 -10.61 -13.40 -10.43
N MET A 46 -9.31 -13.60 -10.34
CA MET A 46 -8.74 -14.46 -9.32
C MET A 46 -7.48 -13.84 -8.71
N LEU A 47 -7.36 -13.96 -7.39
CA LEU A 47 -6.22 -13.40 -6.69
C LEU A 47 -5.52 -14.44 -5.82
N ASN A 48 -4.31 -14.10 -5.38
CA ASN A 48 -3.53 -14.97 -4.51
C ASN A 48 -3.35 -14.33 -3.15
N ASP A 49 -2.93 -13.07 -3.15
CA ASP A 49 -2.71 -12.33 -1.91
C ASP A 49 -3.25 -10.93 -2.04
N VAL A 50 -3.65 -10.34 -0.93
CA VAL A 50 -4.15 -8.97 -0.97
C VAL A 50 -3.14 -8.08 -0.33
N ASP A 51 -2.90 -6.95 -0.94
CA ASP A 51 -1.91 -6.04 -0.46
C ASP A 51 -2.55 -4.83 0.19
N LEU A 52 -1.92 -4.33 1.24
CA LEU A 52 -2.48 -3.20 1.97
C LEU A 52 -1.39 -2.25 2.47
N LEU A 53 -1.47 -1.01 2.03
CA LEU A 53 -0.54 0.02 2.45
C LEU A 53 -1.03 0.68 3.72
N ILE A 54 -0.13 0.81 4.68
CA ILE A 54 -0.46 1.44 5.95
C ILE A 54 0.13 2.84 5.96
N ILE A 55 -0.72 3.84 5.87
CA ILE A 55 -0.27 5.23 5.86
C ILE A 55 -0.35 5.82 7.25
N VAL A 56 0.80 6.19 7.78
CA VAL A 56 0.87 6.75 9.11
C VAL A 56 1.39 8.19 9.08
N PRO A 57 0.68 9.11 9.76
CA PRO A 57 1.07 10.52 9.83
C PRO A 57 2.33 10.76 10.67
N GLU A 58 2.80 9.72 11.35
CA GLU A 58 3.99 9.84 12.18
C GLU A 58 4.94 8.69 11.94
N LYS A 59 6.22 9.00 11.86
CA LYS A 59 7.24 7.98 11.67
C LYS A 59 7.32 7.13 12.91
N LYS A 60 7.05 7.76 14.05
CA LYS A 60 7.08 7.10 15.33
C LYS A 60 5.98 6.05 15.38
N LEU A 61 4.74 6.49 15.22
CA LEU A 61 3.61 5.58 15.22
C LEU A 61 3.79 4.46 14.21
N LEU A 62 4.37 4.79 13.06
CA LEU A 62 4.61 3.81 12.01
C LEU A 62 5.58 2.74 12.47
N LYS A 63 6.69 3.18 13.03
CA LYS A 63 7.73 2.28 13.52
C LYS A 63 7.20 1.45 14.69
N HIS A 64 6.16 1.94 15.35
CA HIS A 64 5.58 1.26 16.50
C HIS A 64 4.45 0.32 16.09
N VAL A 65 4.10 0.29 14.81
CA VAL A 65 3.05 -0.61 14.33
C VAL A 65 3.62 -2.01 14.20
N LEU A 66 4.92 -2.07 13.93
CA LEU A 66 5.63 -3.34 13.76
C LEU A 66 5.77 -4.13 15.07
N PRO A 67 6.22 -3.50 16.20
CA PRO A 67 6.38 -4.17 17.50
C PRO A 67 5.27 -5.17 17.81
N ASN A 68 4.03 -4.71 17.87
CA ASN A 68 2.94 -5.63 18.13
C ASN A 68 1.75 -5.35 17.23
N ILE A 69 1.25 -6.39 16.60
CA ILE A 69 0.10 -6.31 15.72
C ILE A 69 -0.81 -7.50 15.97
N ARG A 70 -2.09 -7.25 16.14
CA ARG A 70 -3.05 -8.31 16.40
C ARG A 70 -4.34 -8.08 15.62
N ILE A 71 -5.12 -9.14 15.51
CA ILE A 71 -6.40 -9.08 14.82
C ILE A 71 -7.47 -9.66 15.74
N LYS A 72 -8.59 -8.97 15.81
CA LYS A 72 -9.69 -9.40 16.67
C LYS A 72 -10.26 -10.77 16.28
N GLY A 73 -9.99 -11.77 17.11
CA GLY A 73 -10.51 -13.10 16.87
C GLY A 73 -9.99 -13.77 15.61
N LEU A 74 -8.74 -13.51 15.23
CA LEU A 74 -8.20 -14.11 14.02
C LEU A 74 -6.84 -14.77 14.24
N SER A 75 -6.48 -15.71 13.36
CA SER A 75 -5.19 -16.39 13.45
C SER A 75 -4.27 -15.82 12.36
N PHE A 76 -3.02 -15.52 12.69
CA PHE A 76 -2.10 -14.95 11.71
C PHE A 76 -0.63 -15.35 11.96
N SER A 77 0.23 -15.03 11.00
CA SER A 77 1.66 -15.31 11.07
C SER A 77 2.44 -14.07 10.62
N VAL A 78 3.58 -13.78 11.25
CA VAL A 78 4.34 -12.55 10.93
C VAL A 78 5.64 -12.81 10.16
N LYS A 79 5.72 -12.30 8.94
CA LYS A 79 6.90 -12.42 8.10
C LYS A 79 7.39 -11.02 7.66
N VAL A 80 8.64 -10.93 7.25
CA VAL A 80 9.20 -9.67 6.79
C VAL A 80 9.53 -9.77 5.30
N CYS A 81 9.50 -8.64 4.59
CA CYS A 81 9.79 -8.62 3.17
C CYS A 81 10.72 -7.46 2.82
N GLY A 82 11.68 -7.70 1.96
CA GLY A 82 12.61 -6.65 1.57
C GLY A 82 13.27 -6.01 2.76
N GLU A 83 13.30 -4.69 2.75
CA GLU A 83 13.89 -3.94 3.83
C GLU A 83 12.84 -3.44 4.82
N ARG A 84 11.83 -2.76 4.32
CA ARG A 84 10.78 -2.20 5.16
C ARG A 84 9.40 -2.80 4.87
N LYS A 85 9.37 -3.82 4.03
CA LYS A 85 8.12 -4.47 3.68
C LYS A 85 7.81 -5.61 4.64
N CYS A 86 6.54 -5.90 4.85
CA CYS A 86 6.16 -6.97 5.75
C CYS A 86 5.11 -7.88 5.12
N VAL A 87 5.12 -9.14 5.54
CA VAL A 87 4.17 -10.12 5.01
C VAL A 87 3.50 -10.83 6.17
N LEU A 88 2.19 -11.00 6.09
CA LEU A 88 1.48 -11.68 7.14
C LEU A 88 0.54 -12.69 6.54
N PHE A 89 0.23 -13.73 7.29
CA PHE A 89 -0.69 -14.75 6.82
C PHE A 89 -1.89 -14.73 7.74
N ILE A 90 -3.07 -14.93 7.20
CA ILE A 90 -4.28 -14.92 8.01
C ILE A 90 -5.04 -16.21 7.84
N GLU A 91 -5.52 -16.76 8.93
CA GLU A 91 -6.26 -17.99 8.87
C GLU A 91 -7.53 -17.90 9.72
N TRP A 92 -8.63 -18.37 9.12
CA TRP A 92 -9.93 -18.39 9.77
C TRP A 92 -10.87 -19.30 8.98
N GLU A 93 -11.81 -19.94 9.69
CA GLU A 93 -12.77 -20.84 9.07
C GLU A 93 -12.05 -22.03 8.45
N LYS A 94 -10.97 -22.46 9.13
CA LYS A 94 -10.13 -23.58 8.69
C LYS A 94 -9.42 -23.25 7.38
N LYS A 95 -9.39 -21.97 7.01
CA LYS A 95 -8.75 -21.55 5.78
C LYS A 95 -7.62 -20.57 6.06
N THR A 96 -6.71 -20.46 5.12
CA THR A 96 -5.55 -19.58 5.24
C THR A 96 -5.38 -18.70 3.99
N TYR A 97 -4.99 -17.45 4.21
CA TYR A 97 -4.80 -16.49 3.13
C TYR A 97 -3.55 -15.65 3.36
N GLN A 98 -3.10 -14.97 2.32
CA GLN A 98 -1.89 -14.13 2.38
C GLN A 98 -2.23 -12.64 2.46
N LEU A 99 -1.64 -11.98 3.45
CA LEU A 99 -1.85 -10.57 3.68
C LEU A 99 -0.53 -9.81 3.50
N ASP A 100 -0.43 -9.03 2.45
CA ASP A 100 0.76 -8.24 2.18
C ASP A 100 0.59 -6.86 2.77
N LEU A 101 1.51 -6.44 3.63
CA LEU A 101 1.39 -5.12 4.24
C LEU A 101 2.67 -4.32 4.10
N PHE A 102 2.51 -3.04 3.87
CA PHE A 102 3.63 -2.14 3.69
C PHE A 102 3.40 -0.90 4.51
N THR A 103 4.43 -0.45 5.21
CA THR A 103 4.32 0.74 6.03
C THR A 103 4.83 1.96 5.29
N ALA A 104 4.02 3.00 5.25
CA ALA A 104 4.37 4.24 4.57
C ALA A 104 3.96 5.45 5.37
N LEU A 105 4.54 6.60 5.03
CA LEU A 105 4.23 7.84 5.71
C LEU A 105 3.07 8.53 5.00
N ALA A 106 2.44 9.46 5.69
CA ALA A 106 1.33 10.21 5.12
C ALA A 106 1.72 10.90 3.82
N GLU A 107 2.98 11.29 3.74
CA GLU A 107 3.50 11.97 2.56
C GLU A 107 3.87 10.98 1.45
N GLU A 108 4.07 9.72 1.81
CA GLU A 108 4.44 8.70 0.83
C GLU A 108 3.18 8.16 0.16
N LYS A 109 2.04 8.41 0.79
CA LYS A 109 0.72 7.96 0.32
C LYS A 109 0.54 8.09 -1.19
N PRO A 110 0.68 9.30 -1.79
CA PRO A 110 0.51 9.50 -3.24
C PRO A 110 1.32 8.51 -4.07
N TYR A 111 2.62 8.53 -3.88
CA TYR A 111 3.52 7.65 -4.62
C TYR A 111 3.21 6.19 -4.35
N ALA A 112 2.98 5.86 -3.09
CA ALA A 112 2.68 4.50 -2.70
C ALA A 112 1.46 3.97 -3.45
N ILE A 113 0.37 4.72 -3.43
CA ILE A 113 -0.85 4.32 -4.10
C ILE A 113 -0.64 4.23 -5.62
N PHE A 114 0.07 5.21 -6.18
CA PHE A 114 0.34 5.24 -7.62
C PHE A 114 1.06 3.97 -8.04
N HIS A 115 2.00 3.56 -7.22
CA HIS A 115 2.79 2.38 -7.46
C HIS A 115 1.92 1.11 -7.43
N PHE A 116 1.22 0.90 -6.33
CA PHE A 116 0.36 -0.29 -6.21
C PHE A 116 -0.95 -0.14 -7.00
N THR A 117 -1.13 0.98 -7.68
CA THR A 117 -2.37 1.20 -8.43
C THR A 117 -2.72 0.02 -9.36
N GLY A 118 -2.00 -0.14 -10.47
CA GLY A 118 -2.30 -1.24 -11.36
C GLY A 118 -1.11 -2.06 -11.75
N PRO A 119 -0.62 -1.87 -12.99
CA PRO A 119 0.54 -2.60 -13.50
C PRO A 119 1.86 -1.83 -13.36
N VAL A 120 2.86 -2.50 -12.81
CA VAL A 120 4.20 -1.95 -12.62
C VAL A 120 4.76 -1.32 -13.90
N SER A 121 4.43 -1.92 -15.04
CA SER A 121 4.87 -1.44 -16.34
C SER A 121 4.58 0.06 -16.52
N TYR A 122 3.41 0.49 -16.06
CA TYR A 122 3.01 1.89 -16.14
C TYR A 122 4.02 2.77 -15.38
N LEU A 123 4.42 2.28 -14.21
CA LEU A 123 5.35 3.00 -13.34
C LEU A 123 6.74 3.09 -13.96
N ILE A 124 7.32 1.93 -14.30
CA ILE A 124 8.66 1.89 -14.88
C ILE A 124 8.76 2.72 -16.16
N ARG A 125 7.69 2.73 -16.94
CA ARG A 125 7.67 3.51 -18.17
C ARG A 125 7.77 5.00 -17.84
N ILE A 126 6.92 5.43 -16.90
CA ILE A 126 6.89 6.80 -16.46
C ILE A 126 8.22 7.19 -15.81
N ARG A 127 8.82 6.25 -15.10
CA ARG A 127 10.09 6.45 -14.44
C ARG A 127 11.18 6.79 -15.45
N ALA A 128 11.19 6.05 -16.56
CA ALA A 128 12.16 6.28 -17.62
C ALA A 128 11.90 7.60 -18.32
N ALA A 129 10.63 7.89 -18.56
CA ALA A 129 10.23 9.13 -19.23
C ALA A 129 10.71 10.34 -18.42
N LEU A 130 10.45 10.33 -17.12
CA LEU A 130 10.87 11.41 -16.24
C LEU A 130 12.39 11.52 -16.26
N LYS A 131 13.07 10.37 -16.27
CA LYS A 131 14.53 10.36 -16.30
C LYS A 131 15.05 11.15 -17.50
N LYS A 132 14.37 10.99 -18.63
CA LYS A 132 14.74 11.71 -19.84
C LYS A 132 14.44 13.20 -19.67
N LYS A 133 13.41 13.49 -18.88
CA LYS A 133 13.02 14.87 -18.61
C LYS A 133 13.87 15.47 -17.50
N ASN A 134 14.73 14.64 -16.92
CA ASN A 134 15.64 15.05 -15.83
C ASN A 134 14.85 15.18 -14.53
N TYR A 135 13.86 14.31 -14.40
CA TYR A 135 13.01 14.26 -13.22
C TYR A 135 13.03 12.84 -12.68
N LYS A 136 12.98 12.68 -11.37
CA LYS A 136 12.99 11.36 -10.79
C LYS A 136 12.08 11.31 -9.58
N LEU A 137 11.10 10.42 -9.61
CA LEU A 137 10.16 10.29 -8.51
C LEU A 137 10.63 9.20 -7.55
N ASN A 138 10.22 9.34 -6.31
CA ASN A 138 10.55 8.39 -5.26
C ASN A 138 9.41 8.41 -4.27
N GLN A 139 9.33 7.40 -3.42
CA GLN A 139 8.25 7.32 -2.43
C GLN A 139 8.31 8.51 -1.47
N TYR A 140 9.48 9.14 -1.40
CA TYR A 140 9.69 10.28 -0.49
C TYR A 140 9.36 11.60 -1.17
N GLY A 141 9.36 11.63 -2.50
CA GLY A 141 9.06 12.87 -3.19
C GLY A 141 9.56 12.90 -4.62
N LEU A 142 9.71 14.10 -5.17
CA LEU A 142 10.19 14.28 -6.54
C LEU A 142 11.61 14.80 -6.54
N PHE A 143 12.31 14.61 -7.64
CA PHE A 143 13.68 15.07 -7.77
C PHE A 143 13.89 15.79 -9.09
N LYS A 144 13.93 17.10 -9.03
CA LYS A 144 14.14 17.94 -10.21
C LYS A 144 15.60 18.36 -10.28
N ASN A 145 16.32 17.83 -11.26
CA ASN A 145 17.74 18.17 -11.43
C ASN A 145 18.53 17.88 -10.15
N GLN A 146 18.27 16.71 -9.56
CA GLN A 146 18.93 16.28 -8.32
C GLN A 146 18.42 17.02 -7.08
N THR A 147 17.46 17.92 -7.27
CA THR A 147 16.90 18.68 -6.16
C THR A 147 15.56 18.08 -5.73
N LEU A 148 15.46 17.68 -4.47
CA LEU A 148 14.23 17.09 -3.95
C LEU A 148 13.09 18.10 -3.90
N VAL A 149 11.92 17.63 -4.30
CA VAL A 149 10.71 18.43 -4.33
C VAL A 149 9.61 17.71 -3.55
N PRO A 150 8.98 18.39 -2.57
CA PRO A 150 7.90 17.81 -1.76
C PRO A 150 6.60 17.62 -2.55
N LEU A 151 5.62 16.98 -1.92
CA LEU A 151 4.35 16.74 -2.58
C LEU A 151 3.21 17.52 -1.92
N LYS A 152 2.24 17.93 -2.74
CA LYS A 152 1.09 18.67 -2.26
C LYS A 152 -0.18 17.98 -2.72
N ILE A 153 -0.11 16.66 -2.79
CA ILE A 153 -1.24 15.87 -3.26
C ILE A 153 -1.50 14.69 -2.36
N THR A 154 -2.66 14.08 -2.56
CA THR A 154 -3.06 12.91 -1.79
C THR A 154 -3.80 11.90 -2.68
N THR A 155 -4.05 12.30 -3.93
CA THR A 155 -4.76 11.44 -4.87
C THR A 155 -3.88 11.09 -6.06
N GLU A 156 -4.13 9.92 -6.65
CA GLU A 156 -3.38 9.47 -7.82
C GLU A 156 -3.48 10.48 -8.95
N LYS A 157 -4.70 10.95 -9.21
CA LYS A 157 -4.93 11.93 -10.26
C LYS A 157 -4.14 13.19 -9.97
N GLU A 158 -4.22 13.64 -8.74
CA GLU A 158 -3.50 14.80 -8.31
C GLU A 158 -2.01 14.59 -8.54
N LEU A 159 -1.54 13.39 -8.20
CA LEU A 159 -0.13 13.05 -8.35
C LEU A 159 0.28 13.05 -9.82
N ILE A 160 -0.51 12.41 -10.69
CA ILE A 160 -0.18 12.38 -12.11
C ILE A 160 -0.17 13.79 -12.68
N LYS A 161 -1.14 14.60 -12.26
CA LYS A 161 -1.21 15.99 -12.69
C LYS A 161 0.01 16.75 -12.17
N GLU A 162 0.43 16.41 -10.96
CA GLU A 162 1.59 17.00 -10.31
C GLU A 162 2.87 16.52 -11.00
N LEU A 163 2.86 15.28 -11.50
CA LEU A 163 4.02 14.71 -12.18
C LEU A 163 4.09 15.15 -13.64
N GLY A 164 2.95 15.52 -14.21
CA GLY A 164 2.91 15.95 -15.58
C GLY A 164 2.60 14.82 -16.55
N PHE A 165 1.71 13.91 -16.14
CA PHE A 165 1.34 12.78 -16.99
C PHE A 165 -0.16 12.58 -17.05
N THR A 166 -0.62 11.87 -18.07
CA THR A 166 -2.03 11.59 -18.26
C THR A 166 -2.44 10.31 -17.51
N TYR A 167 -3.49 10.40 -16.70
CA TYR A 167 -3.96 9.25 -15.95
C TYR A 167 -4.75 8.30 -16.84
N ARG A 168 -4.34 7.06 -16.84
CA ARG A 168 -4.99 6.02 -17.63
C ARG A 168 -5.57 4.97 -16.68
N ILE A 169 -6.42 4.09 -17.19
CA ILE A 169 -6.98 3.05 -16.35
C ILE A 169 -6.08 1.82 -16.34
N PRO A 170 -5.71 1.33 -15.15
CA PRO A 170 -4.83 0.16 -15.01
C PRO A 170 -5.47 -1.12 -15.53
N LYS A 171 -6.77 -1.07 -15.72
CA LYS A 171 -7.55 -2.21 -16.20
C LYS A 171 -7.11 -2.61 -17.61
N LYS A 172 -6.81 -1.61 -18.42
CA LYS A 172 -6.41 -1.84 -19.80
C LYS A 172 -4.88 -1.81 -19.96
N ARG A 173 -4.17 -1.85 -18.81
CA ARG A 173 -2.70 -1.84 -18.78
C ARG A 173 -2.11 -0.52 -19.28
N LEU A 174 -1.25 0.09 -18.45
CA LEU A 174 -0.60 1.34 -18.77
C LEU A 174 -1.60 2.44 -19.11
PG DGT B . -0.18 -10.11 -7.60
O1G DGT B . 0.92 -10.63 -8.44
O2G DGT B . -1.55 -10.63 -7.80
O3G DGT B . 0.17 -10.41 -6.06
O3B DGT B . -0.17 -8.50 -7.62
PB DGT B . -0.95 -7.86 -6.36
O1B DGT B . -1.68 -6.66 -6.86
O2B DGT B . -1.69 -8.91 -5.65
O3A DGT B . 0.23 -7.37 -5.39
PA DGT B . 0.48 -5.87 -4.87
O1A DGT B . 1.58 -6.04 -3.88
O2A DGT B . -0.81 -5.34 -4.37
O5' DGT B . 1.00 -4.85 -5.98
C5' DGT B . 0.43 -4.65 -7.29
C4' DGT B . 1.40 -3.57 -7.82
O4' DGT B . 2.17 -3.12 -6.70
C3' DGT B . 2.38 -4.07 -8.85
O3' DGT B . 2.49 -3.09 -9.90
C2' DGT B . 3.69 -4.23 -8.09
C1' DGT B . 3.56 -3.09 -7.09
N9 DGT B . 4.41 -3.32 -5.90
C8 DGT B . 5.43 -2.59 -5.48
N7 DGT B . 6.26 -3.40 -4.83
C5 DGT B . 5.75 -4.62 -4.83
C6 DGT B . 6.32 -5.80 -4.60
O6 DGT B . 7.51 -5.85 -4.27
N1 DGT B . 5.65 -6.98 -4.94
C2 DGT B . 4.36 -6.87 -5.47
N2 DGT B . 3.72 -7.93 -5.96
N3 DGT B . 3.83 -5.65 -5.65
C4 DGT B . 4.55 -4.56 -5.41
H5' DGT B . 0.60 -5.54 -7.91
H5'A DGT B . -0.56 -4.21 -7.31
H4' DGT B . 0.84 -2.72 -8.22
H3' DGT B . 2.06 -5.03 -9.26
HO3' DGT B . 2.27 -2.18 -9.54
H2' DGT B . 3.65 -5.16 -7.52
H2'A DGT B . 4.60 -4.06 -8.67
H1' DGT B . 3.81 -2.16 -7.58
H8 DGT B . 5.41 -1.50 -5.38
HN2 DGT B . 2.94 -7.80 -6.58
HN2A DGT B . 4.11 -8.84 -5.84
H16 DGT B . 6.15 -7.85 -5.00
MG MG C . 1.73 -8.26 -2.29
MG MG D . -0.39 -10.20 -4.90
N MET A 1 -6.20 -18.14 -5.84
CA MET A 1 -6.77 -18.78 -4.63
C MET A 1 -8.14 -18.20 -4.31
N LEU A 2 -8.17 -16.94 -3.92
CA LEU A 2 -9.40 -16.27 -3.55
C LEU A 2 -10.01 -15.53 -4.75
N THR A 3 -11.21 -15.05 -4.58
CA THR A 3 -11.92 -14.31 -5.61
C THR A 3 -12.01 -12.84 -5.21
N LEU A 4 -12.44 -11.98 -6.14
CA LEU A 4 -12.59 -10.55 -5.86
C LEU A 4 -13.44 -10.34 -4.62
N ILE A 5 -14.52 -11.11 -4.54
CA ILE A 5 -15.44 -11.01 -3.41
C ILE A 5 -14.74 -11.40 -2.10
N GLN A 6 -13.96 -12.48 -2.14
CA GLN A 6 -13.24 -12.96 -0.98
C GLN A 6 -12.26 -11.90 -0.49
N GLY A 7 -11.41 -11.40 -1.38
CA GLY A 7 -10.45 -10.38 -1.02
C GLY A 7 -11.08 -9.17 -0.36
N LYS A 8 -12.17 -8.69 -0.94
CA LYS A 8 -12.86 -7.52 -0.41
C LYS A 8 -13.48 -7.83 0.95
N LYS A 9 -14.03 -9.03 1.08
CA LYS A 9 -14.67 -9.45 2.32
C LYS A 9 -13.65 -9.66 3.43
N ILE A 10 -12.61 -10.43 3.12
CA ILE A 10 -11.59 -10.72 4.11
C ILE A 10 -10.85 -9.45 4.50
N VAL A 11 -10.46 -8.63 3.51
CA VAL A 11 -9.76 -7.39 3.81
C VAL A 11 -10.62 -6.49 4.68
N ASN A 12 -11.92 -6.42 4.37
CA ASN A 12 -12.85 -5.62 5.14
C ASN A 12 -12.80 -6.02 6.61
N HIS A 13 -12.82 -7.32 6.86
CA HIS A 13 -12.76 -7.81 8.24
C HIS A 13 -11.37 -7.61 8.82
N LEU A 14 -10.37 -7.92 8.00
CA LEU A 14 -8.96 -7.79 8.40
C LEU A 14 -8.65 -6.38 8.87
N ARG A 15 -9.14 -5.40 8.12
CA ARG A 15 -8.91 -4.00 8.44
C ARG A 15 -9.75 -3.56 9.64
N SER A 16 -10.94 -4.14 9.80
CA SER A 16 -11.81 -3.78 10.92
C SER A 16 -11.48 -4.59 12.18
N ARG A 17 -10.51 -5.49 12.06
CA ARG A 17 -10.11 -6.33 13.19
C ARG A 17 -8.64 -6.14 13.58
N LEU A 18 -7.95 -5.15 13.02
CA LEU A 18 -6.54 -4.99 13.33
C LEU A 18 -6.33 -4.12 14.56
N ALA A 19 -5.32 -4.45 15.33
CA ALA A 19 -4.97 -3.68 16.52
C ALA A 19 -3.52 -3.93 16.89
N PHE A 20 -2.78 -2.88 17.15
CA PHE A 20 -1.39 -3.02 17.53
C PHE A 20 -1.20 -2.44 18.92
N GLU A 21 -0.10 -2.80 19.56
CA GLU A 21 0.17 -2.31 20.88
C GLU A 21 1.42 -1.45 20.89
N TYR A 22 1.29 -0.33 21.57
CA TYR A 22 2.36 0.64 21.72
C TYR A 22 2.49 0.98 23.20
N ASN A 23 3.68 0.79 23.75
CA ASN A 23 3.95 1.07 25.17
C ASN A 23 2.97 0.29 26.05
N GLY A 24 2.52 -0.85 25.56
CA GLY A 24 1.58 -1.67 26.29
C GLY A 24 0.13 -1.29 26.05
N GLN A 25 -0.09 -0.11 25.47
CA GLN A 25 -1.43 0.36 25.19
C GLN A 25 -1.89 -0.13 23.83
N LEU A 26 -3.12 -0.63 23.76
CA LEU A 26 -3.67 -1.15 22.52
C LEU A 26 -4.24 -0.05 21.63
N ILE A 27 -3.83 -0.08 20.38
CA ILE A 27 -4.27 0.88 19.37
C ILE A 27 -4.86 0.16 18.15
N LYS A 28 -6.18 0.24 17.98
CA LYS A 28 -6.87 -0.41 16.86
C LYS A 28 -6.53 0.23 15.51
N ILE A 29 -6.35 -0.61 14.50
CA ILE A 29 -6.03 -0.14 13.14
C ILE A 29 -7.11 -0.57 12.15
N LEU A 30 -7.84 0.43 11.66
CA LEU A 30 -8.91 0.25 10.67
C LEU A 30 -8.52 0.82 9.31
N SER A 31 -9.46 0.70 8.35
CA SER A 31 -9.29 1.23 7.00
C SER A 31 -9.05 2.73 6.98
N LYS A 32 -9.30 3.40 8.11
CA LYS A 32 -9.12 4.84 8.22
C LYS A 32 -7.66 5.20 7.99
N ASN A 33 -6.80 4.27 8.34
CA ASN A 33 -5.37 4.45 8.19
C ASN A 33 -4.77 3.47 7.18
N ILE A 34 -5.58 2.55 6.70
CA ILE A 34 -5.10 1.53 5.77
C ILE A 34 -5.90 1.50 4.48
N VAL A 35 -5.21 1.54 3.35
CA VAL A 35 -5.85 1.51 2.05
C VAL A 35 -5.49 0.22 1.31
N ALA A 36 -6.52 -0.53 0.94
CA ALA A 36 -6.33 -1.79 0.23
C ALA A 36 -5.98 -1.55 -1.22
N VAL A 37 -4.99 -2.30 -1.72
CA VAL A 37 -4.53 -2.18 -3.09
C VAL A 37 -4.17 -3.53 -3.65
N GLY A 38 -4.31 -3.65 -4.95
CA GLY A 38 -3.95 -4.87 -5.60
C GLY A 38 -4.85 -5.14 -6.78
N SER A 39 -5.00 -6.42 -7.10
CA SER A 39 -5.90 -6.84 -8.14
C SER A 39 -7.32 -6.44 -7.73
N LEU A 40 -7.52 -6.27 -6.41
CA LEU A 40 -8.79 -5.82 -5.85
C LEU A 40 -9.10 -4.41 -6.38
N ARG A 41 -8.06 -3.61 -6.53
CA ARG A 41 -8.19 -2.27 -7.04
C ARG A 41 -8.45 -2.34 -8.54
N ARG A 42 -7.79 -3.30 -9.20
CA ARG A 42 -7.95 -3.47 -10.65
C ARG A 42 -9.25 -4.19 -11.00
N GLU A 43 -9.95 -4.73 -10.00
CA GLU A 43 -11.22 -5.42 -10.21
C GLU A 43 -11.04 -6.75 -10.96
N GLU A 44 -10.16 -7.58 -10.42
CA GLU A 44 -9.84 -8.89 -11.00
C GLU A 44 -10.81 -9.98 -10.55
N LYS A 45 -10.96 -11.01 -11.35
CA LYS A 45 -11.86 -12.11 -11.04
C LYS A 45 -11.26 -13.04 -9.98
N MET A 46 -9.99 -13.35 -10.11
CA MET A 46 -9.32 -14.24 -9.17
C MET A 46 -8.07 -13.60 -8.59
N LEU A 47 -7.89 -13.77 -7.29
CA LEU A 47 -6.75 -13.20 -6.59
C LEU A 47 -6.01 -14.27 -5.77
N ASN A 48 -4.81 -13.93 -5.33
CA ASN A 48 -3.99 -14.84 -4.54
C ASN A 48 -3.59 -14.17 -3.22
N ASP A 49 -3.14 -12.93 -3.30
CA ASP A 49 -2.75 -12.18 -2.13
C ASP A 49 -3.36 -10.80 -2.20
N VAL A 50 -3.89 -10.32 -1.09
CA VAL A 50 -4.47 -8.99 -1.08
C VAL A 50 -3.49 -8.06 -0.41
N ASP A 51 -3.29 -6.91 -0.99
CA ASP A 51 -2.32 -6.00 -0.47
C ASP A 51 -2.96 -4.74 0.07
N LEU A 52 -2.29 -4.09 1.02
CA LEU A 52 -2.79 -2.86 1.60
C LEU A 52 -1.67 -2.03 2.22
N LEU A 53 -1.70 -0.73 1.97
CA LEU A 53 -0.71 0.16 2.54
C LEU A 53 -1.29 0.91 3.74
N ILE A 54 -0.50 1.03 4.79
CA ILE A 54 -0.92 1.72 5.98
C ILE A 54 -0.28 3.10 6.02
N ILE A 55 -1.09 4.13 5.83
CA ILE A 55 -0.63 5.50 5.83
C ILE A 55 -0.68 6.08 7.23
N VAL A 56 0.48 6.34 7.79
CA VAL A 56 0.54 6.88 9.14
C VAL A 56 1.02 8.33 9.11
N PRO A 57 0.29 9.22 9.81
CA PRO A 57 0.62 10.65 9.87
C PRO A 57 1.87 10.93 10.72
N GLU A 58 2.41 9.88 11.32
CA GLU A 58 3.60 10.02 12.14
C GLU A 58 4.58 8.89 11.87
N LYS A 59 5.85 9.25 11.79
CA LYS A 59 6.90 8.28 11.57
C LYS A 59 7.00 7.40 12.81
N LYS A 60 6.74 8.02 13.95
CA LYS A 60 6.77 7.34 15.21
C LYS A 60 5.66 6.31 15.29
N LEU A 61 4.40 6.77 15.20
CA LEU A 61 3.26 5.89 15.25
C LEU A 61 3.35 4.79 14.20
N LEU A 62 4.02 5.08 13.10
CA LEU A 62 4.19 4.11 12.03
C LEU A 62 5.08 2.96 12.51
N LYS A 63 6.17 3.34 13.14
CA LYS A 63 7.12 2.39 13.68
C LYS A 63 6.56 1.69 14.92
N HIS A 64 5.52 2.28 15.52
CA HIS A 64 4.90 1.73 16.73
C HIS A 64 4.06 0.48 16.44
N VAL A 65 3.69 0.31 15.19
CA VAL A 65 2.88 -0.84 14.79
C VAL A 65 3.72 -2.13 14.80
N LEU A 66 5.03 -1.97 14.61
CA LEU A 66 5.94 -3.10 14.56
C LEU A 66 6.13 -3.83 15.91
N PRO A 67 6.47 -3.11 17.03
CA PRO A 67 6.69 -3.74 18.33
C PRO A 67 5.60 -4.74 18.72
N ASN A 68 4.34 -4.30 18.76
CA ASN A 68 3.26 -5.19 19.11
C ASN A 68 2.12 -5.06 18.12
N ILE A 69 1.71 -6.18 17.54
CA ILE A 69 0.62 -6.21 16.59
C ILE A 69 -0.24 -7.45 16.84
N ARG A 70 -1.56 -7.26 16.89
CA ARG A 70 -2.47 -8.37 17.14
C ARG A 70 -3.71 -8.26 16.26
N ILE A 71 -4.45 -9.36 16.21
CA ILE A 71 -5.67 -9.42 15.43
C ILE A 71 -6.76 -10.08 16.25
N LYS A 72 -8.00 -9.82 15.93
CA LYS A 72 -9.09 -10.42 16.66
C LYS A 72 -9.45 -11.81 16.13
N GLY A 73 -9.04 -12.86 16.85
CA GLY A 73 -9.40 -14.23 16.48
C GLY A 73 -8.85 -14.77 15.15
N LEU A 74 -7.65 -14.39 14.74
CA LEU A 74 -7.11 -14.88 13.47
C LEU A 74 -5.69 -15.45 13.62
N SER A 75 -5.32 -16.38 12.73
CA SER A 75 -3.97 -16.96 12.77
C SER A 75 -3.12 -16.31 11.69
N PHE A 76 -2.06 -15.62 12.08
CA PHE A 76 -1.21 -14.95 11.09
C PHE A 76 0.26 -14.99 11.47
N SER A 77 1.11 -14.58 10.52
CA SER A 77 2.55 -14.54 10.72
C SER A 77 3.07 -13.21 10.18
N VAL A 78 4.06 -12.63 10.85
CA VAL A 78 4.61 -11.33 10.47
C VAL A 78 5.99 -11.47 9.83
N LYS A 79 6.10 -11.08 8.56
CA LYS A 79 7.36 -11.12 7.85
C LYS A 79 7.71 -9.74 7.31
N VAL A 80 8.98 -9.51 7.07
CA VAL A 80 9.46 -8.24 6.57
C VAL A 80 9.78 -8.35 5.08
N CYS A 81 9.78 -7.23 4.37
CA CYS A 81 10.08 -7.22 2.95
C CYS A 81 10.83 -5.95 2.55
N GLY A 82 12.03 -6.13 2.03
CA GLY A 82 12.81 -5.00 1.58
C GLY A 82 13.20 -4.04 2.68
N GLU A 83 13.04 -2.76 2.40
CA GLU A 83 13.38 -1.72 3.35
C GLU A 83 12.25 -1.42 4.33
N ARG A 84 11.08 -1.07 3.80
CA ARG A 84 9.95 -0.71 4.64
C ARG A 84 8.70 -1.52 4.32
N LYS A 85 8.84 -2.53 3.49
CA LYS A 85 7.69 -3.34 3.11
C LYS A 85 7.54 -4.52 4.06
N CYS A 86 6.32 -5.00 4.21
CA CYS A 86 6.06 -6.12 5.10
C CYS A 86 5.15 -7.15 4.42
N VAL A 87 5.30 -8.39 4.84
CA VAL A 87 4.50 -9.49 4.30
C VAL A 87 3.91 -10.29 5.45
N LEU A 88 2.63 -10.57 5.37
CA LEU A 88 1.96 -11.32 6.40
C LEU A 88 1.21 -12.50 5.79
N PHE A 89 1.06 -13.53 6.58
CA PHE A 89 0.34 -14.70 6.14
C PHE A 89 -0.85 -14.86 7.08
N ILE A 90 -2.00 -15.20 6.56
CA ILE A 90 -3.18 -15.32 7.38
C ILE A 90 -3.90 -16.63 7.12
N GLU A 91 -4.41 -17.24 8.17
CA GLU A 91 -5.13 -18.49 8.03
C GLU A 91 -6.31 -18.55 8.99
N TRP A 92 -7.42 -19.06 8.49
CA TRP A 92 -8.65 -19.20 9.27
C TRP A 92 -9.61 -20.15 8.56
N GLU A 93 -10.39 -20.89 9.35
CA GLU A 93 -11.36 -21.84 8.82
C GLU A 93 -10.66 -22.90 7.98
N LYS A 94 -9.46 -23.28 8.44
CA LYS A 94 -8.63 -24.27 7.77
C LYS A 94 -8.17 -23.78 6.40
N LYS A 95 -8.27 -22.47 6.19
CA LYS A 95 -7.86 -21.86 4.93
C LYS A 95 -6.67 -20.95 5.17
N THR A 96 -5.90 -20.74 4.12
CA THR A 96 -4.70 -19.92 4.20
C THR A 96 -4.66 -18.86 3.09
N TYR A 97 -4.23 -17.65 3.44
CA TYR A 97 -4.13 -16.55 2.49
C TYR A 97 -2.89 -15.71 2.74
N GLN A 98 -2.55 -14.89 1.76
CA GLN A 98 -1.38 -14.02 1.84
C GLN A 98 -1.82 -12.56 1.91
N LEU A 99 -1.28 -11.85 2.89
CA LEU A 99 -1.60 -10.44 3.08
C LEU A 99 -0.33 -9.59 3.02
N ASP A 100 -0.27 -8.67 2.07
CA ASP A 100 0.88 -7.78 1.97
C ASP A 100 0.55 -6.43 2.55
N LEU A 101 1.41 -5.90 3.39
CA LEU A 101 1.17 -4.60 3.98
C LEU A 101 2.42 -3.75 3.90
N PHE A 102 2.23 -2.50 3.54
CA PHE A 102 3.34 -1.57 3.43
C PHE A 102 3.10 -0.39 4.33
N THR A 103 4.12 0.01 5.06
CA THR A 103 4.01 1.14 5.95
C THR A 103 4.55 2.40 5.28
N ALA A 104 3.70 3.41 5.19
CA ALA A 104 4.07 4.66 4.54
C ALA A 104 3.66 5.86 5.37
N LEU A 105 4.20 7.01 5.05
CA LEU A 105 3.89 8.22 5.78
C LEU A 105 2.73 8.94 5.11
N ALA A 106 2.10 9.84 5.87
CA ALA A 106 0.97 10.62 5.35
C ALA A 106 1.34 11.40 4.10
N GLU A 107 2.61 11.73 3.97
CA GLU A 107 3.10 12.46 2.81
C GLU A 107 3.33 11.53 1.63
N GLU A 108 3.42 10.25 1.91
CA GLU A 108 3.67 9.23 0.89
C GLU A 108 2.36 8.57 0.45
N LYS A 109 1.26 9.29 0.64
CA LYS A 109 -0.06 8.77 0.30
C LYS A 109 -0.26 8.59 -1.21
N PRO A 110 -0.19 9.68 -2.03
CA PRO A 110 -0.41 9.59 -3.48
C PRO A 110 0.61 8.69 -4.18
N TYR A 111 1.86 8.79 -3.78
CA TYR A 111 2.93 7.99 -4.38
C TYR A 111 2.70 6.51 -4.19
N ALA A 112 2.40 6.11 -2.95
CA ALA A 112 2.14 4.72 -2.64
C ALA A 112 1.00 4.18 -3.49
N ILE A 113 -0.10 4.93 -3.52
CA ILE A 113 -1.27 4.54 -4.29
C ILE A 113 -0.93 4.44 -5.77
N PHE A 114 -0.17 5.40 -6.27
CA PHE A 114 0.22 5.42 -7.68
C PHE A 114 0.90 4.12 -8.07
N HIS A 115 1.79 3.66 -7.21
CA HIS A 115 2.50 2.43 -7.45
C HIS A 115 1.55 1.23 -7.51
N PHE A 116 0.79 1.08 -6.44
CA PHE A 116 -0.15 -0.04 -6.32
C PHE A 116 -1.45 0.11 -7.12
N THR A 117 -1.59 1.20 -7.89
CA THR A 117 -2.81 1.41 -8.66
C THR A 117 -3.23 0.17 -9.46
N GLY A 118 -2.49 -0.12 -10.51
CA GLY A 118 -2.78 -1.28 -11.33
C GLY A 118 -1.58 -2.10 -11.74
N PRO A 119 -1.07 -1.80 -12.95
CA PRO A 119 0.04 -2.50 -13.54
C PRO A 119 1.41 -1.87 -13.29
N VAL A 120 2.32 -2.69 -12.76
CA VAL A 120 3.69 -2.29 -12.49
C VAL A 120 4.33 -1.71 -13.76
N SER A 121 3.92 -2.25 -14.90
CA SER A 121 4.40 -1.83 -16.20
C SER A 121 4.29 -0.31 -16.40
N TYR A 122 3.18 0.26 -15.96
CA TYR A 122 2.93 1.69 -16.07
C TYR A 122 3.94 2.47 -15.24
N LEU A 123 4.27 1.94 -14.07
CA LEU A 123 5.21 2.57 -13.15
C LEU A 123 6.61 2.64 -13.76
N ILE A 124 7.13 1.49 -14.16
CA ILE A 124 8.46 1.42 -14.76
C ILE A 124 8.53 2.28 -16.02
N ARG A 125 7.40 2.37 -16.72
CA ARG A 125 7.30 3.19 -17.93
C ARG A 125 7.51 4.66 -17.57
N ILE A 126 6.79 5.10 -16.55
CA ILE A 126 6.86 6.47 -16.08
C ILE A 126 8.23 6.78 -15.46
N ARG A 127 8.80 5.80 -14.77
CA ARG A 127 10.09 5.98 -14.14
C ARG A 127 11.16 6.28 -15.18
N ALA A 128 11.16 5.52 -16.27
CA ALA A 128 12.13 5.72 -17.34
C ALA A 128 11.91 7.05 -18.04
N ALA A 129 10.64 7.39 -18.24
CA ALA A 129 10.27 8.64 -18.88
C ALA A 129 10.79 9.82 -18.09
N LEU A 130 10.53 9.81 -16.79
CA LEU A 130 10.99 10.88 -15.92
C LEU A 130 12.51 10.94 -15.92
N LYS A 131 13.16 9.77 -15.95
CA LYS A 131 14.61 9.71 -15.97
C LYS A 131 15.15 10.53 -17.14
N LYS A 132 14.49 10.41 -18.29
CA LYS A 132 14.90 11.16 -19.48
C LYS A 132 14.57 12.64 -19.29
N LYS A 133 13.56 12.92 -18.46
CA LYS A 133 13.16 14.30 -18.16
C LYS A 133 14.01 14.87 -17.02
N ASN A 134 14.91 14.03 -16.51
CA ASN A 134 15.82 14.39 -15.40
C ASN A 134 15.04 14.45 -14.10
N TYR A 135 14.13 13.52 -13.97
CA TYR A 135 13.28 13.39 -12.80
C TYR A 135 13.33 11.95 -12.31
N LYS A 136 13.26 11.76 -11.01
CA LYS A 136 13.26 10.44 -10.44
C LYS A 136 12.24 10.34 -9.33
N LEU A 137 11.28 9.44 -9.50
CA LEU A 137 10.23 9.25 -8.52
C LEU A 137 10.68 8.23 -7.48
N ASN A 138 10.34 8.48 -6.22
CA ASN A 138 10.74 7.61 -5.13
C ASN A 138 9.63 7.55 -4.09
N GLN A 139 9.62 6.51 -3.29
CA GLN A 139 8.59 6.33 -2.25
C GLN A 139 8.66 7.45 -1.21
N TYR A 140 9.76 8.19 -1.22
CA TYR A 140 9.97 9.27 -0.25
C TYR A 140 9.63 10.63 -0.85
N GLY A 141 9.66 10.71 -2.18
CA GLY A 141 9.38 11.97 -2.83
C GLY A 141 9.89 12.00 -4.26
N LEU A 142 10.06 13.19 -4.81
CA LEU A 142 10.54 13.32 -6.17
C LEU A 142 11.98 13.80 -6.17
N PHE A 143 12.72 13.47 -7.22
CA PHE A 143 14.10 13.89 -7.33
C PHE A 143 14.35 14.58 -8.65
N LYS A 144 14.54 15.88 -8.60
CA LYS A 144 14.82 16.66 -9.79
C LYS A 144 16.28 17.02 -9.80
N ASN A 145 17.04 16.36 -10.67
CA ASN A 145 18.48 16.58 -10.79
C ASN A 145 19.18 16.59 -9.42
N GLN A 146 19.13 15.45 -8.74
CA GLN A 146 19.75 15.27 -7.41
C GLN A 146 19.05 16.08 -6.31
N THR A 147 18.10 16.92 -6.69
CA THR A 147 17.39 17.74 -5.73
C THR A 147 16.05 17.13 -5.35
N LEU A 148 15.92 16.74 -4.08
CA LEU A 148 14.68 16.15 -3.59
C LEU A 148 13.57 17.19 -3.62
N VAL A 149 12.44 16.79 -4.15
CA VAL A 149 11.27 17.64 -4.26
C VAL A 149 10.08 17.00 -3.57
N PRO A 150 9.45 17.73 -2.64
CA PRO A 150 8.28 17.25 -1.90
C PRO A 150 7.05 17.19 -2.79
N LEU A 151 5.99 16.57 -2.28
CA LEU A 151 4.75 16.43 -3.03
C LEU A 151 3.73 17.48 -2.60
N LYS A 152 2.95 17.96 -3.55
CA LYS A 152 1.91 18.93 -3.26
C LYS A 152 0.57 18.41 -3.76
N ILE A 153 0.42 17.10 -3.69
CA ILE A 153 -0.81 16.47 -4.15
C ILE A 153 -1.27 15.39 -3.17
N THR A 154 -2.48 14.91 -3.40
CA THR A 154 -3.05 13.89 -2.55
C THR A 154 -3.86 12.87 -3.38
N THR A 155 -4.16 13.22 -4.63
CA THR A 155 -4.94 12.35 -5.50
C THR A 155 -4.10 11.89 -6.69
N GLU A 156 -4.37 10.69 -7.19
CA GLU A 156 -3.63 10.13 -8.32
C GLU A 156 -3.67 11.08 -9.52
N LYS A 157 -4.83 11.69 -9.74
CA LYS A 157 -5.00 12.63 -10.83
C LYS A 157 -4.08 13.84 -10.63
N GLU A 158 -4.12 14.39 -9.45
CA GLU A 158 -3.29 15.53 -9.12
C GLU A 158 -1.82 15.13 -9.23
N LEU A 159 -1.52 13.89 -8.86
CA LEU A 159 -0.16 13.38 -8.93
C LEU A 159 0.32 13.28 -10.38
N ILE A 160 -0.47 12.63 -11.24
CA ILE A 160 -0.11 12.51 -12.64
C ILE A 160 0.03 13.89 -13.26
N LYS A 161 -0.86 14.80 -12.88
CA LYS A 161 -0.80 16.17 -13.37
C LYS A 161 0.47 16.85 -12.87
N GLU A 162 0.82 16.56 -11.62
CA GLU A 162 2.03 17.10 -11.00
C GLU A 162 3.29 16.55 -11.68
N LEU A 163 3.24 15.27 -12.03
CA LEU A 163 4.38 14.62 -12.69
C LEU A 163 4.48 15.00 -14.17
N GLY A 164 3.35 15.34 -14.78
CA GLY A 164 3.35 15.74 -16.17
C GLY A 164 2.93 14.62 -17.11
N PHE A 165 2.13 13.69 -16.61
CA PHE A 165 1.68 12.57 -17.44
C PHE A 165 0.15 12.54 -17.55
N THR A 166 -0.33 11.57 -18.31
CA THR A 166 -1.77 11.39 -18.54
C THR A 166 -2.36 10.37 -17.58
N TYR A 167 -3.65 10.47 -17.32
CA TYR A 167 -4.31 9.53 -16.43
C TYR A 167 -4.83 8.34 -17.22
N ARG A 168 -4.20 7.19 -17.01
CA ARG A 168 -4.61 5.95 -17.65
C ARG A 168 -5.28 5.04 -16.64
N ILE A 169 -6.10 4.11 -17.12
CA ILE A 169 -6.78 3.18 -16.23
C ILE A 169 -6.04 1.84 -16.21
N PRO A 170 -5.90 1.26 -15.02
CA PRO A 170 -5.19 -0.01 -14.83
C PRO A 170 -5.91 -1.21 -15.45
N LYS A 171 -7.22 -1.08 -15.60
CA LYS A 171 -8.04 -2.14 -16.18
C LYS A 171 -7.65 -2.44 -17.61
N LYS A 172 -7.21 -1.41 -18.33
CA LYS A 172 -6.83 -1.56 -19.71
C LYS A 172 -5.31 -1.67 -19.87
N ARG A 173 -4.61 -1.78 -18.74
CA ARG A 173 -3.15 -1.89 -18.69
C ARG A 173 -2.45 -0.61 -19.15
N LEU A 174 -1.37 -0.28 -18.44
CA LEU A 174 -0.57 0.91 -18.72
C LEU A 174 -1.41 2.18 -18.64
PG DGT B . -0.66 -9.77 -7.97
O1G DGT B . 0.45 -10.17 -8.87
O2G DGT B . -2.00 -10.38 -8.17
O3G DGT B . -0.24 -10.13 -6.46
O3B DGT B . -0.73 -8.17 -7.88
PB DGT B . -1.65 -7.62 -6.68
O1B DGT B . -2.08 -6.24 -7.04
O2B DGT B . -2.70 -8.61 -6.34
O3A DGT B . -0.51 -7.57 -5.56
PA DGT B . 0.14 -6.24 -4.92
O1A DGT B . 1.25 -6.68 -4.04
O2A DGT B . -0.96 -5.44 -4.33
O5' DGT B . 0.83 -5.30 -6.03
C5' DGT B . 0.16 -4.78 -7.18
C4' DGT B . 1.24 -3.88 -7.76
O4' DGT B . 2.00 -3.58 -6.58
C3' DGT B . 2.19 -4.53 -8.75
O3' DGT B . 2.20 -3.73 -9.94
C2' DGT B . 3.56 -4.49 -8.09
C1' DGT B . 3.37 -3.48 -6.97
N9 DGT B . 4.20 -3.85 -5.81
C8 DGT B . 5.27 -3.19 -5.34
N7 DGT B . 6.06 -4.08 -4.75
C5 DGT B . 5.47 -5.27 -4.82
C6 DGT B . 5.94 -6.49 -4.56
O6 DGT B . 6.92 -6.65 -3.83
N1 DGT B . 5.17 -7.61 -4.91
C2 DGT B . 3.90 -7.40 -5.45
N2 DGT B . 3.24 -8.45 -5.91
N3 DGT B . 3.48 -6.14 -5.65
C4 DGT B . 4.28 -5.11 -5.39
H5' DGT B . -0.01 -5.57 -7.91
H5'A DGT B . -0.71 -4.15 -6.97
H4' DGT B . 0.82 -2.96 -8.17
H3' DGT B . 1.89 -5.55 -8.96
HO3' DGT B . 2.26 -2.76 -9.69
H2' DGT B . 3.80 -5.44 -7.61
H2'A DGT B . 4.35 -4.09 -8.72
H1' DGT B . 3.58 -2.47 -7.31
H8 DGT B . 5.32 -2.10 -5.20
HN2 DGT B . 3.65 -9.35 -5.85
HN2A DGT B . 2.39 -8.33 -6.44
H16 DGT B . 5.55 -8.54 -4.82
MG MG C . 0.96 -8.74 -2.21
MG MG D . -0.84 -10.19 -5.29
N MET A 1 -5.72 -17.50 -5.98
CA MET A 1 -6.00 -17.88 -4.57
C MET A 1 -7.33 -17.31 -4.12
N LEU A 2 -7.42 -15.99 -4.07
CA LEU A 2 -8.65 -15.32 -3.66
C LEU A 2 -9.33 -14.69 -4.86
N THR A 3 -10.61 -14.39 -4.71
CA THR A 3 -11.38 -13.77 -5.76
C THR A 3 -11.72 -12.35 -5.37
N LEU A 4 -12.19 -11.55 -6.32
CA LEU A 4 -12.57 -10.16 -6.06
C LEU A 4 -13.49 -10.05 -4.83
N ILE A 5 -14.53 -10.87 -4.81
CA ILE A 5 -15.49 -10.86 -3.70
C ILE A 5 -14.85 -11.30 -2.39
N GLN A 6 -14.11 -12.39 -2.43
CA GLN A 6 -13.45 -12.93 -1.24
C GLN A 6 -12.49 -11.90 -0.66
N GLY A 7 -11.63 -11.37 -1.53
CA GLY A 7 -10.67 -10.36 -1.11
C GLY A 7 -11.35 -9.17 -0.46
N LYS A 8 -12.42 -8.71 -1.08
CA LYS A 8 -13.17 -7.56 -0.58
C LYS A 8 -13.79 -7.88 0.78
N LYS A 9 -14.35 -9.08 0.92
CA LYS A 9 -14.99 -9.47 2.16
C LYS A 9 -13.98 -9.60 3.28
N ILE A 10 -12.91 -10.35 3.02
CA ILE A 10 -11.88 -10.56 4.03
C ILE A 10 -11.19 -9.25 4.38
N VAL A 11 -10.86 -8.44 3.38
CA VAL A 11 -10.20 -7.16 3.63
C VAL A 11 -11.06 -6.29 4.54
N ASN A 12 -12.35 -6.19 4.20
CA ASN A 12 -13.29 -5.42 4.99
C ASN A 12 -13.23 -5.84 6.46
N HIS A 13 -13.26 -7.15 6.68
CA HIS A 13 -13.19 -7.68 8.04
C HIS A 13 -11.80 -7.46 8.64
N LEU A 14 -10.79 -7.74 7.82
CA LEU A 14 -9.39 -7.61 8.22
C LEU A 14 -9.10 -6.21 8.77
N ARG A 15 -9.53 -5.19 8.03
CA ARG A 15 -9.28 -3.82 8.44
C ARG A 15 -10.10 -3.47 9.68
N SER A 16 -11.35 -3.93 9.73
CA SER A 16 -12.22 -3.65 10.88
C SER A 16 -11.80 -4.44 12.13
N ARG A 17 -10.91 -5.41 11.94
CA ARG A 17 -10.45 -6.25 13.05
C ARG A 17 -8.99 -6.00 13.44
N LEU A 18 -8.33 -4.99 12.87
CA LEU A 18 -6.92 -4.81 13.18
C LEU A 18 -6.70 -4.00 14.44
N ALA A 19 -5.66 -4.36 15.16
CA ALA A 19 -5.25 -3.66 16.37
C ALA A 19 -3.79 -3.95 16.64
N PHE A 20 -3.01 -2.94 16.94
CA PHE A 20 -1.60 -3.16 17.23
C PHE A 20 -1.29 -2.67 18.63
N GLU A 21 -0.20 -3.14 19.20
CA GLU A 21 0.18 -2.74 20.53
C GLU A 21 1.45 -1.91 20.49
N TYR A 22 1.40 -0.81 21.20
CA TYR A 22 2.52 0.09 21.30
C TYR A 22 2.79 0.39 22.77
N ASN A 23 3.96 -0.04 23.24
CA ASN A 23 4.40 0.16 24.61
C ASN A 23 3.38 -0.36 25.63
N GLY A 24 2.74 -1.46 25.30
CA GLY A 24 1.77 -2.04 26.20
C GLY A 24 0.38 -1.49 26.00
N GLN A 25 0.24 -0.45 25.19
CA GLN A 25 -1.05 0.15 24.92
C GLN A 25 -1.62 -0.37 23.60
N LEU A 26 -2.86 -0.82 23.63
CA LEU A 26 -3.51 -1.35 22.44
C LEU A 26 -4.12 -0.24 21.59
N ILE A 27 -3.76 -0.24 20.33
CA ILE A 27 -4.23 0.77 19.39
C ILE A 27 -4.92 0.10 18.19
N LYS A 28 -6.23 0.23 18.10
CA LYS A 28 -7.01 -0.37 17.01
C LYS A 28 -6.70 0.30 15.67
N ILE A 29 -6.61 -0.50 14.62
CA ILE A 29 -6.32 0.02 13.28
C ILE A 29 -7.37 -0.39 12.24
N LEU A 30 -8.11 0.59 11.77
CA LEU A 30 -9.10 0.39 10.73
C LEU A 30 -8.63 0.98 9.40
N SER A 31 -9.50 0.84 8.40
CA SER A 31 -9.26 1.35 7.05
C SER A 31 -8.99 2.86 7.04
N LYS A 32 -9.27 3.53 8.15
CA LYS A 32 -9.04 4.96 8.27
C LYS A 32 -7.56 5.27 8.08
N ASN A 33 -6.73 4.31 8.46
CA ASN A 33 -5.30 4.45 8.35
C ASN A 33 -4.69 3.45 7.36
N ILE A 34 -5.51 2.52 6.90
CA ILE A 34 -5.03 1.48 5.99
C ILE A 34 -5.91 1.34 4.75
N VAL A 35 -5.27 1.19 3.60
CA VAL A 35 -5.98 1.03 2.34
C VAL A 35 -5.53 -0.27 1.67
N ALA A 36 -6.48 -1.05 1.18
CA ALA A 36 -6.16 -2.31 0.52
C ALA A 36 -5.69 -2.06 -0.92
N VAL A 37 -4.67 -2.78 -1.32
CA VAL A 37 -4.12 -2.62 -2.66
C VAL A 37 -3.82 -3.97 -3.31
N GLY A 38 -4.02 -4.01 -4.61
CA GLY A 38 -3.75 -5.21 -5.36
C GLY A 38 -4.63 -5.29 -6.58
N SER A 39 -4.81 -6.50 -7.07
CA SER A 39 -5.66 -6.73 -8.20
C SER A 39 -7.10 -6.39 -7.79
N LEU A 40 -7.36 -6.41 -6.47
CA LEU A 40 -8.65 -6.05 -5.90
C LEU A 40 -8.96 -4.61 -6.27
N ARG A 41 -7.92 -3.77 -6.24
CA ARG A 41 -8.04 -2.37 -6.59
C ARG A 41 -8.20 -2.27 -8.10
N ARG A 42 -7.50 -3.14 -8.82
CA ARG A 42 -7.57 -3.15 -10.28
C ARG A 42 -8.85 -3.81 -10.80
N GLU A 43 -9.63 -4.38 -9.89
CA GLU A 43 -10.90 -5.04 -10.22
C GLU A 43 -10.65 -6.29 -11.07
N GLU A 44 -9.77 -7.15 -10.59
CA GLU A 44 -9.42 -8.38 -11.29
C GLU A 44 -10.22 -9.58 -10.79
N LYS A 45 -10.38 -10.55 -11.68
CA LYS A 45 -11.15 -11.75 -11.41
C LYS A 45 -10.61 -12.54 -10.20
N MET A 46 -9.30 -12.72 -10.15
CA MET A 46 -8.69 -13.49 -9.05
C MET A 46 -7.22 -13.11 -8.83
N LEU A 47 -6.80 -13.08 -7.57
CA LEU A 47 -5.43 -12.74 -7.21
C LEU A 47 -4.84 -13.74 -6.20
N ASN A 48 -3.51 -13.69 -6.01
CA ASN A 48 -2.83 -14.62 -5.10
C ASN A 48 -2.63 -14.05 -3.70
N ASP A 49 -2.05 -12.86 -3.62
CA ASP A 49 -1.76 -12.23 -2.33
C ASP A 49 -2.48 -10.89 -2.22
N VAL A 50 -3.10 -10.64 -1.07
CA VAL A 50 -3.83 -9.38 -0.84
C VAL A 50 -2.90 -8.42 -0.14
N ASP A 51 -2.72 -7.27 -0.71
CA ASP A 51 -1.79 -6.34 -0.17
C ASP A 51 -2.46 -5.15 0.47
N LEU A 52 -1.77 -4.60 1.44
CA LEU A 52 -2.28 -3.49 2.17
C LEU A 52 -1.28 -2.35 2.21
N LEU A 53 -1.81 -1.17 2.51
CA LEU A 53 -1.03 0.04 2.59
C LEU A 53 -1.45 0.82 3.82
N ILE A 54 -0.57 0.88 4.80
CA ILE A 54 -0.86 1.61 6.03
C ILE A 54 -0.20 2.98 5.96
N ILE A 55 -1.02 4.01 5.82
CA ILE A 55 -0.54 5.37 5.72
C ILE A 55 -0.72 6.08 7.07
N VAL A 56 0.39 6.48 7.65
CA VAL A 56 0.34 7.15 8.95
C VAL A 56 0.92 8.55 8.86
N PRO A 57 0.24 9.54 9.47
CA PRO A 57 0.69 10.94 9.46
C PRO A 57 1.93 11.18 10.31
N GLU A 58 2.45 10.12 10.92
CA GLU A 58 3.63 10.22 11.75
C GLU A 58 4.53 9.02 11.54
N LYS A 59 5.82 9.31 11.43
CA LYS A 59 6.82 8.27 11.24
C LYS A 59 6.89 7.43 12.51
N LYS A 60 6.55 8.07 13.62
CA LYS A 60 6.55 7.43 14.92
C LYS A 60 5.44 6.40 14.98
N LEU A 61 4.20 6.87 14.89
CA LEU A 61 3.03 6.00 14.94
C LEU A 61 3.12 4.89 13.90
N LEU A 62 3.82 5.17 12.80
CA LEU A 62 4.02 4.21 11.74
C LEU A 62 4.91 3.07 12.23
N LYS A 63 6.01 3.44 12.86
CA LYS A 63 6.96 2.48 13.39
C LYS A 63 6.42 1.82 14.67
N HIS A 64 5.36 2.40 15.23
CA HIS A 64 4.75 1.88 16.46
C HIS A 64 3.94 0.63 16.21
N VAL A 65 3.62 0.35 14.96
CA VAL A 65 2.84 -0.83 14.60
C VAL A 65 3.72 -2.09 14.61
N LEU A 66 5.00 -1.90 14.37
CA LEU A 66 5.97 -3.01 14.32
C LEU A 66 6.10 -3.78 15.65
N PRO A 67 6.22 -3.10 16.82
CA PRO A 67 6.36 -3.77 18.13
C PRO A 67 5.37 -4.91 18.35
N ASN A 68 4.09 -4.63 18.17
CA ASN A 68 3.08 -5.65 18.34
C ASN A 68 1.88 -5.37 17.45
N ILE A 69 1.38 -6.42 16.81
CA ILE A 69 0.24 -6.32 15.91
C ILE A 69 -0.65 -7.54 16.11
N ARG A 70 -1.94 -7.32 16.30
CA ARG A 70 -2.88 -8.41 16.51
C ARG A 70 -4.14 -8.22 15.66
N ILE A 71 -4.92 -9.28 15.56
CA ILE A 71 -6.17 -9.26 14.81
C ILE A 71 -7.25 -9.95 15.65
N LYS A 72 -8.47 -9.44 15.57
CA LYS A 72 -9.58 -10.00 16.34
C LYS A 72 -9.98 -11.39 15.84
N GLY A 73 -9.63 -12.41 16.63
CA GLY A 73 -10.01 -13.79 16.30
C GLY A 73 -9.36 -14.36 15.04
N LEU A 74 -8.14 -13.96 14.73
CA LEU A 74 -7.48 -14.47 13.54
C LEU A 74 -6.10 -15.06 13.82
N SER A 75 -5.64 -15.95 12.95
CA SER A 75 -4.33 -16.57 13.07
C SER A 75 -3.39 -15.89 12.09
N PHE A 76 -2.20 -15.49 12.52
CA PHE A 76 -1.28 -14.81 11.61
C PHE A 76 0.19 -15.12 11.89
N SER A 77 1.05 -14.64 11.01
CA SER A 77 2.50 -14.81 11.13
C SER A 77 3.17 -13.51 10.68
N VAL A 78 4.25 -13.10 11.36
CA VAL A 78 4.90 -11.83 11.05
C VAL A 78 6.23 -12.00 10.31
N LYS A 79 6.30 -11.49 9.08
CA LYS A 79 7.51 -11.54 8.28
C LYS A 79 7.86 -10.12 7.83
N VAL A 80 9.12 -9.90 7.53
CA VAL A 80 9.57 -8.58 7.09
C VAL A 80 10.04 -8.67 5.64
N CYS A 81 10.06 -7.54 4.94
CA CYS A 81 10.48 -7.52 3.55
C CYS A 81 11.25 -6.25 3.21
N GLY A 82 12.52 -6.41 2.87
CA GLY A 82 13.32 -5.25 2.54
C GLY A 82 13.51 -4.32 3.72
N GLU A 83 13.46 -3.03 3.45
CA GLU A 83 13.62 -2.02 4.48
C GLU A 83 12.28 -1.52 5.02
N ARG A 84 11.35 -1.19 4.13
CA ARG A 84 10.05 -0.67 4.55
C ARG A 84 8.88 -1.60 4.23
N LYS A 85 9.14 -2.72 3.59
CA LYS A 85 8.07 -3.64 3.26
C LYS A 85 7.90 -4.69 4.35
N CYS A 86 6.68 -5.17 4.53
CA CYS A 86 6.41 -6.18 5.53
C CYS A 86 5.49 -7.25 4.93
N VAL A 87 5.60 -8.46 5.43
CA VAL A 87 4.79 -9.55 4.92
C VAL A 87 4.14 -10.31 6.07
N LEU A 88 2.87 -10.57 5.97
CA LEU A 88 2.17 -11.31 7.00
C LEU A 88 1.35 -12.42 6.40
N PHE A 89 1.06 -13.42 7.19
CA PHE A 89 0.26 -14.53 6.75
C PHE A 89 -0.97 -14.60 7.63
N ILE A 90 -2.12 -14.89 7.05
CA ILE A 90 -3.34 -14.96 7.82
C ILE A 90 -4.06 -16.27 7.57
N GLU A 91 -4.54 -16.88 8.63
CA GLU A 91 -5.24 -18.14 8.53
C GLU A 91 -6.55 -18.09 9.28
N TRP A 92 -7.60 -18.62 8.65
CA TRP A 92 -8.92 -18.64 9.25
C TRP A 92 -9.82 -19.61 8.50
N GLU A 93 -10.76 -20.22 9.23
CA GLU A 93 -11.71 -21.16 8.65
C GLU A 93 -10.98 -22.34 8.03
N LYS A 94 -9.95 -22.80 8.73
CA LYS A 94 -9.14 -23.93 8.30
C LYS A 94 -8.45 -23.64 6.97
N LYS A 95 -8.18 -22.37 6.72
CA LYS A 95 -7.51 -21.96 5.50
C LYS A 95 -6.40 -20.95 5.79
N THR A 96 -5.46 -20.85 4.87
CA THR A 96 -4.31 -19.95 5.01
C THR A 96 -4.18 -19.02 3.80
N TYR A 97 -3.83 -17.75 4.04
CA TYR A 97 -3.67 -16.77 2.97
C TYR A 97 -2.47 -15.86 3.24
N GLN A 98 -2.04 -15.15 2.19
CA GLN A 98 -0.90 -14.25 2.29
C GLN A 98 -1.34 -12.80 2.25
N LEU A 99 -0.84 -12.03 3.22
CA LEU A 99 -1.17 -10.62 3.35
C LEU A 99 0.09 -9.77 3.30
N ASP A 100 0.23 -8.96 2.28
CA ASP A 100 1.39 -8.08 2.17
C ASP A 100 1.00 -6.74 2.78
N LEU A 101 1.89 -6.13 3.54
CA LEU A 101 1.57 -4.85 4.14
C LEU A 101 2.77 -3.91 4.07
N PHE A 102 2.53 -2.70 3.60
CA PHE A 102 3.58 -1.71 3.49
C PHE A 102 3.31 -0.53 4.41
N THR A 103 4.37 -0.01 5.01
CA THR A 103 4.25 1.14 5.89
C THR A 103 4.72 2.40 5.16
N ALA A 104 3.86 3.40 5.12
CA ALA A 104 4.18 4.65 4.43
C ALA A 104 3.67 5.84 5.22
N LEU A 105 4.23 7.02 4.96
CA LEU A 105 3.81 8.22 5.63
C LEU A 105 2.64 8.84 4.90
N ALA A 106 1.94 9.74 5.58
CA ALA A 106 0.78 10.42 5.01
C ALA A 106 1.12 11.09 3.69
N GLU A 107 2.37 11.50 3.56
CA GLU A 107 2.84 12.18 2.35
C GLU A 107 3.13 11.18 1.23
N GLU A 108 3.29 9.91 1.59
CA GLU A 108 3.58 8.88 0.62
C GLU A 108 2.29 8.31 0.02
N LYS A 109 1.17 8.63 0.66
CA LYS A 109 -0.15 8.15 0.23
C LYS A 109 -0.34 8.16 -1.30
N PRO A 110 -0.27 9.33 -1.98
CA PRO A 110 -0.45 9.40 -3.43
C PRO A 110 0.52 8.50 -4.21
N TYR A 111 1.78 8.52 -3.79
CA TYR A 111 2.82 7.73 -4.45
C TYR A 111 2.59 6.24 -4.28
N ALA A 112 2.39 5.83 -3.03
CA ALA A 112 2.16 4.42 -2.72
C ALA A 112 0.97 3.86 -3.48
N ILE A 113 -0.13 4.61 -3.47
CA ILE A 113 -1.34 4.18 -4.17
C ILE A 113 -1.10 4.12 -5.67
N PHE A 114 -0.40 5.13 -6.22
CA PHE A 114 -0.11 5.19 -7.64
C PHE A 114 0.62 3.94 -8.11
N HIS A 115 1.57 3.51 -7.33
CA HIS A 115 2.35 2.32 -7.63
C HIS A 115 1.47 1.07 -7.59
N PHE A 116 0.77 0.87 -6.49
CA PHE A 116 -0.12 -0.29 -6.35
C PHE A 116 -1.44 -0.14 -7.12
N THR A 117 -1.62 0.98 -7.79
CA THR A 117 -2.85 1.24 -8.54
C THR A 117 -3.22 0.08 -9.49
N GLY A 118 -2.50 -0.05 -10.60
CA GLY A 118 -2.80 -1.11 -11.53
C GLY A 118 -1.60 -1.85 -12.04
N PRO A 119 -1.22 -1.52 -13.29
CA PRO A 119 -0.11 -2.15 -13.98
C PRO A 119 1.25 -1.56 -13.63
N VAL A 120 2.08 -2.38 -12.97
CA VAL A 120 3.44 -1.99 -12.60
C VAL A 120 4.21 -1.49 -13.82
N SER A 121 3.96 -2.12 -14.96
CA SER A 121 4.61 -1.76 -16.22
C SER A 121 4.46 -0.27 -16.53
N TYR A 122 3.26 0.25 -16.31
CA TYR A 122 2.97 1.66 -16.54
C TYR A 122 3.91 2.55 -15.71
N LEU A 123 4.19 2.11 -14.49
CA LEU A 123 5.07 2.84 -13.59
C LEU A 123 6.48 2.87 -14.16
N ILE A 124 6.96 1.70 -14.55
CA ILE A 124 8.29 1.56 -15.14
C ILE A 124 8.45 2.49 -16.35
N ARG A 125 7.42 2.57 -17.17
CA ARG A 125 7.43 3.41 -18.36
C ARG A 125 7.54 4.89 -17.97
N ILE A 126 6.77 5.26 -16.96
CA ILE A 126 6.77 6.64 -16.47
C ILE A 126 8.12 6.98 -15.85
N ARG A 127 8.69 6.01 -15.13
CA ARG A 127 9.97 6.20 -14.48
C ARG A 127 11.08 6.47 -15.51
N ALA A 128 11.04 5.72 -16.60
CA ALA A 128 12.03 5.88 -17.66
C ALA A 128 11.87 7.24 -18.34
N ALA A 129 10.61 7.64 -18.56
CA ALA A 129 10.32 8.90 -19.20
C ALA A 129 10.87 10.06 -18.37
N LEU A 130 10.59 10.03 -17.07
CA LEU A 130 11.07 11.05 -16.17
C LEU A 130 12.60 11.05 -16.15
N LYS A 131 13.20 9.87 -16.19
CA LYS A 131 14.64 9.74 -16.20
C LYS A 131 15.23 10.55 -17.35
N LYS A 132 14.59 10.46 -18.52
CA LYS A 132 15.04 11.20 -19.68
C LYS A 132 14.77 12.70 -19.46
N LYS A 133 13.74 13.00 -18.68
CA LYS A 133 13.38 14.37 -18.36
C LYS A 133 14.25 14.91 -17.22
N ASN A 134 15.14 14.05 -16.73
CA ASN A 134 16.08 14.38 -15.64
C ASN A 134 15.33 14.44 -14.31
N TYR A 135 14.31 13.62 -14.23
CA TYR A 135 13.47 13.50 -13.04
C TYR A 135 13.52 12.07 -12.53
N LYS A 136 13.37 11.88 -11.23
CA LYS A 136 13.37 10.55 -10.66
C LYS A 136 12.34 10.46 -9.54
N LEU A 137 11.38 9.58 -9.72
CA LEU A 137 10.33 9.36 -8.74
C LEU A 137 10.73 8.26 -7.76
N ASN A 138 10.30 8.41 -6.51
CA ASN A 138 10.60 7.43 -5.47
C ASN A 138 9.47 7.46 -4.47
N GLN A 139 9.35 6.42 -3.66
CA GLN A 139 8.26 6.33 -2.68
C GLN A 139 8.32 7.46 -1.63
N TYR A 140 9.48 8.09 -1.51
CA TYR A 140 9.65 9.15 -0.52
C TYR A 140 9.40 10.54 -1.14
N GLY A 141 9.46 10.63 -2.45
CA GLY A 141 9.25 11.91 -3.09
C GLY A 141 9.80 11.95 -4.49
N LEU A 142 10.06 13.16 -4.98
CA LEU A 142 10.58 13.35 -6.31
C LEU A 142 12.05 13.78 -6.24
N PHE A 143 12.78 13.48 -7.29
CA PHE A 143 14.19 13.85 -7.37
C PHE A 143 14.46 14.55 -8.69
N LYS A 144 14.62 15.86 -8.64
CA LYS A 144 14.91 16.63 -9.83
C LYS A 144 16.43 16.70 -9.99
N ASN A 145 16.93 15.97 -10.97
CA ASN A 145 18.37 15.88 -11.25
C ASN A 145 19.09 15.15 -10.10
N GLN A 146 19.16 15.80 -8.96
CA GLN A 146 19.80 15.21 -7.77
C GLN A 146 19.20 15.81 -6.50
N THR A 147 18.24 16.72 -6.66
CA THR A 147 17.60 17.38 -5.54
C THR A 147 16.24 16.77 -5.22
N LEU A 148 16.02 16.45 -3.95
CA LEU A 148 14.75 15.89 -3.51
C LEU A 148 13.67 16.96 -3.49
N VAL A 149 12.52 16.61 -4.02
CA VAL A 149 11.37 17.50 -4.08
C VAL A 149 10.16 16.83 -3.46
N PRO A 150 9.53 17.48 -2.47
CA PRO A 150 8.34 16.93 -1.80
C PRO A 150 7.09 17.01 -2.68
N LEU A 151 5.99 16.47 -2.19
CA LEU A 151 4.75 16.45 -2.94
C LEU A 151 3.70 17.38 -2.34
N LYS A 152 2.88 17.96 -3.21
CA LYS A 152 1.79 18.85 -2.82
C LYS A 152 0.44 18.26 -3.20
N ILE A 153 0.36 16.94 -3.16
CA ILE A 153 -0.87 16.27 -3.55
C ILE A 153 -1.22 15.11 -2.64
N THR A 154 -2.40 14.56 -2.84
CA THR A 154 -2.88 13.42 -2.07
C THR A 154 -3.78 12.52 -2.93
N THR A 155 -4.12 12.99 -4.12
CA THR A 155 -4.96 12.23 -5.03
C THR A 155 -4.16 11.74 -6.22
N GLU A 156 -4.50 10.56 -6.73
CA GLU A 156 -3.82 9.97 -7.87
C GLU A 156 -3.86 10.91 -9.07
N LYS A 157 -5.04 11.50 -9.31
CA LYS A 157 -5.20 12.44 -10.42
C LYS A 157 -4.26 13.63 -10.22
N GLU A 158 -4.31 14.18 -9.02
CA GLU A 158 -3.46 15.31 -8.69
C GLU A 158 -1.98 14.94 -8.89
N LEU A 159 -1.64 13.73 -8.48
CA LEU A 159 -0.28 13.24 -8.60
C LEU A 159 0.14 13.13 -10.07
N ILE A 160 -0.68 12.47 -10.90
CA ILE A 160 -0.35 12.31 -12.31
C ILE A 160 -0.23 13.66 -13.01
N LYS A 161 -1.15 14.59 -12.74
CA LYS A 161 -1.07 15.90 -13.37
C LYS A 161 0.09 16.71 -12.78
N GLU A 162 0.46 16.44 -11.53
CA GLU A 162 1.58 17.11 -10.91
C GLU A 162 2.88 16.58 -11.53
N LEU A 163 2.91 15.29 -11.82
CA LEU A 163 4.08 14.64 -12.41
C LEU A 163 4.21 15.01 -13.89
N GLY A 164 3.09 15.34 -14.52
CA GLY A 164 3.14 15.71 -15.92
C GLY A 164 2.66 14.61 -16.84
N PHE A 165 1.76 13.77 -16.37
CA PHE A 165 1.25 12.67 -17.19
C PHE A 165 -0.28 12.62 -17.17
N THR A 166 -0.84 12.07 -18.23
CA THR A 166 -2.28 11.96 -18.36
C THR A 166 -2.79 10.75 -17.58
N TYR A 167 -4.01 10.83 -17.06
CA TYR A 167 -4.56 9.72 -16.29
C TYR A 167 -5.10 8.62 -17.20
N ARG A 168 -4.76 7.40 -16.86
CA ARG A 168 -5.20 6.22 -17.59
C ARG A 168 -5.90 5.27 -16.62
N ILE A 169 -6.59 4.26 -17.14
CA ILE A 169 -7.26 3.31 -16.28
C ILE A 169 -6.46 2.02 -16.19
N PRO A 170 -6.14 1.60 -14.96
CA PRO A 170 -5.36 0.38 -14.72
C PRO A 170 -6.06 -0.88 -15.19
N LYS A 171 -7.37 -0.80 -15.34
CA LYS A 171 -8.18 -1.94 -15.76
C LYS A 171 -7.75 -2.45 -17.13
N LYS A 172 -7.49 -1.53 -18.04
CA LYS A 172 -7.09 -1.88 -19.40
C LYS A 172 -5.57 -1.85 -19.56
N ARG A 173 -4.87 -1.67 -18.43
CA ARG A 173 -3.39 -1.60 -18.40
C ARG A 173 -2.84 -0.42 -19.22
N LEU A 174 -1.72 0.13 -18.76
CA LEU A 174 -1.04 1.25 -19.42
C LEU A 174 -2.02 2.27 -20.00
PG DGT B . -0.82 -10.59 -6.68
O1G DGT B . 0.32 -11.38 -7.22
O2G DGT B . -2.18 -11.16 -6.79
O3G DGT B . -0.58 -10.34 -5.12
O3B DGT B . -0.78 -9.06 -7.20
PB DGT B . -1.71 -8.08 -6.35
O1B DGT B . -2.02 -6.88 -7.16
O2B DGT B . -2.84 -8.80 -5.72
O3A DGT B . -0.59 -7.79 -5.22
PA DGT B . 0.18 -6.44 -4.73
O1A DGT B . 1.36 -6.96 -4.02
O2A DGT B . -0.78 -5.61 -3.98
O5' DGT B . 0.82 -5.52 -5.88
C5' DGT B . 0.11 -5.00 -7.02
C4' DGT B . 1.05 -3.95 -7.57
O4' DGT B . 1.90 -3.65 -6.46
C3' DGT B . 1.96 -4.44 -8.68
O3' DGT B . 1.86 -3.55 -9.80
C2' DGT B . 3.36 -4.39 -8.08
C1' DGT B . 3.22 -3.39 -6.96
N9 DGT B . 4.24 -3.64 -5.92
C8 DGT B . 5.17 -2.82 -5.47
N7 DGT B . 6.02 -3.53 -4.73
C5 DGT B . 5.61 -4.79 -4.73
C6 DGT B . 6.14 -5.88 -4.19
O6 DGT B . 7.13 -5.81 -3.46
N1 DGT B . 5.54 -7.12 -4.41
C2 DGT B . 4.37 -7.17 -5.16
N2 DGT B . 3.74 -8.33 -5.31
N3 DGT B . 3.87 -6.03 -5.66
C4 DGT B . 4.50 -4.85 -5.45
H5' DGT B . -0.87 -4.59 -6.73
H5'A DGT B . -0.01 -5.80 -7.74
H4' DGT B . 0.54 -3.03 -7.87
H3' DGT B . 1.69 -5.46 -8.96
HO3' DGT B . 1.82 -2.61 -9.45
H2' DGT B . 4.09 -4.05 -8.82
H2'A DGT B . 3.64 -5.37 -7.68
H1' DGT B . 3.29 -2.37 -7.35
H8 DGT B . 5.13 -1.73 -5.53
HN2 DGT B . 2.96 -8.41 -5.94
HN2A DGT B . 4.16 -9.15 -4.92
H16 DGT B . 5.93 -7.96 -4.03
MG MG C . 1.68 -8.67 -2.13
MG MG D . -1.12 -9.77 -4.08
N MET A 1 -7.48 -20.69 -4.69
CA MET A 1 -7.19 -19.23 -4.67
C MET A 1 -8.42 -18.45 -4.25
N LEU A 2 -8.22 -17.20 -3.89
CA LEU A 2 -9.30 -16.34 -3.48
C LEU A 2 -9.76 -15.51 -4.68
N THR A 3 -11.03 -15.13 -4.70
CA THR A 3 -11.59 -14.34 -5.78
C THR A 3 -11.64 -12.87 -5.39
N LEU A 4 -12.01 -12.00 -6.33
CA LEU A 4 -12.12 -10.57 -6.06
C LEU A 4 -13.01 -10.31 -4.84
N ILE A 5 -14.13 -11.02 -4.79
CA ILE A 5 -15.07 -10.89 -3.70
C ILE A 5 -14.44 -11.32 -2.37
N GLN A 6 -13.64 -12.38 -2.43
CA GLN A 6 -12.97 -12.89 -1.24
C GLN A 6 -12.02 -11.84 -0.68
N GLY A 7 -11.18 -11.29 -1.56
CA GLY A 7 -10.26 -10.25 -1.15
C GLY A 7 -10.95 -9.09 -0.47
N LYS A 8 -12.05 -8.64 -1.05
CA LYS A 8 -12.83 -7.54 -0.48
C LYS A 8 -13.43 -7.95 0.86
N LYS A 9 -13.84 -9.21 0.95
CA LYS A 9 -14.45 -9.73 2.17
C LYS A 9 -13.42 -9.79 3.30
N ILE A 10 -12.27 -10.39 3.01
CA ILE A 10 -11.22 -10.52 4.00
C ILE A 10 -10.65 -9.17 4.39
N VAL A 11 -10.42 -8.30 3.40
CA VAL A 11 -9.89 -6.97 3.68
C VAL A 11 -10.85 -6.20 4.57
N ASN A 12 -12.13 -6.26 4.22
CA ASN A 12 -13.17 -5.61 5.00
C ASN A 12 -13.07 -5.99 6.47
N HIS A 13 -13.07 -7.29 6.73
CA HIS A 13 -13.00 -7.80 8.10
C HIS A 13 -11.66 -7.46 8.72
N LEU A 14 -10.60 -7.63 7.95
CA LEU A 14 -9.25 -7.34 8.41
C LEU A 14 -9.13 -5.89 8.87
N ARG A 15 -9.65 -4.98 8.07
CA ARG A 15 -9.58 -3.55 8.38
C ARG A 15 -10.35 -3.22 9.66
N SER A 16 -11.46 -3.90 9.89
CA SER A 16 -12.25 -3.63 11.09
C SER A 16 -11.73 -4.42 12.30
N ARG A 17 -10.85 -5.39 12.06
CA ARG A 17 -10.34 -6.24 13.14
C ARG A 17 -8.86 -6.00 13.45
N LEU A 18 -8.22 -4.99 12.85
CA LEU A 18 -6.80 -4.80 13.09
C LEU A 18 -6.56 -4.00 14.36
N ALA A 19 -5.50 -4.36 15.06
CA ALA A 19 -5.08 -3.68 16.27
C ALA A 19 -3.64 -4.01 16.57
N PHE A 20 -2.85 -3.03 16.93
CA PHE A 20 -1.46 -3.29 17.24
C PHE A 20 -1.15 -2.85 18.66
N GLU A 21 -0.06 -3.34 19.21
CA GLU A 21 0.31 -2.99 20.57
C GLU A 21 1.58 -2.18 20.58
N TYR A 22 1.53 -1.09 21.34
CA TYR A 22 2.66 -0.20 21.49
C TYR A 22 2.85 0.13 22.97
N ASN A 23 4.03 -0.20 23.49
CA ASN A 23 4.39 0.07 24.88
C ASN A 23 3.37 -0.54 25.85
N GLY A 24 2.78 -1.66 25.43
CA GLY A 24 1.81 -2.36 26.26
C GLY A 24 0.39 -1.86 26.05
N GLN A 25 0.23 -0.77 25.30
CA GLN A 25 -1.08 -0.22 25.04
C GLN A 25 -1.60 -0.70 23.69
N LEU A 26 -2.85 -1.11 23.65
CA LEU A 26 -3.46 -1.60 22.42
C LEU A 26 -4.00 -0.45 21.60
N ILE A 27 -3.62 -0.43 20.33
CA ILE A 27 -4.04 0.61 19.41
C ILE A 27 -4.70 -0.03 18.17
N LYS A 28 -6.02 0.12 18.06
CA LYS A 28 -6.79 -0.45 16.95
C LYS A 28 -6.49 0.24 15.63
N ILE A 29 -6.49 -0.52 14.53
CA ILE A 29 -6.20 0.04 13.22
C ILE A 29 -7.26 -0.35 12.18
N LEU A 30 -7.99 0.68 11.72
CA LEU A 30 -9.01 0.52 10.67
C LEU A 30 -8.50 1.02 9.33
N SER A 31 -9.33 0.89 8.30
CA SER A 31 -8.99 1.31 6.93
C SER A 31 -8.64 2.81 6.83
N LYS A 32 -9.01 3.60 7.83
CA LYS A 32 -8.70 5.03 7.80
C LYS A 32 -7.20 5.25 7.85
N ASN A 33 -6.48 4.25 8.32
CA ASN A 33 -5.03 4.31 8.39
C ASN A 33 -4.39 3.36 7.39
N ILE A 34 -5.22 2.51 6.76
CA ILE A 34 -4.71 1.52 5.82
C ILE A 34 -5.59 1.41 4.57
N VAL A 35 -4.97 1.42 3.40
CA VAL A 35 -5.69 1.34 2.14
C VAL A 35 -5.33 0.05 1.41
N ALA A 36 -6.34 -0.74 1.06
CA ALA A 36 -6.12 -1.99 0.35
C ALA A 36 -5.75 -1.73 -1.11
N VAL A 37 -4.68 -2.35 -1.55
CA VAL A 37 -4.20 -2.18 -2.91
C VAL A 37 -3.78 -3.53 -3.50
N GLY A 38 -3.99 -3.65 -4.79
CA GLY A 38 -3.64 -4.86 -5.48
C GLY A 38 -4.54 -5.11 -6.66
N SER A 39 -4.60 -6.37 -7.08
CA SER A 39 -5.47 -6.77 -8.17
C SER A 39 -6.92 -6.52 -7.74
N LEU A 40 -7.14 -6.49 -6.42
CA LEU A 40 -8.44 -6.21 -5.85
C LEU A 40 -8.90 -4.81 -6.26
N ARG A 41 -7.94 -3.88 -6.29
CA ARG A 41 -8.24 -2.52 -6.69
C ARG A 41 -8.39 -2.46 -8.19
N ARG A 42 -7.64 -3.31 -8.89
CA ARG A 42 -7.70 -3.38 -10.35
C ARG A 42 -8.94 -4.15 -10.83
N GLU A 43 -9.64 -4.82 -9.90
CA GLU A 43 -10.86 -5.58 -10.21
C GLU A 43 -10.55 -6.89 -10.97
N GLU A 44 -9.62 -7.67 -10.44
CA GLU A 44 -9.21 -8.93 -11.06
C GLU A 44 -10.09 -10.10 -10.61
N LYS A 45 -10.26 -11.06 -11.50
CA LYS A 45 -11.11 -12.22 -11.27
C LYS A 45 -10.55 -13.13 -10.16
N MET A 46 -9.27 -13.41 -10.20
CA MET A 46 -8.65 -14.30 -9.21
C MET A 46 -7.43 -13.65 -8.57
N LEU A 47 -7.29 -13.86 -7.26
CA LEU A 47 -6.16 -13.31 -6.52
C LEU A 47 -5.54 -14.34 -5.58
N ASN A 48 -4.34 -14.03 -5.10
CA ASN A 48 -3.60 -14.91 -4.18
C ASN A 48 -3.27 -14.20 -2.89
N ASP A 49 -2.90 -12.93 -2.99
CA ASP A 49 -2.56 -12.15 -1.82
C ASP A 49 -3.09 -10.73 -1.96
N VAL A 50 -3.55 -10.15 -0.86
CA VAL A 50 -4.05 -8.80 -0.90
C VAL A 50 -3.04 -7.92 -0.21
N ASP A 51 -2.78 -6.78 -0.79
CA ASP A 51 -1.80 -5.92 -0.26
C ASP A 51 -2.44 -4.71 0.39
N LEU A 52 -1.85 -4.25 1.46
CA LEU A 52 -2.41 -3.15 2.21
C LEU A 52 -1.37 -2.09 2.56
N LEU A 53 -1.56 -0.90 2.02
CA LEU A 53 -0.69 0.23 2.28
C LEU A 53 -1.14 0.93 3.56
N ILE A 54 -0.28 0.90 4.58
CA ILE A 54 -0.60 1.54 5.84
C ILE A 54 0.01 2.93 5.88
N ILE A 55 -0.84 3.94 5.80
CA ILE A 55 -0.40 5.33 5.79
C ILE A 55 -0.57 5.96 7.17
N VAL A 56 0.52 6.41 7.75
CA VAL A 56 0.48 7.02 9.07
C VAL A 56 0.99 8.46 9.02
N PRO A 57 0.27 9.40 9.64
CA PRO A 57 0.66 10.82 9.70
C PRO A 57 1.89 11.06 10.57
N GLU A 58 2.33 10.02 11.28
CA GLU A 58 3.50 10.13 12.14
C GLU A 58 4.46 9.00 11.92
N LYS A 59 5.73 9.35 11.87
CA LYS A 59 6.79 8.39 11.71
C LYS A 59 6.86 7.52 12.95
N LYS A 60 6.49 8.14 14.07
CA LYS A 60 6.48 7.47 15.35
C LYS A 60 5.36 6.43 15.37
N LEU A 61 4.11 6.88 15.21
CA LEU A 61 2.97 5.97 15.20
C LEU A 61 3.14 4.87 14.14
N LEU A 62 3.91 5.18 13.11
CA LEU A 62 4.20 4.23 12.05
C LEU A 62 5.04 3.09 12.59
N LYS A 63 6.09 3.44 13.31
CA LYS A 63 6.98 2.45 13.89
C LYS A 63 6.36 1.78 15.10
N HIS A 64 5.29 2.37 15.65
CA HIS A 64 4.63 1.82 16.83
C HIS A 64 3.90 0.51 16.52
N VAL A 65 3.60 0.29 15.25
CA VAL A 65 2.91 -0.92 14.83
C VAL A 65 3.85 -2.14 14.88
N LEU A 66 5.14 -1.88 14.71
CA LEU A 66 6.17 -2.94 14.69
C LEU A 66 6.23 -3.76 16.00
N PRO A 67 6.31 -3.09 17.19
CA PRO A 67 6.38 -3.80 18.49
C PRO A 67 5.43 -4.99 18.59
N ASN A 68 4.16 -4.78 18.26
CA ASN A 68 3.20 -5.85 18.30
C ASN A 68 2.00 -5.55 17.43
N ILE A 69 1.49 -6.59 16.78
CA ILE A 69 0.34 -6.46 15.91
C ILE A 69 -0.58 -7.66 16.12
N ARG A 70 -1.87 -7.41 16.21
CA ARG A 70 -2.85 -8.47 16.43
C ARG A 70 -4.09 -8.28 15.57
N ILE A 71 -4.86 -9.34 15.44
CA ILE A 71 -6.10 -9.31 14.70
C ILE A 71 -7.17 -9.99 15.54
N LYS A 72 -8.31 -9.34 15.69
CA LYS A 72 -9.39 -9.86 16.51
C LYS A 72 -9.86 -11.25 16.08
N GLY A 73 -9.53 -12.25 16.91
CA GLY A 73 -9.97 -13.62 16.67
C GLY A 73 -9.44 -14.25 15.38
N LEU A 74 -8.25 -13.87 14.96
CA LEU A 74 -7.69 -14.41 13.72
C LEU A 74 -6.28 -14.96 13.92
N SER A 75 -5.86 -15.88 13.06
CA SER A 75 -4.51 -16.45 13.12
C SER A 75 -3.63 -15.73 12.10
N PHE A 76 -2.42 -15.34 12.51
CA PHE A 76 -1.51 -14.63 11.62
C PHE A 76 -0.05 -14.97 11.89
N SER A 77 0.80 -14.70 10.90
CA SER A 77 2.23 -14.92 11.00
C SER A 77 2.95 -13.67 10.49
N VAL A 78 4.07 -13.28 11.12
CA VAL A 78 4.76 -12.05 10.73
C VAL A 78 6.05 -12.32 9.93
N LYS A 79 6.12 -11.80 8.72
CA LYS A 79 7.28 -11.95 7.85
C LYS A 79 7.81 -10.57 7.45
N VAL A 80 9.06 -10.52 7.03
CA VAL A 80 9.67 -9.28 6.59
C VAL A 80 9.83 -9.28 5.06
N CYS A 81 9.85 -8.10 4.46
CA CYS A 81 9.99 -7.98 3.01
C CYS A 81 10.90 -6.82 2.64
N GLY A 82 11.88 -7.08 1.79
CA GLY A 82 12.78 -6.03 1.36
C GLY A 82 13.52 -5.39 2.50
N GLU A 83 13.50 -4.07 2.51
CA GLU A 83 14.17 -3.29 3.54
C GLU A 83 13.19 -2.81 4.62
N ARG A 84 12.11 -2.19 4.20
CA ARG A 84 11.12 -1.65 5.13
C ARG A 84 9.73 -2.25 4.92
N LYS A 85 9.64 -3.23 4.04
CA LYS A 85 8.37 -3.87 3.74
C LYS A 85 8.13 -5.09 4.65
N CYS A 86 6.88 -5.44 4.87
CA CYS A 86 6.57 -6.59 5.72
C CYS A 86 5.48 -7.45 5.08
N VAL A 87 5.45 -8.71 5.43
CA VAL A 87 4.45 -9.62 4.89
C VAL A 87 3.81 -10.38 6.03
N LEU A 88 2.53 -10.69 5.90
CA LEU A 88 1.84 -11.43 6.94
C LEU A 88 0.96 -12.49 6.33
N PHE A 89 0.69 -13.51 7.11
CA PHE A 89 -0.16 -14.60 6.69
C PHE A 89 -1.35 -14.64 7.60
N ILE A 90 -2.53 -14.87 7.06
CA ILE A 90 -3.73 -14.92 7.88
C ILE A 90 -4.50 -16.20 7.65
N GLU A 91 -4.97 -16.81 8.72
CA GLU A 91 -5.69 -18.07 8.61
C GLU A 91 -6.90 -18.11 9.54
N TRP A 92 -8.02 -18.53 8.97
CA TRP A 92 -9.28 -18.67 9.71
C TRP A 92 -10.31 -19.43 8.87
N GLU A 93 -11.20 -20.17 9.55
CA GLU A 93 -12.23 -20.97 8.87
C GLU A 93 -11.58 -22.05 8.02
N LYS A 94 -10.51 -22.61 8.56
CA LYS A 94 -9.75 -23.66 7.88
C LYS A 94 -9.19 -23.16 6.56
N LYS A 95 -9.00 -21.85 6.45
CA LYS A 95 -8.46 -21.26 5.24
C LYS A 95 -7.27 -20.38 5.57
N THR A 96 -6.43 -20.19 4.58
CA THR A 96 -5.22 -19.38 4.72
C THR A 96 -5.09 -18.39 3.57
N TYR A 97 -4.72 -17.17 3.90
CA TYR A 97 -4.55 -16.13 2.90
C TYR A 97 -3.25 -15.37 3.17
N GLN A 98 -2.78 -14.65 2.18
CA GLN A 98 -1.55 -13.89 2.29
C GLN A 98 -1.84 -12.40 2.29
N LEU A 99 -1.24 -11.69 3.24
CA LEU A 99 -1.44 -10.26 3.37
C LEU A 99 -0.11 -9.52 3.29
N ASP A 100 0.01 -8.66 2.32
CA ASP A 100 1.22 -7.86 2.15
C ASP A 100 0.99 -6.51 2.79
N LEU A 101 1.88 -6.10 3.67
CA LEU A 101 1.70 -4.83 4.33
C LEU A 101 2.91 -3.94 4.16
N PHE A 102 2.64 -2.69 3.83
CA PHE A 102 3.70 -1.73 3.64
C PHE A 102 3.46 -0.53 4.53
N THR A 103 4.50 -0.07 5.20
CA THR A 103 4.39 1.07 6.07
C THR A 103 4.87 2.33 5.36
N ALA A 104 3.99 3.32 5.28
CA ALA A 104 4.32 4.57 4.63
C ALA A 104 3.77 5.74 5.43
N LEU A 105 4.28 6.91 5.17
CA LEU A 105 3.83 8.11 5.86
C LEU A 105 2.79 8.85 5.04
N ALA A 106 2.13 9.81 5.68
CA ALA A 106 1.10 10.60 5.01
C ALA A 106 1.64 11.28 3.76
N GLU A 107 2.93 11.54 3.76
CA GLU A 107 3.60 12.19 2.63
C GLU A 107 3.86 11.18 1.51
N GLU A 108 3.79 9.91 1.85
CA GLU A 108 4.03 8.83 0.90
C GLU A 108 2.70 8.17 0.51
N LYS A 109 1.61 8.88 0.71
CA LYS A 109 0.29 8.35 0.44
C LYS A 109 -0.02 8.29 -1.06
N PRO A 110 -0.07 9.44 -1.77
CA PRO A 110 -0.38 9.47 -3.22
C PRO A 110 0.58 8.63 -4.04
N TYR A 111 1.86 8.73 -3.72
CA TYR A 111 2.90 7.99 -4.42
C TYR A 111 2.72 6.49 -4.30
N ALA A 112 2.57 6.01 -3.08
CA ALA A 112 2.39 4.59 -2.83
C ALA A 112 1.15 4.06 -3.53
N ILE A 113 0.07 4.83 -3.47
CA ILE A 113 -1.18 4.45 -4.10
C ILE A 113 -1.01 4.39 -5.62
N PHE A 114 -0.37 5.40 -6.19
CA PHE A 114 -0.15 5.45 -7.63
C PHE A 114 0.60 4.22 -8.09
N HIS A 115 1.59 3.85 -7.31
CA HIS A 115 2.41 2.70 -7.59
C HIS A 115 1.59 1.41 -7.57
N PHE A 116 0.93 1.14 -6.45
CA PHE A 116 0.10 -0.06 -6.31
C PHE A 116 -1.25 0.04 -7.02
N THR A 117 -1.52 1.17 -7.67
CA THR A 117 -2.80 1.37 -8.35
C THR A 117 -3.16 0.20 -9.30
N GLY A 118 -2.42 0.08 -10.40
CA GLY A 118 -2.70 -0.98 -11.34
C GLY A 118 -1.49 -1.77 -11.76
N PRO A 119 -0.97 -1.48 -12.97
CA PRO A 119 0.19 -2.16 -13.51
C PRO A 119 1.53 -1.46 -13.20
N VAL A 120 2.44 -2.21 -12.60
CA VAL A 120 3.78 -1.73 -12.27
C VAL A 120 4.49 -1.24 -13.53
N SER A 121 4.21 -1.93 -14.63
CA SER A 121 4.79 -1.64 -15.92
C SER A 121 4.63 -0.17 -16.31
N TYR A 122 3.44 0.37 -16.06
CA TYR A 122 3.15 1.77 -16.37
C TYR A 122 4.12 2.70 -15.65
N LEU A 123 4.42 2.34 -14.40
CA LEU A 123 5.33 3.13 -13.58
C LEU A 123 6.72 3.10 -14.18
N ILE A 124 7.14 1.92 -14.63
CA ILE A 124 8.45 1.75 -15.26
C ILE A 124 8.60 2.73 -16.43
N ARG A 125 7.55 2.77 -17.25
CA ARG A 125 7.51 3.66 -18.42
C ARG A 125 7.60 5.12 -17.98
N ILE A 126 6.83 5.45 -16.96
CA ILE A 126 6.81 6.81 -16.41
C ILE A 126 8.17 7.18 -15.83
N ARG A 127 8.81 6.22 -15.18
CA ARG A 127 10.12 6.43 -14.60
C ARG A 127 11.14 6.77 -15.68
N ALA A 128 11.02 6.12 -16.83
CA ALA A 128 11.92 6.38 -17.95
C ALA A 128 11.66 7.75 -18.53
N ALA A 129 10.38 8.08 -18.68
CA ALA A 129 9.97 9.37 -19.22
C ALA A 129 10.50 10.51 -18.34
N LEU A 130 10.29 10.37 -17.04
CA LEU A 130 10.77 11.37 -16.10
C LEU A 130 12.28 11.48 -16.18
N LYS A 131 12.94 10.34 -16.32
CA LYS A 131 14.40 10.32 -16.42
C LYS A 131 14.86 11.14 -17.61
N LYS A 132 14.09 11.10 -18.69
CA LYS A 132 14.41 11.86 -19.89
C LYS A 132 14.22 13.35 -19.63
N LYS A 133 13.29 13.68 -18.75
CA LYS A 133 13.05 15.10 -18.43
C LYS A 133 13.85 15.51 -17.20
N ASN A 134 14.67 14.58 -16.70
CA ASN A 134 15.56 14.82 -15.55
C ASN A 134 14.78 14.89 -14.24
N TYR A 135 13.83 13.99 -14.11
CA TYR A 135 13.01 13.89 -12.91
C TYR A 135 13.03 12.45 -12.44
N LYS A 136 13.17 12.23 -11.16
CA LYS A 136 13.23 10.87 -10.63
C LYS A 136 12.24 10.71 -9.48
N LEU A 137 11.29 9.80 -9.65
CA LEU A 137 10.27 9.55 -8.65
C LEU A 137 10.74 8.50 -7.64
N ASN A 138 10.33 8.67 -6.40
CA ASN A 138 10.68 7.78 -5.32
C ASN A 138 9.56 7.79 -4.30
N GLN A 139 9.51 6.78 -3.43
CA GLN A 139 8.47 6.68 -2.41
C GLN A 139 8.49 7.87 -1.45
N TYR A 140 9.64 8.54 -1.38
CA TYR A 140 9.81 9.67 -0.47
C TYR A 140 9.45 11.00 -1.13
N GLY A 141 9.44 11.02 -2.45
CA GLY A 141 9.11 12.24 -3.15
C GLY A 141 9.64 12.24 -4.56
N LEU A 142 9.88 13.42 -5.10
CA LEU A 142 10.42 13.54 -6.44
C LEU A 142 11.85 14.02 -6.37
N PHE A 143 12.62 13.78 -7.41
CA PHE A 143 14.00 14.20 -7.44
C PHE A 143 14.31 14.95 -8.72
N LYS A 144 14.45 16.26 -8.62
CA LYS A 144 14.78 17.06 -9.77
C LYS A 144 16.29 17.05 -9.92
N ASN A 145 16.77 16.32 -10.92
CA ASN A 145 18.20 16.16 -11.18
C ASN A 145 18.89 15.42 -10.02
N GLN A 146 19.02 16.09 -8.89
CA GLN A 146 19.64 15.50 -7.71
C GLN A 146 19.03 16.08 -6.43
N THR A 147 18.03 16.93 -6.57
CA THR A 147 17.38 17.56 -5.42
C THR A 147 16.01 16.97 -5.14
N LEU A 148 15.77 16.57 -3.89
CA LEU A 148 14.49 16.00 -3.49
C LEU A 148 13.42 17.09 -3.44
N VAL A 149 12.27 16.79 -4.02
CA VAL A 149 11.15 17.71 -4.06
C VAL A 149 9.91 17.05 -3.43
N PRO A 150 9.30 17.71 -2.42
CA PRO A 150 8.10 17.20 -1.74
C PRO A 150 6.86 17.20 -2.64
N LEU A 151 5.79 16.58 -2.15
CA LEU A 151 4.55 16.49 -2.91
C LEU A 151 3.46 17.41 -2.37
N LYS A 152 2.77 18.06 -3.28
CA LYS A 152 1.66 18.96 -2.93
C LYS A 152 0.35 18.40 -3.48
N ILE A 153 0.19 17.09 -3.44
CA ILE A 153 -1.02 16.46 -3.96
C ILE A 153 -1.56 15.41 -3.01
N THR A 154 -2.83 15.07 -3.18
CA THR A 154 -3.49 14.08 -2.34
C THR A 154 -4.38 13.15 -3.19
N THR A 155 -4.17 13.15 -4.50
CA THR A 155 -4.96 12.32 -5.39
C THR A 155 -4.11 11.83 -6.56
N GLU A 156 -4.38 10.61 -7.01
CA GLU A 156 -3.66 10.01 -8.12
C GLU A 156 -3.70 10.92 -9.36
N LYS A 157 -4.88 11.49 -9.62
CA LYS A 157 -5.07 12.39 -10.74
C LYS A 157 -4.18 13.61 -10.57
N GLU A 158 -4.20 14.18 -9.39
CA GLU A 158 -3.38 15.34 -9.08
C GLU A 158 -1.90 15.01 -9.29
N LEU A 159 -1.52 13.82 -8.83
CA LEU A 159 -0.14 13.35 -8.96
C LEU A 159 0.26 13.20 -10.42
N ILE A 160 -0.55 12.52 -11.22
CA ILE A 160 -0.23 12.34 -12.63
C ILE A 160 -0.19 13.69 -13.34
N LYS A 161 -1.14 14.56 -13.02
CA LYS A 161 -1.18 15.89 -13.61
C LYS A 161 0.06 16.68 -13.20
N GLU A 162 0.49 16.47 -11.97
CA GLU A 162 1.66 17.13 -11.43
C GLU A 162 2.93 16.60 -12.10
N LEU A 163 2.97 15.30 -12.32
CA LEU A 163 4.12 14.65 -12.95
C LEU A 163 4.20 14.96 -14.45
N GLY A 164 3.06 15.27 -15.04
CA GLY A 164 3.03 15.58 -16.45
C GLY A 164 2.62 14.39 -17.29
N PHE A 165 1.70 13.59 -16.77
CA PHE A 165 1.24 12.40 -17.48
C PHE A 165 -0.28 12.34 -17.48
N THR A 166 -0.82 11.36 -18.18
CA THR A 166 -2.24 11.15 -18.26
C THR A 166 -2.64 9.98 -17.37
N TYR A 167 -3.84 10.03 -16.81
CA TYR A 167 -4.30 8.95 -15.97
C TYR A 167 -4.91 7.86 -16.83
N ARG A 168 -4.24 6.72 -16.87
CA ARG A 168 -4.67 5.58 -17.64
C ARG A 168 -5.56 4.69 -16.79
N ILE A 169 -6.16 3.69 -17.43
CA ILE A 169 -7.03 2.77 -16.72
C ILE A 169 -6.32 1.43 -16.56
N PRO A 170 -6.20 0.94 -15.32
CA PRO A 170 -5.53 -0.33 -15.03
C PRO A 170 -6.21 -1.52 -15.71
N LYS A 171 -7.47 -1.31 -16.10
CA LYS A 171 -8.26 -2.35 -16.74
C LYS A 171 -7.60 -2.84 -18.02
N LYS A 172 -7.09 -1.91 -18.82
CA LYS A 172 -6.46 -2.25 -20.07
C LYS A 172 -4.94 -2.18 -19.95
N ARG A 173 -4.48 -2.05 -18.70
CA ARG A 173 -3.05 -1.93 -18.37
C ARG A 173 -2.33 -0.79 -19.09
N LEU A 174 -1.16 -0.44 -18.54
CA LEU A 174 -0.31 0.63 -19.09
C LEU A 174 -1.11 1.86 -19.45
PG DGT B . -0.53 -9.80 -7.63
O1G DGT B . 0.51 -10.42 -8.49
O2G DGT B . -1.95 -10.20 -7.83
O3G DGT B . -0.19 -10.16 -6.09
O3B DGT B . -0.37 -8.21 -7.57
PB DGT B . -1.19 -7.47 -6.39
O1B DGT B . -1.65 -6.17 -6.93
O2B DGT B . -2.20 -8.38 -5.81
O3A DGT B . -0.03 -7.23 -5.29
PA DGT B . 0.34 -5.80 -4.67
O1A DGT B . 1.43 -6.04 -3.70
O2A DGT B . -0.93 -5.22 -4.18
O5' DGT B . 0.97 -4.77 -5.73
C5' DGT B . 0.49 -4.51 -7.05
C4' DGT B . 1.54 -3.52 -7.55
O4' DGT B . 2.40 -3.26 -6.42
C3' DGT B . 2.42 -4.04 -8.66
O3' DGT B . 2.46 -3.06 -9.71
C2' DGT B . 3.79 -4.15 -8.00
C1' DGT B . 3.69 -3.03 -6.97
N9 DGT B . 4.74 -3.17 -5.95
C8 DGT B . 5.73 -2.32 -5.71
N7 DGT B . 6.66 -2.95 -4.98
C5 DGT B . 6.23 -4.20 -4.78
C6 DGT B . 6.83 -5.24 -4.21
O6 DGT B . 7.93 -5.12 -3.68
N1 DGT B . 6.17 -6.48 -4.20
C2 DGT B . 4.91 -6.57 -4.77
N2 DGT B . 4.20 -7.71 -4.68
N3 DGT B . 4.37 -5.49 -5.34
C4 DGT B . 5.04 -4.32 -5.35
H5' DGT B . 0.61 -5.41 -7.66
H5'A DGT B . -0.48 -4.02 -7.12
H4' DGT B . 1.07 -2.58 -7.85
H3' DGT B . 2.08 -5.01 -9.01
HO3' DGT B . 2.50 -2.15 -9.30
H2' DGT B . 4.60 -3.94 -8.70
H2'A DGT B . 3.92 -5.12 -7.52
H1' DGT B . 3.74 -2.06 -7.46
H8 DGT B . 5.65 -1.24 -5.84
HN2 DGT B . 3.36 -7.82 -5.20
HN2A DGT B . 4.64 -8.51 -4.26
H16 DGT B . 6.59 -7.27 -3.74
MG MG C . 1.79 -8.24 -2.24
MG MG D . -0.51 -10.05 -4.84
N MET A 1 -7.35 -20.60 -5.47
CA MET A 1 -7.09 -19.18 -5.14
C MET A 1 -8.37 -18.51 -4.67
N LEU A 2 -8.28 -17.22 -4.33
CA LEU A 2 -9.44 -16.49 -3.85
C LEU A 2 -10.00 -15.60 -4.95
N THR A 3 -11.18 -15.05 -4.72
CA THR A 3 -11.82 -14.18 -5.68
C THR A 3 -11.76 -12.73 -5.21
N LEU A 4 -12.16 -11.80 -6.08
CA LEU A 4 -12.17 -10.38 -5.75
C LEU A 4 -13.07 -10.13 -4.55
N ILE A 5 -14.16 -10.87 -4.47
CA ILE A 5 -15.12 -10.72 -3.38
C ILE A 5 -14.48 -11.13 -2.06
N GLN A 6 -13.67 -12.18 -2.09
CA GLN A 6 -13.00 -12.65 -0.88
C GLN A 6 -12.04 -11.60 -0.36
N GLY A 7 -11.16 -11.12 -1.24
CA GLY A 7 -10.21 -10.08 -0.85
C GLY A 7 -10.90 -8.86 -0.27
N LYS A 8 -11.99 -8.44 -0.92
CA LYS A 8 -12.74 -7.27 -0.48
C LYS A 8 -13.38 -7.52 0.88
N LYS A 9 -14.00 -8.68 1.05
CA LYS A 9 -14.68 -9.01 2.29
C LYS A 9 -13.68 -9.11 3.44
N ILE A 10 -12.62 -9.87 3.22
CA ILE A 10 -11.62 -10.05 4.26
C ILE A 10 -10.95 -8.72 4.59
N VAL A 11 -10.61 -7.94 3.57
CA VAL A 11 -9.98 -6.65 3.77
C VAL A 11 -10.89 -5.73 4.59
N ASN A 12 -12.17 -5.70 4.25
CA ASN A 12 -13.14 -4.89 4.97
C ASN A 12 -13.12 -5.22 6.46
N HIS A 13 -13.17 -6.51 6.75
CA HIS A 13 -13.16 -6.99 8.13
C HIS A 13 -11.80 -6.74 8.76
N LEU A 14 -10.75 -7.09 8.02
CA LEU A 14 -9.37 -6.93 8.47
C LEU A 14 -9.09 -5.50 8.86
N ARG A 15 -9.58 -4.58 8.04
CA ARG A 15 -9.37 -3.16 8.25
C ARG A 15 -10.15 -2.61 9.45
N SER A 16 -11.37 -3.07 9.63
CA SER A 16 -12.20 -2.60 10.74
C SER A 16 -11.93 -3.37 12.04
N ARG A 17 -11.10 -4.40 11.95
CA ARG A 17 -10.78 -5.24 13.09
C ARG A 17 -9.27 -5.24 13.41
N LEU A 18 -8.52 -4.36 12.75
CA LEU A 18 -7.06 -4.33 12.93
C LEU A 18 -6.67 -3.70 14.26
N ALA A 19 -5.56 -4.17 14.81
CA ALA A 19 -5.04 -3.64 16.07
C ALA A 19 -3.51 -3.72 16.06
N PHE A 20 -2.87 -2.94 16.90
CA PHE A 20 -1.42 -2.93 17.00
C PHE A 20 -1.01 -2.53 18.42
N GLU A 21 0.10 -3.07 18.89
CA GLU A 21 0.57 -2.74 20.21
C GLU A 21 1.79 -1.84 20.13
N TYR A 22 1.69 -0.74 20.87
CA TYR A 22 2.73 0.26 20.96
C TYR A 22 3.14 0.44 22.42
N ASN A 23 4.38 0.09 22.74
CA ASN A 23 4.92 0.21 24.09
C ASN A 23 4.03 -0.49 25.12
N GLY A 24 3.44 -1.61 24.73
CA GLY A 24 2.58 -2.35 25.63
C GLY A 24 1.13 -1.90 25.56
N GLN A 25 0.90 -0.73 24.93
CA GLN A 25 -0.43 -0.18 24.80
C GLN A 25 -1.12 -0.74 23.56
N LEU A 26 -2.35 -1.19 23.71
CA LEU A 26 -3.09 -1.73 22.59
C LEU A 26 -3.83 -0.62 21.87
N ILE A 27 -3.56 -0.49 20.57
CA ILE A 27 -4.17 0.55 19.75
C ILE A 27 -4.83 -0.07 18.52
N LYS A 28 -6.12 0.17 18.34
CA LYS A 28 -6.87 -0.37 17.20
C LYS A 28 -6.60 0.43 15.93
N ILE A 29 -6.63 -0.24 14.77
CA ILE A 29 -6.38 0.42 13.48
C ILE A 29 -7.44 0.10 12.43
N LEU A 30 -8.01 1.17 11.89
CA LEU A 30 -9.04 1.10 10.84
C LEU A 30 -8.49 1.50 9.47
N SER A 31 -9.36 1.45 8.45
CA SER A 31 -9.03 1.83 7.08
C SER A 31 -8.56 3.29 6.99
N LYS A 32 -8.83 4.07 8.04
CA LYS A 32 -8.44 5.47 8.08
C LYS A 32 -6.93 5.59 7.93
N ASN A 33 -6.24 4.54 8.33
CA ASN A 33 -4.80 4.48 8.25
C ASN A 33 -4.33 3.41 7.26
N ILE A 34 -5.15 2.40 7.02
CA ILE A 34 -4.77 1.32 6.13
C ILE A 34 -5.61 1.30 4.86
N VAL A 35 -4.93 1.36 3.71
CA VAL A 35 -5.60 1.33 2.42
C VAL A 35 -5.22 0.06 1.68
N ALA A 36 -6.23 -0.72 1.28
CA ALA A 36 -6.00 -1.97 0.58
C ALA A 36 -5.64 -1.74 -0.87
N VAL A 37 -4.68 -2.52 -1.36
CA VAL A 37 -4.22 -2.42 -2.73
C VAL A 37 -3.89 -3.80 -3.29
N GLY A 38 -4.04 -3.92 -4.59
CA GLY A 38 -3.76 -5.16 -5.25
C GLY A 38 -4.62 -5.33 -6.47
N SER A 39 -4.78 -6.57 -6.87
CA SER A 39 -5.65 -6.88 -7.98
C SER A 39 -7.09 -6.51 -7.61
N LEU A 40 -7.36 -6.44 -6.29
CA LEU A 40 -8.67 -6.03 -5.79
C LEU A 40 -8.97 -4.62 -6.28
N ARG A 41 -7.93 -3.80 -6.32
CA ARG A 41 -8.04 -2.44 -6.77
C ARG A 41 -8.17 -2.43 -8.29
N ARG A 42 -7.45 -3.35 -8.93
CA ARG A 42 -7.49 -3.49 -10.39
C ARG A 42 -8.78 -4.16 -10.87
N GLU A 43 -9.54 -4.71 -9.93
CA GLU A 43 -10.82 -5.36 -10.23
C GLU A 43 -10.65 -6.67 -11.04
N GLU A 44 -9.68 -7.47 -10.63
CA GLU A 44 -9.39 -8.76 -11.26
C GLU A 44 -10.36 -9.83 -10.79
N LYS A 45 -10.58 -10.83 -11.62
CA LYS A 45 -11.50 -11.92 -11.28
C LYS A 45 -10.96 -12.86 -10.20
N MET A 46 -9.65 -13.02 -10.14
CA MET A 46 -9.04 -13.93 -9.16
C MET A 46 -7.79 -13.32 -8.53
N LEU A 47 -7.67 -13.52 -7.22
CA LEU A 47 -6.52 -13.00 -6.48
C LEU A 47 -5.76 -14.12 -5.77
N ASN A 48 -4.50 -13.85 -5.51
CA ASN A 48 -3.63 -14.79 -4.83
C ASN A 48 -3.35 -14.29 -3.41
N ASP A 49 -3.03 -13.01 -3.29
CA ASP A 49 -2.73 -12.39 -2.02
C ASP A 49 -3.30 -10.99 -2.00
N VAL A 50 -3.65 -10.46 -0.84
CA VAL A 50 -4.16 -9.10 -0.75
C VAL A 50 -3.14 -8.25 -0.04
N ASP A 51 -2.94 -7.03 -0.52
CA ASP A 51 -1.94 -6.16 0.05
C ASP A 51 -2.57 -4.91 0.61
N LEU A 52 -1.95 -4.36 1.63
CA LEU A 52 -2.49 -3.19 2.28
C LEU A 52 -1.40 -2.23 2.74
N LEU A 53 -1.47 -1.00 2.24
CA LEU A 53 -0.52 0.03 2.63
C LEU A 53 -1.02 0.78 3.85
N ILE A 54 -0.17 0.94 4.84
CA ILE A 54 -0.56 1.64 6.05
C ILE A 54 0.02 3.05 6.02
N ILE A 55 -0.84 4.04 5.83
CA ILE A 55 -0.44 5.43 5.76
C ILE A 55 -0.47 6.06 7.13
N VAL A 56 0.69 6.44 7.62
CA VAL A 56 0.80 7.05 8.93
C VAL A 56 1.34 8.48 8.81
N PRO A 57 0.67 9.45 9.47
CA PRO A 57 1.07 10.87 9.44
C PRO A 57 2.36 11.16 10.18
N GLU A 58 2.92 10.15 10.84
CA GLU A 58 4.15 10.34 11.59
C GLU A 58 5.09 9.16 11.44
N LYS A 59 6.36 9.48 11.35
CA LYS A 59 7.41 8.48 11.24
C LYS A 59 7.48 7.72 12.54
N LYS A 60 7.10 8.42 13.61
CA LYS A 60 7.11 7.86 14.94
C LYS A 60 6.01 6.81 15.03
N LEU A 61 4.77 7.25 14.84
CA LEU A 61 3.62 6.34 14.88
C LEU A 61 3.84 5.14 13.97
N LEU A 62 4.41 5.39 12.80
CA LEU A 62 4.68 4.34 11.83
C LEU A 62 5.66 3.31 12.38
N LYS A 63 6.69 3.79 13.05
CA LYS A 63 7.70 2.91 13.62
C LYS A 63 7.17 2.15 14.84
N HIS A 64 6.16 2.69 15.52
CA HIS A 64 5.63 2.04 16.72
C HIS A 64 4.52 1.02 16.40
N VAL A 65 4.13 0.93 15.15
CA VAL A 65 3.12 -0.06 14.77
C VAL A 65 3.80 -1.41 14.52
N LEU A 66 5.07 -1.35 14.15
CA LEU A 66 5.88 -2.54 13.85
C LEU A 66 5.99 -3.53 15.03
N PRO A 67 6.31 -3.07 16.28
CA PRO A 67 6.43 -3.96 17.45
C PRO A 67 5.34 -5.03 17.51
N ASN A 68 4.09 -4.62 17.37
CA ASN A 68 2.99 -5.57 17.39
C ASN A 68 1.84 -5.07 16.51
N ILE A 69 1.45 -5.88 15.53
CA ILE A 69 0.35 -5.51 14.63
C ILE A 69 -0.44 -6.77 14.26
N ARG A 70 -1.71 -6.83 14.63
CA ARG A 70 -2.52 -8.01 14.31
C ARG A 70 -4.03 -7.76 14.37
N ILE A 71 -4.75 -8.36 13.42
CA ILE A 71 -6.20 -8.30 13.42
C ILE A 71 -6.74 -9.21 14.53
N LYS A 72 -7.73 -8.74 15.25
CA LYS A 72 -8.30 -9.50 16.36
C LYS A 72 -9.35 -10.52 15.90
N GLY A 73 -9.12 -11.78 16.22
CA GLY A 73 -10.07 -12.82 15.87
C GLY A 73 -9.66 -13.67 14.69
N LEU A 74 -8.44 -13.54 14.23
CA LEU A 74 -7.97 -14.30 13.08
C LEU A 74 -6.62 -14.98 13.34
N SER A 75 -6.28 -15.96 12.51
CA SER A 75 -5.01 -16.66 12.62
C SER A 75 -4.04 -16.03 11.64
N PHE A 76 -2.76 -15.91 11.99
CA PHE A 76 -1.80 -15.28 11.09
C PHE A 76 -0.35 -15.63 11.44
N SER A 77 0.56 -15.19 10.57
CA SER A 77 2.00 -15.40 10.73
C SER A 77 2.72 -14.12 10.29
N VAL A 78 3.80 -13.75 10.99
CA VAL A 78 4.51 -12.49 10.69
C VAL A 78 5.87 -12.70 10.00
N LYS A 79 5.99 -12.18 8.78
CA LYS A 79 7.24 -12.26 8.02
C LYS A 79 7.67 -10.85 7.58
N VAL A 80 8.97 -10.67 7.35
CA VAL A 80 9.49 -9.38 6.92
C VAL A 80 9.86 -9.42 5.43
N CYS A 81 9.86 -8.27 4.76
CA CYS A 81 10.18 -8.23 3.34
C CYS A 81 11.00 -6.98 2.98
N GLY A 82 12.08 -7.18 2.26
CA GLY A 82 12.91 -6.07 1.83
C GLY A 82 13.48 -5.30 3.00
N GLU A 83 13.42 -3.98 2.89
CA GLU A 83 13.93 -3.10 3.91
C GLU A 83 12.82 -2.60 4.84
N ARG A 84 11.70 -2.18 4.26
CA ARG A 84 10.58 -1.65 5.04
C ARG A 84 9.26 -2.37 4.75
N LYS A 85 9.31 -3.41 3.93
CA LYS A 85 8.10 -4.14 3.55
C LYS A 85 7.85 -5.31 4.50
N CYS A 86 6.60 -5.69 4.64
CA CYS A 86 6.24 -6.80 5.52
C CYS A 86 5.33 -7.79 4.81
N VAL A 87 5.42 -9.04 5.21
CA VAL A 87 4.62 -10.09 4.62
C VAL A 87 3.95 -10.89 5.74
N LEU A 88 2.67 -11.10 5.61
CA LEU A 88 1.94 -11.85 6.63
C LEU A 88 1.06 -12.90 5.99
N PHE A 89 0.69 -13.88 6.78
CA PHE A 89 -0.20 -14.94 6.32
C PHE A 89 -1.42 -14.91 7.22
N ILE A 90 -2.58 -15.15 6.65
CA ILE A 90 -3.82 -15.14 7.43
C ILE A 90 -4.59 -16.42 7.19
N GLU A 91 -5.13 -16.99 8.24
CA GLU A 91 -5.89 -18.21 8.11
C GLU A 91 -7.19 -18.13 8.90
N TRP A 92 -8.25 -18.69 8.29
CA TRP A 92 -9.56 -18.70 8.91
C TRP A 92 -10.45 -19.73 8.24
N GLU A 93 -11.35 -20.32 9.03
CA GLU A 93 -12.31 -21.32 8.54
C GLU A 93 -11.60 -22.48 7.85
N LYS A 94 -10.51 -22.94 8.48
CA LYS A 94 -9.70 -24.03 7.98
C LYS A 94 -9.07 -23.70 6.63
N LYS A 95 -8.82 -22.41 6.39
CA LYS A 95 -8.19 -22.00 5.14
C LYS A 95 -7.09 -20.99 5.42
N THR A 96 -6.16 -20.88 4.48
CA THR A 96 -5.01 -19.99 4.62
C THR A 96 -4.85 -19.08 3.40
N TYR A 97 -4.48 -17.83 3.65
CA TYR A 97 -4.30 -16.83 2.59
C TYR A 97 -3.07 -15.97 2.89
N GLN A 98 -2.64 -15.21 1.89
CA GLN A 98 -1.46 -14.36 2.03
C GLN A 98 -1.84 -12.89 2.11
N LEU A 99 -1.27 -12.20 3.08
CA LEU A 99 -1.53 -10.78 3.30
C LEU A 99 -0.23 -9.99 3.31
N ASP A 100 -0.04 -9.12 2.34
CA ASP A 100 1.17 -8.32 2.29
C ASP A 100 0.86 -6.93 2.83
N LEU A 101 1.68 -6.43 3.73
CA LEU A 101 1.45 -5.11 4.30
C LEU A 101 2.71 -4.26 4.22
N PHE A 102 2.52 -2.99 3.93
CA PHE A 102 3.61 -2.07 3.81
C PHE A 102 3.32 -0.80 4.58
N THR A 103 4.33 -0.26 5.24
CA THR A 103 4.17 0.94 6.02
C THR A 103 4.53 2.16 5.17
N ALA A 104 3.60 3.09 5.05
CA ALA A 104 3.80 4.28 4.24
C ALA A 104 3.58 5.55 5.05
N LEU A 105 4.11 6.65 4.55
CA LEU A 105 3.97 7.93 5.20
C LEU A 105 2.81 8.71 4.61
N ALA A 106 2.26 9.63 5.39
CA ALA A 106 1.15 10.44 4.94
C ALA A 106 1.53 11.23 3.69
N GLU A 107 2.79 11.60 3.62
CA GLU A 107 3.30 12.35 2.48
C GLU A 107 3.61 11.42 1.31
N GLU A 108 3.82 10.15 1.59
CA GLU A 108 4.15 9.19 0.55
C GLU A 108 2.89 8.56 -0.04
N LYS A 109 1.77 8.80 0.64
CA LYS A 109 0.45 8.29 0.23
C LYS A 109 0.26 8.25 -1.30
N PRO A 110 0.40 9.39 -2.01
CA PRO A 110 0.22 9.42 -3.48
C PRO A 110 1.10 8.41 -4.20
N TYR A 111 2.40 8.49 -3.97
CA TYR A 111 3.37 7.61 -4.60
C TYR A 111 3.09 6.14 -4.30
N ALA A 112 2.91 5.83 -3.02
CA ALA A 112 2.65 4.47 -2.59
C ALA A 112 1.45 3.86 -3.33
N ILE A 113 0.32 4.58 -3.31
CA ILE A 113 -0.89 4.10 -3.98
C ILE A 113 -0.69 4.02 -5.48
N PHE A 114 0.03 4.99 -6.03
CA PHE A 114 0.32 5.05 -7.45
C PHE A 114 0.98 3.76 -7.92
N HIS A 115 1.93 3.30 -7.13
CA HIS A 115 2.67 2.09 -7.42
C HIS A 115 1.76 0.85 -7.37
N PHE A 116 1.08 0.68 -6.25
CA PHE A 116 0.19 -0.47 -6.07
C PHE A 116 -1.14 -0.34 -6.82
N THR A 117 -1.35 0.76 -7.53
CA THR A 117 -2.59 0.98 -8.25
C THR A 117 -2.96 -0.21 -9.17
N GLY A 118 -2.23 -0.37 -10.27
CA GLY A 118 -2.52 -1.47 -11.18
C GLY A 118 -1.32 -2.27 -11.61
N PRO A 119 -0.85 -1.98 -12.83
CA PRO A 119 0.27 -2.66 -13.46
C PRO A 119 1.62 -1.99 -13.21
N VAL A 120 2.52 -2.74 -12.59
CA VAL A 120 3.87 -2.27 -12.29
C VAL A 120 4.59 -1.76 -13.55
N SER A 121 4.33 -2.43 -14.68
CA SER A 121 4.93 -2.07 -15.95
C SER A 121 4.75 -0.59 -16.28
N TYR A 122 3.54 -0.08 -16.03
CA TYR A 122 3.21 1.31 -16.28
C TYR A 122 4.13 2.22 -15.49
N LEU A 123 4.41 1.82 -14.25
CA LEU A 123 5.27 2.59 -13.36
C LEU A 123 6.68 2.69 -13.93
N ILE A 124 7.23 1.54 -14.27
CA ILE A 124 8.58 1.46 -14.83
C ILE A 124 8.74 2.39 -16.04
N ARG A 125 7.75 2.40 -16.91
CA ARG A 125 7.80 3.25 -18.09
C ARG A 125 7.79 4.72 -17.71
N ILE A 126 6.91 5.09 -16.78
CA ILE A 126 6.81 6.47 -16.31
C ILE A 126 8.08 6.88 -15.58
N ARG A 127 8.66 5.95 -14.84
CA ARG A 127 9.89 6.21 -14.10
C ARG A 127 11.03 6.57 -15.05
N ALA A 128 11.11 5.82 -16.16
CA ALA A 128 12.14 6.06 -17.16
C ALA A 128 11.91 7.39 -17.84
N ALA A 129 10.64 7.71 -18.08
CA ALA A 129 10.26 8.96 -18.72
C ALA A 129 10.70 10.14 -17.87
N LEU A 130 10.42 10.08 -16.57
CA LEU A 130 10.81 11.12 -15.65
C LEU A 130 12.32 11.24 -15.62
N LYS A 131 12.99 10.08 -15.69
CA LYS A 131 14.44 10.03 -15.71
C LYS A 131 14.96 10.91 -16.84
N LYS A 132 14.28 10.85 -17.99
CA LYS A 132 14.64 11.64 -19.15
C LYS A 132 14.30 13.11 -18.89
N LYS A 133 13.26 13.34 -18.08
CA LYS A 133 12.84 14.69 -17.74
C LYS A 133 13.66 15.25 -16.58
N ASN A 134 14.58 14.43 -16.08
CA ASN A 134 15.47 14.81 -14.97
C ASN A 134 14.69 14.87 -13.67
N TYR A 135 13.66 14.05 -13.63
CA TYR A 135 12.79 13.93 -12.49
C TYR A 135 12.86 12.51 -11.94
N LYS A 136 12.81 12.37 -10.64
CA LYS A 136 12.84 11.06 -10.04
C LYS A 136 11.84 11.00 -8.89
N LEU A 137 10.83 10.17 -9.04
CA LEU A 137 9.82 10.05 -8.01
C LEU A 137 10.29 8.98 -7.03
N ASN A 138 9.90 9.13 -5.78
CA ASN A 138 10.30 8.21 -4.74
C ASN A 138 9.33 8.29 -3.58
N GLN A 139 9.40 7.30 -2.69
CA GLN A 139 8.53 7.23 -1.52
C GLN A 139 8.64 8.50 -0.67
N TYR A 140 9.75 9.23 -0.80
CA TYR A 140 9.96 10.43 -0.01
C TYR A 140 9.39 11.67 -0.71
N GLY A 141 9.36 11.64 -2.04
CA GLY A 141 8.84 12.80 -2.77
C GLY A 141 9.33 12.85 -4.19
N LEU A 142 9.48 14.07 -4.73
CA LEU A 142 9.96 14.26 -6.09
C LEU A 142 11.37 14.80 -6.12
N PHE A 143 12.19 14.26 -6.99
CA PHE A 143 13.57 14.71 -7.11
C PHE A 143 13.77 15.43 -8.44
N LYS A 144 13.90 16.75 -8.38
CA LYS A 144 14.12 17.56 -9.56
C LYS A 144 15.58 17.98 -9.62
N ASN A 145 16.31 17.45 -10.61
CA ASN A 145 17.72 17.76 -10.79
C ASN A 145 18.50 17.40 -9.53
N GLN A 146 18.16 16.24 -8.96
CA GLN A 146 18.79 15.70 -7.75
C GLN A 146 18.34 16.43 -6.48
N THR A 147 17.50 17.43 -6.65
CA THR A 147 16.98 18.19 -5.52
C THR A 147 15.62 17.65 -5.09
N LEU A 148 15.49 17.29 -3.82
CA LEU A 148 14.22 16.76 -3.32
C LEU A 148 13.19 17.87 -3.13
N VAL A 149 12.02 17.62 -3.67
CA VAL A 149 10.89 18.54 -3.59
C VAL A 149 9.66 17.80 -3.08
N PRO A 150 8.97 18.37 -2.08
CA PRO A 150 7.75 17.77 -1.52
C PRO A 150 6.61 17.66 -2.54
N LEU A 151 5.51 17.03 -2.13
CA LEU A 151 4.37 16.83 -2.99
C LEU A 151 3.20 17.74 -2.62
N LYS A 152 2.40 18.11 -3.61
CA LYS A 152 1.25 18.97 -3.36
C LYS A 152 -0.03 18.26 -3.78
N ILE A 153 -0.09 16.96 -3.51
CA ILE A 153 -1.25 16.16 -3.89
C ILE A 153 -1.62 15.12 -2.84
N THR A 154 -2.75 14.46 -3.07
CA THR A 154 -3.23 13.41 -2.19
C THR A 154 -4.00 12.36 -3.01
N THR A 155 -4.27 12.69 -4.27
CA THR A 155 -4.99 11.80 -5.17
C THR A 155 -4.08 11.33 -6.31
N GLU A 156 -4.25 10.07 -6.73
CA GLU A 156 -3.46 9.50 -7.82
C GLU A 156 -3.56 10.37 -9.06
N LYS A 157 -4.77 10.83 -9.35
CA LYS A 157 -5.02 11.69 -10.50
C LYS A 157 -4.20 12.97 -10.36
N GLU A 158 -4.28 13.58 -9.19
CA GLU A 158 -3.55 14.78 -8.91
C GLU A 158 -2.04 14.52 -9.06
N LEU A 159 -1.60 13.35 -8.62
CA LEU A 159 -0.20 12.97 -8.73
C LEU A 159 0.23 12.84 -10.19
N ILE A 160 -0.54 12.10 -11.00
CA ILE A 160 -0.18 11.94 -12.41
C ILE A 160 -0.17 13.31 -13.10
N LYS A 161 -1.15 14.15 -12.77
CA LYS A 161 -1.21 15.49 -13.35
C LYS A 161 -0.01 16.32 -12.89
N GLU A 162 0.36 16.17 -11.61
CA GLU A 162 1.50 16.91 -11.05
C GLU A 162 2.82 16.40 -11.65
N LEU A 163 2.86 15.10 -11.94
CA LEU A 163 4.05 14.48 -12.53
C LEU A 163 4.19 14.86 -14.00
N GLY A 164 3.06 15.17 -14.63
CA GLY A 164 3.08 15.55 -16.03
C GLY A 164 2.71 14.39 -16.93
N PHE A 165 1.78 13.56 -16.48
CA PHE A 165 1.34 12.41 -17.24
C PHE A 165 -0.18 12.33 -17.34
N THR A 166 -0.66 11.29 -18.02
CA THR A 166 -2.09 11.07 -18.21
C THR A 166 -2.53 9.83 -17.43
N TYR A 167 -3.78 9.79 -17.00
CA TYR A 167 -4.28 8.66 -16.25
C TYR A 167 -5.08 7.68 -17.12
N ARG A 168 -4.67 6.42 -17.11
CA ARG A 168 -5.36 5.38 -17.86
C ARG A 168 -5.97 4.37 -16.88
N ILE A 169 -6.63 3.35 -17.39
CA ILE A 169 -7.22 2.35 -16.51
C ILE A 169 -6.31 1.12 -16.39
N PRO A 170 -5.95 0.75 -15.16
CA PRO A 170 -5.07 -0.40 -14.91
C PRO A 170 -5.68 -1.72 -15.38
N LYS A 171 -6.99 -1.70 -15.56
CA LYS A 171 -7.72 -2.87 -16.01
C LYS A 171 -7.26 -3.34 -17.39
N LYS A 172 -6.94 -2.40 -18.26
CA LYS A 172 -6.49 -2.73 -19.61
C LYS A 172 -4.97 -2.65 -19.72
N ARG A 173 -4.32 -2.59 -18.56
CA ARG A 173 -2.85 -2.52 -18.46
C ARG A 173 -2.27 -1.22 -19.03
N LEU A 174 -1.20 -0.74 -18.40
CA LEU A 174 -0.51 0.48 -18.81
C LEU A 174 -1.47 1.65 -18.99
PG DGT B . 0.31 -10.45 -7.83
O1G DGT B . 1.56 -10.62 -8.58
O2G DGT B . -0.93 -11.14 -8.29
O3G DGT B . 0.55 -10.98 -6.32
O3B DGT B . 0.02 -8.89 -7.60
PB DGT B . -0.95 -8.56 -6.37
O1B DGT B . -1.70 -7.31 -6.67
O2B DGT B . -1.73 -9.77 -6.03
O3A DGT B . 0.18 -8.27 -5.27
PA DGT B . 0.39 -6.81 -4.63
O1A DGT B . 1.42 -7.00 -3.58
O2A DGT B . -0.94 -6.30 -4.20
O5' DGT B . 0.97 -5.71 -5.66
C5' DGT B . 0.46 -5.43 -6.96
C4' DGT B . 1.40 -4.31 -7.46
O4' DGT B . 2.15 -3.94 -6.29
C3' DGT B . 2.41 -4.74 -8.50
O3' DGT B . 2.29 -3.93 -9.68
C2' DGT B . 3.77 -4.51 -7.87
C1' DGT B . 3.46 -3.56 -6.74
N9 DGT B . 4.40 -3.71 -5.60
C8 DGT B . 5.42 -2.93 -5.26
N7 DGT B . 6.35 -3.70 -4.72
C5 DGT B . 5.90 -4.95 -4.68
C6 DGT B . 6.50 -6.10 -4.36
O6 DGT B . 7.71 -6.15 -4.16
N1 DGT B . 5.78 -7.30 -4.50
C2 DGT B . 4.47 -7.25 -4.96
N2 DGT B . 3.85 -8.37 -5.35
N3 DGT B . 3.94 -6.06 -5.28
C4 DGT B . 4.66 -4.93 -5.15
H5' DGT B . 0.63 -6.29 -7.62
H5'A DGT B . -0.55 -5.02 -6.98
H4' DGT B . 0.82 -3.45 -7.82
H3' DGT B . 2.28 -5.80 -8.75
HO3' DGT B . 2.55 -4.46 -10.49
H2' DGT B . 4.13 -5.44 -7.39
H2'A DGT B . 4.49 -4.02 -8.51
H1' DGT B . 3.43 -2.52 -7.08
H8 DGT B . 5.39 -1.84 -5.15
HN2 DGT B . 4.35 -9.23 -5.33
HN2A DGT B . 2.99 -8.30 -5.86
H16 DGT B . 6.26 -8.18 -4.47
MG MG C . 0.90 -9.11 -1.81
MG MG D . -0.07 -11.55 -5.34
N MET A 1 -5.12 -16.99 -6.07
CA MET A 1 -5.43 -17.71 -4.82
C MET A 1 -6.86 -17.40 -4.37
N LEU A 2 -7.08 -16.16 -3.93
CA LEU A 2 -8.39 -15.73 -3.47
C LEU A 2 -9.10 -14.95 -4.58
N THR A 3 -10.39 -14.75 -4.42
CA THR A 3 -11.18 -14.05 -5.42
C THR A 3 -11.43 -12.61 -5.01
N LEU A 4 -11.92 -11.79 -5.94
CA LEU A 4 -12.23 -10.39 -5.67
C LEU A 4 -13.19 -10.27 -4.48
N ILE A 5 -14.22 -11.11 -4.49
CA ILE A 5 -15.21 -11.11 -3.41
C ILE A 5 -14.56 -11.47 -2.08
N GLN A 6 -13.71 -12.50 -2.12
CA GLN A 6 -13.01 -12.97 -0.94
C GLN A 6 -12.12 -11.87 -0.40
N GLY A 7 -11.33 -11.28 -1.29
CA GLY A 7 -10.44 -10.19 -0.92
C GLY A 7 -11.16 -9.04 -0.25
N LYS A 8 -12.25 -8.61 -0.85
CA LYS A 8 -13.03 -7.50 -0.29
C LYS A 8 -13.61 -7.89 1.06
N LYS A 9 -14.09 -9.13 1.17
CA LYS A 9 -14.68 -9.59 2.42
C LYS A 9 -13.64 -9.68 3.52
N ILE A 10 -12.50 -10.30 3.21
CA ILE A 10 -11.45 -10.46 4.19
C ILE A 10 -10.89 -9.11 4.60
N VAL A 11 -10.65 -8.23 3.62
CA VAL A 11 -10.13 -6.90 3.91
C VAL A 11 -11.09 -6.15 4.84
N ASN A 12 -12.38 -6.24 4.52
CA ASN A 12 -13.42 -5.60 5.32
C ASN A 12 -13.29 -6.02 6.80
N HIS A 13 -13.18 -7.32 7.02
CA HIS A 13 -13.05 -7.85 8.37
C HIS A 13 -11.69 -7.45 8.96
N LEU A 14 -10.67 -7.54 8.11
CA LEU A 14 -9.30 -7.20 8.50
C LEU A 14 -9.21 -5.77 9.03
N ARG A 15 -9.75 -4.83 8.27
CA ARG A 15 -9.71 -3.43 8.65
C ARG A 15 -10.55 -3.16 9.90
N SER A 16 -11.62 -3.93 10.08
CA SER A 16 -12.47 -3.75 11.25
C SER A 16 -11.96 -4.56 12.46
N ARG A 17 -10.95 -5.38 12.23
CA ARG A 17 -10.41 -6.23 13.31
C ARG A 17 -8.93 -5.98 13.59
N LEU A 18 -8.31 -4.98 12.96
CA LEU A 18 -6.88 -4.78 13.17
C LEU A 18 -6.61 -4.01 14.45
N ALA A 19 -5.52 -4.38 15.11
CA ALA A 19 -5.07 -3.71 16.31
C ALA A 19 -3.59 -4.01 16.52
N PHE A 20 -2.82 -3.01 16.87
CA PHE A 20 -1.41 -3.21 17.11
C PHE A 20 -1.07 -2.81 18.53
N GLU A 21 0.03 -3.34 19.05
CA GLU A 21 0.44 -3.02 20.39
C GLU A 21 1.62 -2.07 20.35
N TYR A 22 1.45 -0.96 21.04
CA TYR A 22 2.45 0.07 21.13
C TYR A 22 2.78 0.32 22.60
N ASN A 23 4.00 -0.03 22.99
CA ASN A 23 4.49 0.16 24.35
C ASN A 23 3.56 -0.46 25.39
N GLY A 24 2.93 -1.59 25.04
CA GLY A 24 2.04 -2.26 25.97
C GLY A 24 0.60 -1.81 25.83
N GLN A 25 0.37 -0.76 25.07
CA GLN A 25 -0.98 -0.24 24.86
C GLN A 25 -1.50 -0.74 23.52
N LEU A 26 -2.71 -1.25 23.52
CA LEU A 26 -3.32 -1.76 22.30
C LEU A 26 -4.03 -0.65 21.53
N ILE A 27 -3.66 -0.50 20.28
CA ILE A 27 -4.22 0.52 19.42
C ILE A 27 -4.89 -0.12 18.20
N LYS A 28 -6.21 0.01 18.10
CA LYS A 28 -6.98 -0.57 17.00
C LYS A 28 -6.71 0.18 15.69
N ILE A 29 -6.57 -0.56 14.60
CA ILE A 29 -6.31 0.02 13.28
C ILE A 29 -7.37 -0.35 12.25
N LEU A 30 -8.03 0.68 11.73
CA LEU A 30 -9.05 0.52 10.70
C LEU A 30 -8.53 0.99 9.34
N SER A 31 -9.41 0.88 8.34
CA SER A 31 -9.13 1.31 6.96
C SER A 31 -8.73 2.80 6.88
N LYS A 32 -8.96 3.54 7.96
CA LYS A 32 -8.62 4.96 8.01
C LYS A 32 -7.13 5.14 7.80
N ASN A 33 -6.39 4.13 8.18
CA ASN A 33 -4.95 4.12 8.03
C ASN A 33 -4.50 3.07 7.03
N ILE A 34 -5.29 2.03 6.89
CA ILE A 34 -4.97 0.93 5.99
C ILE A 34 -5.81 0.98 4.71
N VAL A 35 -5.13 1.09 3.58
CA VAL A 35 -5.80 1.11 2.29
C VAL A 35 -5.45 -0.14 1.49
N ALA A 36 -6.46 -0.91 1.13
CA ALA A 36 -6.24 -2.14 0.36
C ALA A 36 -5.87 -1.83 -1.08
N VAL A 37 -4.81 -2.46 -1.55
CA VAL A 37 -4.34 -2.30 -2.90
C VAL A 37 -4.00 -3.65 -3.52
N GLY A 38 -4.22 -3.72 -4.82
CA GLY A 38 -3.94 -4.93 -5.54
C GLY A 38 -4.85 -5.10 -6.73
N SER A 39 -5.01 -6.34 -7.15
CA SER A 39 -5.90 -6.68 -8.23
C SER A 39 -7.34 -6.30 -7.85
N LEU A 40 -7.59 -6.21 -6.54
CA LEU A 40 -8.89 -5.80 -6.02
C LEU A 40 -9.21 -4.39 -6.53
N ARG A 41 -8.16 -3.58 -6.61
CA ARG A 41 -8.28 -2.22 -7.12
C ARG A 41 -8.41 -2.27 -8.64
N ARG A 42 -7.68 -3.20 -9.25
CA ARG A 42 -7.69 -3.39 -10.70
C ARG A 42 -8.96 -4.11 -11.19
N GLU A 43 -9.80 -4.57 -10.26
CA GLU A 43 -11.04 -5.25 -10.59
C GLU A 43 -10.76 -6.61 -11.23
N GLU A 44 -9.87 -7.37 -10.61
CA GLU A 44 -9.51 -8.68 -11.11
C GLU A 44 -10.36 -9.77 -10.46
N LYS A 45 -10.59 -10.85 -11.19
CA LYS A 45 -11.38 -11.96 -10.70
C LYS A 45 -10.68 -12.72 -9.58
N MET A 46 -9.36 -12.80 -9.64
CA MET A 46 -8.60 -13.53 -8.63
C MET A 46 -7.16 -13.02 -8.50
N LEU A 47 -6.68 -12.95 -7.27
CA LEU A 47 -5.32 -12.52 -7.00
C LEU A 47 -4.67 -13.46 -5.98
N ASN A 48 -3.36 -13.38 -5.83
CA ASN A 48 -2.65 -14.25 -4.89
C ASN A 48 -2.58 -13.65 -3.49
N ASP A 49 -2.04 -12.45 -3.38
CA ASP A 49 -1.90 -11.80 -2.08
C ASP A 49 -2.63 -10.47 -2.02
N VAL A 50 -3.17 -10.15 -0.85
CA VAL A 50 -3.91 -8.89 -0.64
C VAL A 50 -2.95 -7.89 -0.03
N ASP A 51 -2.84 -6.75 -0.65
CA ASP A 51 -1.91 -5.78 -0.19
C ASP A 51 -2.56 -4.62 0.46
N LEU A 52 -1.95 -4.19 1.53
CA LEU A 52 -2.49 -3.15 2.32
C LEU A 52 -1.47 -2.08 2.63
N LEU A 53 -1.65 -0.91 2.02
CA LEU A 53 -0.78 0.21 2.27
C LEU A 53 -1.25 0.92 3.53
N ILE A 54 -0.34 1.07 4.47
CA ILE A 54 -0.68 1.72 5.72
C ILE A 54 -0.13 3.14 5.73
N ILE A 55 -1.02 4.11 5.63
CA ILE A 55 -0.62 5.51 5.61
C ILE A 55 -0.77 6.10 7.00
N VAL A 56 0.34 6.47 7.59
CA VAL A 56 0.35 7.04 8.93
C VAL A 56 0.86 8.47 8.91
N PRO A 57 0.15 9.40 9.57
CA PRO A 57 0.54 10.81 9.63
C PRO A 57 1.73 11.07 10.54
N GLU A 58 2.22 10.03 11.19
CA GLU A 58 3.37 10.16 12.08
C GLU A 58 4.34 9.01 11.91
N LYS A 59 5.62 9.34 11.81
CA LYS A 59 6.66 8.35 11.62
C LYS A 59 6.76 7.44 12.83
N LYS A 60 6.43 7.99 13.99
CA LYS A 60 6.49 7.24 15.22
C LYS A 60 5.42 6.18 15.21
N LEU A 61 4.16 6.61 15.13
CA LEU A 61 3.03 5.68 15.10
C LEU A 61 3.18 4.66 14.00
N LEU A 62 3.85 5.05 12.91
CA LEU A 62 4.09 4.16 11.79
C LEU A 62 4.97 3.01 12.22
N LYS A 63 6.05 3.35 12.91
CA LYS A 63 6.98 2.36 13.40
C LYS A 63 6.48 1.70 14.68
N HIS A 64 5.39 2.21 15.24
CA HIS A 64 4.82 1.67 16.47
C HIS A 64 3.95 0.44 16.20
N VAL A 65 3.60 0.24 14.93
CA VAL A 65 2.79 -0.91 14.55
C VAL A 65 3.65 -2.16 14.48
N LEU A 66 4.94 -1.96 14.22
CA LEU A 66 5.91 -3.05 14.10
C LEU A 66 6.10 -3.85 15.40
N PRO A 67 6.29 -3.21 16.59
CA PRO A 67 6.48 -3.92 17.87
C PRO A 67 5.51 -5.08 18.06
N ASN A 68 4.22 -4.82 17.94
CA ASN A 68 3.23 -5.88 18.09
C ASN A 68 1.98 -5.60 17.27
N ILE A 69 1.43 -6.67 16.73
CA ILE A 69 0.22 -6.59 15.91
C ILE A 69 -0.71 -7.75 16.28
N ARG A 70 -1.99 -7.45 16.42
CA ARG A 70 -2.98 -8.46 16.78
C ARG A 70 -4.22 -8.32 15.92
N ILE A 71 -4.93 -9.43 15.74
CA ILE A 71 -6.16 -9.43 14.98
C ILE A 71 -7.24 -10.12 15.82
N LYS A 72 -8.45 -9.59 15.78
CA LYS A 72 -9.56 -10.13 16.57
C LYS A 72 -9.97 -11.55 16.14
N GLY A 73 -9.63 -12.52 16.99
CA GLY A 73 -10.01 -13.91 16.75
C GLY A 73 -9.46 -14.52 15.46
N LEU A 74 -8.27 -14.11 15.03
CA LEU A 74 -7.71 -14.63 13.79
C LEU A 74 -6.31 -15.23 14.01
N SER A 75 -5.89 -16.07 13.07
CA SER A 75 -4.57 -16.68 13.15
C SER A 75 -3.65 -15.96 12.16
N PHE A 76 -2.45 -15.60 12.59
CA PHE A 76 -1.54 -14.87 11.72
C PHE A 76 -0.07 -15.22 11.97
N SER A 77 0.80 -14.75 11.08
CA SER A 77 2.23 -14.97 11.17
C SER A 77 2.98 -13.73 10.70
N VAL A 78 4.11 -13.38 11.32
CA VAL A 78 4.83 -12.15 10.96
C VAL A 78 6.14 -12.41 10.18
N LYS A 79 6.21 -11.89 8.96
CA LYS A 79 7.40 -12.00 8.12
C LYS A 79 7.87 -10.62 7.67
N VAL A 80 9.11 -10.52 7.24
CA VAL A 80 9.66 -9.25 6.78
C VAL A 80 9.89 -9.29 5.26
N CYS A 81 9.80 -8.13 4.62
CA CYS A 81 9.98 -8.04 3.17
C CYS A 81 10.92 -6.89 2.81
N GLY A 82 12.06 -7.22 2.24
CA GLY A 82 13.00 -6.19 1.89
C GLY A 82 13.59 -5.52 3.10
N GLU A 83 13.79 -4.22 3.00
CA GLU A 83 14.35 -3.44 4.10
C GLU A 83 13.28 -2.70 4.90
N ARG A 84 12.21 -2.28 4.24
CA ARG A 84 11.16 -1.52 4.91
C ARG A 84 9.77 -2.15 4.77
N LYS A 85 9.65 -3.17 3.94
CA LYS A 85 8.36 -3.83 3.72
C LYS A 85 8.15 -5.01 4.67
N CYS A 86 6.90 -5.32 4.96
CA CYS A 86 6.60 -6.43 5.86
C CYS A 86 5.54 -7.33 5.23
N VAL A 87 5.53 -8.58 5.65
CA VAL A 87 4.58 -9.55 5.12
C VAL A 87 3.94 -10.31 6.27
N LEU A 88 2.65 -10.48 6.22
CA LEU A 88 1.95 -11.22 7.26
C LEU A 88 1.08 -12.27 6.63
N PHE A 89 0.83 -13.35 7.34
CA PHE A 89 -0.01 -14.40 6.83
C PHE A 89 -1.21 -14.50 7.74
N ILE A 90 -2.36 -14.79 7.17
CA ILE A 90 -3.58 -14.89 7.97
C ILE A 90 -4.30 -16.19 7.66
N GLU A 91 -4.78 -16.86 8.68
CA GLU A 91 -5.46 -18.12 8.50
C GLU A 91 -6.66 -18.27 9.44
N TRP A 92 -7.75 -18.80 8.89
CA TRP A 92 -8.97 -19.04 9.65
C TRP A 92 -9.96 -19.88 8.85
N GLU A 93 -10.74 -20.71 9.54
CA GLU A 93 -11.75 -21.55 8.90
C GLU A 93 -11.13 -22.52 7.90
N LYS A 94 -10.03 -23.13 8.31
CA LYS A 94 -9.31 -24.09 7.48
C LYS A 94 -8.78 -23.43 6.21
N LYS A 95 -8.64 -22.11 6.25
CA LYS A 95 -8.16 -21.37 5.10
C LYS A 95 -6.93 -20.55 5.48
N THR A 96 -6.13 -20.20 4.48
CA THR A 96 -4.91 -19.43 4.68
C THR A 96 -4.78 -18.39 3.58
N TYR A 97 -4.41 -17.17 3.96
CA TYR A 97 -4.23 -16.10 2.99
C TYR A 97 -2.93 -15.35 3.27
N GLN A 98 -2.48 -14.63 2.24
CA GLN A 98 -1.25 -13.87 2.33
C GLN A 98 -1.57 -12.38 2.40
N LEU A 99 -1.00 -11.72 3.40
CA LEU A 99 -1.22 -10.29 3.60
C LEU A 99 0.07 -9.52 3.41
N ASP A 100 0.13 -8.73 2.36
CA ASP A 100 1.28 -7.91 2.07
C ASP A 100 1.06 -6.55 2.70
N LEU A 101 1.93 -6.14 3.61
CA LEU A 101 1.73 -4.87 4.27
C LEU A 101 2.91 -3.94 4.05
N PHE A 102 2.61 -2.71 3.71
CA PHE A 102 3.64 -1.71 3.51
C PHE A 102 3.34 -0.48 4.34
N THR A 103 4.35 0.03 5.01
CA THR A 103 4.17 1.19 5.85
C THR A 103 4.63 2.46 5.15
N ALA A 104 3.74 3.44 5.07
CA ALA A 104 4.04 4.71 4.43
C ALA A 104 3.53 5.87 5.25
N LEU A 105 4.02 7.06 4.96
CA LEU A 105 3.63 8.27 5.68
C LEU A 105 2.49 8.97 4.96
N ALA A 106 1.88 9.93 5.64
CA ALA A 106 0.78 10.69 5.08
C ALA A 106 1.19 11.42 3.79
N GLU A 107 2.48 11.72 3.68
CA GLU A 107 2.99 12.40 2.49
C GLU A 107 3.19 11.42 1.35
N GLU A 108 3.28 10.15 1.70
CA GLU A 108 3.49 9.08 0.73
C GLU A 108 2.16 8.47 0.33
N LYS A 109 1.10 9.23 0.52
CA LYS A 109 -0.24 8.75 0.22
C LYS A 109 -0.46 8.61 -1.30
N PRO A 110 -0.28 9.69 -2.10
CA PRO A 110 -0.50 9.63 -3.55
C PRO A 110 0.51 8.72 -4.27
N TYR A 111 1.78 8.87 -3.93
CA TYR A 111 2.85 8.10 -4.55
C TYR A 111 2.66 6.60 -4.39
N ALA A 112 2.51 6.18 -3.14
CA ALA A 112 2.31 4.76 -2.84
C ALA A 112 1.13 4.18 -3.61
N ILE A 113 0.00 4.90 -3.59
CA ILE A 113 -1.19 4.45 -4.29
C ILE A 113 -0.92 4.38 -5.79
N PHE A 114 -0.19 5.37 -6.31
CA PHE A 114 0.14 5.43 -7.73
C PHE A 114 0.85 4.16 -8.17
N HIS A 115 1.74 3.69 -7.33
CA HIS A 115 2.50 2.48 -7.60
C HIS A 115 1.58 1.26 -7.61
N PHE A 116 0.88 1.04 -6.51
CA PHE A 116 -0.03 -0.10 -6.37
C PHE A 116 -1.35 0.04 -7.13
N THR A 117 -1.56 1.14 -7.86
CA THR A 117 -2.83 1.35 -8.56
C THR A 117 -3.26 0.13 -9.38
N GLY A 118 -2.59 -0.09 -10.49
CA GLY A 118 -2.90 -1.22 -11.34
C GLY A 118 -1.69 -2.03 -11.76
N PRO A 119 -1.18 -1.74 -12.97
CA PRO A 119 -0.04 -2.45 -13.53
C PRO A 119 1.33 -1.78 -13.29
N VAL A 120 2.25 -2.56 -12.72
CA VAL A 120 3.62 -2.11 -12.47
C VAL A 120 4.29 -1.62 -13.75
N SER A 121 3.97 -2.28 -14.86
CA SER A 121 4.54 -1.95 -16.16
C SER A 121 4.42 -0.46 -16.47
N TYR A 122 3.24 0.11 -16.18
CA TYR A 122 2.99 1.53 -16.41
C TYR A 122 3.99 2.39 -15.65
N LEU A 123 4.28 1.98 -14.42
CA LEU A 123 5.21 2.70 -13.57
C LEU A 123 6.60 2.70 -14.17
N ILE A 124 7.05 1.52 -14.61
CA ILE A 124 8.36 1.36 -15.23
C ILE A 124 8.54 2.33 -16.40
N ARG A 125 7.53 2.40 -17.25
CA ARG A 125 7.57 3.29 -18.42
C ARG A 125 7.70 4.74 -17.99
N ILE A 126 6.88 5.12 -17.01
CA ILE A 126 6.88 6.48 -16.49
C ILE A 126 8.21 6.80 -15.80
N ARG A 127 8.76 5.80 -15.12
CA ARG A 127 10.02 5.94 -14.41
C ARG A 127 11.14 6.35 -15.38
N ALA A 128 11.21 5.65 -16.51
CA ALA A 128 12.22 5.93 -17.51
C ALA A 128 11.97 7.26 -18.19
N ALA A 129 10.70 7.57 -18.43
CA ALA A 129 10.32 8.83 -19.08
C ALA A 129 10.81 10.02 -18.26
N LEU A 130 10.48 10.01 -16.97
CA LEU A 130 10.91 11.08 -16.07
C LEU A 130 12.42 11.16 -16.03
N LYS A 131 13.07 10.00 -15.99
CA LYS A 131 14.53 9.95 -15.96
C LYS A 131 15.11 10.72 -17.14
N LYS A 132 14.49 10.57 -18.30
CA LYS A 132 14.94 11.27 -19.50
C LYS A 132 14.66 12.76 -19.35
N LYS A 133 13.62 13.09 -18.59
CA LYS A 133 13.25 14.48 -18.35
C LYS A 133 14.00 15.05 -17.14
N ASN A 134 14.91 14.24 -16.61
CA ASN A 134 15.77 14.62 -15.49
C ASN A 134 14.97 14.66 -14.18
N TYR A 135 14.04 13.74 -14.09
CA TYR A 135 13.19 13.59 -12.93
C TYR A 135 13.31 12.16 -12.41
N LYS A 136 13.25 11.99 -11.11
CA LYS A 136 13.33 10.66 -10.54
C LYS A 136 12.34 10.51 -9.41
N LEU A 137 11.42 9.58 -9.58
CA LEU A 137 10.40 9.30 -8.58
C LEU A 137 10.93 8.28 -7.58
N ASN A 138 10.53 8.43 -6.33
CA ASN A 138 10.95 7.52 -5.27
C ASN A 138 9.84 7.40 -4.25
N GLN A 139 9.86 6.34 -3.47
CA GLN A 139 8.84 6.09 -2.46
C GLN A 139 8.96 7.03 -1.26
N TYR A 140 9.66 8.14 -1.43
CA TYR A 140 9.81 9.13 -0.38
C TYR A 140 9.51 10.52 -0.93
N GLY A 141 9.52 10.64 -2.25
CA GLY A 141 9.24 11.91 -2.89
C GLY A 141 9.74 11.96 -4.32
N LEU A 142 9.89 13.16 -4.85
CA LEU A 142 10.35 13.33 -6.22
C LEU A 142 11.78 13.86 -6.21
N PHE A 143 12.48 13.70 -7.31
CA PHE A 143 13.85 14.18 -7.40
C PHE A 143 14.07 14.93 -8.70
N LYS A 144 14.25 16.23 -8.59
CA LYS A 144 14.51 17.07 -9.74
C LYS A 144 16.01 17.34 -9.81
N ASN A 145 16.69 16.71 -10.77
CA ASN A 145 18.12 16.87 -10.93
C ASN A 145 18.87 16.62 -9.62
N GLN A 146 18.52 15.49 -8.98
CA GLN A 146 19.12 15.05 -7.71
C GLN A 146 18.57 15.82 -6.50
N THR A 147 17.73 16.83 -6.76
CA THR A 147 17.14 17.62 -5.69
C THR A 147 15.79 17.04 -5.29
N LEU A 148 15.67 16.65 -4.01
CA LEU A 148 14.43 16.08 -3.52
C LEU A 148 13.33 17.13 -3.50
N VAL A 149 12.19 16.75 -4.02
CA VAL A 149 11.02 17.62 -4.09
C VAL A 149 9.81 16.92 -3.49
N PRO A 150 9.14 17.58 -2.51
CA PRO A 150 7.95 17.02 -1.87
C PRO A 150 6.72 17.07 -2.78
N LEU A 151 5.66 16.40 -2.37
CA LEU A 151 4.44 16.36 -3.15
C LEU A 151 3.43 17.39 -2.68
N LYS A 152 2.67 17.92 -3.62
CA LYS A 152 1.64 18.90 -3.33
C LYS A 152 0.30 18.39 -3.82
N ILE A 153 0.14 17.09 -3.75
CA ILE A 153 -1.09 16.44 -4.21
C ILE A 153 -1.47 15.28 -3.29
N THR A 154 -2.67 14.77 -3.48
CA THR A 154 -3.15 13.65 -2.69
C THR A 154 -3.93 12.65 -3.56
N THR A 155 -4.26 13.06 -4.78
CA THR A 155 -5.01 12.21 -5.69
C THR A 155 -4.14 11.76 -6.86
N GLU A 156 -4.44 10.58 -7.42
CA GLU A 156 -3.68 10.05 -8.55
C GLU A 156 -3.73 11.01 -9.74
N LYS A 157 -4.91 11.59 -9.97
CA LYS A 157 -5.09 12.54 -11.05
C LYS A 157 -4.21 13.77 -10.84
N GLU A 158 -4.30 14.31 -9.65
CA GLU A 158 -3.52 15.46 -9.28
C GLU A 158 -2.04 15.13 -9.39
N LEU A 159 -1.70 13.91 -8.99
CA LEU A 159 -0.33 13.42 -9.05
C LEU A 159 0.18 13.35 -10.48
N ILE A 160 -0.57 12.66 -11.35
CA ILE A 160 -0.16 12.55 -12.75
C ILE A 160 -0.06 13.93 -13.39
N LYS A 161 -1.02 14.80 -13.07
CA LYS A 161 -1.01 16.16 -13.60
C LYS A 161 0.24 16.89 -13.11
N GLU A 162 0.56 16.70 -11.84
CA GLU A 162 1.72 17.32 -11.23
C GLU A 162 3.01 16.78 -11.84
N LEU A 163 3.04 15.48 -12.12
CA LEU A 163 4.22 14.85 -12.71
C LEU A 163 4.38 15.22 -14.18
N GLY A 164 3.26 15.52 -14.84
CA GLY A 164 3.29 15.87 -16.24
C GLY A 164 2.87 14.73 -17.14
N PHE A 165 1.98 13.88 -16.65
CA PHE A 165 1.50 12.73 -17.41
C PHE A 165 -0.01 12.71 -17.46
N THR A 166 -0.55 11.90 -18.36
CA THR A 166 -1.99 11.76 -18.52
C THR A 166 -2.50 10.61 -17.67
N TYR A 167 -3.75 10.71 -17.20
CA TYR A 167 -4.33 9.66 -16.39
C TYR A 167 -4.76 8.47 -17.24
N ARG A 168 -4.42 7.27 -16.79
CA ARG A 168 -4.76 6.04 -17.49
C ARG A 168 -5.59 5.14 -16.58
N ILE A 169 -6.22 4.14 -17.16
CA ILE A 169 -7.02 3.22 -16.37
C ILE A 169 -6.29 1.88 -16.22
N PRO A 170 -6.02 1.47 -14.98
CA PRO A 170 -5.31 0.23 -14.70
C PRO A 170 -6.04 -1.02 -15.21
N LYS A 171 -7.34 -0.86 -15.40
CA LYS A 171 -8.19 -1.95 -15.87
C LYS A 171 -7.77 -2.44 -17.24
N LYS A 172 -7.33 -1.53 -18.09
CA LYS A 172 -6.92 -1.88 -19.44
C LYS A 172 -5.40 -1.87 -19.59
N ARG A 173 -4.70 -1.86 -18.45
CA ARG A 173 -3.23 -1.84 -18.42
C ARG A 173 -2.64 -0.59 -19.09
N LEU A 174 -1.67 0.03 -18.42
CA LEU A 174 -1.01 1.23 -18.93
C LEU A 174 -2.01 2.34 -19.18
PG DGT B . -1.13 -10.31 -6.78
O1G DGT B . -1.88 -11.03 -7.81
O2G DGT B . -1.66 -10.24 -5.39
O3G DGT B . 0.32 -10.98 -6.69
O3B DGT B . -0.83 -8.78 -7.23
PB DGT B . -1.68 -7.69 -6.41
O1B DGT B . -1.87 -6.53 -7.30
O2B DGT B . -2.89 -8.31 -5.81
O3A DGT B . -0.63 -7.38 -5.23
PA DGT B . -0.02 -5.97 -4.74
O1A DGT B . 1.05 -6.38 -3.80
O2A DGT B . -1.16 -5.21 -4.19
O5' DGT B . 0.71 -5.05 -5.83
C5' DGT B . 0.21 -4.62 -7.09
C4' DGT B . 1.38 -3.80 -7.62
O4' DGT B . 2.22 -3.57 -6.48
C3' DGT B . 2.25 -4.50 -8.66
O3' DGT B . 2.25 -3.73 -9.88
C2' DGT B . 3.64 -4.48 -8.04
C1' DGT B . 3.53 -3.38 -7.01
N9 DGT B . 4.53 -3.56 -5.94
C8 DGT B . 5.51 -2.73 -5.59
N7 DGT B . 6.36 -3.40 -4.81
C5 DGT B . 5.89 -4.66 -4.68
C6 DGT B . 6.39 -5.70 -4.04
O6 DGT B . 7.46 -5.62 -3.42
N1 DGT B . 5.68 -6.91 -4.03
C2 DGT B . 4.43 -6.94 -4.68
N2 DGT B . 3.68 -8.04 -4.59
N3 DGT B . 4.00 -5.85 -5.31
C4 DGT B . 4.74 -4.73 -5.33
H5' DGT B . -0.67 -3.99 -6.95
H5'A DGT B . 0.00 -5.45 -7.75
H4' DGT B . 1.03 -2.84 -8.02
H3' DGT B . 1.88 -5.52 -8.81
HO3' DGT B . 2.28 -4.34 -10.66
H2' DGT B . 4.40 -4.21 -8.77
H2'A DGT B . 3.88 -5.43 -7.56
H1' DGT B . 3.65 -2.40 -7.48
H8 DGT B . 5.43 -1.64 -5.65
HN2 DGT B . 4.07 -8.86 -4.19
HN2A DGT B . 2.77 -8.05 -5.00
H16 DGT B . 6.09 -7.74 -3.66
MG MG C . 1.51 -7.98 -2.41
MG MG D . -1.47 -9.73 -4.14
N MET A 1 -6.45 -20.24 -4.07
CA MET A 1 -6.52 -18.79 -4.40
C MET A 1 -7.86 -18.22 -3.97
N LEU A 2 -7.99 -16.91 -4.08
CA LEU A 2 -9.21 -16.23 -3.69
C LEU A 2 -9.79 -15.46 -4.88
N THR A 3 -11.02 -15.01 -4.75
CA THR A 3 -11.68 -14.26 -5.79
C THR A 3 -11.68 -12.77 -5.43
N LEU A 4 -12.07 -11.91 -6.37
CA LEU A 4 -12.13 -10.48 -6.10
C LEU A 4 -13.06 -10.19 -4.94
N ILE A 5 -14.18 -10.90 -4.91
CA ILE A 5 -15.16 -10.75 -3.85
C ILE A 5 -14.55 -11.13 -2.50
N GLN A 6 -13.74 -12.20 -2.52
CA GLN A 6 -13.09 -12.67 -1.31
C GLN A 6 -12.15 -11.61 -0.75
N GLY A 7 -11.27 -11.10 -1.60
CA GLY A 7 -10.35 -10.06 -1.19
C GLY A 7 -11.05 -8.88 -0.55
N LYS A 8 -12.11 -8.42 -1.19
CA LYS A 8 -12.86 -7.27 -0.69
C LYS A 8 -13.52 -7.62 0.65
N LYS A 9 -14.06 -8.82 0.74
CA LYS A 9 -14.74 -9.28 1.93
C LYS A 9 -13.77 -9.36 3.11
N ILE A 10 -12.65 -10.03 2.88
CA ILE A 10 -11.65 -10.21 3.92
C ILE A 10 -11.02 -8.88 4.29
N VAL A 11 -10.84 -7.99 3.30
CA VAL A 11 -10.27 -6.68 3.57
C VAL A 11 -11.17 -5.89 4.51
N ASN A 12 -12.46 -5.83 4.19
CA ASN A 12 -13.42 -5.13 5.03
C ASN A 12 -13.36 -5.63 6.46
N HIS A 13 -13.34 -6.94 6.62
CA HIS A 13 -13.26 -7.56 7.95
C HIS A 13 -11.92 -7.24 8.60
N LEU A 14 -10.86 -7.51 7.85
CA LEU A 14 -9.49 -7.29 8.28
C LEU A 14 -9.26 -5.86 8.76
N ARG A 15 -9.85 -4.92 8.07
CA ARG A 15 -9.70 -3.52 8.39
C ARG A 15 -10.49 -3.12 9.63
N SER A 16 -11.70 -3.63 9.76
CA SER A 16 -12.54 -3.31 10.90
C SER A 16 -12.14 -4.09 12.14
N ARG A 17 -11.24 -5.05 11.96
CA ARG A 17 -10.79 -5.90 13.07
C ARG A 17 -9.27 -5.84 13.31
N LEU A 18 -8.56 -4.88 12.71
CA LEU A 18 -7.11 -4.83 12.88
C LEU A 18 -6.73 -4.12 14.18
N ALA A 19 -5.69 -4.62 14.84
CA ALA A 19 -5.22 -4.00 16.06
C ALA A 19 -3.69 -4.07 16.13
N PHE A 20 -3.10 -3.28 17.00
CA PHE A 20 -1.64 -3.27 17.16
C PHE A 20 -1.28 -2.86 18.57
N GLU A 21 -0.23 -3.45 19.12
CA GLU A 21 0.19 -3.14 20.46
C GLU A 21 1.41 -2.24 20.46
N TYR A 22 1.30 -1.16 21.21
CA TYR A 22 2.36 -0.19 21.36
C TYR A 22 2.58 0.12 22.84
N ASN A 23 3.80 -0.09 23.31
CA ASN A 23 4.16 0.19 24.70
C ASN A 23 3.25 -0.57 25.68
N GLY A 24 2.77 -1.73 25.27
CA GLY A 24 1.90 -2.52 26.10
C GLY A 24 0.44 -2.10 25.99
N GLN A 25 0.19 -1.07 25.20
CA GLN A 25 -1.16 -0.57 25.01
C GLN A 25 -1.73 -1.07 23.68
N LEU A 26 -2.98 -1.52 23.69
CA LEU A 26 -3.63 -2.01 22.49
C LEU A 26 -4.30 -0.87 21.73
N ILE A 27 -3.95 -0.76 20.46
CA ILE A 27 -4.50 0.28 19.60
C ILE A 27 -5.12 -0.34 18.35
N LYS A 28 -6.41 -0.12 18.14
CA LYS A 28 -7.12 -0.66 16.99
C LYS A 28 -6.84 0.15 15.72
N ILE A 29 -6.75 -0.56 14.59
CA ILE A 29 -6.48 0.07 13.31
C ILE A 29 -7.50 -0.32 12.24
N LEU A 30 -8.16 0.71 11.70
CA LEU A 30 -9.15 0.56 10.63
C LEU A 30 -8.62 1.07 9.29
N SER A 31 -9.47 1.00 8.26
CA SER A 31 -9.16 1.48 6.91
C SER A 31 -8.78 2.97 6.89
N LYS A 32 -9.08 3.67 7.98
CA LYS A 32 -8.75 5.09 8.11
C LYS A 32 -7.25 5.28 7.96
N ASN A 33 -6.53 4.24 8.31
CA ASN A 33 -5.08 4.24 8.24
C ASN A 33 -4.54 3.27 7.21
N ILE A 34 -5.22 2.16 7.01
CA ILE A 34 -4.75 1.15 6.07
C ILE A 34 -5.60 1.13 4.81
N VAL A 35 -4.95 1.30 3.67
CA VAL A 35 -5.62 1.30 2.38
C VAL A 35 -5.24 0.05 1.61
N ALA A 36 -6.24 -0.73 1.22
CA ALA A 36 -6.03 -1.96 0.47
C ALA A 36 -5.73 -1.66 -0.98
N VAL A 37 -4.75 -2.36 -1.51
CA VAL A 37 -4.33 -2.20 -2.88
C VAL A 37 -3.95 -3.54 -3.50
N GLY A 38 -4.01 -3.57 -4.82
CA GLY A 38 -3.67 -4.76 -5.54
C GLY A 38 -4.52 -4.92 -6.78
N SER A 39 -4.61 -6.15 -7.26
CA SER A 39 -5.44 -6.47 -8.39
C SER A 39 -6.90 -6.14 -8.03
N LEU A 40 -7.19 -6.04 -6.71
CA LEU A 40 -8.50 -5.66 -6.21
C LEU A 40 -8.91 -4.31 -6.79
N ARG A 41 -7.94 -3.39 -6.82
CA ARG A 41 -8.17 -2.06 -7.37
C ARG A 41 -8.16 -2.16 -8.88
N ARG A 42 -7.36 -3.10 -9.41
CA ARG A 42 -7.29 -3.30 -10.85
C ARG A 42 -8.56 -3.99 -11.37
N GLU A 43 -9.38 -4.48 -10.44
CA GLU A 43 -10.66 -5.12 -10.77
C GLU A 43 -10.44 -6.48 -11.47
N GLU A 44 -9.64 -7.29 -10.81
CA GLU A 44 -9.29 -8.64 -11.26
C GLU A 44 -10.40 -9.65 -10.96
N LYS A 45 -10.33 -10.81 -11.62
CA LYS A 45 -11.31 -11.86 -11.42
C LYS A 45 -10.86 -12.85 -10.33
N MET A 46 -9.57 -13.16 -10.32
CA MET A 46 -9.00 -14.09 -9.36
C MET A 46 -7.72 -13.55 -8.76
N LEU A 47 -7.55 -13.73 -7.46
CA LEU A 47 -6.36 -13.22 -6.77
C LEU A 47 -5.82 -14.24 -5.76
N ASN A 48 -4.61 -13.98 -5.25
CA ASN A 48 -3.98 -14.88 -4.28
C ASN A 48 -3.52 -14.12 -3.03
N ASP A 49 -3.21 -12.83 -3.17
CA ASP A 49 -2.74 -12.05 -2.03
C ASP A 49 -3.36 -10.66 -2.00
N VAL A 50 -3.72 -10.20 -0.81
CA VAL A 50 -4.27 -8.87 -0.66
C VAL A 50 -3.21 -7.96 -0.13
N ASP A 51 -3.01 -6.85 -0.79
CA ASP A 51 -1.98 -5.94 -0.41
C ASP A 51 -2.57 -4.67 0.17
N LEU A 52 -1.87 -4.02 1.08
CA LEU A 52 -2.37 -2.80 1.68
C LEU A 52 -1.25 -1.97 2.30
N LEU A 53 -1.33 -0.66 2.14
CA LEU A 53 -0.35 0.24 2.73
C LEU A 53 -0.95 0.96 3.92
N ILE A 54 -0.17 1.09 4.98
CA ILE A 54 -0.61 1.77 6.19
C ILE A 54 -0.09 3.19 6.19
N ILE A 55 -0.98 4.16 6.05
CA ILE A 55 -0.60 5.56 6.05
C ILE A 55 -0.74 6.15 7.44
N VAL A 56 0.37 6.58 7.98
CA VAL A 56 0.38 7.18 9.30
C VAL A 56 0.93 8.60 9.26
N PRO A 57 0.20 9.57 9.86
CA PRO A 57 0.60 10.98 9.90
C PRO A 57 1.85 11.21 10.75
N GLU A 58 2.24 10.19 11.51
CA GLU A 58 3.42 10.31 12.35
C GLU A 58 4.39 9.21 12.05
N LYS A 59 5.64 9.59 11.94
CA LYS A 59 6.72 8.67 11.69
C LYS A 59 6.89 7.79 12.91
N LYS A 60 6.62 8.40 14.07
CA LYS A 60 6.72 7.70 15.33
C LYS A 60 5.60 6.67 15.42
N LEU A 61 4.35 7.12 15.36
CA LEU A 61 3.21 6.22 15.44
C LEU A 61 3.31 5.13 14.38
N LEU A 62 3.98 5.44 13.26
CA LEU A 62 4.16 4.48 12.19
C LEU A 62 5.04 3.34 12.66
N LYS A 63 6.15 3.68 13.28
CA LYS A 63 7.07 2.68 13.78
C LYS A 63 6.55 2.06 15.08
N HIS A 64 5.49 2.66 15.65
CA HIS A 64 4.91 2.15 16.90
C HIS A 64 4.07 0.90 16.66
N VAL A 65 3.70 0.67 15.40
CA VAL A 65 2.91 -0.50 15.04
C VAL A 65 3.79 -1.73 14.93
N LEU A 66 5.08 -1.48 14.64
CA LEU A 66 6.05 -2.55 14.49
C LEU A 66 6.12 -3.51 15.69
N PRO A 67 6.21 -2.99 16.96
CA PRO A 67 6.26 -3.83 18.16
C PRO A 67 5.23 -4.97 18.12
N ASN A 68 3.99 -4.65 17.81
CA ASN A 68 2.95 -5.68 17.72
C ASN A 68 1.81 -5.20 16.82
N ILE A 69 1.42 -6.04 15.87
CA ILE A 69 0.34 -5.73 14.94
C ILE A 69 -0.43 -7.02 14.62
N ARG A 70 -1.71 -7.09 14.98
CA ARG A 70 -2.45 -8.32 14.75
C ARG A 70 -3.98 -8.16 14.74
N ILE A 71 -4.61 -8.86 13.81
CA ILE A 71 -6.06 -8.95 13.76
C ILE A 71 -6.57 -9.68 15.00
N LYS A 72 -7.73 -9.27 15.48
CA LYS A 72 -8.30 -9.88 16.67
C LYS A 72 -9.02 -11.19 16.37
N GLY A 73 -8.52 -12.27 16.96
CA GLY A 73 -9.14 -13.57 16.79
C GLY A 73 -8.85 -14.24 15.46
N LEU A 74 -7.70 -13.98 14.88
CA LEU A 74 -7.34 -14.57 13.59
C LEU A 74 -5.94 -15.18 13.66
N SER A 75 -5.63 -16.10 12.74
CA SER A 75 -4.32 -16.72 12.71
C SER A 75 -3.45 -15.96 11.72
N PHE A 76 -2.18 -15.76 12.04
CA PHE A 76 -1.31 -15.00 11.15
C PHE A 76 0.17 -15.32 11.39
N SER A 77 1.02 -14.73 10.54
CA SER A 77 2.47 -14.91 10.63
C SER A 77 3.13 -13.58 10.26
N VAL A 78 4.21 -13.22 10.95
CA VAL A 78 4.87 -11.94 10.71
C VAL A 78 6.22 -12.10 10.01
N LYS A 79 6.32 -11.58 8.79
CA LYS A 79 7.56 -11.61 8.02
C LYS A 79 7.94 -10.19 7.59
N VAL A 80 9.21 -9.98 7.32
CA VAL A 80 9.69 -8.66 6.90
C VAL A 80 10.17 -8.73 5.45
N CYS A 81 10.13 -7.61 4.75
CA CYS A 81 10.56 -7.57 3.36
C CYS A 81 11.30 -6.28 3.05
N GLY A 82 12.57 -6.40 2.72
CA GLY A 82 13.35 -5.24 2.40
C GLY A 82 13.59 -4.38 3.62
N GLU A 83 13.48 -3.08 3.44
CA GLU A 83 13.68 -2.14 4.53
C GLU A 83 12.36 -1.67 5.13
N ARG A 84 11.42 -1.28 4.27
CA ARG A 84 10.14 -0.76 4.74
C ARG A 84 8.95 -1.65 4.37
N LYS A 85 9.20 -2.73 3.65
CA LYS A 85 8.11 -3.62 3.25
C LYS A 85 7.93 -4.74 4.28
N CYS A 86 6.72 -5.22 4.43
CA CYS A 86 6.44 -6.30 5.37
C CYS A 86 5.53 -7.32 4.72
N VAL A 87 5.66 -8.58 5.15
CA VAL A 87 4.83 -9.65 4.61
C VAL A 87 4.19 -10.41 5.76
N LEU A 88 2.89 -10.55 5.70
CA LEU A 88 2.18 -11.27 6.73
C LEU A 88 1.31 -12.34 6.10
N PHE A 89 1.03 -13.38 6.85
CA PHE A 89 0.19 -14.45 6.37
C PHE A 89 -1.03 -14.51 7.27
N ILE A 90 -2.18 -14.84 6.70
CA ILE A 90 -3.40 -14.89 7.49
C ILE A 90 -4.12 -16.19 7.23
N GLU A 91 -4.62 -16.81 8.29
CA GLU A 91 -5.32 -18.07 8.15
C GLU A 91 -6.53 -18.17 9.08
N TRP A 92 -7.59 -18.76 8.56
CA TRP A 92 -8.82 -18.96 9.33
C TRP A 92 -9.75 -19.93 8.62
N GLU A 93 -10.49 -20.72 9.40
CA GLU A 93 -11.43 -21.70 8.85
C GLU A 93 -10.72 -22.71 7.98
N LYS A 94 -9.55 -23.14 8.45
CA LYS A 94 -8.72 -24.12 7.74
C LYS A 94 -8.22 -23.56 6.41
N LYS A 95 -8.32 -22.26 6.25
CA LYS A 95 -7.88 -21.61 5.04
C LYS A 95 -6.68 -20.71 5.34
N THR A 96 -5.92 -20.40 4.30
CA THR A 96 -4.73 -19.58 4.43
C THR A 96 -4.60 -18.59 3.26
N TYR A 97 -4.22 -17.36 3.56
CA TYR A 97 -4.07 -16.32 2.55
C TYR A 97 -2.82 -15.50 2.83
N GLN A 98 -2.37 -14.74 1.84
CA GLN A 98 -1.17 -13.93 1.97
C GLN A 98 -1.53 -12.44 2.07
N LEU A 99 -0.92 -11.77 3.04
CA LEU A 99 -1.17 -10.36 3.30
C LEU A 99 0.10 -9.53 3.16
N ASP A 100 0.15 -8.66 2.16
CA ASP A 100 1.31 -7.79 1.97
C ASP A 100 1.00 -6.42 2.55
N LEU A 101 1.87 -5.90 3.42
CA LEU A 101 1.62 -4.60 4.01
C LEU A 101 2.88 -3.74 4.00
N PHE A 102 2.68 -2.48 3.63
CA PHE A 102 3.79 -1.52 3.58
C PHE A 102 3.49 -0.34 4.49
N THR A 103 4.51 0.18 5.14
CA THR A 103 4.34 1.33 6.03
C THR A 103 4.69 2.61 5.30
N ALA A 104 3.74 3.54 5.26
CA ALA A 104 3.95 4.81 4.57
C ALA A 104 3.47 5.98 5.43
N LEU A 105 4.03 7.15 5.18
CA LEU A 105 3.67 8.35 5.93
C LEU A 105 2.53 9.09 5.25
N ALA A 106 1.91 10.01 5.99
CA ALA A 106 0.81 10.81 5.46
C ALA A 106 1.22 11.58 4.21
N GLU A 107 2.51 11.81 4.07
CA GLU A 107 3.05 12.53 2.92
C GLU A 107 3.18 11.59 1.72
N GLU A 108 3.43 10.32 2.01
CA GLU A 108 3.61 9.30 0.97
C GLU A 108 2.26 8.70 0.56
N LYS A 109 1.19 9.45 0.78
CA LYS A 109 -0.17 8.98 0.47
C LYS A 109 -0.35 8.74 -1.04
N PRO A 110 -0.21 9.78 -1.89
CA PRO A 110 -0.41 9.64 -3.34
C PRO A 110 0.61 8.72 -4.00
N TYR A 111 1.86 8.84 -3.58
CA TYR A 111 2.95 8.05 -4.15
C TYR A 111 2.72 6.56 -3.98
N ALA A 112 2.49 6.15 -2.75
CA ALA A 112 2.27 4.74 -2.45
C ALA A 112 1.10 4.19 -3.24
N ILE A 113 0.03 4.96 -3.32
CA ILE A 113 -1.16 4.56 -4.05
C ILE A 113 -0.86 4.44 -5.54
N PHE A 114 -0.14 5.42 -6.09
CA PHE A 114 0.21 5.41 -7.51
C PHE A 114 0.95 4.12 -7.87
N HIS A 115 1.88 3.75 -7.00
CA HIS A 115 2.67 2.55 -7.21
C HIS A 115 1.78 1.31 -7.23
N PHE A 116 1.04 1.10 -6.16
CA PHE A 116 0.13 -0.05 -6.03
C PHE A 116 -1.17 0.09 -6.83
N THR A 117 -1.33 1.18 -7.56
CA THR A 117 -2.55 1.43 -8.32
C THR A 117 -2.98 0.23 -9.17
N GLY A 118 -2.21 -0.11 -10.20
CA GLY A 118 -2.56 -1.24 -11.03
C GLY A 118 -1.39 -2.12 -11.42
N PRO A 119 -0.98 -2.04 -12.71
CA PRO A 119 0.13 -2.82 -13.23
C PRO A 119 1.49 -2.14 -13.05
N VAL A 120 2.43 -2.90 -12.50
CA VAL A 120 3.81 -2.45 -12.30
C VAL A 120 4.43 -1.95 -13.61
N SER A 121 4.03 -2.59 -14.71
CA SER A 121 4.52 -2.24 -16.04
C SER A 121 4.37 -0.74 -16.29
N TYR A 122 3.20 -0.20 -15.95
CA TYR A 122 2.91 1.21 -16.12
C TYR A 122 3.94 2.07 -15.38
N LEU A 123 4.29 1.63 -14.18
CA LEU A 123 5.25 2.34 -13.35
C LEU A 123 6.62 2.35 -14.01
N ILE A 124 7.07 1.17 -14.42
CA ILE A 124 8.37 1.01 -15.07
C ILE A 124 8.48 1.93 -16.30
N ARG A 125 7.43 1.96 -17.11
CA ARG A 125 7.42 2.79 -18.31
C ARG A 125 7.50 4.27 -17.94
N ILE A 126 6.68 4.68 -16.98
CA ILE A 126 6.64 6.06 -16.51
C ILE A 126 7.98 6.44 -15.86
N ARG A 127 8.57 5.49 -15.16
CA ARG A 127 9.85 5.69 -14.50
C ARG A 127 10.92 6.08 -15.50
N ALA A 128 10.98 5.33 -16.60
CA ALA A 128 11.94 5.59 -17.66
C ALA A 128 11.67 6.94 -18.31
N ALA A 129 10.40 7.25 -18.50
CA ALA A 129 10.00 8.51 -19.12
C ALA A 129 10.48 9.69 -18.28
N LEU A 130 10.24 9.61 -16.97
CA LEU A 130 10.66 10.65 -16.07
C LEU A 130 12.19 10.77 -16.11
N LYS A 131 12.87 9.64 -16.18
CA LYS A 131 14.31 9.61 -16.26
C LYS A 131 14.78 10.41 -17.48
N LYS A 132 14.01 10.32 -18.56
CA LYS A 132 14.33 11.05 -19.78
C LYS A 132 14.12 12.54 -19.59
N LYS A 133 13.16 12.92 -18.74
CA LYS A 133 12.90 14.34 -18.49
C LYS A 133 13.63 14.84 -17.25
N ASN A 134 14.51 13.99 -16.71
CA ASN A 134 15.36 14.33 -15.55
C ASN A 134 14.54 14.38 -14.26
N TYR A 135 13.67 13.41 -14.12
CA TYR A 135 12.84 13.30 -12.94
C TYR A 135 12.91 11.86 -12.45
N LYS A 136 13.04 11.67 -11.16
CA LYS A 136 13.11 10.33 -10.62
C LYS A 136 12.10 10.16 -9.50
N LEU A 137 11.20 9.22 -9.68
CA LEU A 137 10.17 8.95 -8.69
C LEU A 137 10.71 7.96 -7.67
N ASN A 138 10.40 8.21 -6.41
CA ASN A 138 10.83 7.34 -5.33
C ASN A 138 9.75 7.32 -4.26
N GLN A 139 9.77 6.28 -3.44
CA GLN A 139 8.76 6.11 -2.38
C GLN A 139 8.95 7.11 -1.22
N TYR A 140 9.76 8.14 -1.45
CA TYR A 140 9.99 9.17 -0.44
C TYR A 140 9.77 10.56 -1.05
N GLY A 141 9.74 10.63 -2.38
CA GLY A 141 9.54 11.90 -3.03
C GLY A 141 9.98 11.86 -4.48
N LEU A 142 10.09 13.02 -5.10
CA LEU A 142 10.50 13.11 -6.50
C LEU A 142 11.85 13.78 -6.59
N PHE A 143 12.77 13.18 -7.33
CA PHE A 143 14.10 13.73 -7.48
C PHE A 143 14.24 14.44 -8.82
N LYS A 144 14.33 15.76 -8.75
CA LYS A 144 14.48 16.58 -9.95
C LYS A 144 15.90 17.10 -10.02
N ASN A 145 16.64 16.67 -11.05
CA ASN A 145 18.03 17.09 -11.23
C ASN A 145 18.84 16.85 -9.96
N GLN A 146 18.69 15.64 -9.41
CA GLN A 146 19.39 15.21 -8.20
C GLN A 146 18.86 15.88 -6.93
N THR A 147 17.90 16.78 -7.08
CA THR A 147 17.32 17.48 -5.95
C THR A 147 16.00 16.85 -5.53
N LEU A 148 15.91 16.46 -4.26
CA LEU A 148 14.69 15.85 -3.75
C LEU A 148 13.60 16.90 -3.58
N VAL A 149 12.47 16.64 -4.21
CA VAL A 149 11.32 17.52 -4.15
C VAL A 149 10.14 16.77 -3.53
N PRO A 150 9.56 17.35 -2.47
CA PRO A 150 8.41 16.75 -1.78
C PRO A 150 7.12 16.88 -2.57
N LEU A 151 6.08 16.22 -2.08
CA LEU A 151 4.79 16.22 -2.75
C LEU A 151 3.83 17.29 -2.22
N LYS A 152 3.19 18.00 -3.14
CA LYS A 152 2.20 19.02 -2.81
C LYS A 152 0.82 18.58 -3.27
N ILE A 153 0.54 17.30 -3.14
CA ILE A 153 -0.74 16.75 -3.57
C ILE A 153 -1.25 15.71 -2.58
N THR A 154 -2.54 15.42 -2.66
CA THR A 154 -3.15 14.43 -1.77
C THR A 154 -4.13 13.53 -2.54
N THR A 155 -4.06 13.58 -3.87
CA THR A 155 -4.93 12.78 -4.72
C THR A 155 -4.13 12.22 -5.88
N GLU A 156 -4.49 11.01 -6.32
CA GLU A 156 -3.80 10.35 -7.42
C GLU A 156 -3.88 11.20 -8.69
N LYS A 157 -5.07 11.76 -8.93
CA LYS A 157 -5.28 12.63 -10.09
C LYS A 157 -4.33 13.81 -10.00
N GLU A 158 -4.29 14.44 -8.83
CA GLU A 158 -3.43 15.57 -8.61
C GLU A 158 -1.98 15.19 -8.84
N LEU A 159 -1.63 14.01 -8.35
CA LEU A 159 -0.28 13.48 -8.49
C LEU A 159 0.09 13.30 -9.97
N ILE A 160 -0.75 12.57 -10.71
CA ILE A 160 -0.47 12.32 -12.12
C ILE A 160 -0.40 13.62 -12.93
N LYS A 161 -1.30 14.56 -12.64
CA LYS A 161 -1.28 15.82 -13.38
C LYS A 161 -0.10 16.68 -12.91
N GLU A 162 0.32 16.48 -11.67
CA GLU A 162 1.48 17.20 -11.12
C GLU A 162 2.77 16.62 -11.71
N LEU A 163 2.81 15.30 -11.87
CA LEU A 163 3.98 14.63 -12.43
C LEU A 163 4.12 14.94 -13.92
N GLY A 164 2.98 15.21 -14.55
CA GLY A 164 2.99 15.55 -15.96
C GLY A 164 2.52 14.39 -16.84
N PHE A 165 1.59 13.60 -16.34
CA PHE A 165 1.08 12.47 -17.10
C PHE A 165 -0.44 12.48 -17.16
N THR A 166 -0.99 11.62 -17.99
CA THR A 166 -2.43 11.52 -18.16
C THR A 166 -2.99 10.39 -17.29
N TYR A 167 -4.23 10.52 -16.85
CA TYR A 167 -4.84 9.49 -16.03
C TYR A 167 -5.38 8.38 -16.91
N ARG A 168 -4.89 7.17 -16.68
CA ARG A 168 -5.31 6.02 -17.45
C ARG A 168 -5.78 4.92 -16.53
N ILE A 169 -6.83 4.21 -16.92
CA ILE A 169 -7.34 3.12 -16.11
C ILE A 169 -6.39 1.92 -16.19
N PRO A 170 -6.05 1.33 -15.04
CA PRO A 170 -5.14 0.18 -14.98
C PRO A 170 -5.70 -1.06 -15.67
N LYS A 171 -7.03 -1.13 -15.73
CA LYS A 171 -7.73 -2.25 -16.33
C LYS A 171 -7.33 -2.48 -17.79
N LYS A 172 -7.10 -1.40 -18.52
CA LYS A 172 -6.73 -1.52 -19.92
C LYS A 172 -5.26 -1.13 -20.14
N ARG A 173 -4.55 -0.97 -19.03
CA ARG A 173 -3.14 -0.61 -19.09
C ARG A 173 -2.25 -1.86 -19.19
N LEU A 174 -1.20 -1.90 -18.36
CA LEU A 174 -0.25 -3.01 -18.34
C LEU A 174 0.66 -3.00 -19.56
PG DGT B . -0.64 -9.50 -8.15
O1G DGT B . 0.49 -10.02 -8.97
O2G DGT B . -2.00 -10.02 -8.39
O3G DGT B . -0.35 -9.80 -6.60
O3B DGT B . -0.59 -7.89 -8.11
PB DGT B . -1.55 -7.26 -6.97
O1B DGT B . -1.81 -5.84 -7.30
O2B DGT B . -2.71 -8.15 -6.73
O3A DGT B . -0.50 -7.39 -5.76
PA DGT B . 0.20 -6.23 -4.90
O1A DGT B . 1.14 -6.89 -3.97
O2A DGT B . -0.89 -5.41 -4.34
O5' DGT B . 1.11 -5.22 -5.77
C5' DGT B . 0.61 -4.45 -6.85
C4' DGT B . 1.79 -3.58 -7.30
O4' DGT B . 2.53 -3.41 -6.08
C3' DGT B . 2.75 -4.20 -8.30
O3' DGT B . 2.82 -3.42 -9.50
C2' DGT B . 4.10 -4.16 -7.60
C1' DGT B . 3.89 -3.18 -6.46
N9 DGT B . 4.79 -3.48 -5.33
C8 DGT B . 5.84 -2.72 -5.02
N7 DGT B . 6.68 -3.50 -4.34
C5 DGT B . 6.13 -4.70 -4.19
C6 DGT B . 6.60 -5.82 -3.64
O6 DGT B . 7.68 -5.82 -3.04
N1 DGT B . 5.83 -6.98 -3.69
C2 DGT B . 4.58 -6.93 -4.32
N2 DGT B . 3.87 -8.05 -4.41
N3 DGT B . 4.16 -5.76 -4.83
C4 DGT B . 4.94 -4.67 -4.78
H5' DGT B . -0.20 -3.81 -6.51
H5'A DGT B . 0.26 -5.10 -7.65
H4' DGT B . 1.46 -2.61 -7.67
H3' DGT B . 2.47 -5.24 -8.51
HO3' DGT B . 1.90 -3.21 -9.82
H2' DGT B . 4.89 -3.78 -8.26
H2'A DGT B . 4.37 -5.14 -7.22
H1' DGT B . 4.00 -2.16 -6.81
H8 DGT B . 5.85 -1.63 -5.02
HN2 DGT B . 2.99 -8.05 -4.87
HN2A DGT B . 4.23 -8.89 -4.01
H16 DGT B . 6.15 -7.82 -3.27
MG MG C . 1.12 -8.73 -2.42
MG MG D . -0.92 -9.83 -5.45
N MET A 1 -7.46 -20.52 -5.42
CA MET A 1 -7.02 -19.35 -4.63
C MET A 1 -8.23 -18.52 -4.21
N LEU A 2 -7.98 -17.32 -3.71
CA LEU A 2 -9.05 -16.44 -3.29
C LEU A 2 -9.56 -15.64 -4.47
N THR A 3 -10.81 -15.24 -4.42
CA THR A 3 -11.42 -14.48 -5.50
C THR A 3 -11.42 -13.00 -5.17
N LEU A 4 -11.81 -12.17 -6.14
CA LEU A 4 -11.89 -10.73 -5.95
C LEU A 4 -12.78 -10.39 -4.76
N ILE A 5 -13.91 -11.07 -4.68
CA ILE A 5 -14.86 -10.86 -3.58
C ILE A 5 -14.21 -11.26 -2.26
N GLN A 6 -13.48 -12.37 -2.27
CA GLN A 6 -12.82 -12.86 -1.08
C GLN A 6 -11.88 -11.80 -0.52
N GLY A 7 -11.01 -11.27 -1.38
CA GLY A 7 -10.10 -10.22 -0.96
C GLY A 7 -10.83 -9.04 -0.32
N LYS A 8 -11.93 -8.65 -0.95
CA LYS A 8 -12.73 -7.54 -0.45
C LYS A 8 -13.36 -7.87 0.89
N LYS A 9 -13.89 -9.08 1.01
CA LYS A 9 -14.53 -9.52 2.25
C LYS A 9 -13.53 -9.61 3.38
N ILE A 10 -12.40 -10.25 3.12
CA ILE A 10 -11.38 -10.42 4.12
C ILE A 10 -10.78 -9.08 4.52
N VAL A 11 -10.41 -8.25 3.53
CA VAL A 11 -9.84 -6.93 3.83
C VAL A 11 -10.82 -6.12 4.67
N ASN A 12 -12.08 -6.13 4.27
CA ASN A 12 -13.14 -5.44 4.98
C ASN A 12 -13.10 -5.80 6.46
N HIS A 13 -13.08 -7.09 6.74
CA HIS A 13 -13.04 -7.59 8.11
C HIS A 13 -11.71 -7.24 8.75
N LEU A 14 -10.64 -7.46 8.00
CA LEU A 14 -9.28 -7.20 8.45
C LEU A 14 -9.11 -5.78 8.94
N ARG A 15 -9.60 -4.81 8.17
CA ARG A 15 -9.46 -3.42 8.55
C ARG A 15 -10.30 -3.09 9.78
N SER A 16 -11.49 -3.65 9.86
CA SER A 16 -12.35 -3.40 11.02
C SER A 16 -11.95 -4.23 12.24
N ARG A 17 -11.01 -5.16 12.06
CA ARG A 17 -10.58 -6.03 13.15
C ARG A 17 -9.09 -5.92 13.48
N LEU A 18 -8.37 -4.95 12.90
CA LEU A 18 -6.94 -4.87 13.14
C LEU A 18 -6.64 -4.05 14.39
N ALA A 19 -5.62 -4.46 15.15
CA ALA A 19 -5.22 -3.74 16.35
C ALA A 19 -3.77 -4.08 16.70
N PHE A 20 -2.98 -3.07 17.01
CA PHE A 20 -1.60 -3.32 17.37
C PHE A 20 -1.33 -2.77 18.76
N GLU A 21 -0.27 -3.24 19.39
CA GLU A 21 0.04 -2.77 20.72
C GLU A 21 1.33 -1.97 20.71
N TYR A 22 1.28 -0.86 21.42
CA TYR A 22 2.39 0.05 21.54
C TYR A 22 2.69 0.29 23.03
N ASN A 23 3.85 -0.17 23.47
CA ASN A 23 4.26 0.00 24.87
C ASN A 23 3.21 -0.56 25.82
N GLY A 24 2.49 -1.59 25.38
CA GLY A 24 1.47 -2.18 26.21
C GLY A 24 0.08 -1.59 25.98
N GLN A 25 -0.01 -0.46 25.28
CA GLN A 25 -1.28 0.16 25.01
C GLN A 25 -1.84 -0.35 23.69
N LEU A 26 -3.11 -0.75 23.70
CA LEU A 26 -3.75 -1.26 22.51
C LEU A 26 -4.18 -0.13 21.59
N ILE A 27 -3.81 -0.24 20.32
CA ILE A 27 -4.14 0.75 19.31
C ILE A 27 -4.79 0.06 18.11
N LYS A 28 -6.10 0.18 18.00
CA LYS A 28 -6.84 -0.44 16.91
C LYS A 28 -6.58 0.28 15.59
N ILE A 29 -6.52 -0.49 14.50
CA ILE A 29 -6.25 0.08 13.18
C ILE A 29 -7.30 -0.34 12.15
N LEU A 30 -7.92 0.69 11.55
CA LEU A 30 -8.95 0.51 10.52
C LEU A 30 -8.48 0.92 9.13
N SER A 31 -9.38 0.83 8.16
CA SER A 31 -9.11 1.20 6.77
C SER A 31 -8.77 2.70 6.62
N LYS A 32 -9.01 3.49 7.67
CA LYS A 32 -8.71 4.91 7.64
C LYS A 32 -7.19 5.13 7.60
N ASN A 33 -6.46 4.16 8.11
CA ASN A 33 -5.02 4.20 8.12
C ASN A 33 -4.44 3.16 7.16
N ILE A 34 -5.25 2.17 6.82
CA ILE A 34 -4.82 1.11 5.92
C ILE A 34 -5.59 1.15 4.60
N VAL A 35 -4.87 1.23 3.49
CA VAL A 35 -5.50 1.25 2.18
C VAL A 35 -5.15 -0.02 1.41
N ALA A 36 -6.18 -0.75 1.00
CA ALA A 36 -6.00 -1.97 0.25
C ALA A 36 -5.74 -1.70 -1.21
N VAL A 37 -4.79 -2.42 -1.77
CA VAL A 37 -4.43 -2.27 -3.16
C VAL A 37 -3.99 -3.60 -3.76
N GLY A 38 -4.16 -3.68 -5.06
CA GLY A 38 -3.77 -4.86 -5.76
C GLY A 38 -4.63 -5.13 -6.96
N SER A 39 -4.69 -6.40 -7.31
CA SER A 39 -5.54 -6.85 -8.39
C SER A 39 -6.99 -6.63 -7.97
N LEU A 40 -7.20 -6.54 -6.65
CA LEU A 40 -8.51 -6.29 -6.08
C LEU A 40 -9.03 -4.94 -6.57
N ARG A 41 -8.13 -3.97 -6.66
CA ARG A 41 -8.50 -2.66 -7.16
C ARG A 41 -8.59 -2.68 -8.68
N ARG A 42 -7.73 -3.47 -9.30
CA ARG A 42 -7.68 -3.61 -10.77
C ARG A 42 -8.85 -4.45 -11.33
N GLU A 43 -9.62 -5.06 -10.42
CA GLU A 43 -10.80 -5.85 -10.79
C GLU A 43 -10.44 -7.20 -11.44
N GLU A 44 -9.64 -7.98 -10.73
CA GLU A 44 -9.20 -9.30 -11.16
C GLU A 44 -10.19 -10.37 -10.74
N LYS A 45 -10.18 -11.50 -11.43
CA LYS A 45 -11.08 -12.61 -11.13
C LYS A 45 -10.56 -13.46 -9.96
N MET A 46 -9.25 -13.74 -9.97
CA MET A 46 -8.66 -14.54 -8.92
C MET A 46 -7.40 -13.88 -8.39
N LEU A 47 -7.25 -13.89 -7.06
CA LEU A 47 -6.11 -13.30 -6.42
C LEU A 47 -5.37 -14.30 -5.54
N ASN A 48 -4.12 -13.97 -5.21
CA ASN A 48 -3.28 -14.84 -4.36
C ASN A 48 -2.94 -14.12 -3.06
N ASP A 49 -2.61 -12.85 -3.16
CA ASP A 49 -2.25 -12.06 -1.99
C ASP A 49 -2.89 -10.68 -2.09
N VAL A 50 -3.44 -10.21 -0.98
CA VAL A 50 -4.03 -8.89 -0.98
C VAL A 50 -3.04 -7.94 -0.38
N ASP A 51 -2.81 -6.83 -1.04
CA ASP A 51 -1.81 -5.91 -0.57
C ASP A 51 -2.45 -4.69 0.07
N LEU A 52 -1.87 -4.24 1.17
CA LEU A 52 -2.41 -3.12 1.92
C LEU A 52 -1.31 -2.23 2.48
N LEU A 53 -1.35 -0.96 2.16
CA LEU A 53 -0.37 -0.02 2.69
C LEU A 53 -0.96 0.76 3.85
N ILE A 54 -0.13 0.96 4.87
CA ILE A 54 -0.55 1.69 6.07
C ILE A 54 0.05 3.09 6.04
N ILE A 55 -0.80 4.08 5.88
CA ILE A 55 -0.37 5.46 5.82
C ILE A 55 -0.46 6.11 7.18
N VAL A 56 0.68 6.49 7.73
CA VAL A 56 0.73 7.11 9.04
C VAL A 56 1.33 8.52 8.95
N PRO A 57 0.67 9.52 9.55
CA PRO A 57 1.17 10.90 9.54
C PRO A 57 2.40 11.11 10.43
N GLU A 58 2.79 10.08 11.17
CA GLU A 58 3.93 10.18 12.05
C GLU A 58 4.84 8.96 11.92
N LYS A 59 6.14 9.20 11.89
CA LYS A 59 7.12 8.13 11.77
C LYS A 59 7.08 7.26 13.02
N LYS A 60 6.71 7.88 14.14
CA LYS A 60 6.64 7.18 15.41
C LYS A 60 5.47 6.21 15.42
N LEU A 61 4.25 6.73 15.28
CA LEU A 61 3.06 5.88 15.27
C LEU A 61 3.20 4.79 14.22
N LEU A 62 3.91 5.08 13.14
CA LEU A 62 4.15 4.11 12.10
C LEU A 62 5.00 2.97 12.64
N LYS A 63 6.05 3.34 13.34
CA LYS A 63 6.95 2.39 13.93
C LYS A 63 6.33 1.68 15.13
N HIS A 64 5.25 2.24 15.67
CA HIS A 64 4.57 1.66 16.84
C HIS A 64 3.81 0.39 16.49
N VAL A 65 3.61 0.15 15.22
CA VAL A 65 2.90 -1.04 14.77
C VAL A 65 3.83 -2.26 14.82
N LEU A 66 5.13 -2.01 14.78
CA LEU A 66 6.15 -3.05 14.80
C LEU A 66 6.26 -3.83 16.13
N PRO A 67 6.29 -3.17 17.33
CA PRO A 67 6.42 -3.88 18.62
C PRO A 67 5.39 -5.00 18.78
N ASN A 68 4.13 -4.69 18.51
CA ASN A 68 3.08 -5.69 18.59
C ASN A 68 1.96 -5.38 17.63
N ILE A 69 1.52 -6.38 16.90
CA ILE A 69 0.44 -6.26 15.95
C ILE A 69 -0.42 -7.52 16.02
N ARG A 70 -1.71 -7.34 16.20
CA ARG A 70 -2.60 -8.49 16.31
C ARG A 70 -3.90 -8.26 15.56
N ILE A 71 -4.70 -9.32 15.51
CA ILE A 71 -5.99 -9.27 14.83
C ILE A 71 -7.06 -9.88 15.74
N LYS A 72 -8.24 -9.31 15.72
CA LYS A 72 -9.33 -9.78 16.58
C LYS A 72 -9.86 -11.15 16.13
N GLY A 73 -9.53 -12.17 16.92
CA GLY A 73 -10.02 -13.52 16.65
C GLY A 73 -9.47 -14.14 15.38
N LEU A 74 -8.23 -13.84 15.02
CA LEU A 74 -7.65 -14.37 13.79
C LEU A 74 -6.24 -14.94 14.01
N SER A 75 -5.82 -15.88 13.15
CA SER A 75 -4.50 -16.47 13.22
C SER A 75 -3.58 -15.78 12.22
N PHE A 76 -2.34 -15.49 12.58
CA PHE A 76 -1.44 -14.81 11.67
C PHE A 76 0.04 -15.17 11.91
N SER A 77 0.88 -14.77 10.95
CA SER A 77 2.32 -14.99 11.02
C SER A 77 3.03 -13.71 10.58
N VAL A 78 4.13 -13.35 11.22
CA VAL A 78 4.83 -12.09 10.92
C VAL A 78 6.13 -12.33 10.15
N LYS A 79 6.19 -11.85 8.91
CA LYS A 79 7.38 -11.98 8.07
C LYS A 79 7.85 -10.60 7.58
N VAL A 80 9.10 -10.50 7.18
CA VAL A 80 9.66 -9.25 6.70
C VAL A 80 9.82 -9.30 5.16
N CYS A 81 9.69 -8.17 4.50
CA CYS A 81 9.79 -8.10 3.05
C CYS A 81 10.70 -6.96 2.59
N GLY A 82 11.62 -7.28 1.70
CA GLY A 82 12.52 -6.27 1.20
C GLY A 82 13.31 -5.59 2.29
N GLU A 83 13.36 -4.28 2.23
CA GLU A 83 14.07 -3.50 3.21
C GLU A 83 13.14 -2.93 4.28
N ARG A 84 12.04 -2.32 3.84
CA ARG A 84 11.08 -1.70 4.77
C ARG A 84 9.67 -2.28 4.61
N LYS A 85 9.52 -3.28 3.78
CA LYS A 85 8.22 -3.91 3.56
C LYS A 85 8.00 -5.08 4.52
N CYS A 86 6.75 -5.40 4.78
CA CYS A 86 6.44 -6.49 5.69
C CYS A 86 5.41 -7.43 5.06
N VAL A 87 5.42 -8.68 5.50
CA VAL A 87 4.49 -9.67 4.97
C VAL A 87 3.87 -10.44 6.11
N LEU A 88 2.58 -10.60 6.08
CA LEU A 88 1.90 -11.34 7.12
C LEU A 88 0.98 -12.38 6.50
N PHE A 89 0.79 -13.46 7.21
CA PHE A 89 -0.06 -14.53 6.75
C PHE A 89 -1.26 -14.57 7.66
N ILE A 90 -2.43 -14.79 7.12
CA ILE A 90 -3.63 -14.83 7.94
C ILE A 90 -4.37 -16.13 7.72
N GLU A 91 -4.83 -16.75 8.79
CA GLU A 91 -5.52 -18.02 8.70
C GLU A 91 -6.75 -18.09 9.59
N TRP A 92 -7.84 -18.58 9.03
CA TRP A 92 -9.09 -18.76 9.78
C TRP A 92 -10.09 -19.55 8.94
N GLU A 93 -10.96 -20.31 9.60
CA GLU A 93 -11.98 -21.09 8.92
C GLU A 93 -11.36 -22.16 8.04
N LYS A 94 -10.30 -22.77 8.56
CA LYS A 94 -9.58 -23.83 7.85
C LYS A 94 -8.97 -23.29 6.56
N LYS A 95 -8.76 -21.97 6.50
CA LYS A 95 -8.18 -21.36 5.32
C LYS A 95 -7.01 -20.47 5.69
N THR A 96 -6.17 -20.20 4.70
CA THR A 96 -4.97 -19.38 4.87
C THR A 96 -4.83 -18.40 3.70
N TYR A 97 -4.52 -17.16 4.01
CA TYR A 97 -4.34 -16.13 2.99
C TYR A 97 -3.06 -15.33 3.23
N GLN A 98 -2.61 -14.63 2.19
CA GLN A 98 -1.39 -13.83 2.27
C GLN A 98 -1.72 -12.35 2.31
N LEU A 99 -1.09 -11.64 3.24
CA LEU A 99 -1.30 -10.21 3.41
C LEU A 99 0.02 -9.46 3.27
N ASP A 100 0.11 -8.64 2.24
CA ASP A 100 1.31 -7.82 2.02
C ASP A 100 1.05 -6.46 2.63
N LEU A 101 1.88 -6.03 3.56
CA LEU A 101 1.65 -4.75 4.20
C LEU A 101 2.86 -3.86 4.04
N PHE A 102 2.61 -2.62 3.66
CA PHE A 102 3.67 -1.65 3.49
C PHE A 102 3.41 -0.46 4.39
N THR A 103 4.42 -0.02 5.09
CA THR A 103 4.27 1.12 5.96
C THR A 103 4.77 2.38 5.26
N ALA A 104 3.93 3.38 5.20
CA ALA A 104 4.27 4.62 4.53
C ALA A 104 3.78 5.83 5.32
N LEU A 105 4.28 7.00 4.99
CA LEU A 105 3.90 8.22 5.66
C LEU A 105 2.73 8.88 4.97
N ALA A 106 2.07 9.79 5.67
CA ALA A 106 0.92 10.52 5.14
C ALA A 106 1.28 11.25 3.84
N GLU A 107 2.54 11.60 3.71
CA GLU A 107 3.03 12.30 2.54
C GLU A 107 3.28 11.35 1.38
N GLU A 108 3.54 10.09 1.69
CA GLU A 108 3.82 9.09 0.67
C GLU A 108 2.52 8.49 0.13
N LYS A 109 1.42 8.81 0.81
CA LYS A 109 0.08 8.33 0.44
C LYS A 109 -0.19 8.37 -1.07
N PRO A 110 -0.13 9.55 -1.72
CA PRO A 110 -0.39 9.65 -3.18
C PRO A 110 0.55 8.78 -4.01
N TYR A 111 1.83 8.78 -3.64
CA TYR A 111 2.84 8.02 -4.35
C TYR A 111 2.60 6.52 -4.23
N ALA A 112 2.40 6.06 -3.01
CA ALA A 112 2.16 4.64 -2.76
C ALA A 112 0.96 4.14 -3.53
N ILE A 113 -0.14 4.90 -3.47
CA ILE A 113 -1.35 4.53 -4.17
C ILE A 113 -1.13 4.49 -5.68
N PHE A 114 -0.41 5.47 -6.20
CA PHE A 114 -0.13 5.55 -7.63
C PHE A 114 0.57 4.28 -8.10
N HIS A 115 1.56 3.85 -7.34
CA HIS A 115 2.31 2.66 -7.65
C HIS A 115 1.43 1.42 -7.63
N PHE A 116 0.76 1.20 -6.51
CA PHE A 116 -0.11 0.03 -6.36
C PHE A 116 -1.43 0.14 -7.09
N THR A 117 -1.66 1.25 -7.80
CA THR A 117 -2.91 1.41 -8.53
C THR A 117 -3.17 0.20 -9.46
N GLY A 118 -2.38 0.03 -10.52
CA GLY A 118 -2.61 -1.12 -11.38
C GLY A 118 -1.39 -1.92 -11.79
N PRO A 119 -1.05 -1.81 -13.09
CA PRO A 119 0.09 -2.50 -13.68
C PRO A 119 1.43 -1.77 -13.51
N VAL A 120 2.38 -2.50 -12.94
CA VAL A 120 3.75 -2.01 -12.72
C VAL A 120 4.39 -1.53 -14.02
N SER A 121 4.06 -2.18 -15.13
CA SER A 121 4.58 -1.84 -16.43
C SER A 121 4.41 -0.34 -16.72
N TYR A 122 3.24 0.19 -16.42
CA TYR A 122 2.95 1.61 -16.63
C TYR A 122 3.90 2.47 -15.80
N LEU A 123 4.22 2.02 -14.60
CA LEU A 123 5.11 2.74 -13.71
C LEU A 123 6.51 2.81 -14.31
N ILE A 124 7.01 1.66 -14.75
CA ILE A 124 8.32 1.57 -15.38
C ILE A 124 8.43 2.57 -16.53
N ARG A 125 7.36 2.66 -17.30
CA ARG A 125 7.29 3.59 -18.42
C ARG A 125 7.47 5.02 -17.93
N ILE A 126 6.75 5.36 -16.87
CA ILE A 126 6.80 6.69 -16.28
C ILE A 126 8.18 6.97 -15.68
N ARG A 127 8.80 5.93 -15.10
CA ARG A 127 10.12 6.06 -14.50
C ARG A 127 11.15 6.51 -15.54
N ALA A 128 11.15 5.84 -16.69
CA ALA A 128 12.09 6.17 -17.76
C ALA A 128 11.76 7.52 -18.36
N ALA A 129 10.47 7.84 -18.42
CA ALA A 129 10.03 9.12 -18.98
C ALA A 129 10.59 10.27 -18.15
N LEU A 130 10.42 10.17 -16.85
CA LEU A 130 10.93 11.18 -15.94
C LEU A 130 12.44 11.27 -16.07
N LYS A 131 13.08 10.12 -16.20
CA LYS A 131 14.52 10.06 -16.36
C LYS A 131 14.94 10.87 -17.58
N LYS A 132 14.13 10.81 -18.63
CA LYS A 132 14.40 11.55 -19.84
C LYS A 132 14.28 13.04 -19.60
N LYS A 133 13.37 13.43 -18.71
CA LYS A 133 13.19 14.85 -18.41
C LYS A 133 14.01 15.26 -17.19
N ASN A 134 14.87 14.35 -16.73
CA ASN A 134 15.78 14.61 -15.60
C ASN A 134 15.04 14.65 -14.28
N TYR A 135 14.14 13.69 -14.14
CA TYR A 135 13.33 13.54 -12.94
C TYR A 135 13.42 12.10 -12.45
N LYS A 136 13.41 11.92 -11.14
CA LYS A 136 13.44 10.60 -10.57
C LYS A 136 12.47 10.54 -9.39
N LEU A 137 11.39 9.80 -9.55
CA LEU A 137 10.40 9.69 -8.50
C LEU A 137 10.75 8.54 -7.57
N ASN A 138 10.30 8.66 -6.33
CA ASN A 138 10.56 7.65 -5.32
C ASN A 138 9.46 7.76 -4.27
N GLN A 139 9.31 6.74 -3.44
CA GLN A 139 8.27 6.73 -2.42
C GLN A 139 8.33 7.93 -1.47
N TYR A 140 9.52 8.51 -1.35
CA TYR A 140 9.72 9.63 -0.42
C TYR A 140 9.50 10.99 -1.08
N GLY A 141 9.53 11.03 -2.40
CA GLY A 141 9.32 12.29 -3.08
C GLY A 141 9.84 12.31 -4.50
N LEU A 142 10.04 13.50 -5.03
CA LEU A 142 10.52 13.66 -6.39
C LEU A 142 11.95 14.18 -6.38
N PHE A 143 12.77 13.66 -7.28
CA PHE A 143 14.15 14.10 -7.38
C PHE A 143 14.38 14.82 -8.70
N LYS A 144 14.37 16.13 -8.63
CA LYS A 144 14.60 16.96 -9.80
C LYS A 144 16.06 17.36 -9.84
N ASN A 145 16.82 16.77 -10.75
CA ASN A 145 18.25 17.05 -10.86
C ASN A 145 18.94 16.88 -9.51
N GLN A 146 18.78 15.69 -8.93
CA GLN A 146 19.38 15.35 -7.63
C GLN A 146 18.77 16.14 -6.46
N THR A 147 17.89 17.07 -6.76
CA THR A 147 17.26 17.89 -5.74
C THR A 147 15.91 17.30 -5.33
N LEU A 148 15.81 16.87 -4.07
CA LEU A 148 14.57 16.30 -3.57
C LEU A 148 13.49 17.35 -3.44
N VAL A 149 12.34 17.03 -3.99
CA VAL A 149 11.18 17.91 -3.99
C VAL A 149 9.98 17.18 -3.39
N PRO A 150 9.28 17.81 -2.43
CA PRO A 150 8.10 17.23 -1.79
C PRO A 150 6.89 17.17 -2.72
N LEU A 151 5.77 16.69 -2.19
CA LEU A 151 4.54 16.56 -2.96
C LEU A 151 3.46 17.52 -2.46
N LYS A 152 2.62 17.99 -3.37
CA LYS A 152 1.54 18.90 -3.02
C LYS A 152 0.21 18.35 -3.50
N ILE A 153 0.09 17.03 -3.49
CA ILE A 153 -1.12 16.38 -3.96
C ILE A 153 -1.61 15.35 -2.96
N THR A 154 -2.86 14.93 -3.15
CA THR A 154 -3.48 13.94 -2.29
C THR A 154 -4.22 12.89 -3.12
N THR A 155 -4.42 13.18 -4.40
CA THR A 155 -5.12 12.28 -5.30
C THR A 155 -4.24 11.85 -6.46
N GLU A 156 -4.48 10.64 -6.96
CA GLU A 156 -3.71 10.08 -8.08
C GLU A 156 -3.77 11.00 -9.29
N LYS A 157 -4.96 11.53 -9.59
CA LYS A 157 -5.12 12.45 -10.70
C LYS A 157 -4.21 13.65 -10.52
N GLU A 158 -4.25 14.21 -9.33
CA GLU A 158 -3.45 15.35 -9.00
C GLU A 158 -1.97 15.00 -9.11
N LEU A 159 -1.60 13.80 -8.67
CA LEU A 159 -0.22 13.34 -8.73
C LEU A 159 0.24 13.22 -10.18
N ILE A 160 -0.54 12.53 -11.01
CA ILE A 160 -0.17 12.38 -12.42
C ILE A 160 -0.10 13.74 -13.09
N LYS A 161 -1.03 14.62 -12.75
CA LYS A 161 -1.05 15.97 -13.30
C LYS A 161 0.17 16.75 -12.81
N GLU A 162 0.53 16.56 -11.54
CA GLU A 162 1.68 17.24 -10.95
C GLU A 162 2.98 16.70 -11.53
N LEU A 163 3.01 15.39 -11.82
CA LEU A 163 4.18 14.75 -12.39
C LEU A 163 4.36 15.14 -13.85
N GLY A 164 3.25 15.49 -14.49
CA GLY A 164 3.30 15.88 -15.88
C GLY A 164 2.96 14.72 -16.81
N PHE A 165 1.95 13.94 -16.42
CA PHE A 165 1.53 12.79 -17.21
C PHE A 165 0.01 12.73 -17.34
N THR A 166 -0.46 11.70 -18.01
CA THR A 166 -1.88 11.49 -18.23
C THR A 166 -2.40 10.35 -17.36
N TYR A 167 -3.66 10.42 -16.97
CA TYR A 167 -4.27 9.39 -16.15
C TYR A 167 -4.71 8.21 -17.01
N ARG A 168 -4.35 7.01 -16.58
CA ARG A 168 -4.70 5.80 -17.30
C ARG A 168 -5.45 4.86 -16.37
N ILE A 169 -6.20 3.93 -16.93
CA ILE A 169 -6.95 3.00 -16.11
C ILE A 169 -6.31 1.61 -16.19
N PRO A 170 -6.10 0.98 -15.02
CA PRO A 170 -5.48 -0.34 -14.93
C PRO A 170 -6.23 -1.40 -15.71
N LYS A 171 -7.54 -1.23 -15.82
CA LYS A 171 -8.40 -2.17 -16.52
C LYS A 171 -8.03 -2.29 -17.99
N LYS A 172 -7.51 -1.22 -18.56
CA LYS A 172 -7.12 -1.23 -19.97
C LYS A 172 -5.62 -1.37 -20.14
N ARG A 173 -4.91 -1.44 -19.01
CA ARG A 173 -3.44 -1.60 -18.98
C ARG A 173 -2.67 -0.48 -19.69
N LEU A 174 -1.55 -0.06 -19.05
CA LEU A 174 -0.67 0.99 -19.58
C LEU A 174 -1.42 2.07 -20.36
PG DGT B . -0.79 -9.78 -7.87
O1G DGT B . 0.08 -10.45 -8.87
O2G DGT B . -2.22 -10.15 -7.80
O3G DGT B . -0.18 -10.06 -6.41
O3B DGT B . -0.62 -8.18 -7.91
PB DGT B . -1.40 -7.48 -6.69
O1B DGT B . -1.69 -6.09 -7.11
O2B DGT B . -2.52 -8.31 -6.20
O3A DGT B . -0.21 -7.51 -5.61
PA DGT B . 0.62 -6.27 -5.02
O1A DGT B . 1.68 -6.90 -4.19
O2A DGT B . -0.32 -5.34 -4.36
O5' DGT B . 1.34 -5.41 -6.18
C5' DGT B . 0.61 -4.87 -7.28
C4' DGT B . 1.61 -3.88 -7.90
O4' DGT B . 2.43 -3.47 -6.80
C3' DGT B . 2.54 -4.47 -8.94
O3' DGT B . 2.41 -3.73 -10.16
C2' DGT B . 3.95 -4.33 -8.37
C1' DGT B . 3.75 -3.26 -7.30
N9 DGT B . 4.70 -3.49 -6.18
C8 DGT B . 5.73 -2.74 -5.80
N7 DGT B . 6.59 -3.55 -5.18
C5 DGT B . 6.08 -4.77 -5.16
C6 DGT B . 6.62 -5.93 -4.81
O6 DGT B . 7.75 -5.99 -4.35
N1 DGT B . 5.89 -7.12 -4.99
C2 DGT B . 4.60 -7.04 -5.51
N2 DGT B . 3.98 -8.14 -5.92
N3 DGT B . 4.11 -5.83 -5.84
C4 DGT B . 4.87 -4.73 -5.71
H5' DGT B . 0.44 -5.63 -8.05
H5'A DGT B . -0.26 -4.29 -7.02
H4' DGT B . 1.08 -3.03 -8.32
H3' DGT B . 2.33 -5.53 -9.10
HO3' DGT B . 2.59 -2.76 -9.98
H2' DGT B . 4.26 -5.23 -7.85
H2'A DGT B . 4.68 -3.92 -9.08
H1' DGT B . 3.87 -2.26 -7.71
H8 DGT B . 5.71 -1.65 -5.73
HN2 DGT B . 4.42 -9.03 -5.76
HN2A DGT B . 3.14 -8.08 -6.45
H16 DGT B . 6.30 -8.02 -4.80
MG MG C . 1.45 -8.56 -2.27
MG MG D . -0.56 -9.87 -5.19
N MET A 1 -5.35 -16.64 -6.37
CA MET A 1 -5.61 -17.34 -5.09
C MET A 1 -7.01 -17.01 -4.57
N LEU A 2 -7.27 -15.74 -4.33
CA LEU A 2 -8.56 -15.31 -3.83
C LEU A 2 -9.26 -14.38 -4.81
N THR A 3 -10.52 -14.67 -5.08
CA THR A 3 -11.34 -13.87 -5.99
C THR A 3 -11.71 -12.51 -5.40
N LEU A 4 -12.22 -11.63 -6.26
CA LEU A 4 -12.64 -10.28 -5.87
C LEU A 4 -13.58 -10.32 -4.66
N ILE A 5 -14.55 -11.23 -4.70
CA ILE A 5 -15.51 -11.37 -3.61
C ILE A 5 -14.84 -11.72 -2.29
N GLN A 6 -13.95 -12.71 -2.33
CA GLN A 6 -13.24 -13.14 -1.14
C GLN A 6 -12.36 -12.03 -0.64
N GLY A 7 -11.61 -11.43 -1.55
CA GLY A 7 -10.72 -10.33 -1.21
C GLY A 7 -11.44 -9.21 -0.49
N LYS A 8 -12.59 -8.79 -1.04
CA LYS A 8 -13.37 -7.71 -0.45
C LYS A 8 -13.89 -8.14 0.93
N LYS A 9 -14.28 -9.40 1.03
CA LYS A 9 -14.80 -9.94 2.28
C LYS A 9 -13.72 -9.96 3.36
N ILE A 10 -12.58 -10.52 3.01
CA ILE A 10 -11.49 -10.66 3.95
C ILE A 10 -10.90 -9.29 4.32
N VAL A 11 -10.69 -8.43 3.33
CA VAL A 11 -10.15 -7.10 3.61
C VAL A 11 -11.08 -6.35 4.55
N ASN A 12 -12.37 -6.44 4.29
CA ASN A 12 -13.38 -5.79 5.12
C ASN A 12 -13.20 -6.20 6.58
N HIS A 13 -13.13 -7.50 6.82
CA HIS A 13 -12.97 -8.01 8.18
C HIS A 13 -11.59 -7.63 8.73
N LEU A 14 -10.59 -7.75 7.88
CA LEU A 14 -9.22 -7.44 8.22
C LEU A 14 -9.08 -6.00 8.71
N ARG A 15 -9.65 -5.07 7.96
CA ARG A 15 -9.56 -3.65 8.31
C ARG A 15 -10.37 -3.29 9.55
N SER A 16 -11.46 -3.99 9.82
CA SER A 16 -12.28 -3.66 10.98
C SER A 16 -11.86 -4.46 12.22
N ARG A 17 -10.92 -5.38 12.07
CA ARG A 17 -10.48 -6.21 13.19
C ARG A 17 -9.00 -6.04 13.55
N LEU A 18 -8.31 -5.06 12.96
CA LEU A 18 -6.89 -4.91 13.25
C LEU A 18 -6.65 -4.11 14.52
N ALA A 19 -5.60 -4.49 15.24
CA ALA A 19 -5.20 -3.79 16.46
C ALA A 19 -3.75 -4.08 16.75
N PHE A 20 -2.97 -3.06 17.04
CA PHE A 20 -1.58 -3.27 17.35
C PHE A 20 -1.30 -2.80 18.76
N GLU A 21 -0.20 -3.21 19.34
CA GLU A 21 0.12 -2.81 20.68
C GLU A 21 1.41 -2.01 20.72
N TYR A 22 1.35 -0.93 21.48
CA TYR A 22 2.48 -0.03 21.66
C TYR A 22 2.69 0.24 23.14
N ASN A 23 3.86 -0.14 23.64
CA ASN A 23 4.22 0.05 25.06
C ASN A 23 3.20 -0.62 25.97
N GLY A 24 2.58 -1.69 25.49
CA GLY A 24 1.60 -2.40 26.28
C GLY A 24 0.19 -1.88 26.07
N GLN A 25 0.04 -0.77 25.35
CA GLN A 25 -1.28 -0.21 25.11
C GLN A 25 -1.81 -0.68 23.76
N LEU A 26 -3.07 -1.09 23.75
CA LEU A 26 -3.69 -1.57 22.52
C LEU A 26 -4.20 -0.40 21.68
N ILE A 27 -3.82 -0.41 20.43
CA ILE A 27 -4.22 0.62 19.48
C ILE A 27 -4.87 -0.03 18.24
N LYS A 28 -6.19 0.10 18.12
CA LYS A 28 -6.93 -0.50 17.01
C LYS A 28 -6.60 0.17 15.67
N ILE A 29 -6.47 -0.63 14.62
CA ILE A 29 -6.14 -0.13 13.28
C ILE A 29 -7.19 -0.52 12.22
N LEU A 30 -7.85 0.50 11.69
CA LEU A 30 -8.86 0.35 10.65
C LEU A 30 -8.38 0.87 9.31
N SER A 31 -9.26 0.76 8.31
CA SER A 31 -9.01 1.26 6.95
C SER A 31 -8.69 2.76 6.93
N LYS A 32 -8.97 3.44 8.03
CA LYS A 32 -8.71 4.87 8.15
C LYS A 32 -7.23 5.16 8.00
N ASN A 33 -6.42 4.19 8.36
CA ASN A 33 -4.97 4.32 8.28
C ASN A 33 -4.37 3.34 7.28
N ILE A 34 -5.20 2.45 6.75
CA ILE A 34 -4.72 1.44 5.82
C ILE A 34 -5.60 1.34 4.58
N VAL A 35 -4.97 1.34 3.41
CA VAL A 35 -5.68 1.26 2.15
C VAL A 35 -5.29 -0.02 1.42
N ALA A 36 -6.29 -0.83 1.10
CA ALA A 36 -6.06 -2.09 0.40
C ALA A 36 -5.64 -1.86 -1.05
N VAL A 37 -4.63 -2.60 -1.48
CA VAL A 37 -4.13 -2.49 -2.84
C VAL A 37 -3.88 -3.86 -3.45
N GLY A 38 -4.13 -3.92 -4.75
CA GLY A 38 -3.96 -5.14 -5.49
C GLY A 38 -4.87 -5.18 -6.69
N SER A 39 -5.11 -6.38 -7.19
CA SER A 39 -6.00 -6.58 -8.32
C SER A 39 -7.40 -6.06 -7.95
N LEU A 40 -7.73 -6.11 -6.65
CA LEU A 40 -9.01 -5.62 -6.16
C LEU A 40 -9.22 -4.17 -6.56
N ARG A 41 -8.18 -3.37 -6.39
CA ARG A 41 -8.25 -1.96 -6.74
C ARG A 41 -8.29 -1.81 -8.25
N ARG A 42 -7.56 -2.69 -8.95
CA ARG A 42 -7.55 -2.68 -10.40
C ARG A 42 -8.84 -3.28 -10.98
N GLU A 43 -9.68 -3.82 -10.10
CA GLU A 43 -10.98 -4.41 -10.48
C GLU A 43 -10.79 -5.71 -11.27
N GLU A 44 -9.88 -6.55 -10.77
CA GLU A 44 -9.57 -7.84 -11.38
C GLU A 44 -10.36 -8.97 -10.73
N LYS A 45 -10.58 -10.03 -11.51
CA LYS A 45 -11.32 -11.20 -11.08
C LYS A 45 -10.73 -11.89 -9.86
N MET A 46 -9.40 -12.03 -9.83
CA MET A 46 -8.75 -12.72 -8.71
C MET A 46 -7.29 -12.31 -8.53
N LEU A 47 -6.84 -12.27 -7.29
CA LEU A 47 -5.46 -11.94 -6.97
C LEU A 47 -4.87 -13.03 -6.06
N ASN A 48 -3.56 -13.02 -5.89
CA ASN A 48 -2.88 -14.01 -5.07
C ASN A 48 -2.72 -13.56 -3.62
N ASP A 49 -2.01 -12.45 -3.39
CA ASP A 49 -1.83 -11.96 -2.03
C ASP A 49 -2.49 -10.61 -1.89
N VAL A 50 -3.03 -10.35 -0.71
CA VAL A 50 -3.74 -9.08 -0.47
C VAL A 50 -2.76 -8.07 0.09
N ASP A 51 -2.63 -6.97 -0.59
CA ASP A 51 -1.68 -5.99 -0.18
C ASP A 51 -2.37 -4.81 0.48
N LEU A 52 -1.79 -4.32 1.55
CA LEU A 52 -2.36 -3.23 2.30
C LEU A 52 -1.34 -2.17 2.66
N LEU A 53 -1.52 -0.98 2.10
CA LEU A 53 -0.64 0.14 2.39
C LEU A 53 -1.11 0.85 3.65
N ILE A 54 -0.25 0.93 4.63
CA ILE A 54 -0.59 1.58 5.88
C ILE A 54 0.02 2.97 5.87
N ILE A 55 -0.83 3.98 5.72
CA ILE A 55 -0.40 5.37 5.68
C ILE A 55 -0.65 6.03 7.03
N VAL A 56 0.42 6.44 7.69
CA VAL A 56 0.30 7.06 8.99
C VAL A 56 0.83 8.49 8.95
N PRO A 57 0.09 9.45 9.55
CA PRO A 57 0.48 10.86 9.59
C PRO A 57 1.68 11.14 10.50
N GLU A 58 2.13 10.12 11.21
CA GLU A 58 3.25 10.26 12.12
C GLU A 58 4.23 9.11 11.95
N LYS A 59 5.51 9.45 11.90
CA LYS A 59 6.57 8.45 11.76
C LYS A 59 6.60 7.57 13.00
N LYS A 60 6.22 8.18 14.13
CA LYS A 60 6.22 7.48 15.39
C LYS A 60 5.13 6.42 15.39
N LEU A 61 3.88 6.84 15.24
CA LEU A 61 2.75 5.91 15.21
C LEU A 61 2.93 4.85 14.13
N LEU A 62 3.63 5.20 13.06
CA LEU A 62 3.88 4.26 11.97
C LEU A 62 4.78 3.14 12.45
N LYS A 63 5.83 3.51 13.17
CA LYS A 63 6.77 2.54 13.71
C LYS A 63 6.19 1.83 14.94
N HIS A 64 5.13 2.40 15.52
CA HIS A 64 4.50 1.83 16.71
C HIS A 64 3.78 0.52 16.41
N VAL A 65 3.43 0.31 15.15
CA VAL A 65 2.74 -0.90 14.73
C VAL A 65 3.68 -2.12 14.78
N LEU A 66 4.98 -1.85 14.65
CA LEU A 66 6.00 -2.90 14.63
C LEU A 66 6.15 -3.66 15.97
N PRO A 67 6.28 -2.97 17.15
CA PRO A 67 6.42 -3.64 18.45
C PRO A 67 5.45 -4.81 18.63
N ASN A 68 4.17 -4.56 18.41
CA ASN A 68 3.18 -5.62 18.53
C ASN A 68 1.99 -5.36 17.61
N ILE A 69 1.53 -6.42 16.97
CA ILE A 69 0.40 -6.36 16.05
C ILE A 69 -0.49 -7.58 16.28
N ARG A 70 -1.77 -7.35 16.47
CA ARG A 70 -2.71 -8.42 16.71
C ARG A 70 -3.96 -8.26 15.85
N ILE A 71 -4.72 -9.33 15.75
CA ILE A 71 -5.96 -9.31 14.99
C ILE A 71 -7.05 -9.89 15.88
N LYS A 72 -8.26 -9.41 15.73
CA LYS A 72 -9.36 -9.89 16.54
C LYS A 72 -9.93 -11.23 16.04
N GLY A 73 -9.63 -12.29 16.77
CA GLY A 73 -10.15 -13.61 16.44
C GLY A 73 -9.60 -14.21 15.16
N LEU A 74 -8.35 -13.93 14.82
CA LEU A 74 -7.77 -14.46 13.59
C LEU A 74 -6.37 -15.03 13.81
N SER A 75 -5.94 -15.92 12.91
CA SER A 75 -4.60 -16.51 13.01
C SER A 75 -3.66 -15.77 12.07
N PHE A 76 -2.47 -15.41 12.54
CA PHE A 76 -1.53 -14.68 11.70
C PHE A 76 -0.08 -15.01 12.04
N SER A 77 0.81 -14.71 11.09
CA SER A 77 2.25 -14.93 11.25
C SER A 77 2.99 -13.68 10.78
N VAL A 78 4.12 -13.34 11.41
CA VAL A 78 4.84 -12.11 11.06
C VAL A 78 6.14 -12.37 10.29
N LYS A 79 6.25 -11.80 9.09
CA LYS A 79 7.43 -11.92 8.25
C LYS A 79 7.95 -10.53 7.84
N VAL A 80 9.24 -10.42 7.55
CA VAL A 80 9.83 -9.15 7.13
C VAL A 80 10.03 -9.16 5.61
N CYS A 81 9.99 -7.98 4.99
CA CYS A 81 10.15 -7.88 3.54
C CYS A 81 11.03 -6.69 3.16
N GLY A 82 12.23 -6.98 2.70
CA GLY A 82 13.12 -5.92 2.29
C GLY A 82 13.58 -5.05 3.43
N GLU A 83 13.75 -3.78 3.13
CA GLU A 83 14.22 -2.80 4.08
C GLU A 83 13.11 -2.27 4.97
N ARG A 84 12.00 -1.84 4.38
CA ARG A 84 10.90 -1.26 5.15
C ARG A 84 9.56 -1.97 4.91
N LYS A 85 9.55 -2.99 4.08
CA LYS A 85 8.32 -3.70 3.77
C LYS A 85 8.12 -4.88 4.73
N CYS A 86 6.87 -5.26 4.94
CA CYS A 86 6.57 -6.36 5.84
C CYS A 86 5.57 -7.32 5.21
N VAL A 87 5.58 -8.57 5.67
CA VAL A 87 4.69 -9.59 5.15
C VAL A 87 4.06 -10.35 6.31
N LEU A 88 2.78 -10.59 6.22
CA LEU A 88 2.09 -11.32 7.26
C LEU A 88 1.24 -12.41 6.63
N PHE A 89 0.96 -13.44 7.39
CA PHE A 89 0.15 -14.53 6.90
C PHE A 89 -1.10 -14.59 7.74
N ILE A 90 -2.24 -14.83 7.12
CA ILE A 90 -3.49 -14.90 7.86
C ILE A 90 -4.19 -16.21 7.58
N GLU A 91 -4.70 -16.84 8.63
CA GLU A 91 -5.37 -18.11 8.49
C GLU A 91 -6.71 -18.10 9.22
N TRP A 92 -7.72 -18.62 8.54
CA TRP A 92 -9.07 -18.69 9.08
C TRP A 92 -9.92 -19.63 8.24
N GLU A 93 -10.90 -20.29 8.86
CA GLU A 93 -11.79 -21.22 8.16
C GLU A 93 -10.99 -22.39 7.61
N LYS A 94 -9.98 -22.80 8.37
CA LYS A 94 -9.09 -23.90 8.00
C LYS A 94 -8.37 -23.57 6.69
N LYS A 95 -8.20 -22.28 6.43
CA LYS A 95 -7.54 -21.81 5.24
C LYS A 95 -6.42 -20.84 5.59
N THR A 96 -5.49 -20.67 4.66
CA THR A 96 -4.33 -19.81 4.86
C THR A 96 -4.15 -18.84 3.68
N TYR A 97 -3.80 -17.59 3.98
CA TYR A 97 -3.57 -16.56 2.96
C TYR A 97 -2.42 -15.66 3.39
N GLN A 98 -1.92 -14.86 2.46
CA GLN A 98 -0.82 -13.97 2.77
C GLN A 98 -1.24 -12.51 2.61
N LEU A 99 -0.82 -11.71 3.57
CA LEU A 99 -1.12 -10.29 3.63
C LEU A 99 0.16 -9.48 3.54
N ASP A 100 0.27 -8.67 2.51
CA ASP A 100 1.43 -7.82 2.33
C ASP A 100 1.14 -6.47 2.93
N LEU A 101 1.98 -6.02 3.83
CA LEU A 101 1.76 -4.74 4.47
C LEU A 101 2.96 -3.83 4.29
N PHE A 102 2.69 -2.60 3.94
CA PHE A 102 3.74 -1.62 3.76
C PHE A 102 3.44 -0.42 4.61
N THR A 103 4.45 0.07 5.31
CA THR A 103 4.28 1.22 6.17
C THR A 103 4.79 2.48 5.46
N ALA A 104 3.92 3.46 5.34
CA ALA A 104 4.27 4.70 4.68
C ALA A 104 3.76 5.90 5.45
N LEU A 105 4.23 7.09 5.08
CA LEU A 105 3.82 8.31 5.75
C LEU A 105 2.64 8.91 5.02
N ALA A 106 1.91 9.78 5.71
CA ALA A 106 0.74 10.43 5.12
C ALA A 106 1.11 11.21 3.86
N GLU A 107 2.37 11.59 3.76
CA GLU A 107 2.86 12.31 2.59
C GLU A 107 3.11 11.35 1.45
N GLU A 108 3.32 10.08 1.78
CA GLU A 108 3.59 9.05 0.80
C GLU A 108 2.30 8.34 0.40
N LYS A 109 1.19 9.03 0.57
CA LYS A 109 -0.11 8.47 0.25
C LYS A 109 -0.32 8.35 -1.26
N PRO A 110 -0.20 9.45 -2.04
CA PRO A 110 -0.42 9.40 -3.49
C PRO A 110 0.60 8.54 -4.23
N TYR A 111 1.87 8.70 -3.89
CA TYR A 111 2.95 7.94 -4.53
C TYR A 111 2.77 6.44 -4.34
N ALA A 112 2.60 6.02 -3.09
CA ALA A 112 2.42 4.61 -2.78
C ALA A 112 1.23 4.04 -3.54
N ILE A 113 0.10 4.73 -3.48
CA ILE A 113 -1.11 4.29 -4.16
C ILE A 113 -0.88 4.21 -5.67
N PHE A 114 -0.22 5.22 -6.22
CA PHE A 114 0.06 5.28 -7.66
C PHE A 114 0.80 4.03 -8.13
N HIS A 115 1.77 3.59 -7.35
CA HIS A 115 2.54 2.40 -7.66
C HIS A 115 1.66 1.15 -7.62
N PHE A 116 0.99 0.94 -6.51
CA PHE A 116 0.12 -0.22 -6.36
C PHE A 116 -1.21 -0.09 -7.10
N THR A 117 -1.45 1.02 -7.78
CA THR A 117 -2.72 1.22 -8.47
C THR A 117 -3.08 0.03 -9.38
N GLY A 118 -2.39 -0.11 -10.51
CA GLY A 118 -2.69 -1.23 -11.39
C GLY A 118 -1.48 -1.97 -11.90
N PRO A 119 -1.15 -1.71 -13.17
CA PRO A 119 -0.04 -2.34 -13.87
C PRO A 119 1.31 -1.69 -13.61
N VAL A 120 2.21 -2.46 -12.98
CA VAL A 120 3.56 -1.99 -12.67
C VAL A 120 4.28 -1.56 -13.95
N SER A 121 4.01 -2.25 -15.04
CA SER A 121 4.61 -1.96 -16.32
C SER A 121 4.49 -0.49 -16.71
N TYR A 122 3.31 0.11 -16.45
CA TYR A 122 3.10 1.51 -16.75
C TYR A 122 4.07 2.37 -15.96
N LEU A 123 4.35 1.96 -14.72
CA LEU A 123 5.28 2.68 -13.87
C LEU A 123 6.67 2.64 -14.47
N ILE A 124 7.06 1.47 -14.96
CA ILE A 124 8.35 1.28 -15.60
C ILE A 124 8.54 2.28 -16.74
N ARG A 125 7.51 2.39 -17.57
CA ARG A 125 7.54 3.30 -18.71
C ARG A 125 7.59 4.75 -18.24
N ILE A 126 6.84 5.05 -17.19
CA ILE A 126 6.80 6.39 -16.62
C ILE A 126 8.14 6.75 -15.99
N ARG A 127 8.77 5.77 -15.35
CA ARG A 127 10.05 5.97 -14.72
C ARG A 127 11.10 6.34 -15.77
N ALA A 128 11.03 5.65 -16.90
CA ALA A 128 11.93 5.92 -18.01
C ALA A 128 11.69 7.32 -18.55
N ALA A 129 10.43 7.64 -18.78
CA ALA A 129 10.05 8.95 -19.30
C ALA A 129 10.59 10.08 -18.42
N LEU A 130 10.35 9.95 -17.12
CA LEU A 130 10.82 10.93 -16.18
C LEU A 130 12.34 11.00 -16.19
N LYS A 131 12.98 9.83 -16.27
CA LYS A 131 14.44 9.75 -16.30
C LYS A 131 14.98 10.61 -17.44
N LYS A 132 14.33 10.50 -18.60
CA LYS A 132 14.72 11.27 -19.78
C LYS A 132 14.58 12.77 -19.51
N LYS A 133 13.55 13.16 -18.77
CA LYS A 133 13.33 14.59 -18.48
C LYS A 133 14.05 15.01 -17.19
N ASN A 134 14.85 14.10 -16.65
CA ASN A 134 15.66 14.36 -15.45
C ASN A 134 14.79 14.41 -14.19
N TYR A 135 13.82 13.51 -14.15
CA TYR A 135 12.91 13.37 -13.04
C TYR A 135 12.99 11.94 -12.55
N LYS A 136 13.04 11.76 -11.24
CA LYS A 136 13.10 10.43 -10.70
C LYS A 136 12.07 10.28 -9.59
N LEU A 137 11.11 9.41 -9.81
CA LEU A 137 10.06 9.15 -8.83
C LEU A 137 10.55 8.11 -7.85
N ASN A 138 10.29 8.32 -6.58
CA ASN A 138 10.73 7.40 -5.54
C ASN A 138 9.71 7.36 -4.43
N GLN A 139 9.75 6.29 -3.63
CA GLN A 139 8.81 6.12 -2.52
C GLN A 139 9.17 7.04 -1.35
N TYR A 140 9.93 8.08 -1.63
CA TYR A 140 10.30 9.06 -0.63
C TYR A 140 9.97 10.46 -1.13
N GLY A 141 9.84 10.58 -2.45
CA GLY A 141 9.52 11.85 -3.05
C GLY A 141 9.93 11.89 -4.51
N LEU A 142 10.07 13.10 -5.06
CA LEU A 142 10.48 13.25 -6.44
C LEU A 142 11.88 13.82 -6.51
N PHE A 143 12.76 13.16 -7.24
CA PHE A 143 14.12 13.64 -7.38
C PHE A 143 14.30 14.35 -8.71
N LYS A 144 14.39 15.66 -8.67
CA LYS A 144 14.58 16.45 -9.86
C LYS A 144 16.04 16.85 -9.97
N ASN A 145 16.76 16.22 -10.90
CA ASN A 145 18.18 16.49 -11.12
C ASN A 145 18.95 16.52 -9.79
N GLN A 146 18.84 15.41 -9.04
CA GLN A 146 19.51 15.24 -7.74
C GLN A 146 18.82 16.02 -6.62
N THR A 147 17.93 16.94 -6.96
CA THR A 147 17.22 17.75 -5.98
C THR A 147 15.92 17.07 -5.54
N LEU A 148 15.83 16.73 -4.26
CA LEU A 148 14.62 16.09 -3.74
C LEU A 148 13.49 17.11 -3.59
N VAL A 149 12.36 16.77 -4.17
CA VAL A 149 11.17 17.60 -4.14
C VAL A 149 10.01 16.83 -3.55
N PRO A 150 9.35 17.40 -2.53
CA PRO A 150 8.20 16.78 -1.88
C PRO A 150 6.93 16.87 -2.73
N LEU A 151 5.88 16.20 -2.29
CA LEU A 151 4.63 16.17 -3.04
C LEU A 151 3.62 17.23 -2.57
N LYS A 152 3.01 17.90 -3.53
CA LYS A 152 2.00 18.90 -3.26
C LYS A 152 0.61 18.36 -3.60
N ILE A 153 0.45 17.05 -3.50
CA ILE A 153 -0.81 16.40 -3.83
C ILE A 153 -1.14 15.27 -2.87
N THR A 154 -2.35 14.74 -3.02
CA THR A 154 -2.81 13.63 -2.20
C THR A 154 -3.65 12.64 -3.01
N THR A 155 -4.05 13.05 -4.22
CA THR A 155 -4.88 12.20 -5.07
C THR A 155 -4.07 11.62 -6.22
N GLU A 156 -4.49 10.44 -6.70
CA GLU A 156 -3.82 9.79 -7.83
C GLU A 156 -3.89 10.69 -9.05
N LYS A 157 -5.08 11.25 -9.28
CA LYS A 157 -5.28 12.16 -10.40
C LYS A 157 -4.35 13.34 -10.27
N GLU A 158 -4.36 13.94 -9.09
CA GLU A 158 -3.53 15.07 -8.80
C GLU A 158 -2.07 14.72 -9.03
N LEU A 159 -1.68 13.51 -8.63
CA LEU A 159 -0.31 13.06 -8.80
C LEU A 159 0.04 12.93 -10.27
N ILE A 160 -0.79 12.26 -11.06
CA ILE A 160 -0.50 12.09 -12.47
C ILE A 160 -0.42 13.45 -13.19
N LYS A 161 -1.35 14.35 -12.89
CA LYS A 161 -1.33 15.66 -13.53
C LYS A 161 -0.17 16.50 -12.99
N GLU A 162 0.21 16.26 -11.73
CA GLU A 162 1.33 16.99 -11.14
C GLU A 162 2.65 16.47 -11.73
N LEU A 163 2.70 15.16 -11.97
CA LEU A 163 3.90 14.53 -12.54
C LEU A 163 4.09 14.94 -13.99
N GLY A 164 2.99 15.27 -14.65
CA GLY A 164 3.07 15.69 -16.03
C GLY A 164 2.62 14.61 -17.00
N PHE A 165 1.68 13.78 -16.58
CA PHE A 165 1.18 12.71 -17.42
C PHE A 165 -0.34 12.71 -17.45
N THR A 166 -0.90 11.99 -18.41
CA THR A 166 -2.35 11.90 -18.56
C THR A 166 -2.88 10.69 -17.78
N TYR A 167 -4.12 10.79 -17.32
CA TYR A 167 -4.72 9.71 -16.57
C TYR A 167 -5.09 8.54 -17.47
N ARG A 168 -4.81 7.34 -16.98
CA ARG A 168 -5.11 6.11 -17.71
C ARG A 168 -5.88 5.17 -16.80
N ILE A 169 -6.51 4.16 -17.38
CA ILE A 169 -7.27 3.20 -16.58
C ILE A 169 -6.46 1.90 -16.47
N PRO A 170 -6.18 1.46 -15.24
CA PRO A 170 -5.40 0.24 -14.99
C PRO A 170 -6.06 -1.01 -15.56
N LYS A 171 -7.37 -0.93 -15.78
CA LYS A 171 -8.14 -2.05 -16.31
C LYS A 171 -7.66 -2.50 -17.67
N LYS A 172 -7.29 -1.55 -18.51
CA LYS A 172 -6.83 -1.86 -19.85
C LYS A 172 -5.31 -1.87 -19.94
N ARG A 173 -4.65 -1.79 -18.78
CA ARG A 173 -3.18 -1.79 -18.69
C ARG A 173 -2.53 -0.60 -19.44
N LEU A 174 -1.60 0.07 -18.77
CA LEU A 174 -0.91 1.23 -19.33
C LEU A 174 -1.90 2.24 -19.91
PG DGT B . -0.99 -10.40 -6.45
O1G DGT B . 0.22 -11.23 -6.65
O2G DGT B . -2.32 -10.94 -6.83
O3G DGT B . -1.07 -10.05 -4.88
O3B DGT B . -0.76 -8.95 -7.08
PB DGT B . -1.43 -7.84 -6.14
O1B DGT B . -1.56 -6.58 -6.89
O2B DGT B . -2.60 -8.40 -5.42
O3A DGT B . -0.16 -7.72 -5.15
PA DGT B . 0.64 -6.38 -4.80
O1A DGT B . 1.80 -6.85 -3.98
O2A DGT B . -0.35 -5.53 -4.11
O5' DGT B . 1.23 -5.52 -6.03
C5' DGT B . 0.47 -5.08 -7.16
C4' DGT B . 1.40 -4.03 -7.78
O4' DGT B . 2.15 -3.53 -6.67
C3' DGT B . 2.39 -4.49 -8.82
O3' DGT B . 2.10 -3.77 -10.04
C2' DGT B . 3.76 -4.14 -8.26
C1' DGT B . 3.46 -3.16 -7.13
N9 DGT B . 4.44 -3.38 -6.04
C8 DGT B . 5.45 -2.61 -5.65
N7 DGT B . 6.30 -3.39 -4.97
C5 DGT B . 5.85 -4.63 -4.99
C6 DGT B . 6.45 -5.78 -4.69
O6 DGT B . 7.51 -5.79 -4.08
N1 DGT B . 5.82 -6.98 -5.03
C2 DGT B . 4.55 -6.95 -5.59
N2 DGT B . 3.92 -8.08 -5.89
N3 DGT B . 4.00 -5.75 -5.85
C4 DGT B . 4.66 -4.62 -5.60
H5' DGT B . 0.39 -5.86 -7.92
H5'A DGT B . -0.47 -4.56 -6.92
H4' DGT B . 0.84 -3.18 -8.16
H3' DGT B . 2.37 -5.57 -8.99
HO3' DGT B . 1.22 -3.30 -9.93
H2' DGT B . 4.20 -5.01 -7.77
H2'A DGT B . 4.39 -3.63 -8.98
H1' DGT B . 3.48 -2.14 -7.51
H8 DGT B . 5.43 -1.52 -5.57
HN2 DGT B . 4.41 -8.95 -5.82
HN2A DGT B . 3.02 -8.06 -6.32
H16 DGT B . 6.31 -7.86 -4.95
MG MG C . 1.63 -8.52 -2.02
MG MG D . -1.31 -9.16 -3.95
N MET A 1 -7.27 -20.54 -5.45
CA MET A 1 -6.82 -19.26 -4.85
C MET A 1 -8.01 -18.45 -4.35
N LEU A 2 -7.78 -17.18 -4.07
CA LEU A 2 -8.84 -16.31 -3.59
C LEU A 2 -9.36 -15.46 -4.73
N THR A 3 -10.59 -15.00 -4.61
CA THR A 3 -11.21 -14.19 -5.65
C THR A 3 -11.37 -12.75 -5.19
N LEU A 4 -11.80 -11.89 -6.12
CA LEU A 4 -12.01 -10.47 -5.84
C LEU A 4 -12.97 -10.27 -4.67
N ILE A 5 -14.06 -11.00 -4.68
CA ILE A 5 -15.06 -10.91 -3.62
C ILE A 5 -14.44 -11.28 -2.27
N GLN A 6 -13.68 -12.38 -2.27
CA GLN A 6 -13.01 -12.83 -1.06
C GLN A 6 -12.15 -11.71 -0.49
N GLY A 7 -11.32 -11.13 -1.35
CA GLY A 7 -10.45 -10.03 -0.96
C GLY A 7 -11.24 -8.91 -0.32
N LYS A 8 -12.38 -8.57 -0.90
CA LYS A 8 -13.22 -7.50 -0.39
C LYS A 8 -13.75 -7.86 1.00
N LYS A 9 -14.20 -9.10 1.14
CA LYS A 9 -14.74 -9.56 2.41
C LYS A 9 -13.68 -9.59 3.50
N ILE A 10 -12.54 -10.18 3.17
CA ILE A 10 -11.46 -10.31 4.14
C ILE A 10 -10.86 -8.95 4.50
N VAL A 11 -10.67 -8.08 3.51
CA VAL A 11 -10.12 -6.75 3.79
C VAL A 11 -11.04 -5.98 4.72
N ASN A 12 -12.35 -6.05 4.44
CA ASN A 12 -13.35 -5.37 5.25
C ASN A 12 -13.27 -5.85 6.71
N HIS A 13 -13.16 -7.16 6.89
CA HIS A 13 -13.07 -7.72 8.24
C HIS A 13 -11.71 -7.39 8.86
N LEU A 14 -10.67 -7.57 8.06
CA LEU A 14 -9.31 -7.30 8.48
C LEU A 14 -9.16 -5.88 8.98
N ARG A 15 -9.65 -4.93 8.20
CA ARG A 15 -9.54 -3.51 8.54
C ARG A 15 -10.34 -3.18 9.81
N SER A 16 -11.53 -3.73 9.94
CA SER A 16 -12.36 -3.48 11.12
C SER A 16 -11.89 -4.27 12.33
N ARG A 17 -10.93 -5.16 12.14
CA ARG A 17 -10.42 -5.98 13.23
C ARG A 17 -8.93 -5.79 13.51
N LEU A 18 -8.29 -4.80 12.88
CA LEU A 18 -6.86 -4.62 13.07
C LEU A 18 -6.56 -3.88 14.37
N ALA A 19 -5.52 -4.32 15.05
CA ALA A 19 -5.08 -3.68 16.29
C ALA A 19 -3.62 -4.00 16.50
N PHE A 20 -2.82 -3.00 16.81
CA PHE A 20 -1.41 -3.23 17.06
C PHE A 20 -1.06 -2.79 18.46
N GLU A 21 0.05 -3.28 18.97
CA GLU A 21 0.46 -2.93 20.31
C GLU A 21 1.69 -2.07 20.28
N TYR A 22 1.61 -0.96 21.00
CA TYR A 22 2.69 0.00 21.12
C TYR A 22 2.98 0.22 22.59
N ASN A 23 4.18 -0.19 23.03
CA ASN A 23 4.60 -0.03 24.41
C ASN A 23 3.62 -0.71 25.37
N GLY A 24 3.01 -1.79 24.91
CA GLY A 24 2.05 -2.50 25.72
C GLY A 24 0.65 -1.93 25.64
N GLN A 25 0.49 -0.84 24.90
CA GLN A 25 -0.81 -0.21 24.73
C GLN A 25 -1.43 -0.66 23.41
N LEU A 26 -2.68 -1.09 23.46
CA LEU A 26 -3.36 -1.54 22.26
C LEU A 26 -3.91 -0.38 21.45
N ILE A 27 -3.61 -0.38 20.16
CA ILE A 27 -4.06 0.67 19.26
C ILE A 27 -4.78 0.04 18.06
N LYS A 28 -6.09 0.22 17.99
CA LYS A 28 -6.91 -0.33 16.92
C LYS A 28 -6.65 0.40 15.60
N ILE A 29 -6.64 -0.35 14.50
CA ILE A 29 -6.39 0.24 13.17
C ILE A 29 -7.42 -0.19 12.14
N LEU A 30 -8.02 0.84 11.52
CA LEU A 30 -9.02 0.67 10.48
C LEU A 30 -8.46 1.13 9.11
N SER A 31 -9.26 0.97 8.06
CA SER A 31 -8.90 1.41 6.71
C SER A 31 -8.63 2.90 6.64
N LYS A 32 -8.99 3.64 7.69
CA LYS A 32 -8.77 5.08 7.70
C LYS A 32 -7.28 5.38 7.53
N ASN A 33 -6.47 4.44 7.98
CA ASN A 33 -5.03 4.54 7.90
C ASN A 33 -4.44 3.43 7.03
N ILE A 34 -5.30 2.51 6.61
CA ILE A 34 -4.87 1.37 5.81
C ILE A 34 -5.66 1.28 4.50
N VAL A 35 -4.95 1.30 3.38
CA VAL A 35 -5.58 1.22 2.07
C VAL A 35 -5.17 -0.07 1.36
N ALA A 36 -6.16 -0.89 1.03
CA ALA A 36 -5.93 -2.15 0.35
C ALA A 36 -5.62 -1.91 -1.12
N VAL A 37 -4.59 -2.59 -1.61
CA VAL A 37 -4.16 -2.48 -2.98
C VAL A 37 -3.79 -3.83 -3.57
N GLY A 38 -3.99 -3.92 -4.86
CA GLY A 38 -3.67 -5.12 -5.57
C GLY A 38 -4.61 -5.31 -6.72
N SER A 39 -4.83 -6.57 -7.05
CA SER A 39 -5.76 -6.94 -8.09
C SER A 39 -7.18 -6.53 -7.67
N LEU A 40 -7.40 -6.46 -6.35
CA LEU A 40 -8.68 -6.04 -5.80
C LEU A 40 -9.00 -4.63 -6.27
N ARG A 41 -7.98 -3.78 -6.34
CA ARG A 41 -8.16 -2.41 -6.82
C ARG A 41 -8.22 -2.39 -8.34
N ARG A 42 -7.46 -3.27 -9.00
CA ARG A 42 -7.46 -3.31 -10.46
C ARG A 42 -8.75 -3.94 -11.00
N GLU A 43 -9.55 -4.49 -10.10
CA GLU A 43 -10.83 -5.09 -10.45
C GLU A 43 -10.60 -6.41 -11.22
N GLU A 44 -9.75 -7.25 -10.62
CA GLU A 44 -9.39 -8.56 -11.18
C GLU A 44 -10.36 -9.63 -10.71
N LYS A 45 -10.44 -10.70 -11.48
CA LYS A 45 -11.33 -11.82 -11.18
C LYS A 45 -10.74 -12.71 -10.08
N MET A 46 -9.41 -12.84 -10.05
CA MET A 46 -8.75 -13.68 -9.07
C MET A 46 -7.62 -12.91 -8.37
N LEU A 47 -7.08 -13.49 -7.30
CA LEU A 47 -6.00 -12.86 -6.56
C LEU A 47 -5.09 -13.90 -5.91
N ASN A 48 -3.90 -13.45 -5.50
CA ASN A 48 -2.92 -14.32 -4.86
C ASN A 48 -2.64 -13.85 -3.43
N ASP A 49 -2.33 -12.58 -3.26
CA ASP A 49 -2.06 -12.03 -1.93
C ASP A 49 -2.66 -10.65 -1.84
N VAL A 50 -3.25 -10.29 -0.70
CA VAL A 50 -3.87 -8.98 -0.59
C VAL A 50 -2.87 -8.02 0.00
N ASP A 51 -2.63 -6.96 -0.72
CA ASP A 51 -1.64 -6.00 -0.32
C ASP A 51 -2.29 -4.79 0.31
N LEU A 52 -1.71 -4.30 1.39
CA LEU A 52 -2.28 -3.19 2.14
C LEU A 52 -1.24 -2.14 2.51
N LEU A 53 -1.41 -0.94 1.98
CA LEU A 53 -0.52 0.17 2.29
C LEU A 53 -1.05 0.91 3.52
N ILE A 54 -0.18 1.10 4.49
CA ILE A 54 -0.55 1.79 5.72
C ILE A 54 0.03 3.20 5.73
N ILE A 55 -0.83 4.19 5.60
CA ILE A 55 -0.41 5.58 5.61
C ILE A 55 -0.53 6.14 7.01
N VAL A 56 0.61 6.49 7.59
CA VAL A 56 0.61 7.02 8.94
C VAL A 56 1.11 8.46 8.96
N PRO A 57 0.36 9.35 9.63
CA PRO A 57 0.71 10.78 9.75
C PRO A 57 1.95 11.04 10.60
N GLU A 58 2.52 9.99 11.17
CA GLU A 58 3.71 10.13 11.99
C GLU A 58 4.69 9.02 11.72
N LYS A 59 5.95 9.39 11.71
CA LYS A 59 7.04 8.45 11.50
C LYS A 59 7.09 7.50 12.69
N LYS A 60 6.76 8.06 13.84
CA LYS A 60 6.75 7.31 15.08
C LYS A 60 5.60 6.31 15.08
N LEU A 61 4.36 6.81 14.99
CA LEU A 61 3.19 5.94 15.00
C LEU A 61 3.30 4.85 13.92
N LEU A 62 4.02 5.17 12.84
CA LEU A 62 4.22 4.22 11.76
C LEU A 62 5.09 3.08 12.25
N LYS A 63 6.17 3.44 12.93
CA LYS A 63 7.09 2.48 13.48
C LYS A 63 6.51 1.78 14.71
N HIS A 64 5.40 2.31 15.24
CA HIS A 64 4.76 1.75 16.43
C HIS A 64 3.94 0.50 16.12
N VAL A 65 3.64 0.28 14.84
CA VAL A 65 2.88 -0.90 14.44
C VAL A 65 3.77 -2.14 14.44
N LEU A 66 5.07 -1.91 14.27
CA LEU A 66 6.06 -2.98 14.21
C LEU A 66 6.19 -3.80 15.52
N PRO A 67 6.37 -3.13 16.72
CA PRO A 67 6.50 -3.83 18.01
C PRO A 67 5.54 -5.01 18.18
N ASN A 68 4.25 -4.77 17.94
CA ASN A 68 3.28 -5.83 18.03
C ASN A 68 2.06 -5.53 17.18
N ILE A 69 1.52 -6.56 16.57
CA ILE A 69 0.35 -6.45 15.72
C ILE A 69 -0.58 -7.63 16.01
N ARG A 70 -1.86 -7.35 16.20
CA ARG A 70 -2.83 -8.38 16.52
C ARG A 70 -4.11 -8.20 15.71
N ILE A 71 -4.91 -9.24 15.68
CA ILE A 71 -6.19 -9.23 15.01
C ILE A 71 -7.22 -9.86 15.93
N LYS A 72 -8.42 -9.32 15.95
CA LYS A 72 -9.48 -9.83 16.81
C LYS A 72 -10.03 -11.17 16.31
N GLY A 73 -9.73 -12.24 17.05
CA GLY A 73 -10.24 -13.56 16.73
C GLY A 73 -9.72 -14.16 15.43
N LEU A 74 -8.49 -13.86 15.07
CA LEU A 74 -7.93 -14.38 13.83
C LEU A 74 -6.54 -15.00 14.01
N SER A 75 -6.15 -15.88 13.09
CA SER A 75 -4.83 -16.49 13.16
C SER A 75 -3.93 -15.80 12.14
N PHE A 76 -2.71 -15.43 12.55
CA PHE A 76 -1.80 -14.74 11.64
C PHE A 76 -0.35 -15.10 11.91
N SER A 77 0.54 -14.63 11.03
CA SER A 77 1.97 -14.85 11.15
C SER A 77 2.69 -13.57 10.79
N VAL A 78 3.79 -13.25 11.47
CA VAL A 78 4.51 -12.00 11.23
C VAL A 78 5.81 -12.25 10.46
N LYS A 79 5.89 -11.75 9.23
CA LYS A 79 7.07 -11.89 8.39
C LYS A 79 7.57 -10.53 7.94
N VAL A 80 8.83 -10.46 7.53
CA VAL A 80 9.40 -9.21 7.08
C VAL A 80 9.78 -9.29 5.61
N CYS A 81 9.84 -8.14 4.96
CA CYS A 81 10.22 -8.10 3.57
C CYS A 81 11.20 -6.96 3.38
N GLY A 82 12.46 -7.30 3.27
CA GLY A 82 13.47 -6.28 3.15
C GLY A 82 13.43 -5.31 4.32
N GLU A 83 13.91 -4.12 4.08
CA GLU A 83 13.93 -3.08 5.10
C GLU A 83 12.80 -2.09 4.86
N ARG A 84 12.14 -2.20 3.71
CA ARG A 84 11.07 -1.29 3.33
C ARG A 84 9.70 -1.97 3.24
N LYS A 85 9.60 -3.26 3.56
CA LYS A 85 8.32 -3.97 3.43
C LYS A 85 8.15 -5.05 4.51
N CYS A 86 6.90 -5.41 4.77
CA CYS A 86 6.60 -6.45 5.75
C CYS A 86 5.53 -7.39 5.17
N VAL A 87 5.49 -8.62 5.65
CA VAL A 87 4.52 -9.59 5.16
C VAL A 87 3.83 -10.29 6.32
N LEU A 88 2.56 -10.54 6.19
CA LEU A 88 1.84 -11.24 7.24
C LEU A 88 0.96 -12.30 6.62
N PHE A 89 0.67 -13.34 7.37
CA PHE A 89 -0.17 -14.41 6.89
C PHE A 89 -1.41 -14.46 7.74
N ILE A 90 -2.54 -14.82 7.17
CA ILE A 90 -3.77 -14.90 7.93
C ILE A 90 -4.46 -16.22 7.67
N GLU A 91 -4.95 -16.84 8.72
CA GLU A 91 -5.63 -18.11 8.61
C GLU A 91 -6.94 -18.07 9.39
N TRP A 92 -8.01 -18.50 8.71
CA TRP A 92 -9.35 -18.51 9.29
C TRP A 92 -10.27 -19.35 8.41
N GLU A 93 -11.30 -19.94 9.03
CA GLU A 93 -12.26 -20.77 8.31
C GLU A 93 -11.56 -21.98 7.69
N LYS A 94 -10.58 -22.49 8.42
CA LYS A 94 -9.79 -23.65 8.00
C LYS A 94 -8.99 -23.35 6.73
N LYS A 95 -8.81 -22.07 6.44
CA LYS A 95 -8.06 -21.65 5.26
C LYS A 95 -6.94 -20.69 5.63
N THR A 96 -5.97 -20.57 4.73
CA THR A 96 -4.80 -19.71 4.91
C THR A 96 -4.64 -18.72 3.76
N TYR A 97 -4.27 -17.48 4.08
CA TYR A 97 -4.08 -16.44 3.08
C TYR A 97 -2.85 -15.60 3.37
N GLN A 98 -2.42 -14.82 2.39
CA GLN A 98 -1.24 -13.99 2.52
C GLN A 98 -1.60 -12.51 2.47
N LEU A 99 -1.03 -11.75 3.40
CA LEU A 99 -1.28 -10.31 3.50
C LEU A 99 0.04 -9.55 3.39
N ASP A 100 0.13 -8.69 2.38
CA ASP A 100 1.32 -7.87 2.18
C ASP A 100 1.08 -6.52 2.81
N LEU A 101 1.97 -6.07 3.67
CA LEU A 101 1.77 -4.77 4.30
C LEU A 101 2.98 -3.88 4.11
N PHE A 102 2.73 -2.63 3.78
CA PHE A 102 3.77 -1.66 3.58
C PHE A 102 3.45 -0.42 4.39
N THR A 103 4.45 0.09 5.08
CA THR A 103 4.27 1.27 5.90
C THR A 103 4.74 2.52 5.16
N ALA A 104 3.86 3.51 5.06
CA ALA A 104 4.18 4.75 4.38
C ALA A 104 3.77 5.95 5.23
N LEU A 105 4.32 7.11 4.93
CA LEU A 105 4.02 8.31 5.67
C LEU A 105 2.83 9.01 5.04
N ALA A 106 2.25 9.94 5.77
CA ALA A 106 1.10 10.71 5.29
C ALA A 106 1.39 11.40 3.97
N GLU A 107 2.65 11.71 3.74
CA GLU A 107 3.08 12.37 2.51
C GLU A 107 3.22 11.36 1.37
N GLU A 108 3.44 10.11 1.73
CA GLU A 108 3.63 9.04 0.76
C GLU A 108 2.31 8.33 0.46
N LYS A 109 1.22 9.03 0.68
CA LYS A 109 -0.09 8.47 0.46
C LYS A 109 -0.37 8.28 -1.03
N PRO A 110 -0.29 9.34 -1.87
CA PRO A 110 -0.57 9.22 -3.31
C PRO A 110 0.46 8.38 -4.06
N TYR A 111 1.73 8.61 -3.78
CA TYR A 111 2.83 7.90 -4.45
C TYR A 111 2.69 6.39 -4.31
N ALA A 112 2.59 5.93 -3.08
CA ALA A 112 2.46 4.51 -2.79
C ALA A 112 1.27 3.90 -3.53
N ILE A 113 0.14 4.61 -3.49
CA ILE A 113 -1.07 4.16 -4.15
C ILE A 113 -0.85 4.08 -5.65
N PHE A 114 -0.21 5.09 -6.23
CA PHE A 114 0.06 5.14 -7.65
C PHE A 114 0.79 3.89 -8.11
N HIS A 115 1.77 3.47 -7.33
CA HIS A 115 2.55 2.29 -7.65
C HIS A 115 1.67 1.05 -7.64
N PHE A 116 1.01 0.80 -6.52
CA PHE A 116 0.15 -0.38 -6.38
C PHE A 116 -1.19 -0.23 -7.10
N THR A 117 -1.41 0.90 -7.74
CA THR A 117 -2.66 1.14 -8.45
C THR A 117 -2.88 0.11 -9.57
N GLY A 118 -2.01 0.06 -10.59
CA GLY A 118 -2.24 -0.92 -11.62
C GLY A 118 -1.07 -1.83 -11.96
N PRO A 119 -0.50 -1.68 -13.17
CA PRO A 119 0.63 -2.48 -13.61
C PRO A 119 1.98 -1.79 -13.45
N VAL A 120 2.95 -2.58 -12.97
CA VAL A 120 4.31 -2.11 -12.78
C VAL A 120 4.88 -1.57 -14.09
N SER A 121 4.48 -2.19 -15.19
CA SER A 121 4.92 -1.79 -16.53
C SER A 121 4.69 -0.30 -16.75
N TYR A 122 3.47 0.16 -16.47
CA TYR A 122 3.12 1.57 -16.61
C TYR A 122 4.08 2.45 -15.80
N LEU A 123 4.41 2.00 -14.60
CA LEU A 123 5.30 2.72 -13.70
C LEU A 123 6.70 2.83 -14.31
N ILE A 124 7.23 1.69 -14.75
CA ILE A 124 8.55 1.63 -15.37
C ILE A 124 8.65 2.62 -16.52
N ARG A 125 7.59 2.72 -17.31
CA ARG A 125 7.54 3.64 -18.44
C ARG A 125 7.64 5.08 -17.95
N ILE A 126 6.86 5.38 -16.92
CA ILE A 126 6.83 6.72 -16.34
C ILE A 126 8.20 7.07 -15.75
N ARG A 127 8.82 6.07 -15.12
CA ARG A 127 10.14 6.26 -14.52
C ARG A 127 11.16 6.68 -15.57
N ALA A 128 11.13 6.01 -16.71
CA ALA A 128 12.04 6.33 -17.81
C ALA A 128 11.73 7.69 -18.40
N ALA A 129 10.44 8.01 -18.50
CA ALA A 129 9.99 9.28 -19.03
C ALA A 129 10.56 10.43 -18.20
N LEU A 130 10.35 10.35 -16.90
CA LEU A 130 10.83 11.35 -15.98
C LEU A 130 12.36 11.41 -16.02
N LYS A 131 12.99 10.24 -16.11
CA LYS A 131 14.44 10.16 -16.18
C LYS A 131 14.97 11.05 -17.29
N LYS A 132 14.28 11.01 -18.43
CA LYS A 132 14.65 11.84 -19.58
C LYS A 132 14.36 13.30 -19.28
N LYS A 133 13.30 13.56 -18.50
CA LYS A 133 12.93 14.92 -18.12
C LYS A 133 13.81 15.41 -16.97
N ASN A 134 14.72 14.55 -16.54
CA ASN A 134 15.67 14.85 -15.45
C ASN A 134 14.96 14.79 -14.10
N TYR A 135 14.03 13.86 -14.00
CA TYR A 135 13.25 13.64 -12.79
C TYR A 135 13.36 12.18 -12.36
N LYS A 136 13.31 11.94 -11.06
CA LYS A 136 13.37 10.60 -10.53
C LYS A 136 12.36 10.43 -9.41
N LEU A 137 11.42 9.52 -9.60
CA LEU A 137 10.39 9.25 -8.61
C LEU A 137 10.88 8.20 -7.62
N ASN A 138 10.49 8.35 -6.36
CA ASN A 138 10.88 7.42 -5.31
C ASN A 138 9.83 7.42 -4.22
N GLN A 139 9.85 6.40 -3.36
CA GLN A 139 8.86 6.26 -2.28
C GLN A 139 9.08 7.28 -1.14
N TYR A 140 9.77 8.37 -1.44
CA TYR A 140 10.01 9.42 -0.47
C TYR A 140 9.68 10.78 -1.08
N GLY A 141 9.64 10.83 -2.41
CA GLY A 141 9.35 12.07 -3.10
C GLY A 141 9.87 12.06 -4.52
N LEU A 142 10.07 13.24 -5.09
CA LEU A 142 10.56 13.37 -6.44
C LEU A 142 11.95 13.99 -6.44
N PHE A 143 12.80 13.55 -7.34
CA PHE A 143 14.16 14.06 -7.41
C PHE A 143 14.38 14.84 -8.69
N LYS A 144 14.47 16.15 -8.56
CA LYS A 144 14.74 17.01 -9.69
C LYS A 144 16.21 17.37 -9.68
N ASN A 145 16.96 16.76 -10.60
CA ASN A 145 18.40 16.98 -10.70
C ASN A 145 19.08 16.85 -9.33
N GLN A 146 18.89 15.69 -8.69
CA GLN A 146 19.48 15.39 -7.38
C GLN A 146 18.83 16.19 -6.25
N THR A 147 17.96 17.12 -6.58
CA THR A 147 17.28 17.93 -5.59
C THR A 147 15.94 17.31 -5.23
N LEU A 148 15.83 16.84 -3.99
CA LEU A 148 14.60 16.21 -3.53
C LEU A 148 13.48 17.23 -3.41
N VAL A 149 12.36 16.90 -3.98
CA VAL A 149 11.18 17.74 -3.96
C VAL A 149 9.98 16.93 -3.46
N PRO A 150 9.29 17.44 -2.42
CA PRO A 150 8.12 16.77 -1.86
C PRO A 150 6.89 16.91 -2.75
N LEU A 151 5.78 16.34 -2.30
CA LEU A 151 4.54 16.36 -3.05
C LEU A 151 3.50 17.29 -2.42
N LYS A 152 2.66 17.88 -3.26
CA LYS A 152 1.61 18.76 -2.78
C LYS A 152 0.24 18.21 -3.19
N ILE A 153 0.15 16.90 -3.23
CA ILE A 153 -1.09 16.22 -3.62
C ILE A 153 -1.36 15.02 -2.74
N THR A 154 -2.58 14.49 -2.86
CA THR A 154 -2.97 13.31 -2.11
C THR A 154 -3.91 12.42 -2.92
N THR A 155 -4.32 12.88 -4.09
CA THR A 155 -5.21 12.13 -4.95
C THR A 155 -4.48 11.62 -6.18
N GLU A 156 -4.86 10.44 -6.66
CA GLU A 156 -4.23 9.85 -7.84
C GLU A 156 -4.26 10.80 -9.02
N LYS A 157 -5.43 11.36 -9.29
CA LYS A 157 -5.59 12.31 -10.37
C LYS A 157 -4.67 13.50 -10.19
N GLU A 158 -4.69 14.05 -8.98
CA GLU A 158 -3.86 15.19 -8.66
C GLU A 158 -2.39 14.85 -8.88
N LEU A 159 -2.01 13.65 -8.47
CA LEU A 159 -0.64 13.19 -8.61
C LEU A 159 -0.25 13.06 -10.08
N ILE A 160 -1.08 12.38 -10.88
CA ILE A 160 -0.77 12.19 -12.29
C ILE A 160 -0.70 13.53 -13.03
N LYS A 161 -1.64 14.42 -12.75
CA LYS A 161 -1.64 15.72 -13.43
C LYS A 161 -0.49 16.58 -12.89
N GLU A 162 -0.11 16.37 -11.64
CA GLU A 162 1.01 17.11 -11.07
C GLU A 162 2.33 16.58 -11.64
N LEU A 163 2.39 15.27 -11.88
CA LEU A 163 3.58 14.65 -12.43
C LEU A 163 3.75 14.98 -13.90
N GLY A 164 2.64 15.25 -14.59
CA GLY A 164 2.70 15.59 -15.99
C GLY A 164 2.32 14.43 -16.90
N PHE A 165 1.44 13.56 -16.43
CA PHE A 165 1.01 12.41 -17.22
C PHE A 165 -0.51 12.32 -17.31
N THR A 166 -0.99 11.65 -18.35
CA THR A 166 -2.41 11.46 -18.58
C THR A 166 -2.98 10.37 -17.68
N TYR A 167 -4.27 10.47 -17.37
CA TYR A 167 -4.92 9.49 -16.54
C TYR A 167 -5.33 8.27 -17.36
N ARG A 168 -4.68 7.15 -17.11
CA ARG A 168 -4.95 5.90 -17.80
C ARG A 168 -5.60 4.92 -16.85
N ILE A 169 -6.24 3.89 -17.40
CA ILE A 169 -6.87 2.89 -16.58
C ILE A 169 -6.10 1.57 -16.64
N PRO A 170 -5.74 1.02 -15.48
CA PRO A 170 -4.98 -0.24 -15.39
C PRO A 170 -5.73 -1.41 -15.99
N LYS A 171 -7.06 -1.29 -16.05
CA LYS A 171 -7.91 -2.33 -16.60
C LYS A 171 -7.59 -2.58 -18.06
N LYS A 172 -7.13 -1.55 -18.74
CA LYS A 172 -6.78 -1.65 -20.15
C LYS A 172 -5.26 -1.69 -20.35
N ARG A 173 -4.53 -1.85 -19.24
CA ARG A 173 -3.05 -1.91 -19.25
C ARG A 173 -2.44 -0.57 -19.65
N LEU A 174 -1.48 -0.09 -18.84
CA LEU A 174 -0.84 1.20 -19.09
C LEU A 174 -1.88 2.28 -19.24
PG DGT B . -1.30 -10.67 -6.37
O1G DGT B . -0.19 -11.63 -6.55
O2G DGT B . -2.69 -11.08 -6.64
O3G DGT B . -1.24 -10.19 -4.84
O3B DGT B . -0.94 -9.27 -7.08
PB DGT B . -1.44 -8.05 -6.17
O1B DGT B . -1.50 -6.85 -7.03
O2B DGT B . -2.62 -8.43 -5.36
O3A DGT B . -0.14 -7.96 -5.22
PA DGT B . 0.76 -6.67 -4.91
O1A DGT B . 1.89 -7.19 -4.10
O2A DGT B . -0.13 -5.70 -4.25
O5' DGT B . 1.37 -5.88 -6.18
C5' DGT B . 0.59 -5.41 -7.27
C4' DGT B . 1.39 -4.29 -7.95
O4' DGT B . 2.14 -3.73 -6.86
C3' DGT B . 2.38 -4.73 -9.00
O3' DGT B . 2.20 -3.95 -10.19
C2' DGT B . 3.74 -4.44 -8.41
C1' DGT B . 3.46 -3.43 -7.30
N9 DGT B . 4.42 -3.70 -6.19
C8 DGT B . 5.41 -2.91 -5.79
N7 DGT B . 6.31 -3.67 -5.19
C5 DGT B . 5.87 -4.92 -5.19
C6 DGT B . 6.47 -6.04 -4.81
O6 DGT B . 7.59 -6.02 -4.32
N1 DGT B . 5.82 -7.26 -5.03
C2 DGT B . 4.55 -7.26 -5.61
N2 DGT B . 3.89 -8.40 -5.79
N3 DGT B . 4.00 -6.08 -5.95
C4 DGT B . 4.67 -4.94 -5.77
H5' DGT B . -0.38 -5.03 -6.90
H5'A DGT B . 0.40 -6.24 -7.96
H4' DGT B . 0.70 -3.53 -8.34
H3' DGT B . 2.33 -5.79 -9.18
HO3' DGT B . 2.16 -3.00 -9.92
H2' DGT B . 4.15 -5.31 -7.89
H2'A DGT B . 4.42 -3.96 -9.12
H1' DGT B . 3.58 -2.42 -7.69
H8 DGT B . 5.37 -1.82 -5.74
HN2 DGT B . 4.34 -9.27 -5.60
HN2A DGT B . 2.98 -8.39 -6.21
H16 DGT B . 6.31 -8.12 -4.87
MG MG C . 1.55 -8.71 -2.06
MG MG D . -1.53 -9.28 -3.95
N MET A 1 -6.32 -20.30 -4.74
CA MET A 1 -6.33 -18.82 -4.77
C MET A 1 -7.66 -18.29 -4.26
N LEU A 2 -7.73 -16.98 -4.09
CA LEU A 2 -8.95 -16.34 -3.64
C LEU A 2 -9.58 -15.54 -4.78
N THR A 3 -10.79 -15.07 -4.58
CA THR A 3 -11.50 -14.30 -5.60
C THR A 3 -11.66 -12.86 -5.15
N LEU A 4 -12.03 -11.99 -6.09
CA LEU A 4 -12.23 -10.57 -5.81
C LEU A 4 -13.13 -10.34 -4.60
N ILE A 5 -14.30 -10.98 -4.58
CA ILE A 5 -15.23 -10.82 -3.49
C ILE A 5 -14.61 -11.27 -2.18
N GLN A 6 -13.96 -12.44 -2.20
CA GLN A 6 -13.29 -12.97 -1.02
C GLN A 6 -12.30 -11.94 -0.52
N GLY A 7 -11.47 -11.45 -1.43
CA GLY A 7 -10.49 -10.44 -1.11
C GLY A 7 -11.13 -9.22 -0.49
N LYS A 8 -12.20 -8.74 -1.11
CA LYS A 8 -12.91 -7.56 -0.63
C LYS A 8 -13.50 -7.83 0.76
N LYS A 9 -14.12 -8.99 0.91
CA LYS A 9 -14.74 -9.34 2.18
C LYS A 9 -13.71 -9.45 3.28
N ILE A 10 -12.62 -10.16 3.00
CA ILE A 10 -11.58 -10.32 4.00
C ILE A 10 -10.96 -8.98 4.32
N VAL A 11 -10.69 -8.16 3.30
CA VAL A 11 -10.12 -6.82 3.52
C VAL A 11 -10.99 -6.02 4.48
N ASN A 12 -12.28 -6.00 4.18
CA ASN A 12 -13.26 -5.28 5.00
C ASN A 12 -13.15 -5.72 6.47
N HIS A 13 -13.13 -7.03 6.70
CA HIS A 13 -13.05 -7.57 8.05
C HIS A 13 -11.65 -7.33 8.63
N LEU A 14 -10.65 -7.58 7.80
CA LEU A 14 -9.25 -7.41 8.17
C LEU A 14 -9.00 -6.02 8.71
N ARG A 15 -9.53 -5.03 8.01
CA ARG A 15 -9.34 -3.65 8.39
C ARG A 15 -10.13 -3.27 9.64
N SER A 16 -11.37 -3.72 9.73
CA SER A 16 -12.20 -3.40 10.89
C SER A 16 -11.75 -4.18 12.14
N ARG A 17 -10.89 -5.16 11.95
CA ARG A 17 -10.40 -6.00 13.02
C ARG A 17 -8.91 -5.80 13.35
N LEU A 18 -8.25 -4.83 12.72
CA LEU A 18 -6.82 -4.66 12.95
C LEU A 18 -6.56 -3.87 14.23
N ALA A 19 -5.51 -4.26 14.94
CA ALA A 19 -5.11 -3.56 16.15
C ALA A 19 -3.67 -3.88 16.48
N PHE A 20 -2.89 -2.88 16.83
CA PHE A 20 -1.50 -3.10 17.18
C PHE A 20 -1.25 -2.60 18.58
N GLU A 21 -0.18 -3.06 19.20
CA GLU A 21 0.15 -2.63 20.54
C GLU A 21 1.48 -1.88 20.53
N TYR A 22 1.46 -0.77 21.24
CA TYR A 22 2.61 0.12 21.35
C TYR A 22 2.85 0.47 22.82
N ASN A 23 4.01 0.11 23.32
CA ASN A 23 4.40 0.42 24.70
C ASN A 23 3.39 -0.11 25.71
N GLY A 24 2.72 -1.20 25.38
CA GLY A 24 1.74 -1.78 26.27
C GLY A 24 0.34 -1.25 26.03
N GLN A 25 0.22 -0.22 25.21
CA GLN A 25 -1.09 0.34 24.90
C GLN A 25 -1.62 -0.22 23.61
N LEU A 26 -2.86 -0.66 23.62
CA LEU A 26 -3.48 -1.21 22.42
C LEU A 26 -4.02 -0.10 21.53
N ILE A 27 -3.60 -0.13 20.27
CA ILE A 27 -4.00 0.86 19.30
C ILE A 27 -4.64 0.17 18.08
N LYS A 28 -5.96 0.28 17.96
CA LYS A 28 -6.70 -0.34 16.86
C LYS A 28 -6.40 0.35 15.51
N ILE A 29 -6.37 -0.44 14.44
CA ILE A 29 -6.08 0.07 13.10
C ILE A 29 -7.19 -0.28 12.09
N LEU A 30 -7.83 0.77 11.61
CA LEU A 30 -8.91 0.68 10.61
C LEU A 30 -8.43 1.13 9.22
N SER A 31 -9.35 1.04 8.27
CA SER A 31 -9.11 1.44 6.88
C SER A 31 -8.80 2.93 6.75
N LYS A 32 -9.07 3.70 7.79
CA LYS A 32 -8.83 5.13 7.76
C LYS A 32 -7.33 5.42 7.64
N ASN A 33 -6.53 4.47 8.10
CA ASN A 33 -5.10 4.58 8.09
C ASN A 33 -4.47 3.56 7.15
N ILE A 34 -5.27 2.65 6.63
CA ILE A 34 -4.76 1.59 5.76
C ILE A 34 -5.56 1.43 4.48
N VAL A 35 -4.87 1.29 3.35
CA VAL A 35 -5.51 1.15 2.06
C VAL A 35 -5.13 -0.18 1.39
N ALA A 36 -6.14 -0.93 0.97
CA ALA A 36 -5.93 -2.21 0.32
C ALA A 36 -5.62 -2.03 -1.16
N VAL A 37 -4.67 -2.81 -1.66
CA VAL A 37 -4.27 -2.73 -3.06
C VAL A 37 -3.99 -4.12 -3.64
N GLY A 38 -4.18 -4.22 -4.94
CA GLY A 38 -3.96 -5.47 -5.63
C GLY A 38 -4.83 -5.58 -6.88
N SER A 39 -4.99 -6.81 -7.35
CA SER A 39 -5.84 -7.07 -8.50
C SER A 39 -7.27 -6.62 -8.18
N LEU A 40 -7.61 -6.66 -6.89
CA LEU A 40 -8.90 -6.22 -6.42
C LEU A 40 -9.11 -4.75 -6.77
N ARG A 41 -8.02 -3.98 -6.73
CA ARG A 41 -8.07 -2.58 -7.07
C ARG A 41 -8.16 -2.42 -8.57
N ARG A 42 -7.52 -3.33 -9.30
CA ARG A 42 -7.58 -3.32 -10.75
C ARG A 42 -8.93 -3.86 -11.24
N GLU A 43 -9.73 -4.40 -10.30
CA GLU A 43 -11.06 -4.94 -10.58
C GLU A 43 -10.95 -6.28 -11.31
N GLU A 44 -10.08 -7.14 -10.77
CA GLU A 44 -9.85 -8.48 -11.28
C GLU A 44 -10.65 -9.53 -10.52
N LYS A 45 -10.96 -10.61 -11.20
CA LYS A 45 -11.77 -11.71 -10.65
C LYS A 45 -10.99 -12.59 -9.67
N MET A 46 -9.72 -12.85 -9.95
CA MET A 46 -8.90 -13.71 -9.10
C MET A 46 -7.79 -12.93 -8.43
N LEU A 47 -7.23 -13.48 -7.36
CA LEU A 47 -6.14 -12.85 -6.63
C LEU A 47 -5.24 -13.90 -6.00
N ASN A 48 -4.03 -13.47 -5.64
CA ASN A 48 -3.04 -14.34 -5.01
C ASN A 48 -2.78 -13.92 -3.56
N ASP A 49 -2.43 -12.66 -3.37
CA ASP A 49 -2.15 -12.14 -2.03
C ASP A 49 -2.73 -10.75 -1.91
N VAL A 50 -3.32 -10.41 -0.76
CA VAL A 50 -3.93 -9.11 -0.60
C VAL A 50 -2.94 -8.17 0.02
N ASP A 51 -2.71 -7.06 -0.66
CA ASP A 51 -1.73 -6.12 -0.21
C ASP A 51 -2.39 -4.90 0.40
N LEU A 52 -1.80 -4.42 1.47
CA LEU A 52 -2.33 -3.30 2.20
C LEU A 52 -1.24 -2.35 2.66
N LEU A 53 -1.33 -1.10 2.24
CA LEU A 53 -0.36 -0.10 2.67
C LEU A 53 -0.95 0.72 3.82
N ILE A 54 -0.17 0.90 4.86
CA ILE A 54 -0.59 1.65 6.04
C ILE A 54 0.05 3.05 6.03
N ILE A 55 -0.78 4.07 5.88
CA ILE A 55 -0.32 5.45 5.86
C ILE A 55 -0.35 6.04 7.26
N VAL A 56 0.81 6.41 7.76
CA VAL A 56 0.90 6.98 9.09
C VAL A 56 1.49 8.39 9.04
N PRO A 57 0.84 9.35 9.73
CA PRO A 57 1.30 10.75 9.78
C PRO A 57 2.59 10.94 10.57
N GLU A 58 3.05 9.88 11.22
CA GLU A 58 4.27 9.94 12.02
C GLU A 58 5.18 8.78 11.72
N LYS A 59 6.47 9.06 11.65
CA LYS A 59 7.46 8.04 11.42
C LYS A 59 7.51 7.13 12.63
N LYS A 60 7.28 7.74 13.79
CA LYS A 60 7.29 7.02 15.04
C LYS A 60 6.11 6.08 15.10
N LEU A 61 4.90 6.64 15.05
CA LEU A 61 3.69 5.82 15.10
C LEU A 61 3.70 4.77 14.00
N LEU A 62 4.43 5.05 12.92
CA LEU A 62 4.54 4.12 11.81
C LEU A 62 5.29 2.88 12.23
N LYS A 63 6.43 3.08 12.88
CA LYS A 63 7.23 1.96 13.34
C LYS A 63 6.67 1.37 14.61
N HIS A 64 5.70 2.05 15.23
CA HIS A 64 5.09 1.56 16.47
C HIS A 64 4.19 0.36 16.21
N VAL A 65 3.76 0.21 14.97
CA VAL A 65 2.89 -0.91 14.59
C VAL A 65 3.67 -2.22 14.58
N LEU A 66 4.98 -2.12 14.35
CA LEU A 66 5.87 -3.27 14.27
C LEU A 66 5.99 -4.06 15.60
N PRO A 67 6.30 -3.38 16.75
CA PRO A 67 6.43 -4.05 18.06
C PRO A 67 5.39 -5.13 18.31
N ASN A 68 4.12 -4.76 18.21
CA ASN A 68 3.06 -5.74 18.42
C ASN A 68 1.86 -5.44 17.53
N ILE A 69 1.36 -6.47 16.88
CA ILE A 69 0.20 -6.35 16.01
C ILE A 69 -0.70 -7.57 16.20
N ARG A 70 -2.00 -7.33 16.34
CA ARG A 70 -2.96 -8.39 16.54
C ARG A 70 -4.20 -8.18 15.67
N ILE A 71 -5.00 -9.23 15.54
CA ILE A 71 -6.23 -9.18 14.77
C ILE A 71 -7.34 -9.76 15.64
N LYS A 72 -8.51 -9.15 15.61
CA LYS A 72 -9.63 -9.62 16.42
C LYS A 72 -10.19 -10.95 15.92
N GLY A 73 -9.90 -12.00 16.67
CA GLY A 73 -10.41 -13.33 16.36
C GLY A 73 -9.82 -13.99 15.11
N LEU A 74 -8.56 -13.72 14.81
CA LEU A 74 -7.94 -14.31 13.61
C LEU A 74 -6.55 -14.88 13.89
N SER A 75 -6.11 -15.79 13.02
CA SER A 75 -4.77 -16.38 13.14
C SER A 75 -3.86 -15.72 12.12
N PHE A 76 -2.61 -15.47 12.48
CA PHE A 76 -1.69 -14.80 11.56
C PHE A 76 -0.22 -15.12 11.88
N SER A 77 0.64 -14.85 10.90
CA SER A 77 2.08 -15.07 11.03
C SER A 77 2.81 -13.82 10.57
N VAL A 78 3.95 -13.50 11.19
CA VAL A 78 4.70 -12.29 10.85
C VAL A 78 5.99 -12.58 10.06
N LYS A 79 6.06 -12.07 8.84
CA LYS A 79 7.23 -12.23 7.98
C LYS A 79 7.74 -10.84 7.54
N VAL A 80 9.01 -10.76 7.19
CA VAL A 80 9.59 -9.49 6.76
C VAL A 80 9.86 -9.49 5.25
N CYS A 81 9.74 -8.33 4.62
CA CYS A 81 9.95 -8.22 3.18
C CYS A 81 10.91 -7.09 2.83
N GLY A 82 11.91 -7.39 2.01
CA GLY A 82 12.86 -6.38 1.60
C GLY A 82 13.56 -5.72 2.77
N GLU A 83 13.68 -4.40 2.70
CA GLU A 83 14.33 -3.63 3.75
C GLU A 83 13.33 -3.17 4.81
N ARG A 84 12.27 -2.49 4.37
CA ARG A 84 11.26 -1.97 5.31
C ARG A 84 9.85 -2.46 4.99
N LYS A 85 9.74 -3.43 4.11
CA LYS A 85 8.43 -3.98 3.75
C LYS A 85 8.11 -5.16 4.67
N CYS A 86 6.84 -5.42 4.88
CA CYS A 86 6.44 -6.51 5.76
C CYS A 86 5.41 -7.41 5.09
N VAL A 87 5.37 -8.68 5.50
CA VAL A 87 4.42 -9.63 4.94
C VAL A 87 3.82 -10.48 6.05
N LEU A 88 2.54 -10.72 5.98
CA LEU A 88 1.87 -11.51 7.00
C LEU A 88 0.97 -12.55 6.37
N PHE A 89 0.69 -13.59 7.13
CA PHE A 89 -0.18 -14.66 6.67
C PHE A 89 -1.38 -14.69 7.60
N ILE A 90 -2.56 -14.85 7.07
CA ILE A 90 -3.76 -14.86 7.89
C ILE A 90 -4.52 -16.16 7.66
N GLU A 91 -5.00 -16.77 8.73
CA GLU A 91 -5.70 -18.04 8.62
C GLU A 91 -6.93 -18.12 9.48
N TRP A 92 -8.01 -18.66 8.91
CA TRP A 92 -9.27 -18.85 9.62
C TRP A 92 -10.22 -19.71 8.80
N GLU A 93 -11.07 -20.50 9.48
CA GLU A 93 -12.04 -21.36 8.81
C GLU A 93 -11.33 -22.42 7.98
N LYS A 94 -10.22 -22.91 8.52
CA LYS A 94 -9.42 -23.93 7.86
C LYS A 94 -8.85 -23.41 6.54
N LYS A 95 -8.75 -22.08 6.44
CA LYS A 95 -8.22 -21.45 5.26
C LYS A 95 -7.05 -20.55 5.61
N THR A 96 -6.21 -20.28 4.63
CA THR A 96 -5.03 -19.45 4.80
C THR A 96 -4.90 -18.46 3.64
N TYR A 97 -4.52 -17.23 3.95
CA TYR A 97 -4.34 -16.20 2.93
C TYR A 97 -3.08 -15.38 3.21
N GLN A 98 -2.64 -14.63 2.22
CA GLN A 98 -1.44 -13.79 2.35
C GLN A 98 -1.80 -12.32 2.41
N LEU A 99 -1.20 -11.62 3.36
CA LEU A 99 -1.42 -10.21 3.55
C LEU A 99 -0.10 -9.46 3.51
N ASP A 100 0.13 -8.72 2.44
CA ASP A 100 1.37 -7.96 2.33
C ASP A 100 1.10 -6.57 2.86
N LEU A 101 1.92 -6.09 3.77
CA LEU A 101 1.71 -4.78 4.33
C LEU A 101 2.93 -3.90 4.19
N PHE A 102 2.70 -2.68 3.75
CA PHE A 102 3.76 -1.72 3.57
C PHE A 102 3.49 -0.53 4.45
N THR A 103 4.52 -0.06 5.14
CA THR A 103 4.39 1.08 6.00
C THR A 103 4.90 2.33 5.30
N ALA A 104 4.05 3.34 5.20
CA ALA A 104 4.42 4.57 4.52
C ALA A 104 3.97 5.79 5.32
N LEU A 105 4.59 6.92 5.03
CA LEU A 105 4.26 8.15 5.72
C LEU A 105 3.12 8.85 5.00
N ALA A 106 2.51 9.81 5.69
CA ALA A 106 1.41 10.57 5.12
C ALA A 106 1.80 11.23 3.80
N GLU A 107 3.07 11.56 3.67
CA GLU A 107 3.56 12.21 2.45
C GLU A 107 3.81 11.20 1.34
N GLU A 108 3.90 9.93 1.71
CA GLU A 108 4.13 8.87 0.74
C GLU A 108 2.82 8.33 0.20
N LYS A 109 1.72 8.71 0.86
CA LYS A 109 0.37 8.28 0.50
C LYS A 109 0.11 8.30 -1.03
N PRO A 110 0.30 9.45 -1.73
CA PRO A 110 0.06 9.54 -3.18
C PRO A 110 0.88 8.53 -3.98
N TYR A 111 2.20 8.56 -3.78
CA TYR A 111 3.11 7.68 -4.51
C TYR A 111 2.82 6.21 -4.27
N ALA A 112 2.56 5.86 -3.01
CA ALA A 112 2.27 4.47 -2.66
C ALA A 112 1.10 3.94 -3.47
N ILE A 113 0.01 4.70 -3.49
CA ILE A 113 -1.18 4.28 -4.24
C ILE A 113 -0.88 4.19 -5.73
N PHE A 114 -0.14 5.16 -6.25
CA PHE A 114 0.22 5.20 -7.66
C PHE A 114 0.88 3.91 -8.08
N HIS A 115 1.83 3.48 -7.29
CA HIS A 115 2.57 2.26 -7.54
C HIS A 115 1.65 1.03 -7.52
N PHE A 116 0.96 0.83 -6.42
CA PHE A 116 0.05 -0.33 -6.29
C PHE A 116 -1.25 -0.16 -7.05
N THR A 117 -1.43 0.96 -7.75
CA THR A 117 -2.67 1.20 -8.48
C THR A 117 -3.01 0.03 -9.41
N GLY A 118 -2.28 -0.13 -10.50
CA GLY A 118 -2.55 -1.23 -11.38
C GLY A 118 -1.33 -1.99 -11.82
N PRO A 119 -0.93 -1.76 -13.08
CA PRO A 119 0.22 -2.40 -13.70
C PRO A 119 1.56 -1.72 -13.41
N VAL A 120 2.47 -2.46 -12.80
CA VAL A 120 3.81 -1.99 -12.49
C VAL A 120 4.52 -1.47 -13.75
N SER A 121 4.23 -2.10 -14.88
CA SER A 121 4.81 -1.71 -16.17
C SER A 121 4.62 -0.22 -16.44
N TYR A 122 3.44 0.30 -16.14
CA TYR A 122 3.15 1.72 -16.33
C TYR A 122 4.10 2.58 -15.51
N LEU A 123 4.36 2.14 -14.29
CA LEU A 123 5.23 2.86 -13.37
C LEU A 123 6.65 2.96 -13.92
N ILE A 124 7.25 1.83 -14.23
CA ILE A 124 8.61 1.81 -14.75
C ILE A 124 8.76 2.59 -16.05
N ARG A 125 7.73 2.59 -16.89
CA ARG A 125 7.79 3.35 -18.14
C ARG A 125 7.79 4.84 -17.84
N ILE A 126 6.98 5.23 -16.86
CA ILE A 126 6.88 6.62 -16.45
C ILE A 126 8.17 7.05 -15.76
N ARG A 127 8.74 6.13 -15.00
CA ARG A 127 9.97 6.36 -14.28
C ARG A 127 11.11 6.66 -15.27
N ALA A 128 11.13 5.92 -16.36
CA ALA A 128 12.14 6.10 -17.40
C ALA A 128 11.91 7.42 -18.13
N ALA A 129 10.64 7.72 -18.39
CA ALA A 129 10.26 8.95 -19.07
C ALA A 129 10.76 10.16 -18.28
N LEU A 130 10.45 10.18 -17.00
CA LEU A 130 10.88 11.26 -16.12
C LEU A 130 12.40 11.35 -16.12
N LYS A 131 13.06 10.18 -16.10
CA LYS A 131 14.52 10.13 -16.11
C LYS A 131 15.07 10.91 -17.29
N LYS A 132 14.43 10.77 -18.44
CA LYS A 132 14.86 11.49 -19.63
C LYS A 132 14.52 12.97 -19.49
N LYS A 133 13.48 13.26 -18.72
CA LYS A 133 13.04 14.64 -18.49
C LYS A 133 13.81 15.29 -17.34
N ASN A 134 14.74 14.53 -16.77
CA ASN A 134 15.60 15.01 -15.66
C ASN A 134 14.80 15.09 -14.36
N TYR A 135 13.81 14.22 -14.26
CA TYR A 135 12.95 14.12 -13.10
C TYR A 135 13.07 12.71 -12.54
N LYS A 136 12.94 12.55 -11.25
CA LYS A 136 13.02 11.24 -10.65
C LYS A 136 12.02 11.15 -9.49
N LEU A 137 10.99 10.35 -9.65
CA LEU A 137 9.98 10.22 -8.62
C LEU A 137 10.39 9.12 -7.64
N ASN A 138 9.94 9.25 -6.42
CA ASN A 138 10.23 8.29 -5.38
C ASN A 138 9.07 8.25 -4.41
N GLN A 139 9.00 7.21 -3.60
CA GLN A 139 7.93 7.07 -2.63
C GLN A 139 7.93 8.24 -1.63
N TYR A 140 9.07 8.90 -1.50
CA TYR A 140 9.23 9.98 -0.55
C TYR A 140 8.90 11.33 -1.18
N GLY A 141 8.93 11.41 -2.50
CA GLY A 141 8.63 12.65 -3.17
C GLY A 141 9.20 12.72 -4.58
N LEU A 142 9.46 13.92 -5.04
CA LEU A 142 10.02 14.11 -6.37
C LEU A 142 11.48 14.50 -6.28
N PHE A 143 12.24 14.20 -7.32
CA PHE A 143 13.65 14.53 -7.35
C PHE A 143 14.02 15.18 -8.68
N LYS A 144 14.23 16.48 -8.65
CA LYS A 144 14.64 17.16 -9.86
C LYS A 144 16.15 17.16 -9.89
N ASN A 145 16.71 16.34 -10.77
CA ASN A 145 18.16 16.16 -10.91
C ASN A 145 18.72 15.51 -9.63
N GLN A 146 18.80 16.29 -8.56
CA GLN A 146 19.30 15.81 -7.28
C GLN A 146 18.60 16.51 -6.12
N THR A 147 17.67 17.41 -6.45
CA THR A 147 16.94 18.15 -5.45
C THR A 147 15.59 17.54 -5.14
N LEU A 148 15.38 17.15 -3.89
CA LEU A 148 14.10 16.58 -3.48
C LEU A 148 13.04 17.66 -3.48
N VAL A 149 11.94 17.35 -4.14
CA VAL A 149 10.82 18.24 -4.26
C VAL A 149 9.61 17.63 -3.56
N PRO A 150 9.00 18.38 -2.62
CA PRO A 150 7.84 17.91 -1.86
C PRO A 150 6.61 17.70 -2.74
N LEU A 151 5.65 16.97 -2.20
CA LEU A 151 4.41 16.69 -2.91
C LEU A 151 3.30 17.61 -2.43
N LYS A 152 2.45 18.04 -3.35
CA LYS A 152 1.33 18.90 -3.01
C LYS A 152 0.04 18.29 -3.53
N ILE A 153 -0.05 16.98 -3.43
CA ILE A 153 -1.23 16.26 -3.90
C ILE A 153 -1.75 15.28 -2.87
N THR A 154 -2.93 14.75 -3.12
CA THR A 154 -3.56 13.79 -2.23
C THR A 154 -4.43 12.81 -3.02
N THR A 155 -4.21 12.75 -4.33
CA THR A 155 -4.98 11.87 -5.20
C THR A 155 -4.10 11.38 -6.34
N GLU A 156 -4.36 10.16 -6.83
CA GLU A 156 -3.60 9.60 -7.94
C GLU A 156 -3.69 10.52 -9.15
N LYS A 157 -4.88 11.04 -9.40
CA LYS A 157 -5.11 11.95 -10.51
C LYS A 157 -4.28 13.21 -10.31
N GLU A 158 -4.36 13.75 -9.12
CA GLU A 158 -3.61 14.94 -8.78
C GLU A 158 -2.12 14.67 -8.95
N LEU A 159 -1.70 13.47 -8.58
CA LEU A 159 -0.30 13.07 -8.70
C LEU A 159 0.12 12.94 -10.16
N ILE A 160 -0.66 12.23 -10.98
CA ILE A 160 -0.31 12.07 -12.39
C ILE A 160 -0.24 13.45 -13.05
N LYS A 161 -1.20 14.32 -12.69
CA LYS A 161 -1.21 15.68 -13.22
C LYS A 161 0.04 16.42 -12.75
N GLU A 162 0.34 16.27 -11.47
CA GLU A 162 1.52 16.89 -10.86
C GLU A 162 2.80 16.38 -11.53
N LEU A 163 2.84 15.07 -11.81
CA LEU A 163 3.98 14.44 -12.46
C LEU A 163 4.11 14.91 -13.90
N GLY A 164 3.00 15.31 -14.49
CA GLY A 164 3.01 15.77 -15.86
C GLY A 164 2.60 14.68 -16.84
N PHE A 165 1.79 13.74 -16.38
CA PHE A 165 1.33 12.66 -17.23
C PHE A 165 -0.19 12.53 -17.21
N THR A 166 -0.71 11.66 -18.06
CA THR A 166 -2.15 11.43 -18.16
C THR A 166 -2.54 10.17 -17.40
N TYR A 167 -3.77 10.13 -16.92
CA TYR A 167 -4.27 8.98 -16.18
C TYR A 167 -4.82 7.93 -17.13
N ARG A 168 -4.43 6.69 -16.89
CA ARG A 168 -4.89 5.55 -17.68
C ARG A 168 -5.48 4.51 -16.75
N ILE A 169 -6.45 3.74 -17.23
CA ILE A 169 -7.07 2.72 -16.40
C ILE A 169 -6.21 1.46 -16.37
N PRO A 170 -5.99 0.91 -15.16
CA PRO A 170 -5.16 -0.28 -14.99
C PRO A 170 -5.74 -1.52 -15.66
N LYS A 171 -7.05 -1.49 -15.86
CA LYS A 171 -7.78 -2.59 -16.48
C LYS A 171 -7.30 -2.87 -17.90
N LYS A 172 -6.87 -1.82 -18.59
CA LYS A 172 -6.41 -1.96 -19.96
C LYS A 172 -4.88 -1.96 -20.06
N ARG A 173 -4.21 -1.98 -18.90
CA ARG A 173 -2.74 -1.97 -18.83
C ARG A 173 -2.12 -0.71 -19.41
N LEU A 174 -1.32 -0.01 -18.60
CA LEU A 174 -0.68 1.24 -19.02
C LEU A 174 -1.72 2.21 -19.57
PG DGT B . -1.31 -10.64 -6.70
O1G DGT B . -0.25 -11.60 -7.11
O2G DGT B . -2.72 -10.89 -7.11
O3G DGT B . -1.31 -10.60 -5.09
O3B DGT B . -0.88 -9.13 -7.10
PB DGT B . -1.53 -7.97 -6.19
O1B DGT B . -1.68 -6.79 -7.06
O2B DGT B . -2.72 -8.50 -5.49
O3A DGT B . -0.34 -7.78 -5.12
PA DGT B . 0.40 -6.43 -4.67
O1A DGT B . 1.56 -6.89 -3.88
O2A DGT B . -0.62 -5.59 -4.01
O5' DGT B . 1.03 -5.52 -5.83
C5' DGT B . 0.40 -5.10 -7.05
C4' DGT B . 1.32 -4.00 -7.58
O4' DGT B . 2.11 -3.71 -6.41
C3' DGT B . 2.30 -4.36 -8.69
O3' DGT B . 2.29 -3.32 -9.68
C2' DGT B . 3.65 -4.40 -8.01
C1' DGT B . 3.45 -3.43 -6.86
N9 DGT B . 4.45 -3.68 -5.80
C8 DGT B . 5.39 -2.83 -5.40
N7 DGT B . 6.25 -3.49 -4.64
C5 DGT B . 5.85 -4.76 -4.59
C6 DGT B . 6.42 -5.83 -4.04
O6 DGT B . 7.49 -5.72 -3.43
N1 DGT B . 5.84 -7.08 -4.20
C2 DGT B . 4.65 -7.17 -4.94
N2 DGT B . 4.01 -8.33 -5.07
N3 DGT B . 4.14 -6.06 -5.49
C4 DGT B . 4.73 -4.87 -5.30
H5' DGT B . -0.60 -4.70 -6.87
H5'A DGT B . 0.35 -5.94 -7.74
H4' DGT B . 0.76 -3.11 -7.85
H3' DGT B . 2.09 -5.33 -9.12
HO3' DGT B . 1.63 -3.52 -10.40
H2' DGT B . 4.43 -4.00 -8.66
H2'A DGT B . 3.89 -5.40 -7.66
H1' DGT B . 3.50 -2.40 -7.22
H8 DGT B . 5.33 -1.74 -5.49
HN2 DGT B . 3.16 -8.39 -5.61
HN2A DGT B . 4.40 -9.17 -4.68
H16 DGT B . 6.27 -7.91 -3.83
MG MG C . 1.35 -8.83 -2.04
MG MG D . -1.68 -9.86 -4.12
N MET A 1 -5.58 -17.77 -5.41
CA MET A 1 -5.82 -18.08 -3.98
C MET A 1 -7.15 -17.50 -3.52
N LEU A 2 -7.26 -16.17 -3.58
CA LEU A 2 -8.49 -15.50 -3.18
C LEU A 2 -9.08 -14.76 -4.37
N THR A 3 -10.36 -14.46 -4.30
CA THR A 3 -11.05 -13.77 -5.38
C THR A 3 -11.31 -12.32 -4.99
N LEU A 4 -11.75 -11.52 -5.97
CA LEU A 4 -12.06 -10.10 -5.74
C LEU A 4 -12.96 -9.92 -4.52
N ILE A 5 -14.04 -10.70 -4.47
CA ILE A 5 -14.98 -10.61 -3.36
C ILE A 5 -14.37 -11.07 -2.05
N GLN A 6 -13.71 -12.23 -2.07
CA GLN A 6 -13.09 -12.77 -0.86
C GLN A 6 -12.13 -11.76 -0.25
N GLY A 7 -11.19 -11.28 -1.06
CA GLY A 7 -10.23 -10.30 -0.58
C GLY A 7 -10.89 -9.04 -0.05
N LYS A 8 -11.89 -8.58 -0.77
CA LYS A 8 -12.63 -7.37 -0.41
C LYS A 8 -13.33 -7.57 0.93
N LYS A 9 -13.95 -8.72 1.08
CA LYS A 9 -14.69 -9.05 2.30
C LYS A 9 -13.77 -9.24 3.50
N ILE A 10 -12.74 -10.07 3.31
CA ILE A 10 -11.81 -10.36 4.39
C ILE A 10 -11.05 -9.11 4.82
N VAL A 11 -10.56 -8.34 3.84
CA VAL A 11 -9.81 -7.13 4.16
C VAL A 11 -10.72 -6.13 4.89
N ASN A 12 -11.95 -5.98 4.42
CA ASN A 12 -12.91 -5.08 5.04
C ASN A 12 -13.05 -5.39 6.53
N HIS A 13 -13.30 -6.66 6.83
CA HIS A 13 -13.47 -7.11 8.21
C HIS A 13 -12.15 -6.95 8.97
N LEU A 14 -11.08 -7.37 8.31
CA LEU A 14 -9.75 -7.30 8.89
C LEU A 14 -9.38 -5.86 9.26
N ARG A 15 -9.82 -4.93 8.46
CA ARG A 15 -9.55 -3.53 8.70
C ARG A 15 -10.29 -3.03 9.93
N SER A 16 -11.56 -3.35 10.02
CA SER A 16 -12.39 -2.95 11.16
C SER A 16 -12.00 -3.72 12.42
N ARG A 17 -11.21 -4.77 12.24
CA ARG A 17 -10.80 -5.65 13.33
C ARG A 17 -9.30 -5.59 13.64
N LEU A 18 -8.55 -4.63 13.07
CA LEU A 18 -7.12 -4.62 13.31
C LEU A 18 -6.74 -3.76 14.51
N ALA A 19 -5.68 -4.17 15.21
CA ALA A 19 -5.19 -3.44 16.36
C ALA A 19 -3.76 -3.83 16.66
N PHE A 20 -2.91 -2.84 16.93
CA PHE A 20 -1.52 -3.10 17.24
C PHE A 20 -1.21 -2.64 18.65
N GLU A 21 -0.14 -3.14 19.23
CA GLU A 21 0.24 -2.76 20.57
C GLU A 21 1.56 -2.00 20.56
N TYR A 22 1.55 -0.91 21.31
CA TYR A 22 2.72 -0.05 21.43
C TYR A 22 2.96 0.29 22.89
N ASN A 23 4.13 -0.08 23.39
CA ASN A 23 4.51 0.18 24.78
C ASN A 23 3.50 -0.38 25.77
N GLY A 24 2.84 -1.46 25.38
CA GLY A 24 1.86 -2.08 26.25
C GLY A 24 0.47 -1.51 26.06
N GLN A 25 0.34 -0.47 25.25
CA GLN A 25 -0.96 0.14 25.00
C GLN A 25 -1.53 -0.35 23.68
N LEU A 26 -2.81 -0.71 23.70
CA LEU A 26 -3.48 -1.20 22.50
C LEU A 26 -3.96 -0.05 21.63
N ILE A 27 -3.61 -0.09 20.36
CA ILE A 27 -4.00 0.92 19.41
C ILE A 27 -4.65 0.27 18.18
N LYS A 28 -5.97 0.43 18.04
CA LYS A 28 -6.72 -0.15 16.93
C LYS A 28 -6.40 0.54 15.59
N ILE A 29 -6.39 -0.25 14.51
CA ILE A 29 -6.11 0.26 13.17
C ILE A 29 -7.20 -0.14 12.17
N LEU A 30 -7.76 0.88 11.52
CA LEU A 30 -8.83 0.72 10.53
C LEU A 30 -8.38 1.05 9.11
N SER A 31 -9.34 0.96 8.19
CA SER A 31 -9.12 1.30 6.78
C SER A 31 -8.78 2.78 6.60
N LYS A 32 -8.99 3.56 7.66
CA LYS A 32 -8.69 4.99 7.62
C LYS A 32 -7.20 5.20 7.43
N ASN A 33 -6.43 4.23 7.88
CA ASN A 33 -4.98 4.27 7.80
C ASN A 33 -4.46 3.25 6.79
N ILE A 34 -5.20 2.17 6.57
CA ILE A 34 -4.77 1.14 5.64
C ILE A 34 -5.65 1.11 4.40
N VAL A 35 -5.01 1.12 3.23
CA VAL A 35 -5.72 1.07 1.96
C VAL A 35 -5.41 -0.22 1.23
N ALA A 36 -6.44 -0.95 0.85
CA ALA A 36 -6.27 -2.23 0.15
C ALA A 36 -5.77 -2.01 -1.26
N VAL A 37 -4.69 -2.70 -1.61
CA VAL A 37 -4.12 -2.57 -2.95
C VAL A 37 -3.75 -3.92 -3.53
N GLY A 38 -3.89 -4.00 -4.84
CA GLY A 38 -3.56 -5.20 -5.55
C GLY A 38 -4.48 -5.38 -6.72
N SER A 39 -4.67 -6.62 -7.11
CA SER A 39 -5.59 -6.94 -8.18
C SER A 39 -7.02 -6.59 -7.72
N LEU A 40 -7.21 -6.50 -6.39
CA LEU A 40 -8.50 -6.11 -5.81
C LEU A 40 -8.88 -4.74 -6.31
N ARG A 41 -7.90 -3.84 -6.32
CA ARG A 41 -8.14 -2.48 -6.77
C ARG A 41 -8.22 -2.48 -8.30
N ARG A 42 -7.48 -3.39 -8.92
CA ARG A 42 -7.48 -3.51 -10.38
C ARG A 42 -8.76 -4.17 -10.88
N GLU A 43 -9.56 -4.68 -9.94
CA GLU A 43 -10.84 -5.30 -10.25
C GLU A 43 -10.65 -6.62 -11.01
N GLU A 44 -9.73 -7.44 -10.51
CA GLU A 44 -9.42 -8.73 -11.13
C GLU A 44 -10.20 -9.86 -10.47
N LYS A 45 -10.43 -10.92 -11.24
CA LYS A 45 -11.18 -12.08 -10.77
C LYS A 45 -10.52 -12.80 -9.60
N MET A 46 -9.23 -13.07 -9.70
CA MET A 46 -8.52 -13.80 -8.65
C MET A 46 -7.05 -13.42 -8.56
N LEU A 47 -6.54 -13.37 -7.32
CA LEU A 47 -5.15 -13.05 -7.07
C LEU A 47 -4.58 -14.00 -6.01
N ASN A 48 -3.26 -14.01 -5.87
CA ASN A 48 -2.60 -14.88 -4.90
C ASN A 48 -2.43 -14.22 -3.53
N ASP A 49 -1.87 -13.02 -3.51
CA ASP A 49 -1.64 -12.31 -2.26
C ASP A 49 -2.32 -10.96 -2.27
N VAL A 50 -2.99 -10.63 -1.16
CA VAL A 50 -3.71 -9.37 -1.01
C VAL A 50 -2.81 -8.39 -0.31
N ASP A 51 -2.67 -7.21 -0.87
CA ASP A 51 -1.75 -6.24 -0.33
C ASP A 51 -2.46 -5.07 0.34
N LEU A 52 -1.83 -4.53 1.37
CA LEU A 52 -2.40 -3.44 2.15
C LEU A 52 -1.39 -2.32 2.42
N LEU A 53 -1.63 -1.16 1.85
CA LEU A 53 -0.77 -0.02 2.09
C LEU A 53 -1.19 0.67 3.39
N ILE A 54 -0.27 0.74 4.32
CA ILE A 54 -0.54 1.37 5.61
C ILE A 54 0.05 2.77 5.62
N ILE A 55 -0.82 3.78 5.56
CA ILE A 55 -0.39 5.16 5.56
C ILE A 55 -0.50 5.75 6.95
N VAL A 56 0.63 6.17 7.49
CA VAL A 56 0.66 6.77 8.81
C VAL A 56 1.18 8.19 8.74
N PRO A 57 0.47 9.14 9.36
CA PRO A 57 0.87 10.56 9.38
C PRO A 57 2.09 10.80 10.27
N GLU A 58 2.52 9.75 10.97
CA GLU A 58 3.67 9.86 11.85
C GLU A 58 4.64 8.72 11.62
N LYS A 59 5.91 9.06 11.58
CA LYS A 59 6.96 8.08 11.41
C LYS A 59 7.02 7.22 12.65
N LYS A 60 6.71 7.84 13.78
CA LYS A 60 6.70 7.16 15.04
C LYS A 60 5.56 6.14 15.07
N LEU A 61 4.32 6.62 14.94
CA LEU A 61 3.16 5.74 14.95
C LEU A 61 3.30 4.63 13.91
N LEU A 62 4.03 4.93 12.85
CA LEU A 62 4.28 3.98 11.78
C LEU A 62 5.09 2.81 12.30
N LYS A 63 6.19 3.14 12.97
CA LYS A 63 7.07 2.13 13.53
C LYS A 63 6.45 1.46 14.77
N HIS A 64 5.40 2.07 15.32
CA HIS A 64 4.75 1.53 16.52
C HIS A 64 3.96 0.27 16.23
N VAL A 65 3.58 0.07 14.98
CA VAL A 65 2.81 -1.11 14.60
C VAL A 65 3.68 -2.37 14.59
N LEU A 66 4.98 -2.19 14.39
CA LEU A 66 5.94 -3.30 14.33
C LEU A 66 6.07 -4.09 15.64
N PRO A 67 6.28 -3.42 16.81
CA PRO A 67 6.42 -4.09 18.11
C PRO A 67 5.36 -5.17 18.35
N ASN A 68 4.10 -4.81 18.19
CA ASN A 68 3.02 -5.77 18.37
C ASN A 68 1.85 -5.44 17.46
N ILE A 69 1.33 -6.47 16.78
CA ILE A 69 0.20 -6.31 15.89
C ILE A 69 -0.72 -7.50 16.07
N ARG A 70 -2.02 -7.27 16.10
CA ARG A 70 -2.98 -8.33 16.31
C ARG A 70 -4.26 -8.12 15.52
N ILE A 71 -5.03 -9.20 15.43
CA ILE A 71 -6.31 -9.18 14.75
C ILE A 71 -7.33 -9.79 15.69
N LYS A 72 -8.55 -9.30 15.64
CA LYS A 72 -9.60 -9.78 16.53
C LYS A 72 -10.21 -11.10 16.07
N GLY A 73 -9.87 -12.19 16.78
CA GLY A 73 -10.42 -13.50 16.48
C GLY A 73 -9.86 -14.12 15.21
N LEU A 74 -8.60 -13.87 14.90
CA LEU A 74 -8.01 -14.41 13.69
C LEU A 74 -6.61 -14.97 13.93
N SER A 75 -6.15 -15.83 13.02
CA SER A 75 -4.81 -16.41 13.11
C SER A 75 -3.90 -15.68 12.12
N PHE A 76 -2.68 -15.36 12.53
CA PHE A 76 -1.77 -14.63 11.66
C PHE A 76 -0.31 -15.05 11.86
N SER A 77 0.56 -14.60 10.95
CA SER A 77 1.99 -14.90 11.02
C SER A 77 2.78 -13.67 10.55
N VAL A 78 3.92 -13.40 11.18
CA VAL A 78 4.70 -12.21 10.84
C VAL A 78 5.98 -12.54 10.06
N LYS A 79 6.03 -12.09 8.82
CA LYS A 79 7.17 -12.30 7.95
C LYS A 79 7.67 -10.94 7.46
N VAL A 80 8.90 -10.88 6.97
CA VAL A 80 9.46 -9.63 6.49
C VAL A 80 9.67 -9.68 4.97
N CYS A 81 9.57 -8.52 4.32
CA CYS A 81 9.75 -8.43 2.88
C CYS A 81 10.69 -7.28 2.53
N GLY A 82 11.81 -7.60 1.91
CA GLY A 82 12.76 -6.56 1.56
C GLY A 82 13.35 -5.90 2.79
N GLU A 83 13.50 -4.59 2.72
CA GLU A 83 14.06 -3.83 3.83
C GLU A 83 12.97 -3.09 4.61
N ARG A 84 11.95 -2.61 3.92
CA ARG A 84 10.89 -1.84 4.55
C ARG A 84 9.52 -2.52 4.48
N LYS A 85 9.40 -3.57 3.69
CA LYS A 85 8.13 -4.26 3.53
C LYS A 85 7.99 -5.40 4.52
N CYS A 86 6.74 -5.75 4.82
CA CYS A 86 6.46 -6.84 5.73
C CYS A 86 5.38 -7.73 5.15
N VAL A 87 5.37 -8.99 5.56
CA VAL A 87 4.40 -9.95 5.06
C VAL A 87 3.62 -10.55 6.22
N LEU A 88 2.33 -10.71 6.05
CA LEU A 88 1.50 -11.29 7.08
C LEU A 88 0.73 -12.45 6.51
N PHE A 89 0.55 -13.48 7.30
CA PHE A 89 -0.22 -14.62 6.87
C PHE A 89 -1.46 -14.66 7.72
N ILE A 90 -2.60 -14.95 7.14
CA ILE A 90 -3.84 -14.99 7.92
C ILE A 90 -4.58 -16.28 7.69
N GLU A 91 -5.09 -16.85 8.76
CA GLU A 91 -5.80 -18.13 8.68
C GLU A 91 -7.10 -18.09 9.45
N TRP A 92 -8.14 -18.64 8.82
CA TRP A 92 -9.47 -18.70 9.43
C TRP A 92 -10.36 -19.66 8.64
N GLU A 93 -11.30 -20.30 9.34
CA GLU A 93 -12.24 -21.24 8.72
C GLU A 93 -11.52 -22.39 8.05
N LYS A 94 -10.48 -22.88 8.71
CA LYS A 94 -9.66 -23.98 8.21
C LYS A 94 -9.00 -23.61 6.88
N LYS A 95 -8.74 -22.31 6.71
CA LYS A 95 -8.10 -21.82 5.49
C LYS A 95 -6.96 -20.87 5.84
N THR A 96 -6.04 -20.70 4.91
CA THR A 96 -4.87 -19.84 5.10
C THR A 96 -4.65 -18.93 3.90
N TYR A 97 -4.28 -17.67 4.16
CA TYR A 97 -4.05 -16.69 3.10
C TYR A 97 -2.79 -15.88 3.34
N GLN A 98 -2.35 -15.20 2.29
CA GLN A 98 -1.15 -14.37 2.34
C GLN A 98 -1.48 -12.90 2.16
N LEU A 99 -0.93 -12.08 3.03
CA LEU A 99 -1.16 -10.66 2.98
C LEU A 99 0.14 -9.89 2.96
N ASP A 100 0.16 -8.82 2.19
CA ASP A 100 1.32 -7.97 2.09
C ASP A 100 1.06 -6.66 2.78
N LEU A 101 1.89 -6.27 3.71
CA LEU A 101 1.69 -5.02 4.41
C LEU A 101 2.88 -4.09 4.19
N PHE A 102 2.59 -2.88 3.75
CA PHE A 102 3.63 -1.89 3.51
C PHE A 102 3.36 -0.65 4.34
N THR A 103 4.39 -0.12 4.96
CA THR A 103 4.25 1.06 5.78
C THR A 103 4.78 2.30 5.05
N ALA A 104 3.92 3.30 4.91
CA ALA A 104 4.28 4.54 4.24
C ALA A 104 3.78 5.74 5.04
N LEU A 105 4.25 6.93 4.71
CA LEU A 105 3.85 8.13 5.41
C LEU A 105 2.66 8.78 4.73
N ALA A 106 1.97 9.64 5.46
CA ALA A 106 0.79 10.34 4.95
C ALA A 106 1.13 11.15 3.70
N GLU A 107 2.38 11.58 3.63
CA GLU A 107 2.83 12.37 2.48
C GLU A 107 3.15 11.46 1.29
N GLU A 108 3.48 10.21 1.59
CA GLU A 108 3.83 9.25 0.56
C GLU A 108 2.58 8.54 0.04
N LYS A 109 1.46 8.79 0.72
CA LYS A 109 0.16 8.21 0.38
C LYS A 109 -0.13 8.17 -1.13
N PRO A 110 -0.19 9.34 -1.83
CA PRO A 110 -0.49 9.37 -3.26
C PRO A 110 0.51 8.56 -4.09
N TYR A 111 1.78 8.67 -3.74
CA TYR A 111 2.85 7.97 -4.44
C TYR A 111 2.71 6.47 -4.32
N ALA A 112 2.57 6.00 -3.09
CA ALA A 112 2.45 4.59 -2.82
C ALA A 112 1.22 4.01 -3.54
N ILE A 113 0.11 4.74 -3.45
CA ILE A 113 -1.12 4.32 -4.10
C ILE A 113 -0.90 4.20 -5.60
N PHE A 114 -0.25 5.19 -6.19
CA PHE A 114 0.02 5.20 -7.62
C PHE A 114 0.76 3.95 -8.06
N HIS A 115 1.75 3.55 -7.28
CA HIS A 115 2.53 2.36 -7.56
C HIS A 115 1.63 1.12 -7.59
N PHE A 116 0.90 0.91 -6.52
CA PHE A 116 0.02 -0.24 -6.42
C PHE A 116 -1.31 -0.06 -7.18
N THR A 117 -1.51 1.10 -7.79
CA THR A 117 -2.74 1.37 -8.52
C THR A 117 -3.02 0.28 -9.56
N GLY A 118 -2.20 0.14 -10.60
CA GLY A 118 -2.47 -0.89 -11.57
C GLY A 118 -1.31 -1.79 -11.92
N PRO A 119 -0.78 -1.66 -13.16
CA PRO A 119 0.34 -2.46 -13.61
C PRO A 119 1.69 -1.76 -13.44
N VAL A 120 2.61 -2.48 -12.83
CA VAL A 120 3.98 -2.01 -12.61
C VAL A 120 4.61 -1.48 -13.91
N SER A 121 4.25 -2.12 -15.03
CA SER A 121 4.75 -1.71 -16.34
C SER A 121 4.53 -0.21 -16.57
N TYR A 122 3.36 0.28 -16.23
CA TYR A 122 3.05 1.70 -16.38
C TYR A 122 4.01 2.55 -15.53
N LEU A 123 4.31 2.06 -14.33
CA LEU A 123 5.20 2.77 -13.41
C LEU A 123 6.60 2.88 -13.98
N ILE A 124 7.20 1.75 -14.34
CA ILE A 124 8.55 1.74 -14.90
C ILE A 124 8.61 2.59 -16.18
N ARG A 125 7.50 2.64 -16.90
CA ARG A 125 7.41 3.46 -18.11
C ARG A 125 7.54 4.94 -17.74
N ILE A 126 6.79 5.33 -16.71
CA ILE A 126 6.78 6.70 -16.22
C ILE A 126 8.13 7.06 -15.60
N ARG A 127 8.71 6.10 -14.87
CA ARG A 127 9.99 6.30 -14.22
C ARG A 127 11.06 6.60 -15.27
N ALA A 128 11.00 5.89 -16.38
CA ALA A 128 11.95 6.07 -17.47
C ALA A 128 11.73 7.42 -18.15
N ALA A 129 10.47 7.78 -18.33
CA ALA A 129 10.11 9.06 -18.95
C ALA A 129 10.68 10.21 -18.14
N LEU A 130 10.44 10.18 -16.84
CA LEU A 130 10.94 11.20 -15.94
C LEU A 130 12.46 11.25 -16.00
N LYS A 131 13.07 10.08 -16.04
CA LYS A 131 14.53 9.97 -16.10
C LYS A 131 15.05 10.73 -17.30
N LYS A 132 14.35 10.62 -18.43
CA LYS A 132 14.74 11.31 -19.64
C LYS A 132 14.52 12.83 -19.51
N LYS A 133 13.54 13.22 -18.68
CA LYS A 133 13.26 14.65 -18.49
C LYS A 133 14.04 15.22 -17.29
N ASN A 134 14.87 14.37 -16.70
CA ASN A 134 15.72 14.75 -15.56
C ASN A 134 14.92 14.86 -14.26
N TYR A 135 14.05 13.88 -14.06
CA TYR A 135 13.22 13.79 -12.87
C TYR A 135 13.25 12.37 -12.34
N LYS A 136 13.30 12.22 -11.03
CA LYS A 136 13.32 10.91 -10.43
C LYS A 136 12.26 10.81 -9.36
N LEU A 137 11.38 9.85 -9.50
CA LEU A 137 10.30 9.64 -8.56
C LEU A 137 10.73 8.64 -7.49
N ASN A 138 10.29 8.86 -6.25
CA ASN A 138 10.62 7.99 -5.14
C ASN A 138 9.51 8.05 -4.12
N GLN A 139 9.47 7.07 -3.22
CA GLN A 139 8.43 7.02 -2.19
C GLN A 139 8.47 8.25 -1.29
N TYR A 140 9.61 8.93 -1.26
CA TYR A 140 9.78 10.10 -0.41
C TYR A 140 9.41 11.40 -1.13
N GLY A 141 9.45 11.38 -2.46
CA GLY A 141 9.14 12.58 -3.21
C GLY A 141 9.70 12.55 -4.61
N LEU A 142 9.93 13.72 -5.18
CA LEU A 142 10.46 13.84 -6.53
C LEU A 142 11.89 14.35 -6.49
N PHE A 143 12.64 14.09 -7.55
CA PHE A 143 14.01 14.57 -7.64
C PHE A 143 14.25 15.30 -8.95
N LYS A 144 14.32 16.61 -8.88
CA LYS A 144 14.56 17.44 -10.05
C LYS A 144 16.02 17.89 -10.05
N ASN A 145 16.79 17.37 -11.00
CA ASN A 145 18.21 17.73 -11.11
C ASN A 145 18.93 17.45 -9.80
N GLN A 146 18.65 16.28 -9.22
CA GLN A 146 19.24 15.82 -7.96
C GLN A 146 18.66 16.56 -6.74
N THR A 147 17.73 17.47 -7.00
CA THR A 147 17.10 18.23 -5.93
C THR A 147 15.75 17.63 -5.55
N LEU A 148 15.61 17.24 -4.28
CA LEU A 148 14.36 16.65 -3.81
C LEU A 148 13.25 17.68 -3.81
N VAL A 149 12.12 17.27 -4.34
CA VAL A 149 10.93 18.10 -4.43
C VAL A 149 9.76 17.39 -3.76
N PRO A 150 9.17 18.00 -2.73
CA PRO A 150 8.03 17.41 -2.01
C PRO A 150 6.75 17.38 -2.85
N LEU A 151 5.76 16.66 -2.36
CA LEU A 151 4.49 16.53 -3.05
C LEU A 151 3.44 17.49 -2.50
N LYS A 152 2.54 17.92 -3.36
CA LYS A 152 1.45 18.82 -2.98
C LYS A 152 0.12 18.25 -3.44
N ILE A 153 0.01 16.93 -3.38
CA ILE A 153 -1.20 16.25 -3.83
C ILE A 153 -1.61 15.14 -2.87
N THR A 154 -2.81 14.62 -3.07
CA THR A 154 -3.31 13.53 -2.25
C THR A 154 -4.13 12.55 -3.10
N THR A 155 -4.43 12.92 -4.34
CA THR A 155 -5.22 12.07 -5.23
C THR A 155 -4.38 11.59 -6.40
N GLU A 156 -4.72 10.41 -6.91
CA GLU A 156 -4.02 9.80 -8.05
C GLU A 156 -3.97 10.78 -9.23
N LYS A 157 -5.12 11.33 -9.58
CA LYS A 157 -5.22 12.28 -10.69
C LYS A 157 -4.33 13.49 -10.44
N GLU A 158 -4.44 14.05 -9.24
CA GLU A 158 -3.64 15.20 -8.88
C GLU A 158 -2.16 14.85 -8.96
N LEU A 159 -1.84 13.63 -8.57
CA LEU A 159 -0.46 13.16 -8.60
C LEU A 159 0.05 13.08 -10.02
N ILE A 160 -0.67 12.37 -10.89
CA ILE A 160 -0.26 12.24 -12.29
C ILE A 160 -0.14 13.61 -12.93
N LYS A 161 -1.07 14.51 -12.61
CA LYS A 161 -1.03 15.87 -13.14
C LYS A 161 0.20 16.60 -12.61
N GLU A 162 0.47 16.41 -11.32
CA GLU A 162 1.64 17.01 -10.67
C GLU A 162 2.92 16.46 -11.28
N LEU A 163 2.88 15.19 -11.69
CA LEU A 163 4.04 14.55 -12.30
C LEU A 163 4.21 15.00 -13.75
N GLY A 164 3.11 15.39 -14.38
CA GLY A 164 3.16 15.83 -15.75
C GLY A 164 2.75 14.73 -16.73
N PHE A 165 1.87 13.85 -16.29
CA PHE A 165 1.40 12.75 -17.12
C PHE A 165 -0.12 12.68 -17.15
N THR A 166 -0.63 11.69 -17.87
CA THR A 166 -2.06 11.47 -18.00
C THR A 166 -2.49 10.28 -17.15
N TYR A 167 -3.73 10.29 -16.69
CA TYR A 167 -4.24 9.19 -15.88
C TYR A 167 -4.92 8.15 -16.76
N ARG A 168 -4.37 6.95 -16.76
CA ARG A 168 -4.92 5.86 -17.54
C ARG A 168 -5.51 4.81 -16.61
N ILE A 169 -6.48 4.05 -17.10
CA ILE A 169 -7.09 3.02 -16.28
C ILE A 169 -6.28 1.73 -16.35
N PRO A 170 -6.01 1.14 -15.18
CA PRO A 170 -5.21 -0.09 -15.10
C PRO A 170 -5.87 -1.28 -15.77
N LYS A 171 -7.18 -1.21 -15.87
CA LYS A 171 -7.98 -2.26 -16.48
C LYS A 171 -7.61 -2.52 -17.93
N LYS A 172 -7.16 -1.48 -18.62
CA LYS A 172 -6.79 -1.61 -20.02
C LYS A 172 -5.27 -1.66 -20.23
N ARG A 173 -4.52 -1.75 -19.12
CA ARG A 173 -3.05 -1.84 -19.16
C ARG A 173 -2.41 -0.53 -19.64
N LEU A 174 -1.47 0.00 -18.85
CA LEU A 174 -0.79 1.25 -19.17
C LEU A 174 -1.80 2.35 -19.45
PG DGT B . -1.22 -10.45 -7.38
O1G DGT B . -0.17 -11.24 -8.06
O2G DGT B . -2.62 -10.75 -7.70
O3G DGT B . -1.01 -10.70 -5.80
O3B DGT B . -0.89 -8.89 -7.53
PB DGT B . -1.48 -7.91 -6.40
O1B DGT B . -1.61 -6.56 -6.98
O2B DGT B . -2.67 -8.53 -5.77
O3A DGT B . -0.19 -7.96 -5.43
PA DGT B . 0.76 -6.73 -5.01
O1A DGT B . 1.94 -7.38 -4.40
O2A DGT B . -0.05 -5.79 -4.22
O5' DGT B . 1.39 -5.85 -6.21
C5' DGT B . 0.65 -5.20 -7.24
C4' DGT B . 1.65 -4.21 -7.81
O4' DGT B . 2.44 -3.88 -6.67
C3' DGT B . 2.57 -4.71 -8.91
O3' DGT B . 2.34 -3.96 -10.11
C2' DGT B . 3.94 -4.36 -8.34
C1' DGT B . 3.70 -3.43 -7.16
N9 DGT B . 4.67 -3.77 -6.08
C8 DGT B . 5.69 -3.07 -5.60
N7 DGT B . 6.53 -3.93 -5.03
C5 DGT B . 6.02 -5.16 -5.13
C6 DGT B . 6.57 -6.35 -4.91
O6 DGT B . 7.69 -6.45 -4.40
N1 DGT B . 5.89 -7.52 -5.30
C2 DGT B . 4.64 -7.35 -5.90
N2 DGT B . 3.94 -8.42 -6.28
N3 DGT B . 4.14 -6.14 -6.08
C4 DGT B . 4.84 -5.04 -5.74
H5' DGT B . -0.22 -4.69 -6.80
H5'A DGT B . 0.34 -5.92 -8.00
H4' DGT B . 1.18 -3.29 -8.14
H3' DGT B . 2.46 -5.80 -9.04
HO3' DGT B . 1.38 -3.93 -10.37
H2' DGT B . 4.42 -5.24 -7.95
H2'A DGT B . 4.57 -3.76 -9.01
H1' DGT B . 3.68 -2.37 -7.44
H8 DGT B . 5.72 -1.99 -5.52
HN2 DGT B . 3.02 -8.32 -6.64
HN2A DGT B . 4.33 -9.33 -6.12
H16 DGT B . 6.34 -8.40 -5.27
MG MG C . 1.71 -8.65 -2.08
MG MG D . -0.84 -10.25 -4.60
N MET A 1 -5.74 -20.26 -3.68
CA MET A 1 -5.84 -18.83 -4.06
C MET A 1 -7.17 -18.25 -3.59
N LEU A 2 -7.32 -16.96 -3.76
CA LEU A 2 -8.53 -16.26 -3.38
C LEU A 2 -9.12 -15.51 -4.58
N THR A 3 -10.38 -15.13 -4.47
CA THR A 3 -11.04 -14.40 -5.54
C THR A 3 -11.20 -12.93 -5.16
N LEU A 4 -11.62 -12.11 -6.11
CA LEU A 4 -11.84 -10.68 -5.86
C LEU A 4 -12.76 -10.48 -4.66
N ILE A 5 -13.83 -11.29 -4.59
CA ILE A 5 -14.77 -11.21 -3.50
C ILE A 5 -14.09 -11.52 -2.17
N GLN A 6 -13.16 -12.47 -2.19
CA GLN A 6 -12.43 -12.85 -1.00
C GLN A 6 -11.56 -11.69 -0.53
N GLY A 7 -10.85 -11.08 -1.46
CA GLY A 7 -10.01 -9.94 -1.11
C GLY A 7 -10.80 -8.87 -0.40
N LYS A 8 -11.98 -8.59 -0.93
CA LYS A 8 -12.87 -7.59 -0.36
C LYS A 8 -13.32 -8.03 1.03
N LYS A 9 -13.63 -9.32 1.17
CA LYS A 9 -14.08 -9.84 2.45
C LYS A 9 -12.97 -9.80 3.48
N ILE A 10 -11.81 -10.33 3.12
CA ILE A 10 -10.69 -10.37 4.04
C ILE A 10 -10.23 -8.97 4.43
N VAL A 11 -10.16 -8.06 3.47
CA VAL A 11 -9.76 -6.69 3.77
C VAL A 11 -10.76 -6.04 4.72
N ASN A 12 -12.05 -6.14 4.37
CA ASN A 12 -13.12 -5.59 5.19
C ASN A 12 -13.01 -6.08 6.63
N HIS A 13 -12.86 -7.39 6.79
CA HIS A 13 -12.74 -7.99 8.10
C HIS A 13 -11.45 -7.55 8.79
N LEU A 14 -10.36 -7.63 8.03
CA LEU A 14 -9.04 -7.27 8.51
C LEU A 14 -8.98 -5.84 9.02
N ARG A 15 -9.51 -4.90 8.24
CA ARG A 15 -9.48 -3.49 8.63
C ARG A 15 -10.36 -3.23 9.85
N SER A 16 -11.48 -3.94 9.96
CA SER A 16 -12.38 -3.77 11.09
C SER A 16 -11.84 -4.46 12.35
N ARG A 17 -10.85 -5.32 12.17
CA ARG A 17 -10.28 -6.08 13.29
C ARG A 17 -8.78 -5.85 13.53
N LEU A 18 -8.16 -4.91 12.82
CA LEU A 18 -6.73 -4.69 12.98
C LEU A 18 -6.44 -3.95 14.27
N ALA A 19 -5.41 -4.40 14.98
CA ALA A 19 -4.99 -3.74 16.21
C ALA A 19 -3.54 -4.07 16.49
N PHE A 20 -2.78 -3.07 16.88
CA PHE A 20 -1.38 -3.31 17.19
C PHE A 20 -1.09 -2.84 18.61
N GLU A 21 0.00 -3.31 19.17
CA GLU A 21 0.36 -2.93 20.51
C GLU A 21 1.66 -2.14 20.51
N TYR A 22 1.66 -1.08 21.29
CA TYR A 22 2.80 -0.21 21.41
C TYR A 22 3.05 0.11 22.88
N ASN A 23 4.23 -0.27 23.38
CA ASN A 23 4.62 -0.02 24.77
C ASN A 23 3.60 -0.62 25.74
N GLY A 24 2.97 -1.70 25.32
CA GLY A 24 2.00 -2.35 26.16
C GLY A 24 0.59 -1.82 25.95
N GLN A 25 0.48 -0.67 25.28
CA GLN A 25 -0.82 -0.06 25.03
C GLN A 25 -1.40 -0.57 23.72
N LEU A 26 -2.65 -0.98 23.75
CA LEU A 26 -3.31 -1.47 22.55
C LEU A 26 -3.83 -0.33 21.69
N ILE A 27 -3.52 -0.40 20.40
CA ILE A 27 -3.92 0.61 19.44
C ILE A 27 -4.58 -0.03 18.22
N LYS A 28 -5.90 0.12 18.09
CA LYS A 28 -6.65 -0.45 16.97
C LYS A 28 -6.36 0.29 15.66
N ILE A 29 -6.37 -0.44 14.54
CA ILE A 29 -6.10 0.14 13.22
C ILE A 29 -7.18 -0.26 12.19
N LEU A 30 -7.83 0.77 11.64
CA LEU A 30 -8.87 0.59 10.62
C LEU A 30 -8.44 1.01 9.22
N SER A 31 -9.35 0.86 8.27
CA SER A 31 -9.13 1.23 6.86
C SER A 31 -8.78 2.72 6.70
N LYS A 32 -9.02 3.52 7.74
CA LYS A 32 -8.72 4.95 7.68
C LYS A 32 -7.21 5.18 7.61
N ASN A 33 -6.47 4.22 8.14
CA ASN A 33 -5.03 4.28 8.16
C ASN A 33 -4.45 3.22 7.22
N ILE A 34 -5.28 2.25 6.87
CA ILE A 34 -4.86 1.15 6.00
C ILE A 34 -5.71 1.09 4.72
N VAL A 35 -5.05 1.16 3.57
CA VAL A 35 -5.74 1.14 2.29
C VAL A 35 -5.34 -0.09 1.47
N ALA A 36 -6.33 -0.84 1.00
CA ALA A 36 -6.07 -2.03 0.22
C ALA A 36 -5.73 -1.69 -1.23
N VAL A 37 -4.73 -2.37 -1.76
CA VAL A 37 -4.27 -2.17 -3.13
C VAL A 37 -3.85 -3.48 -3.76
N GLY A 38 -3.94 -3.52 -5.07
CA GLY A 38 -3.55 -4.68 -5.81
C GLY A 38 -4.36 -4.84 -7.07
N SER A 39 -4.35 -6.03 -7.62
CA SER A 39 -5.14 -6.33 -8.79
C SER A 39 -6.62 -6.25 -8.39
N LEU A 40 -6.87 -6.38 -7.08
CA LEU A 40 -8.21 -6.26 -6.52
C LEU A 40 -8.76 -4.88 -6.92
N ARG A 41 -7.88 -3.89 -6.89
CA ARG A 41 -8.23 -2.53 -7.27
C ARG A 41 -8.32 -2.45 -8.80
N ARG A 42 -7.45 -3.22 -9.47
CA ARG A 42 -7.43 -3.28 -10.92
C ARG A 42 -8.60 -4.11 -11.48
N GLU A 43 -9.41 -4.67 -10.58
CA GLU A 43 -10.58 -5.46 -10.95
C GLU A 43 -10.23 -6.84 -11.51
N GLU A 44 -9.39 -7.57 -10.78
CA GLU A 44 -8.99 -8.89 -11.18
C GLU A 44 -9.95 -9.91 -10.57
N LYS A 45 -10.14 -11.03 -11.26
CA LYS A 45 -11.07 -12.06 -10.80
C LYS A 45 -10.41 -12.98 -9.77
N MET A 46 -9.14 -13.28 -9.96
CA MET A 46 -8.44 -14.18 -9.05
C MET A 46 -7.14 -13.55 -8.53
N LEU A 47 -6.92 -13.64 -7.22
CA LEU A 47 -5.73 -13.09 -6.63
C LEU A 47 -4.97 -14.11 -5.80
N ASN A 48 -3.71 -13.81 -5.60
CA ASN A 48 -2.84 -14.65 -4.78
C ASN A 48 -2.70 -14.03 -3.41
N ASP A 49 -2.41 -12.72 -3.40
CA ASP A 49 -2.25 -11.99 -2.15
C ASP A 49 -2.83 -10.61 -2.28
N VAL A 50 -3.46 -10.13 -1.20
CA VAL A 50 -4.04 -8.80 -1.17
C VAL A 50 -3.07 -7.90 -0.46
N ASP A 51 -2.88 -6.71 -0.96
CA ASP A 51 -1.91 -5.84 -0.37
C ASP A 51 -2.56 -4.62 0.24
N LEU A 52 -1.96 -4.10 1.29
CA LEU A 52 -2.53 -2.97 2.00
C LEU A 52 -1.46 -1.98 2.46
N LEU A 53 -1.54 -0.76 1.97
CA LEU A 53 -0.62 0.30 2.35
C LEU A 53 -1.13 0.97 3.61
N ILE A 54 -0.25 1.13 4.58
CA ILE A 54 -0.61 1.76 5.83
C ILE A 54 -0.07 3.18 5.87
N ILE A 55 -0.96 4.16 5.76
CA ILE A 55 -0.56 5.56 5.78
C ILE A 55 -0.67 6.12 7.19
N VAL A 56 0.47 6.43 7.77
CA VAL A 56 0.50 6.95 9.13
C VAL A 56 0.97 8.41 9.16
N PRO A 57 0.23 9.27 9.86
CA PRO A 57 0.55 10.70 9.97
C PRO A 57 1.82 10.98 10.78
N GLU A 58 2.35 9.95 11.43
CA GLU A 58 3.55 10.13 12.23
C GLU A 58 4.55 9.01 11.99
N LYS A 59 5.82 9.38 11.98
CA LYS A 59 6.91 8.43 11.78
C LYS A 59 6.95 7.50 12.98
N LYS A 60 6.61 8.04 14.13
CA LYS A 60 6.61 7.29 15.36
C LYS A 60 5.49 6.27 15.34
N LEU A 61 4.25 6.75 15.22
CA LEU A 61 3.09 5.87 15.17
C LEU A 61 3.25 4.81 14.08
N LEU A 62 3.99 5.15 13.04
CA LEU A 62 4.24 4.23 11.94
C LEU A 62 5.10 3.08 12.41
N LYS A 63 6.17 3.40 13.10
CA LYS A 63 7.07 2.37 13.60
C LYS A 63 6.52 1.74 14.88
N HIS A 64 5.42 2.28 15.40
CA HIS A 64 4.80 1.73 16.62
C HIS A 64 4.04 0.45 16.34
N VAL A 65 3.64 0.28 15.08
CA VAL A 65 2.89 -0.92 14.67
C VAL A 65 3.79 -2.15 14.63
N LEU A 66 5.09 -1.93 14.42
CA LEU A 66 6.06 -3.02 14.32
C LEU A 66 6.23 -3.83 15.63
N PRO A 67 6.43 -3.18 16.81
CA PRO A 67 6.59 -3.89 18.09
C PRO A 67 5.60 -5.04 18.30
N ASN A 68 4.32 -4.77 18.12
CA ASN A 68 3.31 -5.80 18.26
C ASN A 68 2.10 -5.50 17.40
N ILE A 69 1.62 -6.51 16.71
CA ILE A 69 0.47 -6.39 15.83
C ILE A 69 -0.40 -7.64 15.97
N ARG A 70 -1.71 -7.46 16.04
CA ARG A 70 -2.61 -8.58 16.18
C ARG A 70 -3.96 -8.32 15.51
N ILE A 71 -4.78 -9.34 15.47
CA ILE A 71 -6.11 -9.26 14.89
C ILE A 71 -7.11 -9.89 15.85
N LYS A 72 -8.32 -9.37 15.88
CA LYS A 72 -9.35 -9.87 16.79
C LYS A 72 -9.87 -11.26 16.41
N GLY A 73 -9.48 -12.27 17.17
CA GLY A 73 -9.96 -13.63 16.92
C GLY A 73 -9.51 -14.24 15.61
N LEU A 74 -8.33 -13.88 15.13
CA LEU A 74 -7.83 -14.41 13.87
C LEU A 74 -6.45 -15.06 14.01
N SER A 75 -6.08 -15.90 13.05
CA SER A 75 -4.77 -16.53 13.06
C SER A 75 -3.88 -15.79 12.06
N PHE A 76 -2.70 -15.38 12.49
CA PHE A 76 -1.82 -14.62 11.60
C PHE A 76 -0.35 -14.93 11.86
N SER A 77 0.47 -14.69 10.84
CA SER A 77 1.90 -14.91 10.91
C SER A 77 2.61 -13.63 10.48
N VAL A 78 3.71 -13.30 11.16
CA VAL A 78 4.42 -12.05 10.88
C VAL A 78 5.75 -12.31 10.15
N LYS A 79 5.82 -11.88 8.89
CA LYS A 79 7.02 -12.04 8.09
C LYS A 79 7.46 -10.67 7.59
N VAL A 80 8.73 -10.55 7.18
CA VAL A 80 9.23 -9.28 6.70
C VAL A 80 9.46 -9.34 5.19
N CYS A 81 9.49 -8.19 4.54
CA CYS A 81 9.70 -8.12 3.10
C CYS A 81 10.58 -6.93 2.71
N GLY A 82 11.64 -7.21 1.99
CA GLY A 82 12.51 -6.14 1.54
C GLY A 82 13.19 -5.41 2.66
N GLU A 83 13.22 -4.10 2.54
CA GLU A 83 13.85 -3.24 3.50
C GLU A 83 12.87 -2.73 4.56
N ARG A 84 11.70 -2.28 4.14
CA ARG A 84 10.71 -1.74 5.06
C ARG A 84 9.31 -2.35 4.88
N LYS A 85 9.21 -3.35 4.03
CA LYS A 85 7.92 -4.01 3.76
C LYS A 85 7.72 -5.21 4.67
N CYS A 86 6.46 -5.56 4.91
CA CYS A 86 6.14 -6.71 5.76
C CYS A 86 5.14 -7.64 5.07
N VAL A 87 5.16 -8.91 5.46
CA VAL A 87 4.26 -9.91 4.89
C VAL A 87 3.56 -10.65 6.01
N LEU A 88 2.24 -10.71 5.96
CA LEU A 88 1.52 -11.40 6.99
C LEU A 88 0.63 -12.47 6.37
N PHE A 89 0.38 -13.52 7.13
CA PHE A 89 -0.46 -14.60 6.66
C PHE A 89 -1.66 -14.68 7.57
N ILE A 90 -2.84 -14.90 7.02
CA ILE A 90 -4.03 -14.97 7.84
C ILE A 90 -4.76 -16.28 7.62
N GLU A 91 -5.18 -16.90 8.70
CA GLU A 91 -5.88 -18.17 8.62
C GLU A 91 -7.15 -18.16 9.47
N TRP A 92 -8.25 -18.55 8.85
CA TRP A 92 -9.55 -18.64 9.52
C TRP A 92 -10.52 -19.40 8.63
N GLU A 93 -11.51 -20.08 9.24
CA GLU A 93 -12.49 -20.87 8.50
C GLU A 93 -11.78 -22.01 7.78
N LYS A 94 -10.74 -22.53 8.43
CA LYS A 94 -9.92 -23.61 7.89
C LYS A 94 -9.29 -23.18 6.58
N LYS A 95 -9.09 -21.87 6.43
CA LYS A 95 -8.50 -21.33 5.22
C LYS A 95 -7.32 -20.42 5.55
N THR A 96 -6.47 -20.22 4.58
CA THR A 96 -5.28 -19.39 4.73
C THR A 96 -5.14 -18.42 3.55
N TYR A 97 -4.79 -17.18 3.86
CA TYR A 97 -4.61 -16.15 2.82
C TYR A 97 -3.34 -15.36 3.08
N GLN A 98 -2.85 -14.69 2.04
CA GLN A 98 -1.64 -13.89 2.13
C GLN A 98 -1.98 -12.40 2.14
N LEU A 99 -1.40 -11.71 3.12
CA LEU A 99 -1.62 -10.30 3.31
C LEU A 99 -0.31 -9.53 3.27
N ASP A 100 -0.15 -8.66 2.28
CA ASP A 100 1.05 -7.85 2.17
C ASP A 100 0.77 -6.48 2.75
N LEU A 101 1.62 -6.02 3.66
CA LEU A 101 1.41 -4.71 4.26
C LEU A 101 2.67 -3.87 4.16
N PHE A 102 2.48 -2.62 3.77
CA PHE A 102 3.59 -1.69 3.63
C PHE A 102 3.32 -0.46 4.46
N THR A 103 4.33 0.01 5.17
CA THR A 103 4.17 1.19 6.00
C THR A 103 4.60 2.44 5.26
N ALA A 104 3.70 3.42 5.20
CA ALA A 104 3.97 4.67 4.51
C ALA A 104 3.56 5.86 5.38
N LEU A 105 4.06 7.03 5.04
CA LEU A 105 3.74 8.24 5.77
C LEU A 105 2.55 8.94 5.17
N ALA A 106 1.97 9.85 5.93
CA ALA A 106 0.79 10.62 5.49
C ALA A 106 1.10 11.38 4.21
N GLU A 107 2.36 11.76 4.05
CA GLU A 107 2.79 12.50 2.88
C GLU A 107 2.99 11.54 1.70
N GLU A 108 3.21 10.27 2.02
CA GLU A 108 3.44 9.23 1.02
C GLU A 108 2.12 8.56 0.63
N LYS A 109 1.03 9.27 0.80
CA LYS A 109 -0.27 8.71 0.51
C LYS A 109 -0.52 8.59 -1.00
N PRO A 110 -0.49 9.70 -1.77
CA PRO A 110 -0.73 9.66 -3.22
C PRO A 110 0.30 8.81 -3.97
N TYR A 111 1.58 9.03 -3.68
CA TYR A 111 2.66 8.30 -4.35
C TYR A 111 2.51 6.79 -4.20
N ALA A 112 2.48 6.34 -2.96
CA ALA A 112 2.36 4.91 -2.67
C ALA A 112 1.14 4.31 -3.36
N ILE A 113 0.01 5.02 -3.28
CA ILE A 113 -1.22 4.56 -3.89
C ILE A 113 -1.07 4.46 -5.41
N PHE A 114 -0.43 5.47 -6.02
CA PHE A 114 -0.24 5.49 -7.46
C PHE A 114 0.46 4.22 -7.91
N HIS A 115 1.53 3.86 -7.20
CA HIS A 115 2.31 2.68 -7.50
C HIS A 115 1.43 1.43 -7.46
N PHE A 116 0.82 1.19 -6.31
CA PHE A 116 0.00 0.00 -6.11
C PHE A 116 -1.41 0.08 -6.73
N THR A 117 -1.77 1.19 -7.35
CA THR A 117 -3.10 1.32 -7.92
C THR A 117 -3.28 0.63 -9.27
N GLY A 118 -2.30 0.68 -10.19
CA GLY A 118 -2.52 0.00 -11.46
C GLY A 118 -1.53 -1.09 -11.81
N PRO A 119 -0.69 -0.92 -12.85
CA PRO A 119 0.29 -1.90 -13.23
C PRO A 119 1.76 -1.44 -13.12
N VAL A 120 2.61 -2.35 -12.71
CA VAL A 120 4.05 -2.10 -12.59
C VAL A 120 4.61 -1.61 -13.92
N SER A 121 4.09 -2.16 -15.01
CA SER A 121 4.51 -1.80 -16.36
C SER A 121 4.42 -0.30 -16.60
N TYR A 122 3.29 0.30 -16.23
CA TYR A 122 3.09 1.73 -16.40
C TYR A 122 4.11 2.52 -15.57
N LEU A 123 4.35 2.03 -14.36
CA LEU A 123 5.26 2.67 -13.43
C LEU A 123 6.69 2.69 -13.96
N ILE A 124 7.21 1.52 -14.30
CA ILE A 124 8.57 1.40 -14.82
C ILE A 124 8.75 2.20 -16.12
N ARG A 125 7.72 2.21 -16.96
CA ARG A 125 7.77 2.95 -18.22
C ARG A 125 7.91 4.43 -17.95
N ILE A 126 7.04 4.94 -17.09
CA ILE A 126 7.04 6.34 -16.72
C ILE A 126 8.35 6.71 -16.01
N ARG A 127 8.88 5.76 -15.27
CA ARG A 127 10.11 5.95 -14.52
C ARG A 127 11.29 6.25 -15.45
N ALA A 128 11.44 5.43 -16.49
CA ALA A 128 12.53 5.61 -17.44
C ALA A 128 12.35 6.87 -18.28
N ALA A 129 11.10 7.14 -18.65
CA ALA A 129 10.78 8.31 -19.46
C ALA A 129 11.19 9.59 -18.73
N LEU A 130 10.71 9.74 -17.51
CA LEU A 130 11.01 10.92 -16.73
C LEU A 130 12.49 10.95 -16.33
N LYS A 131 13.09 9.78 -16.18
CA LYS A 131 14.51 9.71 -15.86
C LYS A 131 15.27 10.45 -16.95
N LYS A 132 14.85 10.22 -18.20
CA LYS A 132 15.43 10.89 -19.35
C LYS A 132 15.05 12.37 -19.30
N LYS A 133 13.91 12.66 -18.66
CA LYS A 133 13.42 14.04 -18.51
C LYS A 133 14.12 14.72 -17.34
N ASN A 134 15.05 13.98 -16.73
CA ASN A 134 15.86 14.47 -15.61
C ASN A 134 15.05 14.52 -14.32
N TYR A 135 14.16 13.56 -14.17
CA TYR A 135 13.33 13.43 -12.99
C TYR A 135 13.38 12.00 -12.49
N LYS A 136 13.39 11.84 -11.18
CA LYS A 136 13.41 10.52 -10.58
C LYS A 136 12.39 10.46 -9.46
N LEU A 137 11.43 9.55 -9.58
CA LEU A 137 10.39 9.40 -8.58
C LEU A 137 10.85 8.41 -7.52
N ASN A 138 10.41 8.62 -6.29
CA ASN A 138 10.79 7.74 -5.19
C ASN A 138 9.74 7.79 -4.10
N GLN A 139 9.71 6.79 -3.25
CA GLN A 139 8.74 6.71 -2.14
C GLN A 139 9.06 7.72 -1.04
N TYR A 140 9.81 8.75 -1.39
CA TYR A 140 10.16 9.81 -0.46
C TYR A 140 9.85 11.16 -1.09
N GLY A 141 9.83 11.19 -2.41
CA GLY A 141 9.55 12.41 -3.13
C GLY A 141 10.05 12.37 -4.55
N LEU A 142 10.29 13.55 -5.11
CA LEU A 142 10.76 13.66 -6.47
C LEU A 142 12.18 14.16 -6.51
N PHE A 143 12.95 13.67 -7.46
CA PHE A 143 14.32 14.12 -7.62
C PHE A 143 14.47 14.81 -8.95
N LYS A 144 14.42 16.13 -8.94
CA LYS A 144 14.58 16.91 -10.15
C LYS A 144 16.01 17.39 -10.23
N ASN A 145 16.77 16.82 -11.16
CA ASN A 145 18.18 17.16 -11.33
C ASN A 145 18.93 16.86 -10.03
N GLN A 146 18.57 15.73 -9.42
CA GLN A 146 19.15 15.25 -8.17
C GLN A 146 18.69 16.07 -6.96
N THR A 147 17.91 17.10 -7.20
CA THR A 147 17.39 17.93 -6.13
C THR A 147 16.04 17.38 -5.68
N LEU A 148 15.95 17.02 -4.40
CA LEU A 148 14.72 16.47 -3.85
C LEU A 148 13.62 17.52 -3.78
N VAL A 149 12.46 17.15 -4.27
CA VAL A 149 11.30 18.01 -4.28
C VAL A 149 10.10 17.24 -3.70
N PRO A 150 9.49 17.77 -2.64
CA PRO A 150 8.34 17.13 -2.00
C PRO A 150 7.06 17.24 -2.83
N LEU A 151 6.10 16.39 -2.51
CA LEU A 151 4.82 16.33 -3.19
C LEU A 151 3.79 17.25 -2.55
N LYS A 152 2.90 17.79 -3.37
CA LYS A 152 1.87 18.71 -2.90
C LYS A 152 0.48 18.26 -3.31
N ILE A 153 0.21 16.97 -3.23
CA ILE A 153 -1.10 16.43 -3.61
C ILE A 153 -1.51 15.30 -2.68
N THR A 154 -2.70 14.76 -2.91
CA THR A 154 -3.20 13.66 -2.10
C THR A 154 -4.07 12.70 -2.93
N THR A 155 -4.46 13.10 -4.13
CA THR A 155 -5.29 12.24 -4.97
C THR A 155 -4.53 11.76 -6.21
N GLU A 156 -4.95 10.60 -6.72
CA GLU A 156 -4.32 10.01 -7.91
C GLU A 156 -4.34 11.00 -9.07
N LYS A 157 -5.52 11.55 -9.36
CA LYS A 157 -5.67 12.52 -10.44
C LYS A 157 -4.79 13.73 -10.18
N GLU A 158 -4.84 14.22 -8.96
CA GLU A 158 -4.05 15.35 -8.53
C GLU A 158 -2.57 15.08 -8.82
N LEU A 159 -2.15 13.88 -8.45
CA LEU A 159 -0.77 13.44 -8.64
C LEU A 159 -0.40 13.34 -10.12
N ILE A 160 -1.17 12.60 -10.91
CA ILE A 160 -0.86 12.43 -12.32
C ILE A 160 -0.83 13.80 -13.02
N LYS A 161 -1.78 14.67 -12.68
CA LYS A 161 -1.83 15.99 -13.27
C LYS A 161 -0.62 16.80 -12.81
N GLU A 162 -0.23 16.63 -11.55
CA GLU A 162 0.92 17.32 -10.99
C GLU A 162 2.22 16.82 -11.65
N LEU A 163 2.27 15.52 -11.95
CA LEU A 163 3.44 14.92 -12.58
C LEU A 163 3.55 15.31 -14.05
N GLY A 164 2.41 15.61 -14.66
CA GLY A 164 2.40 15.99 -16.05
C GLY A 164 1.94 14.88 -16.98
N PHE A 165 1.08 14.00 -16.48
CA PHE A 165 0.58 12.89 -17.30
C PHE A 165 -0.93 12.82 -17.28
N THR A 166 -1.47 11.90 -18.08
CA THR A 166 -2.91 11.72 -18.16
C THR A 166 -3.32 10.49 -17.35
N TYR A 167 -4.55 10.50 -16.83
CA TYR A 167 -5.03 9.40 -16.03
C TYR A 167 -5.35 8.18 -16.89
N ARG A 168 -4.59 7.13 -16.69
CA ARG A 168 -4.76 5.89 -17.43
C ARG A 168 -5.47 4.86 -16.57
N ILE A 169 -6.07 3.88 -17.21
CA ILE A 169 -6.76 2.83 -16.48
C ILE A 169 -5.97 1.52 -16.59
N PRO A 170 -5.54 0.96 -15.45
CA PRO A 170 -4.77 -0.28 -15.42
C PRO A 170 -5.48 -1.46 -16.08
N LYS A 171 -6.80 -1.34 -16.20
CA LYS A 171 -7.63 -2.38 -16.79
C LYS A 171 -7.23 -2.69 -18.22
N LYS A 172 -6.92 -1.66 -19.00
CA LYS A 172 -6.54 -1.84 -20.39
C LYS A 172 -5.02 -1.79 -20.55
N ARG A 173 -4.33 -1.93 -19.42
CA ARG A 173 -2.86 -1.91 -19.36
C ARG A 173 -2.32 -0.50 -19.61
N LEU A 174 -1.35 -0.10 -18.79
CA LEU A 174 -0.76 1.22 -18.88
C LEU A 174 -1.82 2.30 -18.73
PG DGT B . -0.89 -10.10 -7.28
O1G DGT B . 0.24 -10.98 -7.64
O2G DGT B . -2.24 -10.38 -7.83
O3G DGT B . -1.07 -10.15 -5.67
O3B DGT B . -0.50 -8.55 -7.50
PB DGT B . -1.21 -7.61 -6.39
O1B DGT B . -1.49 -6.30 -7.04
O2B DGT B . -2.31 -8.37 -5.76
O3A DGT B . 0.00 -7.48 -5.33
PA DGT B . 0.64 -6.11 -4.79
O1A DGT B . 1.67 -6.55 -3.82
O2A DGT B . -0.49 -5.31 -4.27
O5' DGT B . 1.41 -5.22 -5.90
C5' DGT B . 0.78 -4.73 -7.07
C4' DGT B . 1.80 -3.82 -7.75
O4' DGT B . 2.62 -3.35 -6.66
C3' DGT B . 2.76 -4.44 -8.76
O3' DGT B . 2.88 -3.56 -9.88
C2' DGT B . 4.09 -4.55 -8.03
C1' DGT B . 3.98 -3.35 -7.11
N9 DGT B . 4.87 -3.51 -5.93
C8 DGT B . 5.91 -2.74 -5.62
N7 DGT B . 6.78 -3.49 -4.97
C5 DGT B . 6.28 -4.72 -4.85
C6 DGT B . 6.81 -5.84 -4.38
O6 DGT B . 7.93 -5.85 -3.86
N1 DGT B . 6.07 -7.03 -4.44
C2 DGT B . 4.78 -6.99 -5.00
N2 DGT B . 4.12 -8.12 -5.20
N3 DGT B . 4.31 -5.82 -5.44
C4 DGT B . 5.07 -4.71 -5.39
H5' DGT B . -0.10 -4.15 -6.80
H5'A DGT B . 0.50 -5.55 -7.73
H4' DGT B . 1.32 -2.96 -8.22
H3' DGT B . 2.42 -5.43 -9.08
HO3' DGT B . 2.86 -2.61 -9.57
H2' DGT B . 4.13 -5.44 -7.39
H2'A DGT B . 4.97 -4.38 -8.63
H1' DGT B . 4.19 -2.42 -7.65
H8 DGT B . 5.88 -1.65 -5.60
HN2 DGT B . 3.29 -8.13 -5.75
HN2A DGT B . 4.50 -8.98 -4.86
H16 DGT B . 6.48 -7.90 -4.19
MG MG C . 1.12 -8.68 -2.18
MG MG D . -1.58 -9.62 -4.60
N MET A 1 -5.71 -18.13 -6.21
CA MET A 1 -6.30 -18.77 -5.01
C MET A 1 -7.67 -18.18 -4.75
N LEU A 2 -7.67 -17.07 -4.04
CA LEU A 2 -8.89 -16.39 -3.68
C LEU A 2 -9.41 -15.57 -4.87
N THR A 3 -10.64 -15.10 -4.76
CA THR A 3 -11.27 -14.32 -5.81
C THR A 3 -11.39 -12.86 -5.37
N LEU A 4 -11.79 -12.00 -6.29
CA LEU A 4 -11.97 -10.57 -5.98
C LEU A 4 -12.91 -10.39 -4.79
N ILE A 5 -13.99 -11.16 -4.80
CA ILE A 5 -14.98 -11.12 -3.74
C ILE A 5 -14.34 -11.46 -2.39
N GLN A 6 -13.52 -12.51 -2.39
CA GLN A 6 -12.83 -12.95 -1.17
C GLN A 6 -11.87 -11.88 -0.68
N GLY A 7 -11.06 -11.34 -1.59
CA GLY A 7 -10.12 -10.30 -1.22
C GLY A 7 -10.82 -9.13 -0.54
N LYS A 8 -11.92 -8.69 -1.12
CA LYS A 8 -12.68 -7.57 -0.56
C LYS A 8 -13.29 -7.98 0.78
N LYS A 9 -13.74 -9.23 0.86
CA LYS A 9 -14.36 -9.76 2.06
C LYS A 9 -13.34 -9.82 3.20
N ILE A 10 -12.18 -10.40 2.92
CA ILE A 10 -11.14 -10.52 3.92
C ILE A 10 -10.61 -9.15 4.31
N VAL A 11 -10.46 -8.26 3.33
CA VAL A 11 -9.97 -6.91 3.61
C VAL A 11 -10.93 -6.20 4.56
N ASN A 12 -12.22 -6.27 4.26
CA ASN A 12 -13.24 -5.65 5.08
C ASN A 12 -13.13 -6.11 6.54
N HIS A 13 -13.02 -7.41 6.73
CA HIS A 13 -12.90 -7.97 8.07
C HIS A 13 -11.56 -7.59 8.68
N LEU A 14 -10.51 -7.75 7.89
CA LEU A 14 -9.14 -7.44 8.32
C LEU A 14 -9.01 -6.01 8.83
N ARG A 15 -9.52 -5.07 8.06
CA ARG A 15 -9.43 -3.66 8.42
C ARG A 15 -10.24 -3.35 9.67
N SER A 16 -11.47 -3.82 9.72
CA SER A 16 -12.36 -3.57 10.84
C SER A 16 -11.95 -4.33 12.11
N ARG A 17 -11.05 -5.29 11.98
CA ARG A 17 -10.63 -6.10 13.12
C ARG A 17 -9.14 -5.92 13.47
N LEU A 18 -8.43 -4.97 12.85
CA LEU A 18 -7.01 -4.82 13.13
C LEU A 18 -6.79 -4.04 14.41
N ALA A 19 -5.73 -4.40 15.13
CA ALA A 19 -5.36 -3.71 16.36
C ALA A 19 -3.90 -3.99 16.69
N PHE A 20 -3.15 -2.97 17.05
CA PHE A 20 -1.76 -3.18 17.41
C PHE A 20 -1.51 -2.71 18.82
N GLU A 21 -0.48 -3.25 19.43
CA GLU A 21 -0.13 -2.89 20.77
C GLU A 21 1.15 -2.06 20.79
N TYR A 22 1.06 -0.93 21.47
CA TYR A 22 2.15 0.00 21.62
C TYR A 22 2.40 0.24 23.10
N ASN A 23 3.58 -0.13 23.58
CA ASN A 23 3.94 0.03 24.99
C ASN A 23 2.91 -0.62 25.92
N GLY A 24 2.30 -1.70 25.45
CA GLY A 24 1.31 -2.40 26.23
C GLY A 24 -0.11 -1.92 25.99
N GLN A 25 -0.25 -0.77 25.33
CA GLN A 25 -1.57 -0.21 25.06
C GLN A 25 -2.09 -0.67 23.70
N LEU A 26 -3.36 -1.07 23.68
CA LEU A 26 -3.98 -1.54 22.46
C LEU A 26 -4.53 -0.39 21.63
N ILE A 27 -4.09 -0.34 20.39
CA ILE A 27 -4.51 0.69 19.44
C ILE A 27 -5.13 0.02 18.21
N LYS A 28 -6.46 0.14 18.07
CA LYS A 28 -7.17 -0.46 16.95
C LYS A 28 -6.80 0.24 15.64
N ILE A 29 -6.77 -0.51 14.55
CA ILE A 29 -6.43 0.05 13.25
C ILE A 29 -7.39 -0.38 12.14
N LEU A 30 -8.08 0.60 11.57
CA LEU A 30 -8.99 0.38 10.45
C LEU A 30 -8.39 0.87 9.16
N SER A 31 -9.13 0.69 8.06
CA SER A 31 -8.75 1.13 6.72
C SER A 31 -8.42 2.63 6.69
N LYS A 32 -8.82 3.33 7.74
CA LYS A 32 -8.56 4.76 7.86
C LYS A 32 -7.06 5.03 7.81
N ASN A 33 -6.30 4.03 8.23
CA ASN A 33 -4.86 4.11 8.26
C ASN A 33 -4.22 3.15 7.26
N ILE A 34 -4.96 2.11 6.91
CA ILE A 34 -4.47 1.09 5.98
C ILE A 34 -5.24 1.13 4.66
N VAL A 35 -4.51 1.25 3.56
CA VAL A 35 -5.12 1.31 2.24
C VAL A 35 -4.89 0.00 1.48
N ALA A 36 -5.97 -0.66 1.12
CA ALA A 36 -5.90 -1.91 0.38
C ALA A 36 -5.47 -1.64 -1.06
N VAL A 37 -4.49 -2.39 -1.52
CA VAL A 37 -3.97 -2.25 -2.86
C VAL A 37 -3.67 -3.62 -3.46
N GLY A 38 -3.91 -3.72 -4.75
CA GLY A 38 -3.64 -4.94 -5.44
C GLY A 38 -4.58 -5.11 -6.61
N SER A 39 -4.84 -6.36 -6.97
CA SER A 39 -5.78 -6.67 -8.02
C SER A 39 -7.15 -6.12 -7.66
N LEU A 40 -7.40 -5.92 -6.36
CA LEU A 40 -8.63 -5.32 -5.87
C LEU A 40 -8.79 -3.93 -6.50
N ARG A 41 -7.67 -3.22 -6.59
CA ARG A 41 -7.66 -1.88 -7.18
C ARG A 41 -7.73 -2.02 -8.70
N ARG A 42 -7.08 -3.05 -9.23
CA ARG A 42 -7.07 -3.32 -10.66
C ARG A 42 -8.40 -3.91 -11.14
N GLU A 43 -9.26 -4.28 -10.21
CA GLU A 43 -10.57 -4.85 -10.51
C GLU A 43 -10.43 -6.19 -11.23
N GLU A 44 -9.56 -7.06 -10.69
CA GLU A 44 -9.32 -8.36 -11.27
C GLU A 44 -10.18 -9.46 -10.63
N LYS A 45 -10.50 -10.48 -11.42
CA LYS A 45 -11.36 -11.58 -11.00
C LYS A 45 -10.71 -12.50 -9.96
N MET A 46 -9.44 -12.81 -10.14
CA MET A 46 -8.75 -13.73 -9.24
C MET A 46 -7.61 -13.04 -8.51
N LEU A 47 -7.24 -13.60 -7.37
CA LEU A 47 -6.16 -13.05 -6.56
C LEU A 47 -5.45 -14.15 -5.76
N ASN A 48 -4.29 -13.80 -5.22
CA ASN A 48 -3.50 -14.71 -4.41
C ASN A 48 -3.13 -14.08 -3.08
N ASP A 49 -2.75 -12.81 -3.12
CA ASP A 49 -2.38 -12.09 -1.92
C ASP A 49 -2.98 -10.70 -1.93
N VAL A 50 -3.45 -10.25 -0.79
CA VAL A 50 -4.01 -8.91 -0.71
C VAL A 50 -2.96 -8.02 -0.13
N ASP A 51 -2.70 -6.94 -0.80
CA ASP A 51 -1.67 -6.05 -0.37
C ASP A 51 -2.27 -4.79 0.24
N LEU A 52 -1.59 -4.21 1.23
CA LEU A 52 -2.11 -3.03 1.89
C LEU A 52 -1.01 -2.13 2.43
N LEU A 53 -1.05 -0.86 2.04
CA LEU A 53 -0.08 0.09 2.53
C LEU A 53 -0.63 0.76 3.78
N ILE A 54 0.20 0.90 4.78
CA ILE A 54 -0.20 1.54 6.02
C ILE A 54 0.37 2.94 6.04
N ILE A 55 -0.48 3.94 5.88
CA ILE A 55 -0.02 5.32 5.85
C ILE A 55 -0.20 5.98 7.20
N VAL A 56 0.90 6.46 7.75
CA VAL A 56 0.87 7.13 9.04
C VAL A 56 1.45 8.53 8.93
N PRO A 57 0.77 9.52 9.53
CA PRO A 57 1.22 10.91 9.52
C PRO A 57 2.42 11.15 10.44
N GLU A 58 2.81 10.12 11.18
CA GLU A 58 3.94 10.21 12.10
C GLU A 58 4.82 8.99 11.98
N LYS A 59 6.12 9.21 11.93
CA LYS A 59 7.08 8.12 11.81
C LYS A 59 7.05 7.26 13.06
N LYS A 60 6.77 7.89 14.19
CA LYS A 60 6.72 7.18 15.45
C LYS A 60 5.55 6.21 15.45
N LEU A 61 4.33 6.73 15.32
CA LEU A 61 3.14 5.89 15.32
C LEU A 61 3.25 4.80 14.26
N LEU A 62 3.98 5.09 13.18
CA LEU A 62 4.18 4.14 12.11
C LEU A 62 4.97 2.94 12.61
N LYS A 63 6.08 3.21 13.27
CA LYS A 63 6.92 2.14 13.78
C LYS A 63 6.37 1.58 15.09
N HIS A 64 5.34 2.21 15.65
CA HIS A 64 4.73 1.76 16.90
C HIS A 64 3.89 0.51 16.68
N VAL A 65 3.56 0.25 15.42
CA VAL A 65 2.76 -0.92 15.07
C VAL A 65 3.60 -2.20 15.12
N LEU A 66 4.89 -2.05 14.87
CA LEU A 66 5.84 -3.17 14.86
C LEU A 66 5.95 -3.90 16.22
N PRO A 67 6.12 -3.18 17.36
CA PRO A 67 6.23 -3.79 18.69
C PRO A 67 5.24 -4.95 18.91
N ASN A 68 3.96 -4.70 18.66
CA ASN A 68 2.96 -5.73 18.82
C ASN A 68 1.75 -5.44 17.94
N ILE A 69 1.26 -6.46 17.25
CA ILE A 69 0.12 -6.34 16.36
C ILE A 69 -0.74 -7.58 16.47
N ARG A 70 -2.06 -7.41 16.53
CA ARG A 70 -2.97 -8.55 16.64
C ARG A 70 -4.25 -8.33 15.84
N ILE A 71 -5.06 -9.37 15.75
CA ILE A 71 -6.33 -9.33 15.05
C ILE A 71 -7.39 -9.97 15.93
N LYS A 72 -8.60 -9.42 15.93
CA LYS A 72 -9.67 -9.96 16.76
C LYS A 72 -10.10 -11.36 16.32
N GLY A 73 -9.76 -12.36 17.14
CA GLY A 73 -10.14 -13.74 16.89
C GLY A 73 -9.58 -14.36 15.61
N LEU A 74 -8.39 -13.97 15.20
CA LEU A 74 -7.82 -14.53 13.97
C LEU A 74 -6.42 -15.10 14.18
N SER A 75 -6.03 -16.01 13.27
CA SER A 75 -4.70 -16.61 13.33
C SER A 75 -3.81 -15.92 12.30
N PHE A 76 -2.61 -15.50 12.69
CA PHE A 76 -1.72 -14.81 11.78
C PHE A 76 -0.26 -15.25 11.96
N SER A 77 0.58 -14.84 11.02
CA SER A 77 2.01 -15.15 11.06
C SER A 77 2.79 -13.89 10.63
N VAL A 78 3.90 -13.59 11.30
CA VAL A 78 4.67 -12.37 11.01
C VAL A 78 5.97 -12.65 10.23
N LYS A 79 6.06 -12.14 9.02
CA LYS A 79 7.24 -12.28 8.18
C LYS A 79 7.72 -10.88 7.76
N VAL A 80 8.98 -10.77 7.37
CA VAL A 80 9.53 -9.49 6.94
C VAL A 80 9.84 -9.53 5.44
N CYS A 81 9.87 -8.35 4.81
CA CYS A 81 10.15 -8.27 3.39
C CYS A 81 11.03 -7.05 3.08
N GLY A 82 12.11 -7.27 2.36
CA GLY A 82 13.00 -6.17 2.01
C GLY A 82 13.52 -5.44 3.21
N GLU A 83 13.50 -4.11 3.12
CA GLU A 83 13.97 -3.26 4.20
C GLU A 83 12.81 -2.73 5.04
N ARG A 84 11.79 -2.17 4.39
CA ARG A 84 10.64 -1.60 5.11
C ARG A 84 9.35 -2.34 4.82
N LYS A 85 9.42 -3.43 4.07
CA LYS A 85 8.23 -4.19 3.72
C LYS A 85 7.99 -5.32 4.73
N CYS A 86 6.74 -5.69 4.92
CA CYS A 86 6.39 -6.73 5.85
C CYS A 86 5.41 -7.69 5.19
N VAL A 87 5.46 -8.95 5.58
CA VAL A 87 4.57 -9.94 5.02
C VAL A 87 3.89 -10.70 6.15
N LEU A 88 2.58 -10.77 6.11
CA LEU A 88 1.85 -11.48 7.14
C LEU A 88 0.93 -12.51 6.52
N PHE A 89 0.58 -13.52 7.28
CA PHE A 89 -0.29 -14.55 6.81
C PHE A 89 -1.50 -14.59 7.72
N ILE A 90 -2.66 -14.87 7.17
CA ILE A 90 -3.87 -14.91 7.98
C ILE A 90 -4.60 -16.22 7.74
N GLU A 91 -5.10 -16.82 8.81
CA GLU A 91 -5.79 -18.07 8.71
C GLU A 91 -7.01 -18.10 9.63
N TRP A 92 -8.12 -18.61 9.09
CA TRP A 92 -9.38 -18.74 9.83
C TRP A 92 -10.34 -19.64 9.07
N GLU A 93 -11.18 -20.37 9.79
CA GLU A 93 -12.14 -21.29 9.17
C GLU A 93 -11.39 -22.37 8.42
N LYS A 94 -10.26 -22.76 9.00
CA LYS A 94 -9.38 -23.77 8.41
C LYS A 94 -8.88 -23.32 7.05
N LYS A 95 -8.95 -22.02 6.80
CA LYS A 95 -8.50 -21.44 5.56
C LYS A 95 -7.28 -20.57 5.80
N THR A 96 -6.51 -20.34 4.76
CA THR A 96 -5.28 -19.55 4.86
C THR A 96 -5.17 -18.55 3.70
N TYR A 97 -4.70 -17.34 4.01
CA TYR A 97 -4.53 -16.30 3.01
C TYR A 97 -3.22 -15.52 3.26
N GLN A 98 -2.73 -14.86 2.22
CA GLN A 98 -1.48 -14.09 2.31
C GLN A 98 -1.77 -12.59 2.38
N LEU A 99 -1.16 -11.93 3.35
CA LEU A 99 -1.35 -10.50 3.55
C LEU A 99 -0.04 -9.73 3.38
N ASP A 100 -0.04 -8.84 2.41
CA ASP A 100 1.13 -8.00 2.15
C ASP A 100 0.92 -6.64 2.80
N LEU A 101 1.85 -6.18 3.60
CA LEU A 101 1.70 -4.88 4.25
C LEU A 101 2.98 -4.08 4.21
N PHE A 102 2.85 -2.79 3.94
CA PHE A 102 3.98 -1.90 3.86
C PHE A 102 3.74 -0.66 4.70
N THR A 103 4.78 -0.17 5.36
CA THR A 103 4.66 1.02 6.18
C THR A 103 5.06 2.26 5.36
N ALA A 104 4.16 3.23 5.27
CA ALA A 104 4.41 4.42 4.47
C ALA A 104 4.03 5.69 5.23
N LEU A 105 4.48 6.85 4.74
CA LEU A 105 4.19 8.11 5.39
C LEU A 105 3.01 8.78 4.72
N ALA A 106 2.32 9.62 5.48
CA ALA A 106 1.15 10.33 4.97
C ALA A 106 1.48 11.14 3.72
N GLU A 107 2.72 11.55 3.61
CA GLU A 107 3.17 12.33 2.47
C GLU A 107 3.48 11.45 1.26
N GLU A 108 3.86 10.20 1.50
CA GLU A 108 4.19 9.31 0.39
C GLU A 108 2.95 8.57 -0.10
N LYS A 109 1.85 8.80 0.62
CA LYS A 109 0.54 8.20 0.31
C LYS A 109 0.19 8.20 -1.19
N PRO A 110 0.08 9.38 -1.85
CA PRO A 110 -0.28 9.45 -3.27
C PRO A 110 0.66 8.65 -4.16
N TYR A 111 1.94 8.75 -3.86
CA TYR A 111 2.98 8.07 -4.62
C TYR A 111 2.85 6.56 -4.48
N ALA A 112 2.78 6.09 -3.25
CA ALA A 112 2.65 4.68 -2.96
C ALA A 112 1.41 4.11 -3.61
N ILE A 113 0.31 4.83 -3.50
CA ILE A 113 -0.95 4.41 -4.09
C ILE A 113 -0.83 4.31 -5.60
N PHE A 114 -0.26 5.34 -6.22
CA PHE A 114 -0.11 5.38 -7.68
C PHE A 114 0.61 4.14 -8.17
N HIS A 115 1.66 3.78 -7.47
CA HIS A 115 2.46 2.62 -7.81
C HIS A 115 1.60 1.35 -7.77
N PHE A 116 0.99 1.09 -6.63
CA PHE A 116 0.15 -0.12 -6.45
C PHE A 116 -1.24 -0.01 -7.10
N THR A 117 -1.58 1.11 -7.72
CA THR A 117 -2.91 1.24 -8.31
C THR A 117 -3.17 0.29 -9.49
N GLY A 118 -2.39 0.38 -10.57
CA GLY A 118 -2.68 -0.49 -11.70
C GLY A 118 -1.55 -1.42 -12.15
N PRO A 119 -0.92 -1.16 -13.30
CA PRO A 119 0.16 -1.99 -13.80
C PRO A 119 1.56 -1.41 -13.56
N VAL A 120 2.43 -2.24 -12.99
CA VAL A 120 3.81 -1.86 -12.73
C VAL A 120 4.50 -1.39 -14.02
N SER A 121 4.16 -2.04 -15.13
CA SER A 121 4.72 -1.71 -16.43
C SER A 121 4.57 -0.22 -16.76
N TYR A 122 3.37 0.32 -16.51
CA TYR A 122 3.09 1.73 -16.75
C TYR A 122 4.09 2.59 -15.97
N LEU A 123 4.38 2.17 -14.75
CA LEU A 123 5.32 2.88 -13.90
C LEU A 123 6.70 2.92 -14.55
N ILE A 124 7.14 1.76 -15.02
CA ILE A 124 8.44 1.63 -15.69
C ILE A 124 8.56 2.66 -16.82
N ARG A 125 7.49 2.79 -17.59
CA ARG A 125 7.45 3.72 -18.71
C ARG A 125 7.63 5.13 -18.21
N ILE A 126 6.92 5.45 -17.13
CA ILE A 126 6.96 6.75 -16.51
C ILE A 126 8.36 7.05 -15.95
N ARG A 127 8.95 6.03 -15.33
CA ARG A 127 10.28 6.18 -14.75
C ARG A 127 11.29 6.57 -15.82
N ALA A 128 11.23 5.88 -16.95
CA ALA A 128 12.12 6.15 -18.06
C ALA A 128 11.86 7.51 -18.68
N ALA A 129 10.58 7.87 -18.81
CA ALA A 129 10.19 9.16 -19.37
C ALA A 129 10.78 10.29 -18.54
N LEU A 130 10.56 10.23 -17.24
CA LEU A 130 11.07 11.25 -16.34
C LEU A 130 12.59 11.25 -16.37
N LYS A 131 13.18 10.05 -16.46
CA LYS A 131 14.63 9.91 -16.52
C LYS A 131 15.19 10.71 -17.69
N LYS A 132 14.44 10.72 -18.78
CA LYS A 132 14.84 11.47 -19.97
C LYS A 132 14.59 12.97 -19.75
N LYS A 133 13.63 13.29 -18.88
CA LYS A 133 13.31 14.69 -18.58
C LYS A 133 14.09 15.20 -17.37
N ASN A 134 14.96 14.35 -16.83
CA ASN A 134 15.81 14.71 -15.68
C ASN A 134 14.98 14.79 -14.40
N TYR A 135 14.00 13.90 -14.31
CA TYR A 135 13.12 13.80 -13.16
C TYR A 135 13.15 12.38 -12.65
N LYS A 136 13.13 12.19 -11.35
CA LYS A 136 13.14 10.85 -10.79
C LYS A 136 12.11 10.73 -9.68
N LEU A 137 11.18 9.80 -9.85
CA LEU A 137 10.13 9.56 -8.88
C LEU A 137 10.63 8.56 -7.83
N ASN A 138 10.28 8.81 -6.58
CA ASN A 138 10.69 7.94 -5.48
C ASN A 138 9.64 8.01 -4.36
N GLN A 139 9.66 7.03 -3.48
CA GLN A 139 8.69 6.97 -2.37
C GLN A 139 8.77 8.20 -1.45
N TYR A 140 9.86 8.94 -1.55
CA TYR A 140 10.07 10.09 -0.69
C TYR A 140 9.72 11.40 -1.39
N GLY A 141 9.66 11.38 -2.71
CA GLY A 141 9.33 12.59 -3.44
C GLY A 141 9.78 12.53 -4.88
N LEU A 142 9.96 13.71 -5.47
CA LEU A 142 10.40 13.81 -6.86
C LEU A 142 11.78 14.43 -6.92
N PHE A 143 12.66 13.86 -7.72
CA PHE A 143 14.01 14.39 -7.85
C PHE A 143 14.20 15.14 -9.15
N LYS A 144 14.29 16.46 -9.04
CA LYS A 144 14.51 17.31 -10.20
C LYS A 144 15.98 17.69 -10.26
N ASN A 145 16.70 17.17 -11.25
CA ASN A 145 18.13 17.45 -11.41
C ASN A 145 18.88 17.06 -10.13
N GLN A 146 18.47 15.91 -9.57
CA GLN A 146 19.07 15.36 -8.34
C GLN A 146 18.58 16.10 -7.09
N THR A 147 17.72 17.09 -7.27
CA THR A 147 17.18 17.86 -6.16
C THR A 147 15.85 17.27 -5.71
N LEU A 148 15.75 16.90 -4.45
CA LEU A 148 14.52 16.34 -3.93
C LEU A 148 13.45 17.41 -3.77
N VAL A 149 12.33 17.18 -4.41
CA VAL A 149 11.20 18.09 -4.37
C VAL A 149 10.01 17.36 -3.74
N PRO A 150 9.39 17.97 -2.73
CA PRO A 150 8.25 17.39 -2.03
C PRO A 150 6.98 17.40 -2.86
N LEU A 151 5.98 16.67 -2.39
CA LEU A 151 4.70 16.57 -3.06
C LEU A 151 3.71 17.60 -2.53
N LYS A 152 2.88 18.09 -3.42
CA LYS A 152 1.87 19.07 -3.07
C LYS A 152 0.49 18.56 -3.46
N ILE A 153 0.29 17.26 -3.29
CA ILE A 153 -0.97 16.63 -3.64
C ILE A 153 -1.37 15.58 -2.61
N THR A 154 -2.50 14.93 -2.84
CA THR A 154 -3.00 13.90 -1.95
C THR A 154 -3.88 12.91 -2.72
N THR A 155 -4.29 13.29 -3.93
CA THR A 155 -5.14 12.42 -4.74
C THR A 155 -4.37 11.88 -5.94
N GLU A 156 -4.78 10.69 -6.40
CA GLU A 156 -4.14 10.03 -7.56
C GLU A 156 -4.16 10.96 -8.76
N LYS A 157 -5.33 11.52 -9.05
CA LYS A 157 -5.51 12.44 -10.16
C LYS A 157 -4.56 13.62 -10.01
N GLU A 158 -4.58 14.21 -8.83
CA GLU A 158 -3.73 15.34 -8.53
C GLU A 158 -2.27 14.98 -8.77
N LEU A 159 -1.90 13.78 -8.35
CA LEU A 159 -0.54 13.31 -8.52
C LEU A 159 -0.17 13.15 -9.99
N ILE A 160 -1.02 12.47 -10.77
CA ILE A 160 -0.72 12.27 -12.18
C ILE A 160 -0.63 13.60 -12.93
N LYS A 161 -1.52 14.54 -12.63
CA LYS A 161 -1.46 15.84 -13.30
C LYS A 161 -0.25 16.63 -12.79
N GLU A 162 0.11 16.41 -11.54
CA GLU A 162 1.29 17.06 -10.95
C GLU A 162 2.56 16.50 -11.59
N LEU A 163 2.56 15.20 -11.84
CA LEU A 163 3.71 14.53 -12.45
C LEU A 163 3.81 14.87 -13.93
N GLY A 164 2.70 15.21 -14.54
CA GLY A 164 2.71 15.56 -15.95
C GLY A 164 2.35 14.38 -16.84
N PHE A 165 1.41 13.57 -16.40
CA PHE A 165 0.98 12.41 -17.17
C PHE A 165 -0.54 12.34 -17.25
N THR A 166 -1.02 11.34 -17.96
CA THR A 166 -2.46 11.14 -18.12
C THR A 166 -2.93 9.99 -17.26
N TYR A 167 -4.10 10.14 -16.66
CA TYR A 167 -4.66 9.10 -15.81
C TYR A 167 -5.26 7.99 -16.67
N ARG A 168 -4.63 6.84 -16.63
CA ARG A 168 -5.07 5.67 -17.38
C ARG A 168 -5.76 4.69 -16.46
N ILE A 169 -6.38 3.67 -17.03
CA ILE A 169 -7.06 2.66 -16.25
C ILE A 169 -6.26 1.36 -16.27
N PRO A 170 -6.10 0.71 -15.12
CA PRO A 170 -5.34 -0.55 -15.02
C PRO A 170 -6.01 -1.69 -15.77
N LYS A 171 -7.32 -1.55 -15.93
CA LYS A 171 -8.14 -2.55 -16.59
C LYS A 171 -7.67 -2.84 -18.01
N LYS A 172 -7.17 -1.83 -18.68
CA LYS A 172 -6.70 -2.01 -20.06
C LYS A 172 -5.18 -2.06 -20.12
N ARG A 173 -4.53 -1.94 -18.97
CA ARG A 173 -3.07 -1.94 -18.85
C ARG A 173 -2.41 -0.82 -19.67
N LEU A 174 -1.41 -0.16 -19.08
CA LEU A 174 -0.69 0.93 -19.71
C LEU A 174 -1.65 1.93 -20.37
PG DGT B . -0.85 -9.88 -8.00
O1G DGT B . 0.23 -10.43 -8.86
O2G DGT B . -2.25 -10.26 -8.26
O3G DGT B . -0.53 -10.33 -6.48
O3B DGT B . -0.67 -8.28 -7.89
PB DGT B . -1.28 -7.65 -6.54
O1B DGT B . -1.73 -6.28 -6.85
O2B DGT B . -2.26 -8.62 -5.97
O3A DGT B . 0.03 -7.59 -5.62
PA DGT B . 0.62 -6.25 -4.96
O1A DGT B . 1.77 -6.68 -4.13
O2A DGT B . -0.51 -5.60 -4.25
O5' DGT B . 1.15 -5.14 -6.01
C5' DGT B . 0.44 -4.60 -7.12
C4' DGT B . 1.40 -3.57 -7.71
O4' DGT B . 2.32 -3.30 -6.65
C3' DGT B . 2.22 -4.08 -8.89
O3' DGT B . 2.27 -3.10 -9.94
C2' DGT B . 3.59 -4.29 -8.27
C1' DGT B . 3.63 -3.21 -7.23
N9 DGT B . 4.71 -3.46 -6.24
C8 DGT B . 5.77 -2.67 -6.04
N7 DGT B . 6.69 -3.38 -5.41
C5 DGT B . 6.23 -4.63 -5.26
C6 DGT B . 6.82 -5.72 -4.80
O6 DGT B . 7.88 -5.65 -4.19
N1 DGT B . 6.14 -6.94 -4.89
C2 DGT B . 4.85 -6.96 -5.41
N2 DGT B . 4.20 -8.10 -5.57
N3 DGT B . 4.31 -5.81 -5.82
C4 DGT B . 4.99 -4.66 -5.75
H5' DGT B . -0.48 -4.13 -6.79
H5'A DGT B . 0.22 -5.38 -7.84
H4' DGT B . 0.88 -2.65 -8.01
H3' DGT B . 1.81 -5.01 -9.28
HO3' DGT B . 1.45 -3.17 -10.50
H2' DGT B . 4.40 -4.15 -8.98
H2'A DGT B . 3.65 -5.28 -7.80
H1' DGT B . 3.74 -2.23 -7.69
H8 DGT B . 5.74 -1.58 -6.14
HN2 DGT B . 3.36 -8.16 -6.09
HN2A DGT B . 4.64 -8.95 -5.25
H16 DGT B . 6.60 -7.79 -4.67
MG MG C . 1.49 -8.79 -2.19
MG MG D . -0.62 -10.10 -5.21
N MET A 1 -5.27 -17.67 -5.87
CA MET A 1 -5.72 -18.15 -4.55
C MET A 1 -7.16 -17.71 -4.29
N LEU A 2 -7.31 -16.56 -3.66
CA LEU A 2 -8.61 -16.01 -3.32
C LEU A 2 -9.25 -15.30 -4.53
N THR A 3 -10.53 -14.99 -4.41
CA THR A 3 -11.27 -14.33 -5.48
C THR A 3 -11.37 -12.83 -5.23
N LEU A 4 -11.88 -12.09 -6.22
CA LEU A 4 -12.05 -10.64 -6.10
C LEU A 4 -12.95 -10.30 -4.92
N ILE A 5 -14.10 -10.97 -4.85
CA ILE A 5 -15.05 -10.73 -3.77
C ILE A 5 -14.45 -11.12 -2.43
N GLN A 6 -13.65 -12.17 -2.41
CA GLN A 6 -13.00 -12.63 -1.21
C GLN A 6 -12.13 -11.52 -0.63
N GLY A 7 -11.32 -10.93 -1.50
CA GLY A 7 -10.45 -9.84 -1.10
C GLY A 7 -11.23 -8.71 -0.43
N LYS A 8 -12.39 -8.41 -1.00
CA LYS A 8 -13.25 -7.35 -0.48
C LYS A 8 -13.77 -7.74 0.91
N LYS A 9 -14.20 -9.00 1.02
CA LYS A 9 -14.74 -9.51 2.27
C LYS A 9 -13.68 -9.51 3.37
N ILE A 10 -12.53 -10.07 3.06
CA ILE A 10 -11.44 -10.17 4.01
C ILE A 10 -10.89 -8.80 4.38
N VAL A 11 -10.65 -7.94 3.39
CA VAL A 11 -10.12 -6.60 3.67
C VAL A 11 -11.08 -5.85 4.58
N ASN A 12 -12.37 -5.94 4.28
CA ASN A 12 -13.39 -5.28 5.09
C ASN A 12 -13.26 -5.71 6.55
N HIS A 13 -13.17 -7.03 6.76
CA HIS A 13 -13.04 -7.57 8.11
C HIS A 13 -11.70 -7.17 8.72
N LEU A 14 -10.65 -7.31 7.92
CA LEU A 14 -9.29 -7.00 8.34
C LEU A 14 -9.17 -5.56 8.80
N ARG A 15 -9.64 -4.64 7.98
CA ARG A 15 -9.57 -3.23 8.27
C ARG A 15 -10.40 -2.83 9.48
N SER A 16 -11.53 -3.50 9.70
CA SER A 16 -12.38 -3.15 10.84
C SER A 16 -12.02 -3.94 12.10
N ARG A 17 -11.10 -4.87 11.98
CA ARG A 17 -10.69 -5.70 13.10
C ARG A 17 -9.19 -5.62 13.42
N LEU A 18 -8.45 -4.68 12.81
CA LEU A 18 -7.02 -4.63 13.04
C LEU A 18 -6.73 -3.86 14.33
N ALA A 19 -5.67 -4.26 15.01
CA ALA A 19 -5.25 -3.61 16.24
C ALA A 19 -3.79 -3.91 16.52
N PHE A 20 -3.03 -2.91 16.89
CA PHE A 20 -1.64 -3.12 17.20
C PHE A 20 -1.36 -2.66 18.61
N GLU A 21 -0.25 -3.12 19.19
CA GLU A 21 0.09 -2.73 20.54
C GLU A 21 1.41 -1.96 20.54
N TYR A 22 1.39 -0.89 21.31
CA TYR A 22 2.55 -0.01 21.44
C TYR A 22 2.86 0.19 22.92
N ASN A 23 4.00 -0.35 23.34
CA ASN A 23 4.46 -0.22 24.73
C ASN A 23 3.42 -0.73 25.71
N GLY A 24 2.68 -1.75 25.31
CA GLY A 24 1.66 -2.32 26.17
C GLY A 24 0.29 -1.70 25.97
N GLN A 25 0.22 -0.59 25.22
CA GLN A 25 -1.07 0.05 24.97
C GLN A 25 -1.66 -0.44 23.66
N LEU A 26 -2.92 -0.86 23.71
CA LEU A 26 -3.60 -1.35 22.52
C LEU A 26 -4.11 -0.20 21.66
N ILE A 27 -3.79 -0.26 20.38
CA ILE A 27 -4.20 0.77 19.42
C ILE A 27 -4.89 0.13 18.20
N LYS A 28 -6.20 0.32 18.08
CA LYS A 28 -6.99 -0.23 16.97
C LYS A 28 -6.65 0.46 15.65
N ILE A 29 -6.55 -0.32 14.57
CA ILE A 29 -6.21 0.23 13.26
C ILE A 29 -7.26 -0.15 12.18
N LEU A 30 -7.87 0.89 11.61
CA LEU A 30 -8.89 0.74 10.56
C LEU A 30 -8.35 1.17 9.21
N SER A 31 -9.19 1.03 8.17
CA SER A 31 -8.83 1.43 6.81
C SER A 31 -8.46 2.92 6.71
N LYS A 32 -8.78 3.69 7.74
CA LYS A 32 -8.47 5.12 7.75
C LYS A 32 -6.97 5.32 7.60
N ASN A 33 -6.24 4.32 8.05
CA ASN A 33 -4.80 4.32 8.03
C ASN A 33 -4.26 3.22 7.11
N ILE A 34 -5.13 2.30 6.76
CA ILE A 34 -4.75 1.16 5.94
C ILE A 34 -5.59 1.07 4.66
N VAL A 35 -4.91 1.06 3.52
CA VAL A 35 -5.60 0.99 2.23
C VAL A 35 -5.19 -0.29 1.50
N ALA A 36 -6.19 -1.08 1.11
CA ALA A 36 -5.97 -2.33 0.41
C ALA A 36 -5.62 -2.08 -1.05
N VAL A 37 -4.62 -2.80 -1.52
CA VAL A 37 -4.18 -2.66 -2.89
C VAL A 37 -3.81 -4.01 -3.50
N GLY A 38 -3.91 -4.06 -4.81
CA GLY A 38 -3.59 -5.24 -5.54
C GLY A 38 -4.41 -5.34 -6.79
N SER A 39 -4.44 -6.53 -7.37
CA SER A 39 -5.24 -6.79 -8.53
C SER A 39 -6.71 -6.67 -8.15
N LEU A 40 -6.97 -6.79 -6.83
CA LEU A 40 -8.31 -6.63 -6.29
C LEU A 40 -8.80 -5.23 -6.60
N ARG A 41 -7.89 -4.27 -6.51
CA ARG A 41 -8.21 -2.89 -6.81
C ARG A 41 -8.30 -2.74 -8.32
N ARG A 42 -7.47 -3.50 -9.03
CA ARG A 42 -7.45 -3.48 -10.49
C ARG A 42 -8.60 -4.30 -11.11
N GLU A 43 -9.38 -4.97 -10.24
CA GLU A 43 -10.55 -5.76 -10.68
C GLU A 43 -10.16 -7.08 -11.38
N GLU A 44 -9.33 -7.88 -10.72
CA GLU A 44 -8.86 -9.16 -11.24
C GLU A 44 -9.77 -10.32 -10.82
N LYS A 45 -9.79 -11.36 -11.63
CA LYS A 45 -10.61 -12.54 -11.40
C LYS A 45 -10.16 -13.32 -10.15
N MET A 46 -8.85 -13.37 -9.91
CA MET A 46 -8.31 -14.09 -8.77
C MET A 46 -7.01 -13.46 -8.28
N LEU A 47 -6.85 -13.40 -6.96
CA LEU A 47 -5.65 -12.84 -6.34
C LEU A 47 -4.76 -13.90 -5.74
N ASN A 48 -3.50 -13.55 -5.58
CA ASN A 48 -2.52 -14.43 -4.97
C ASN A 48 -2.34 -14.03 -3.51
N ASP A 49 -2.11 -12.76 -3.28
CA ASP A 49 -1.95 -12.24 -1.94
C ASP A 49 -2.60 -10.88 -1.86
N VAL A 50 -3.09 -10.51 -0.69
CA VAL A 50 -3.73 -9.23 -0.52
C VAL A 50 -2.72 -8.26 0.04
N ASP A 51 -2.53 -7.15 -0.63
CA ASP A 51 -1.55 -6.20 -0.18
C ASP A 51 -2.24 -4.99 0.41
N LEU A 52 -1.70 -4.49 1.50
CA LEU A 52 -2.29 -3.36 2.21
C LEU A 52 -1.23 -2.31 2.57
N LEU A 53 -1.41 -1.10 2.05
CA LEU A 53 -0.51 0.00 2.37
C LEU A 53 -0.99 0.71 3.63
N ILE A 54 -0.11 0.88 4.57
CA ILE A 54 -0.46 1.55 5.81
C ILE A 54 0.15 2.94 5.83
N ILE A 55 -0.69 3.95 5.71
CA ILE A 55 -0.25 5.34 5.69
C ILE A 55 -0.38 5.94 7.07
N VAL A 56 0.73 6.34 7.64
CA VAL A 56 0.73 6.93 8.96
C VAL A 56 1.29 8.36 8.93
N PRO A 57 0.53 9.31 9.49
CA PRO A 57 0.95 10.72 9.53
C PRO A 57 2.11 10.98 10.49
N GLU A 58 2.55 9.94 11.19
CA GLU A 58 3.64 10.08 12.12
C GLU A 58 4.62 8.92 11.99
N LYS A 59 5.90 9.25 11.99
CA LYS A 59 6.96 8.27 11.87
C LYS A 59 6.93 7.33 13.07
N LYS A 60 6.56 7.88 14.21
CA LYS A 60 6.51 7.12 15.44
C LYS A 60 5.43 6.06 15.36
N LEU A 61 4.18 6.50 15.22
CA LEU A 61 3.04 5.60 15.15
C LEU A 61 3.24 4.55 14.05
N LEU A 62 3.97 4.93 13.01
CA LEU A 62 4.27 4.03 11.92
C LEU A 62 5.11 2.86 12.39
N LYS A 63 6.18 3.18 13.10
CA LYS A 63 7.06 2.14 13.62
C LYS A 63 6.49 1.46 14.86
N HIS A 64 5.43 2.04 15.43
CA HIS A 64 4.80 1.49 16.63
C HIS A 64 4.00 0.23 16.33
N VAL A 65 3.60 0.04 15.08
CA VAL A 65 2.81 -1.13 14.69
C VAL A 65 3.68 -2.39 14.64
N LEU A 66 4.97 -2.21 14.38
CA LEU A 66 5.92 -3.32 14.26
C LEU A 66 6.08 -4.15 15.55
N PRO A 67 6.26 -3.51 16.74
CA PRO A 67 6.44 -4.25 18.01
C PRO A 67 5.33 -5.27 18.26
N ASN A 68 4.08 -4.84 18.24
CA ASN A 68 2.97 -5.75 18.46
C ASN A 68 1.80 -5.43 17.53
N ILE A 69 1.32 -6.44 16.83
CA ILE A 69 0.21 -6.29 15.91
C ILE A 69 -0.70 -7.52 16.00
N ARG A 70 -2.01 -7.31 16.04
CA ARG A 70 -2.94 -8.42 16.14
C ARG A 70 -4.22 -8.16 15.35
N ILE A 71 -5.01 -9.22 15.22
CA ILE A 71 -6.28 -9.17 14.52
C ILE A 71 -7.32 -9.86 15.39
N LYS A 72 -8.48 -9.23 15.52
CA LYS A 72 -9.55 -9.78 16.34
C LYS A 72 -10.04 -11.14 15.84
N GLY A 73 -9.66 -12.19 16.55
CA GLY A 73 -10.11 -13.54 16.22
C GLY A 73 -9.51 -14.14 14.96
N LEU A 74 -8.27 -13.78 14.62
CA LEU A 74 -7.64 -14.33 13.42
C LEU A 74 -6.27 -14.89 13.71
N SER A 75 -5.82 -15.82 12.86
CA SER A 75 -4.50 -16.43 13.01
C SER A 75 -3.52 -15.76 12.04
N PHE A 76 -2.42 -15.20 12.55
CA PHE A 76 -1.46 -14.51 11.69
C PHE A 76 -0.01 -14.86 12.03
N SER A 77 0.88 -14.55 11.08
CA SER A 77 2.33 -14.77 11.23
C SER A 77 3.05 -13.53 10.73
N VAL A 78 4.16 -13.14 11.38
CA VAL A 78 4.88 -11.91 11.00
C VAL A 78 6.22 -12.17 10.31
N LYS A 79 6.35 -11.69 9.07
CA LYS A 79 7.58 -11.79 8.29
C LYS A 79 8.00 -10.39 7.82
N VAL A 80 9.26 -10.22 7.45
CA VAL A 80 9.74 -8.93 6.98
C VAL A 80 10.18 -9.06 5.52
N CYS A 81 10.16 -7.96 4.78
CA CYS A 81 10.54 -7.99 3.38
C CYS A 81 11.35 -6.74 2.98
N GLY A 82 12.39 -6.95 2.18
CA GLY A 82 13.22 -5.84 1.74
C GLY A 82 13.74 -5.01 2.89
N GLU A 83 13.72 -3.71 2.71
CA GLU A 83 14.18 -2.79 3.73
C GLU A 83 13.03 -2.17 4.51
N ARG A 84 11.94 -1.84 3.83
CA ARG A 84 10.80 -1.21 4.50
C ARG A 84 9.50 -1.99 4.30
N LYS A 85 9.58 -3.13 3.64
CA LYS A 85 8.39 -3.94 3.39
C LYS A 85 8.17 -4.97 4.50
N CYS A 86 6.91 -5.31 4.72
CA CYS A 86 6.57 -6.30 5.72
C CYS A 86 5.65 -7.34 5.10
N VAL A 87 5.79 -8.58 5.51
CA VAL A 87 4.98 -9.65 4.95
C VAL A 87 4.30 -10.44 6.07
N LEU A 88 3.00 -10.62 5.97
CA LEU A 88 2.27 -11.36 6.98
C LEU A 88 1.44 -12.47 6.35
N PHE A 89 1.06 -13.43 7.16
CA PHE A 89 0.24 -14.54 6.71
C PHE A 89 -0.97 -14.62 7.63
N ILE A 90 -2.14 -14.93 7.09
CA ILE A 90 -3.33 -15.00 7.93
C ILE A 90 -4.23 -16.17 7.54
N GLU A 91 -4.84 -16.77 8.55
CA GLU A 91 -5.73 -17.90 8.37
C GLU A 91 -7.05 -17.65 9.12
N TRP A 92 -8.16 -17.98 8.47
CA TRP A 92 -9.49 -17.79 9.04
C TRP A 92 -10.52 -18.63 8.27
N GLU A 93 -11.58 -19.07 8.94
CA GLU A 93 -12.66 -19.85 8.30
C GLU A 93 -12.12 -21.09 7.58
N LYS A 94 -11.17 -21.75 8.23
CA LYS A 94 -10.53 -22.94 7.67
C LYS A 94 -9.79 -22.62 6.37
N LYS A 95 -9.47 -21.34 6.17
CA LYS A 95 -8.75 -20.91 4.97
C LYS A 95 -7.55 -20.05 5.34
N THR A 96 -6.58 -19.94 4.44
CA THR A 96 -5.38 -19.15 4.71
C THR A 96 -4.85 -18.42 3.46
N TYR A 97 -4.27 -17.24 3.67
CA TYR A 97 -3.73 -16.42 2.60
C TYR A 97 -2.58 -15.52 3.10
N GLN A 98 -1.85 -14.94 2.15
CA GLN A 98 -0.73 -14.05 2.46
C GLN A 98 -1.19 -12.60 2.46
N LEU A 99 -0.69 -11.83 3.42
CA LEU A 99 -1.03 -10.42 3.55
C LEU A 99 0.24 -9.56 3.49
N ASP A 100 0.32 -8.68 2.52
CA ASP A 100 1.48 -7.80 2.40
C ASP A 100 1.15 -6.45 2.99
N LEU A 101 2.01 -5.94 3.84
CA LEU A 101 1.76 -4.64 4.42
C LEU A 101 3.00 -3.78 4.30
N PHE A 102 2.83 -2.60 3.73
CA PHE A 102 3.94 -1.69 3.57
C PHE A 102 3.71 -0.47 4.45
N THR A 103 4.75 -0.03 5.12
CA THR A 103 4.66 1.11 5.99
C THR A 103 5.06 2.38 5.23
N ALA A 104 4.15 3.34 5.16
CA ALA A 104 4.40 4.58 4.47
C ALA A 104 3.88 5.75 5.30
N LEU A 105 4.41 6.93 5.05
CA LEU A 105 3.98 8.11 5.78
C LEU A 105 2.87 8.82 5.04
N ALA A 106 2.22 9.77 5.73
CA ALA A 106 1.12 10.54 5.14
C ALA A 106 1.57 11.25 3.87
N GLU A 107 2.85 11.52 3.79
CA GLU A 107 3.43 12.20 2.64
C GLU A 107 3.66 11.21 1.48
N GLU A 108 3.68 9.93 1.82
CA GLU A 108 3.91 8.89 0.83
C GLU A 108 2.60 8.18 0.47
N LYS A 109 1.50 8.89 0.71
CA LYS A 109 0.17 8.34 0.48
C LYS A 109 -0.18 8.25 -1.01
N PRO A 110 -0.21 9.38 -1.76
CA PRO A 110 -0.55 9.36 -3.19
C PRO A 110 0.41 8.50 -4.02
N TYR A 111 1.69 8.61 -3.71
CA TYR A 111 2.73 7.88 -4.43
C TYR A 111 2.53 6.38 -4.30
N ALA A 112 2.28 5.92 -3.07
CA ALA A 112 2.06 4.51 -2.81
C ALA A 112 0.88 3.98 -3.62
N ILE A 113 -0.21 4.73 -3.61
CA ILE A 113 -1.42 4.34 -4.33
C ILE A 113 -1.18 4.33 -5.83
N PHE A 114 -0.41 5.28 -6.33
CA PHE A 114 -0.11 5.38 -7.75
C PHE A 114 0.67 4.14 -8.20
N HIS A 115 1.55 3.67 -7.34
CA HIS A 115 2.34 2.50 -7.65
C HIS A 115 1.46 1.25 -7.65
N PHE A 116 0.77 1.01 -6.56
CA PHE A 116 -0.11 -0.16 -6.43
C PHE A 116 -1.44 -0.01 -7.18
N THR A 117 -1.66 1.11 -7.85
CA THR A 117 -2.93 1.34 -8.53
C THR A 117 -3.31 0.16 -9.46
N GLY A 118 -2.59 -0.07 -10.55
CA GLY A 118 -2.90 -1.19 -11.41
C GLY A 118 -1.67 -1.93 -11.88
N PRO A 119 -1.26 -1.65 -13.14
CA PRO A 119 -0.12 -2.31 -13.73
C PRO A 119 1.22 -1.61 -13.43
N VAL A 120 2.13 -2.36 -12.80
CA VAL A 120 3.48 -1.87 -12.49
C VAL A 120 4.18 -1.42 -13.76
N SER A 121 3.86 -2.11 -14.85
CA SER A 121 4.44 -1.83 -16.15
C SER A 121 4.29 -0.34 -16.53
N TYR A 122 3.11 0.23 -16.31
CA TYR A 122 2.87 1.63 -16.59
C TYR A 122 3.85 2.50 -15.80
N LEU A 123 4.08 2.10 -14.55
CA LEU A 123 4.98 2.84 -13.67
C LEU A 123 6.40 2.83 -14.23
N ILE A 124 6.86 1.65 -14.61
CA ILE A 124 8.20 1.49 -15.19
C ILE A 124 8.40 2.44 -16.36
N ARG A 125 7.39 2.50 -17.22
CA ARG A 125 7.44 3.39 -18.38
C ARG A 125 7.58 4.84 -17.92
N ILE A 126 6.83 5.17 -16.88
CA ILE A 126 6.85 6.52 -16.31
C ILE A 126 8.21 6.82 -15.69
N ARG A 127 8.83 5.81 -15.10
CA ARG A 127 10.13 5.95 -14.48
C ARG A 127 11.15 6.38 -15.52
N ALA A 128 11.15 5.67 -16.65
CA ALA A 128 12.06 5.97 -17.74
C ALA A 128 11.75 7.33 -18.35
N ALA A 129 10.46 7.65 -18.44
CA ALA A 129 10.02 8.92 -19.01
C ALA A 129 10.58 10.09 -18.21
N LEU A 130 10.38 10.04 -16.90
CA LEU A 130 10.88 11.09 -16.02
C LEU A 130 12.40 11.13 -16.06
N LYS A 131 13.02 9.95 -16.13
CA LYS A 131 14.47 9.86 -16.19
C LYS A 131 15.00 10.66 -17.38
N LYS A 132 14.27 10.60 -18.49
CA LYS A 132 14.65 11.34 -19.69
C LYS A 132 14.38 12.84 -19.47
N LYS A 133 13.38 13.13 -18.64
CA LYS A 133 13.02 14.51 -18.32
C LYS A 133 13.89 15.04 -17.18
N ASN A 134 14.81 14.19 -16.72
CA ASN A 134 15.77 14.52 -15.67
C ASN A 134 15.10 14.56 -14.29
N TYR A 135 14.06 13.76 -14.15
CA TYR A 135 13.33 13.66 -12.89
C TYR A 135 13.36 12.21 -12.41
N LYS A 136 13.39 12.02 -11.10
CA LYS A 136 13.41 10.68 -10.54
C LYS A 136 12.33 10.57 -9.47
N LEU A 137 11.37 9.69 -9.70
CA LEU A 137 10.29 9.48 -8.77
C LEU A 137 10.68 8.42 -7.75
N ASN A 138 10.26 8.60 -6.51
CA ASN A 138 10.56 7.68 -5.42
C ASN A 138 9.41 7.71 -4.44
N GLN A 139 9.30 6.70 -3.60
CA GLN A 139 8.22 6.62 -2.62
C GLN A 139 8.22 7.81 -1.66
N TYR A 140 9.36 8.46 -1.53
CA TYR A 140 9.50 9.58 -0.60
C TYR A 140 9.21 10.92 -1.27
N GLY A 141 9.30 10.94 -2.59
CA GLY A 141 9.06 12.18 -3.30
C GLY A 141 9.66 12.17 -4.68
N LEU A 142 9.92 13.35 -5.21
CA LEU A 142 10.50 13.47 -6.54
C LEU A 142 11.94 13.92 -6.42
N PHE A 143 12.73 13.70 -7.44
CA PHE A 143 14.11 14.12 -7.43
C PHE A 143 14.47 14.86 -8.71
N LYS A 144 14.57 16.18 -8.63
CA LYS A 144 14.97 16.95 -9.79
C LYS A 144 16.48 16.94 -9.85
N ASN A 145 17.00 16.07 -10.72
CA ASN A 145 18.44 15.87 -10.89
C ASN A 145 19.12 15.47 -9.58
N GLN A 146 19.21 16.40 -8.63
CA GLN A 146 19.84 16.15 -7.34
C GLN A 146 19.02 16.75 -6.18
N THR A 147 17.94 17.44 -6.50
CA THR A 147 17.10 18.08 -5.49
C THR A 147 15.79 17.32 -5.24
N LEU A 148 15.58 16.90 -3.99
CA LEU A 148 14.37 16.20 -3.62
C LEU A 148 13.20 17.18 -3.64
N VAL A 149 12.09 16.73 -4.17
CA VAL A 149 10.89 17.55 -4.27
C VAL A 149 9.72 16.87 -3.56
N PRO A 150 9.15 17.53 -2.55
CA PRO A 150 8.02 17.00 -1.80
C PRO A 150 6.72 17.05 -2.62
N LEU A 151 5.72 16.34 -2.15
CA LEU A 151 4.44 16.29 -2.85
C LEU A 151 3.43 17.24 -2.22
N LYS A 152 2.57 17.81 -3.06
CA LYS A 152 1.54 18.72 -2.59
C LYS A 152 0.18 18.25 -3.07
N ILE A 153 0.02 16.93 -3.11
CA ILE A 153 -1.22 16.32 -3.56
C ILE A 153 -1.59 15.13 -2.68
N THR A 154 -2.82 14.66 -2.84
CA THR A 154 -3.29 13.52 -2.08
C THR A 154 -4.14 12.58 -2.94
N THR A 155 -4.50 13.02 -4.14
CA THR A 155 -5.32 12.21 -5.03
C THR A 155 -4.52 11.73 -6.23
N GLU A 156 -4.85 10.54 -6.72
CA GLU A 156 -4.18 9.96 -7.88
C GLU A 156 -4.19 10.92 -9.07
N LYS A 157 -5.36 11.49 -9.37
CA LYS A 157 -5.51 12.42 -10.47
C LYS A 157 -4.61 13.63 -10.26
N GLU A 158 -4.68 14.20 -9.06
CA GLU A 158 -3.86 15.35 -8.71
C GLU A 158 -2.38 15.01 -8.86
N LEU A 159 -2.04 13.80 -8.44
CA LEU A 159 -0.68 13.31 -8.51
C LEU A 159 -0.21 13.16 -9.95
N ILE A 160 -0.96 12.43 -10.77
CA ILE A 160 -0.57 12.25 -12.17
C ILE A 160 -0.46 13.60 -12.88
N LYS A 161 -1.38 14.51 -12.57
CA LYS A 161 -1.34 15.84 -13.16
C LYS A 161 -0.07 16.56 -12.71
N GLU A 162 0.25 16.38 -11.42
CA GLU A 162 1.45 16.97 -10.83
C GLU A 162 2.72 16.38 -11.44
N LEU A 163 2.69 15.07 -11.72
CA LEU A 163 3.83 14.38 -12.33
C LEU A 163 3.96 14.73 -13.81
N GLY A 164 2.85 15.09 -14.43
CA GLY A 164 2.88 15.43 -15.84
C GLY A 164 2.47 14.26 -16.73
N PHE A 165 1.61 13.39 -16.21
CA PHE A 165 1.15 12.23 -16.97
C PHE A 165 -0.37 12.15 -16.92
N THR A 166 -0.93 11.41 -17.88
CA THR A 166 -2.37 11.24 -17.97
C THR A 166 -2.86 10.06 -17.12
N TYR A 167 -4.02 10.21 -16.51
CA TYR A 167 -4.58 9.14 -15.68
C TYR A 167 -5.21 8.08 -16.57
N ARG A 168 -4.68 6.88 -16.49
CA ARG A 168 -5.17 5.76 -17.27
C ARG A 168 -5.83 4.74 -16.37
N ILE A 169 -6.77 3.97 -16.90
CA ILE A 169 -7.43 2.96 -16.11
C ILE A 169 -6.58 1.69 -16.14
N PRO A 170 -6.32 1.14 -14.96
CA PRO A 170 -5.49 -0.05 -14.81
C PRO A 170 -6.11 -1.29 -15.47
N LYS A 171 -7.41 -1.24 -15.66
CA LYS A 171 -8.17 -2.33 -16.26
C LYS A 171 -7.74 -2.60 -17.70
N LYS A 172 -7.36 -1.55 -18.41
CA LYS A 172 -6.95 -1.68 -19.79
C LYS A 172 -5.44 -1.77 -19.94
N ARG A 173 -4.72 -1.79 -18.81
CA ARG A 173 -3.25 -1.86 -18.78
C ARG A 173 -2.59 -0.72 -19.56
N LEU A 174 -1.76 0.07 -18.87
CA LEU A 174 -1.06 1.20 -19.49
C LEU A 174 -2.04 2.10 -20.24
PG DGT B . -1.11 -10.56 -6.65
O1G DGT B . 0.02 -11.43 -7.05
O2G DGT B . -2.47 -10.89 -7.11
O3G DGT B . -1.17 -10.55 -5.05
O3B DGT B . -0.76 -9.03 -6.98
PB DGT B . -1.23 -7.98 -5.85
O1B DGT B . -1.76 -6.80 -6.54
O2B DGT B . -2.12 -8.69 -4.89
O3A DGT B . 0.16 -7.66 -5.10
PA DGT B . 0.75 -6.21 -4.74
O1A DGT B . 2.05 -6.48 -4.07
O2A DGT B . -0.28 -5.52 -3.94
O5' DGT B . 1.10 -5.22 -5.96
C5' DGT B . 0.29 -4.82 -7.07
C4' DGT B . 1.18 -3.74 -7.71
O4' DGT B . 2.08 -3.38 -6.63
C3' DGT B . 2.07 -4.22 -8.84
O3' DGT B . 2.09 -3.20 -9.85
C2' DGT B . 3.44 -4.41 -8.22
C1' DGT B . 3.41 -3.31 -7.17
N9 DGT B . 4.42 -3.55 -6.10
C8 DGT B . 5.45 -2.75 -5.83
N7 DGT B . 6.41 -3.49 -5.29
C5 DGT B . 5.96 -4.74 -5.20
C6 DGT B . 6.60 -5.86 -4.89
O6 DGT B . 7.76 -5.82 -4.45
N1 DGT B . 5.97 -7.10 -5.06
C2 DGT B . 4.65 -7.09 -5.53
N2 DGT B . 4.06 -8.23 -5.88
N3 DGT B . 4.05 -5.93 -5.79
C4 DGT B . 4.72 -4.76 -5.66
H5' DGT B . -0.69 -4.43 -6.77
H5'A DGT B . 0.16 -5.65 -7.76
H4' DGT B . 0.59 -2.89 -8.01
H3' DGT B . 1.69 -5.16 -9.25
HO3' DGT B . 1.72 -3.54 -10.72
H2' DGT B . 3.53 -5.35 -7.67
H2'A DGT B . 4.29 -4.20 -8.89
H1' DGT B . 3.55 -2.33 -7.63
H8 DGT B . 5.41 -1.65 -5.80
HN2 DGT B . 4.58 -9.08 -5.84
HN2A DGT B . 3.18 -8.21 -6.34
H16 DGT B . 6.49 -7.96 -5.05
MG MG C . 1.54 -8.90 -2.11
MG MG D . -1.65 -9.73 -4.20
N MET A 1 -6.43 -18.27 -6.05
CA MET A 1 -6.94 -18.77 -4.75
C MET A 1 -8.18 -18.00 -4.33
N LEU A 2 -7.99 -16.74 -3.99
CA LEU A 2 -9.07 -15.87 -3.57
C LEU A 2 -9.78 -15.27 -4.77
N THR A 3 -10.93 -14.70 -4.51
CA THR A 3 -11.72 -14.03 -5.52
C THR A 3 -11.87 -12.57 -5.13
N LEU A 4 -12.29 -11.72 -6.06
CA LEU A 4 -12.49 -10.30 -5.78
C LEU A 4 -13.40 -10.13 -4.56
N ILE A 5 -14.47 -10.92 -4.53
CA ILE A 5 -15.42 -10.86 -3.43
C ILE A 5 -14.72 -11.20 -2.12
N GLN A 6 -13.87 -12.22 -2.15
CA GLN A 6 -13.13 -12.65 -0.98
C GLN A 6 -12.19 -11.57 -0.49
N GLY A 7 -11.37 -11.05 -1.41
CA GLY A 7 -10.44 -10.00 -1.05
C GLY A 7 -11.12 -8.83 -0.36
N LYS A 8 -12.22 -8.36 -0.94
CA LYS A 8 -12.96 -7.24 -0.38
C LYS A 8 -13.54 -7.63 0.97
N LYS A 9 -13.99 -8.87 1.09
CA LYS A 9 -14.58 -9.35 2.33
C LYS A 9 -13.54 -9.41 3.44
N ILE A 10 -12.42 -10.05 3.15
CA ILE A 10 -11.36 -10.19 4.14
C ILE A 10 -10.79 -8.83 4.52
N VAL A 11 -10.56 -7.96 3.53
CA VAL A 11 -10.01 -6.63 3.82
C VAL A 11 -10.94 -5.88 4.77
N ASN A 12 -12.23 -5.92 4.48
CA ASN A 12 -13.23 -5.26 5.31
C ASN A 12 -13.12 -5.73 6.77
N HIS A 13 -13.04 -7.04 6.95
CA HIS A 13 -12.92 -7.60 8.30
C HIS A 13 -11.55 -7.28 8.89
N LEU A 14 -10.54 -7.39 8.05
CA LEU A 14 -9.15 -7.13 8.45
C LEU A 14 -9.01 -5.71 8.99
N ARG A 15 -9.61 -4.75 8.31
CA ARG A 15 -9.52 -3.36 8.73
C ARG A 15 -10.34 -3.11 9.99
N SER A 16 -11.47 -3.78 10.12
CA SER A 16 -12.34 -3.60 11.28
C SER A 16 -11.81 -4.36 12.50
N ARG A 17 -10.83 -5.23 12.29
CA ARG A 17 -10.30 -6.05 13.38
C ARG A 17 -8.80 -5.80 13.64
N LEU A 18 -8.17 -4.81 13.00
CA LEU A 18 -6.75 -4.59 13.20
C LEU A 18 -6.49 -3.84 14.49
N ALA A 19 -5.47 -4.27 15.23
CA ALA A 19 -5.08 -3.62 16.46
C ALA A 19 -3.63 -3.96 16.78
N PHE A 20 -2.85 -2.97 17.16
CA PHE A 20 -1.46 -3.22 17.50
C PHE A 20 -1.18 -2.74 18.90
N GLU A 21 -0.14 -3.28 19.51
CA GLU A 21 0.20 -2.87 20.86
C GLU A 21 1.51 -2.10 20.86
N TYR A 22 1.48 -1.01 21.61
CA TYR A 22 2.61 -0.11 21.76
C TYR A 22 2.78 0.21 23.24
N ASN A 23 3.94 -0.10 23.79
CA ASN A 23 4.23 0.14 25.21
C ASN A 23 3.21 -0.53 26.10
N GLY A 24 2.66 -1.65 25.63
CA GLY A 24 1.67 -2.37 26.39
C GLY A 24 0.26 -1.84 26.18
N GLN A 25 0.12 -0.73 25.47
CA GLN A 25 -1.20 -0.16 25.22
C GLN A 25 -1.72 -0.60 23.86
N LEU A 26 -2.98 -0.98 23.81
CA LEU A 26 -3.59 -1.41 22.56
C LEU A 26 -4.07 -0.24 21.73
N ILE A 27 -3.67 -0.23 20.48
CA ILE A 27 -4.06 0.81 19.53
C ILE A 27 -4.72 0.17 18.31
N LYS A 28 -6.04 0.34 18.20
CA LYS A 28 -6.82 -0.22 17.10
C LYS A 28 -6.53 0.47 15.77
N ILE A 29 -6.50 -0.30 14.70
CA ILE A 29 -6.24 0.24 13.37
C ILE A 29 -7.32 -0.17 12.35
N LEU A 30 -7.92 0.85 11.75
CA LEU A 30 -8.96 0.69 10.73
C LEU A 30 -8.42 0.99 9.34
N SER A 31 -9.28 0.84 8.33
CA SER A 31 -8.92 1.10 6.93
C SER A 31 -8.51 2.56 6.68
N LYS A 32 -8.80 3.44 7.64
CA LYS A 32 -8.42 4.84 7.51
C LYS A 32 -6.90 4.96 7.44
N ASN A 33 -6.26 3.93 7.97
CA ASN A 33 -4.82 3.85 8.00
C ASN A 33 -4.32 2.84 6.98
N ILE A 34 -5.08 1.76 6.79
CA ILE A 34 -4.69 0.71 5.86
C ILE A 34 -5.48 0.80 4.56
N VAL A 35 -4.78 0.97 3.44
CA VAL A 35 -5.44 1.05 2.15
C VAL A 35 -5.13 -0.21 1.33
N ALA A 36 -6.19 -0.90 0.94
CA ALA A 36 -6.06 -2.13 0.17
C ALA A 36 -5.75 -1.84 -1.29
N VAL A 37 -4.78 -2.57 -1.81
CA VAL A 37 -4.37 -2.43 -3.18
C VAL A 37 -4.05 -3.78 -3.79
N GLY A 38 -4.27 -3.88 -5.07
CA GLY A 38 -3.99 -5.11 -5.76
C GLY A 38 -4.86 -5.28 -6.99
N SER A 39 -4.98 -6.53 -7.42
CA SER A 39 -5.82 -6.86 -8.54
C SER A 39 -7.26 -6.50 -8.22
N LEU A 40 -7.59 -6.52 -6.92
CA LEU A 40 -8.93 -6.15 -6.46
C LEU A 40 -9.20 -4.71 -6.86
N ARG A 41 -8.16 -3.90 -6.83
CA ARG A 41 -8.27 -2.50 -7.21
C ARG A 41 -8.47 -2.43 -8.71
N ARG A 42 -7.75 -3.31 -9.44
CA ARG A 42 -7.85 -3.36 -10.89
C ARG A 42 -9.11 -4.13 -11.38
N GLU A 43 -9.86 -4.75 -10.44
CA GLU A 43 -11.11 -5.46 -10.76
C GLU A 43 -10.85 -6.82 -11.43
N GLU A 44 -10.09 -7.68 -10.75
CA GLU A 44 -9.73 -9.01 -11.21
C GLU A 44 -10.78 -10.07 -10.85
N LYS A 45 -10.75 -11.19 -11.58
CA LYS A 45 -11.67 -12.31 -11.33
C LYS A 45 -11.14 -13.22 -10.21
N MET A 46 -9.82 -13.44 -10.21
CA MET A 46 -9.20 -14.29 -9.18
C MET A 46 -7.93 -13.65 -8.63
N LEU A 47 -7.78 -13.70 -7.32
CA LEU A 47 -6.63 -13.13 -6.64
C LEU A 47 -5.81 -14.19 -5.90
N ASN A 48 -4.60 -13.82 -5.50
CA ASN A 48 -3.71 -14.73 -4.79
C ASN A 48 -3.37 -14.17 -3.42
N ASP A 49 -3.01 -12.90 -3.40
CA ASP A 49 -2.62 -12.23 -2.18
C ASP A 49 -3.19 -10.83 -2.17
N VAL A 50 -3.62 -10.35 -1.01
CA VAL A 50 -4.17 -9.01 -0.92
C VAL A 50 -3.12 -8.11 -0.33
N ASP A 51 -2.86 -7.01 -0.98
CA ASP A 51 -1.84 -6.12 -0.54
C ASP A 51 -2.44 -4.87 0.09
N LEU A 52 -1.80 -4.37 1.14
CA LEU A 52 -2.32 -3.22 1.87
C LEU A 52 -1.21 -2.33 2.43
N LEU A 53 -1.29 -1.04 2.14
CA LEU A 53 -0.30 -0.10 2.68
C LEU A 53 -0.88 0.67 3.85
N ILE A 54 -0.06 0.87 4.87
CA ILE A 54 -0.47 1.59 6.07
C ILE A 54 0.07 3.01 6.05
N ILE A 55 -0.82 3.97 5.87
CA ILE A 55 -0.44 5.38 5.83
C ILE A 55 -0.62 6.02 7.20
N VAL A 56 0.48 6.46 7.77
CA VAL A 56 0.44 7.10 9.08
C VAL A 56 1.00 8.51 9.02
N PRO A 57 0.29 9.50 9.60
CA PRO A 57 0.72 10.91 9.61
C PRO A 57 1.95 11.16 10.48
N GLU A 58 2.38 10.13 11.20
CA GLU A 58 3.53 10.24 12.07
C GLU A 58 4.47 9.06 11.87
N LYS A 59 5.75 9.35 11.76
CA LYS A 59 6.76 8.32 11.59
C LYS A 59 6.84 7.48 12.84
N LYS A 60 6.53 8.13 13.97
CA LYS A 60 6.56 7.48 15.26
C LYS A 60 5.47 6.43 15.34
N LEU A 61 4.21 6.86 15.23
CA LEU A 61 3.07 5.95 15.28
C LEU A 61 3.20 4.85 14.23
N LEU A 62 3.86 5.17 13.11
CA LEU A 62 4.05 4.21 12.05
C LEU A 62 4.92 3.07 12.54
N LYS A 63 6.01 3.43 13.20
CA LYS A 63 6.93 2.45 13.74
C LYS A 63 6.35 1.77 14.98
N HIS A 64 5.35 2.40 15.60
CA HIS A 64 4.73 1.87 16.81
C HIS A 64 3.95 0.58 16.54
N VAL A 65 3.63 0.35 15.29
CA VAL A 65 2.90 -0.85 14.90
C VAL A 65 3.80 -2.09 14.93
N LEU A 66 5.10 -1.85 14.74
CA LEU A 66 6.11 -2.90 14.71
C LEU A 66 6.24 -3.70 16.02
N PRO A 67 6.36 -3.04 17.22
CA PRO A 67 6.50 -3.74 18.51
C PRO A 67 5.51 -4.88 18.70
N ASN A 68 4.24 -4.62 18.45
CA ASN A 68 3.23 -5.66 18.58
C ASN A 68 2.05 -5.37 17.66
N ILE A 69 1.57 -6.41 17.01
CA ILE A 69 0.43 -6.32 16.09
C ILE A 69 -0.47 -7.53 16.31
N ARG A 70 -1.78 -7.30 16.33
CA ARG A 70 -2.71 -8.38 16.56
C ARG A 70 -3.98 -8.20 15.74
N ILE A 71 -4.73 -9.28 15.61
CA ILE A 71 -6.00 -9.27 14.90
C ILE A 71 -7.02 -9.97 15.76
N LYS A 72 -8.20 -9.40 15.85
CA LYS A 72 -9.27 -9.94 16.68
C LYS A 72 -9.80 -11.29 16.18
N GLY A 73 -9.47 -12.36 16.92
CA GLY A 73 -9.96 -13.69 16.59
C GLY A 73 -9.38 -14.27 15.31
N LEU A 74 -8.14 -13.92 14.98
CA LEU A 74 -7.52 -14.41 13.76
C LEU A 74 -6.14 -15.01 14.01
N SER A 75 -5.71 -15.91 13.13
CA SER A 75 -4.39 -16.50 13.22
C SER A 75 -3.50 -15.82 12.19
N PHE A 76 -2.28 -15.45 12.55
CA PHE A 76 -1.41 -14.76 11.62
C PHE A 76 0.06 -15.04 11.87
N SER A 77 0.88 -14.69 10.88
CA SER A 77 2.33 -14.88 10.96
C SER A 77 3.01 -13.59 10.50
N VAL A 78 4.12 -13.23 11.14
CA VAL A 78 4.83 -11.99 10.82
C VAL A 78 6.12 -12.24 10.05
N LYS A 79 6.19 -11.74 8.82
CA LYS A 79 7.36 -11.88 7.97
C LYS A 79 7.85 -10.50 7.53
N VAL A 80 9.11 -10.39 7.14
CA VAL A 80 9.67 -9.12 6.70
C VAL A 80 9.98 -9.16 5.21
N CYS A 81 9.98 -7.99 4.56
CA CYS A 81 10.25 -7.90 3.14
C CYS A 81 11.11 -6.68 2.82
N GLY A 82 12.21 -6.88 2.12
CA GLY A 82 13.07 -5.78 1.76
C GLY A 82 13.59 -5.03 2.96
N GLU A 83 13.49 -3.71 2.91
CA GLU A 83 13.93 -2.87 4.00
C GLU A 83 12.76 -2.48 4.89
N ARG A 84 11.72 -1.92 4.29
CA ARG A 84 10.57 -1.44 5.05
C ARG A 84 9.27 -2.17 4.69
N LYS A 85 9.36 -3.18 3.86
CA LYS A 85 8.18 -3.94 3.47
C LYS A 85 7.95 -5.10 4.45
N CYS A 86 6.71 -5.50 4.63
CA CYS A 86 6.40 -6.58 5.54
C CYS A 86 5.41 -7.54 4.90
N VAL A 87 5.48 -8.80 5.32
CA VAL A 87 4.59 -9.83 4.80
C VAL A 87 3.92 -10.54 5.96
N LEU A 88 2.62 -10.71 5.90
CA LEU A 88 1.91 -11.40 6.96
C LEU A 88 1.00 -12.46 6.37
N PHE A 89 0.73 -13.49 7.15
CA PHE A 89 -0.13 -14.55 6.73
C PHE A 89 -1.34 -14.58 7.64
N ILE A 90 -2.50 -14.90 7.11
CA ILE A 90 -3.70 -14.96 7.94
C ILE A 90 -4.40 -16.29 7.73
N GLU A 91 -4.83 -16.89 8.83
CA GLU A 91 -5.50 -18.18 8.78
C GLU A 91 -6.79 -18.16 9.58
N TRP A 92 -7.87 -18.57 8.94
CA TRP A 92 -9.18 -18.61 9.58
C TRP A 92 -10.16 -19.43 8.73
N GLU A 93 -11.12 -20.06 9.38
CA GLU A 93 -12.13 -20.89 8.69
C GLU A 93 -11.46 -22.07 8.00
N LYS A 94 -10.43 -22.59 8.65
CA LYS A 94 -9.66 -23.72 8.15
C LYS A 94 -8.97 -23.34 6.84
N LYS A 95 -8.66 -22.07 6.68
CA LYS A 95 -8.01 -21.60 5.46
C LYS A 95 -6.88 -20.62 5.79
N THR A 96 -5.99 -20.46 4.83
CA THR A 96 -4.82 -19.59 4.98
C THR A 96 -4.70 -18.66 3.77
N TYR A 97 -4.40 -17.39 4.03
CA TYR A 97 -4.25 -16.39 2.96
C TYR A 97 -3.01 -15.55 3.19
N GLN A 98 -2.56 -14.86 2.14
CA GLN A 98 -1.35 -14.03 2.19
C GLN A 98 -1.72 -12.55 2.20
N LEU A 99 -1.11 -11.84 3.15
CA LEU A 99 -1.34 -10.41 3.31
C LEU A 99 -0.04 -9.63 3.20
N ASP A 100 0.04 -8.73 2.24
CA ASP A 100 1.23 -7.90 2.09
C ASP A 100 0.96 -6.54 2.68
N LEU A 101 1.81 -6.09 3.57
CA LEU A 101 1.62 -4.80 4.19
C LEU A 101 2.87 -3.96 4.07
N PHE A 102 2.68 -2.69 3.77
CA PHE A 102 3.78 -1.76 3.61
C PHE A 102 3.54 -0.54 4.50
N THR A 103 4.58 -0.07 5.14
CA THR A 103 4.46 1.09 6.02
C THR A 103 4.81 2.36 5.25
N ALA A 104 3.93 3.35 5.29
CA ALA A 104 4.15 4.59 4.57
C ALA A 104 3.69 5.80 5.39
N LEU A 105 4.19 6.96 5.05
CA LEU A 105 3.85 8.18 5.75
C LEU A 105 2.66 8.84 5.07
N ALA A 106 2.02 9.77 5.75
CA ALA A 106 0.87 10.49 5.19
C ALA A 106 1.25 11.24 3.94
N GLU A 107 2.53 11.56 3.83
CA GLU A 107 3.04 12.26 2.67
C GLU A 107 3.18 11.29 1.49
N GLU A 108 3.45 10.04 1.79
CA GLU A 108 3.63 9.00 0.76
C GLU A 108 2.28 8.40 0.37
N LYS A 109 1.23 9.18 0.56
CA LYS A 109 -0.14 8.72 0.30
C LYS A 109 -0.39 8.47 -1.20
N PRO A 110 -0.31 9.51 -2.07
CA PRO A 110 -0.56 9.34 -3.50
C PRO A 110 0.48 8.46 -4.18
N TYR A 111 1.74 8.64 -3.81
CA TYR A 111 2.84 7.87 -4.39
C TYR A 111 2.63 6.38 -4.23
N ALA A 112 2.43 5.96 -2.99
CA ALA A 112 2.23 4.55 -2.69
C ALA A 112 1.06 3.99 -3.49
N ILE A 113 -0.04 4.74 -3.51
CA ILE A 113 -1.22 4.31 -4.25
C ILE A 113 -0.93 4.22 -5.74
N PHE A 114 -0.19 5.18 -6.27
CA PHE A 114 0.17 5.20 -7.68
C PHE A 114 0.84 3.90 -8.10
N HIS A 115 1.80 3.49 -7.29
CA HIS A 115 2.55 2.27 -7.51
C HIS A 115 1.64 1.05 -7.51
N PHE A 116 0.93 0.84 -6.41
CA PHE A 116 0.04 -0.32 -6.29
C PHE A 116 -1.30 -0.14 -7.02
N THR A 117 -1.51 1.00 -7.65
CA THR A 117 -2.78 1.24 -8.32
C THR A 117 -2.98 0.32 -9.54
N GLY A 118 -2.09 0.30 -10.52
CA GLY A 118 -2.32 -0.58 -11.65
C GLY A 118 -1.21 -1.56 -12.00
N PRO A 119 -0.55 -1.38 -13.15
CA PRO A 119 0.53 -2.25 -13.57
C PRO A 119 1.90 -1.64 -13.38
N VAL A 120 2.81 -2.43 -12.83
CA VAL A 120 4.19 -2.00 -12.59
C VAL A 120 4.83 -1.50 -13.88
N SER A 121 4.47 -2.12 -15.00
CA SER A 121 4.99 -1.75 -16.31
C SER A 121 4.81 -0.25 -16.56
N TYR A 122 3.62 0.26 -16.23
CA TYR A 122 3.33 1.68 -16.41
C TYR A 122 4.28 2.53 -15.58
N LEU A 123 4.56 2.08 -14.36
CA LEU A 123 5.46 2.78 -13.45
C LEU A 123 6.85 2.90 -14.09
N ILE A 124 7.35 1.78 -14.59
CA ILE A 124 8.65 1.75 -15.26
C ILE A 124 8.70 2.76 -16.40
N ARG A 125 7.62 2.82 -17.17
CA ARG A 125 7.52 3.76 -18.29
C ARG A 125 7.63 5.19 -17.79
N ILE A 126 6.97 5.47 -16.67
CA ILE A 126 6.98 6.79 -16.06
C ILE A 126 8.38 7.13 -15.56
N ARG A 127 9.07 6.13 -15.01
CA ARG A 127 10.41 6.31 -14.51
C ARG A 127 11.33 6.78 -15.62
N ALA A 128 11.18 6.17 -16.79
CA ALA A 128 11.99 6.51 -17.95
C ALA A 128 11.63 7.89 -18.48
N ALA A 129 10.34 8.19 -18.50
CA ALA A 129 9.87 9.49 -18.98
C ALA A 129 10.44 10.63 -18.15
N LEU A 130 10.34 10.49 -16.83
CA LEU A 130 10.88 11.49 -15.93
C LEU A 130 12.39 11.58 -16.11
N LYS A 131 13.02 10.43 -16.30
CA LYS A 131 14.46 10.37 -16.51
C LYS A 131 14.84 11.23 -17.72
N LYS A 132 13.99 11.21 -18.74
CA LYS A 132 14.22 11.98 -19.95
C LYS A 132 14.08 13.47 -19.65
N LYS A 133 13.19 13.83 -18.73
CA LYS A 133 13.01 15.23 -18.38
C LYS A 133 13.93 15.63 -17.22
N ASN A 134 14.77 14.69 -16.80
CA ASN A 134 15.76 14.90 -15.74
C ASN A 134 15.09 14.95 -14.36
N TYR A 135 14.08 14.13 -14.20
CA TYR A 135 13.34 14.01 -12.96
C TYR A 135 13.38 12.56 -12.51
N LYS A 136 13.21 12.32 -11.22
CA LYS A 136 13.22 10.96 -10.72
C LYS A 136 12.16 10.81 -9.64
N LEU A 137 11.30 9.82 -9.80
CA LEU A 137 10.26 9.55 -8.83
C LEU A 137 10.75 8.50 -7.86
N ASN A 138 10.37 8.64 -6.60
CA ASN A 138 10.78 7.69 -5.57
C ASN A 138 9.65 7.56 -4.56
N GLN A 139 9.65 6.47 -3.81
CA GLN A 139 8.60 6.21 -2.81
C GLN A 139 8.71 7.14 -1.59
N TYR A 140 9.51 8.20 -1.72
CA TYR A 140 9.68 9.17 -0.64
C TYR A 140 9.49 10.59 -1.15
N GLY A 141 9.48 10.75 -2.48
CA GLY A 141 9.29 12.06 -3.06
C GLY A 141 9.80 12.15 -4.49
N LEU A 142 10.03 13.37 -4.96
CA LEU A 142 10.54 13.60 -6.31
C LEU A 142 11.99 14.03 -6.25
N PHE A 143 12.73 13.74 -7.29
CA PHE A 143 14.12 14.13 -7.35
C PHE A 143 14.42 14.85 -8.65
N LYS A 144 14.51 16.17 -8.59
CA LYS A 144 14.84 16.93 -9.79
C LYS A 144 16.34 16.94 -9.95
N ASN A 145 16.82 16.11 -10.88
CA ASN A 145 18.25 15.95 -11.17
C ASN A 145 19.03 15.41 -9.97
N GLN A 146 18.95 16.10 -8.84
CA GLN A 146 19.64 15.70 -7.62
C GLN A 146 18.98 16.31 -6.38
N THR A 147 17.99 17.18 -6.59
CA THR A 147 17.32 17.84 -5.48
C THR A 147 15.98 17.18 -5.16
N LEU A 148 15.79 16.80 -3.90
CA LEU A 148 14.54 16.18 -3.49
C LEU A 148 13.43 17.24 -3.44
N VAL A 149 12.28 16.86 -3.96
CA VAL A 149 11.12 17.72 -4.01
C VAL A 149 9.90 17.00 -3.42
N PRO A 150 9.28 17.58 -2.38
CA PRO A 150 8.10 16.99 -1.74
C PRO A 150 6.86 17.08 -2.64
N LEU A 151 5.99 16.10 -2.50
CA LEU A 151 4.76 16.04 -3.28
C LEU A 151 3.68 16.94 -2.65
N LYS A 152 2.90 17.59 -3.49
CA LYS A 152 1.85 18.48 -3.01
C LYS A 152 0.47 18.00 -3.44
N ILE A 153 0.30 16.69 -3.50
CA ILE A 153 -0.97 16.11 -3.90
C ILE A 153 -1.38 14.98 -2.98
N THR A 154 -2.65 14.61 -3.07
CA THR A 154 -3.18 13.52 -2.26
C THR A 154 -4.07 12.59 -3.10
N THR A 155 -4.37 13.00 -4.32
CA THR A 155 -5.21 12.19 -5.20
C THR A 155 -4.42 11.70 -6.41
N GLU A 156 -4.78 10.53 -6.93
CA GLU A 156 -4.08 9.94 -8.08
C GLU A 156 -4.09 10.89 -9.27
N LYS A 157 -5.26 11.48 -9.55
CA LYS A 157 -5.39 12.41 -10.66
C LYS A 157 -4.50 13.63 -10.45
N GLU A 158 -4.54 14.17 -9.25
CA GLU A 158 -3.72 15.31 -8.90
C GLU A 158 -2.25 14.95 -9.05
N LEU A 159 -1.93 13.73 -8.66
CA LEU A 159 -0.57 13.20 -8.74
C LEU A 159 -0.09 13.12 -10.19
N ILE A 160 -0.86 12.42 -11.02
CA ILE A 160 -0.50 12.28 -12.43
C ILE A 160 -0.35 13.66 -13.09
N LYS A 161 -1.25 14.58 -12.73
CA LYS A 161 -1.19 15.93 -13.27
C LYS A 161 0.07 16.63 -12.77
N GLU A 162 0.37 16.44 -11.49
CA GLU A 162 1.55 17.04 -10.86
C GLU A 162 2.83 16.51 -11.52
N LEU A 163 2.84 15.23 -11.85
CA LEU A 163 3.99 14.60 -12.48
C LEU A 163 4.09 14.98 -13.96
N GLY A 164 2.96 15.30 -14.56
CA GLY A 164 2.95 15.68 -15.96
C GLY A 164 2.58 14.54 -16.88
N PHE A 165 1.65 13.70 -16.43
CA PHE A 165 1.21 12.56 -17.21
C PHE A 165 -0.30 12.49 -17.28
N THR A 166 -0.81 11.56 -18.08
CA THR A 166 -2.25 11.38 -18.23
C THR A 166 -2.70 10.19 -17.40
N TYR A 167 -3.93 10.24 -16.91
CA TYR A 167 -4.45 9.15 -16.11
C TYR A 167 -5.16 8.15 -17.00
N ARG A 168 -4.59 6.97 -17.14
CA ARG A 168 -5.19 5.92 -17.94
C ARG A 168 -5.77 4.85 -17.03
N ILE A 169 -6.26 3.77 -17.60
CA ILE A 169 -6.83 2.71 -16.79
C ILE A 169 -5.92 1.50 -16.75
N PRO A 170 -5.64 0.99 -15.55
CA PRO A 170 -4.77 -0.17 -15.36
C PRO A 170 -5.38 -1.45 -15.90
N LYS A 171 -6.68 -1.42 -16.09
CA LYS A 171 -7.44 -2.56 -16.57
C LYS A 171 -6.98 -2.99 -17.95
N LYS A 172 -6.64 -2.04 -18.79
CA LYS A 172 -6.20 -2.32 -20.15
C LYS A 172 -4.67 -2.22 -20.27
N ARG A 173 -4.00 -2.17 -19.11
CA ARG A 173 -2.54 -2.06 -19.05
C ARG A 173 -2.03 -0.73 -19.59
N LEU A 174 -1.16 -0.08 -18.80
CA LEU A 174 -0.58 1.22 -19.16
C LEU A 174 -1.66 2.20 -19.60
PG DGT B . -1.37 -10.02 -8.11
O1G DGT B . -0.57 -10.69 -9.16
O2G DGT B . -2.81 -10.33 -7.99
O3G DGT B . -0.70 -10.35 -6.68
O3B DGT B . -1.14 -8.43 -8.13
PB DGT B . -1.69 -7.72 -6.80
O1B DGT B . -1.86 -6.28 -7.10
O2B DGT B . -2.83 -8.45 -6.21
O3A DGT B . -0.38 -7.97 -5.90
PA DGT B . 0.58 -6.86 -5.22
O1A DGT B . 1.64 -7.65 -4.55
O2A DGT B . -0.28 -5.99 -4.38
O5' DGT B . 1.28 -5.84 -6.25
C5' DGT B . 0.49 -4.96 -7.05
C4' DGT B . 1.43 -3.81 -7.44
O4' DGT B . 2.37 -3.84 -6.35
C3' DGT B . 2.23 -3.98 -8.73
O3' DGT B . 2.10 -2.79 -9.50
C2' DGT B . 3.66 -4.13 -8.25
C1' DGT B . 3.63 -3.44 -6.90
N9 DGT B . 4.76 -3.85 -6.03
C8 DGT B . 5.71 -3.05 -5.58
N7 DGT B . 6.68 -3.80 -5.06
C5 DGT B . 6.32 -5.07 -5.19
C6 DGT B . 6.96 -6.20 -4.84
O6 DGT B . 8.06 -6.15 -4.30
N1 DGT B . 6.33 -7.43 -5.05
C2 DGT B . 5.06 -7.45 -5.62
N2 DGT B . 4.42 -8.60 -5.79
N3 DGT B . 4.49 -6.28 -5.98
C4 DGT B . 5.12 -5.11 -5.76
H5' DGT B . -0.37 -4.59 -6.48
H5'A DGT B . 0.15 -5.45 -7.96
H4' DGT B . 0.89 -2.86 -7.45
H3' DGT B . 1.89 -4.87 -9.26
HO3' DGT B . 2.27 -2.98 -10.47
H2' DGT B . 4.36 -3.62 -8.91
H2'A DGT B . 3.94 -5.19 -8.14
H1' DGT B . 3.66 -2.37 -7.05
H8 DGT B . 5.68 -1.96 -5.58
HN2 DGT B . 4.88 -9.45 -5.51
HN2A DGT B . 3.52 -8.63 -6.18
H16 DGT B . 6.82 -8.29 -4.88
MG MG C . 1.34 -9.06 -2.21
MG MG D . -0.56 -10.06 -5.41
N MET A 1 -5.87 -18.17 -6.37
CA MET A 1 -6.40 -18.79 -5.14
C MET A 1 -7.78 -18.24 -4.82
N LEU A 2 -7.81 -17.09 -4.13
CA LEU A 2 -9.06 -16.46 -3.77
C LEU A 2 -9.62 -15.66 -4.95
N THR A 3 -10.82 -15.17 -4.79
CA THR A 3 -11.49 -14.40 -5.82
C THR A 3 -11.70 -12.97 -5.33
N LEU A 4 -12.23 -12.11 -6.21
CA LEU A 4 -12.49 -10.71 -5.85
C LEU A 4 -13.38 -10.64 -4.63
N ILE A 5 -14.40 -11.51 -4.59
CA ILE A 5 -15.33 -11.54 -3.47
C ILE A 5 -14.61 -11.88 -2.17
N GLN A 6 -13.74 -12.88 -2.21
CA GLN A 6 -12.98 -13.29 -1.06
C GLN A 6 -12.09 -12.17 -0.56
N GLY A 7 -11.29 -11.60 -1.47
CA GLY A 7 -10.42 -10.50 -1.11
C GLY A 7 -11.17 -9.36 -0.46
N LYS A 8 -12.30 -8.97 -1.04
CA LYS A 8 -13.11 -7.89 -0.52
C LYS A 8 -13.64 -8.25 0.87
N LYS A 9 -14.10 -9.48 1.01
CA LYS A 9 -14.65 -9.97 2.26
C LYS A 9 -13.60 -9.99 3.36
N ILE A 10 -12.48 -10.64 3.09
CA ILE A 10 -11.41 -10.75 4.06
C ILE A 10 -10.89 -9.36 4.41
N VAL A 11 -10.63 -8.54 3.39
CA VAL A 11 -10.13 -7.18 3.61
C VAL A 11 -11.06 -6.41 4.54
N ASN A 12 -12.35 -6.48 4.25
CA ASN A 12 -13.37 -5.82 5.06
C ASN A 12 -13.16 -6.15 6.54
N HIS A 13 -13.11 -7.45 6.83
CA HIS A 13 -12.93 -7.90 8.21
C HIS A 13 -11.53 -7.56 8.72
N LEU A 14 -10.55 -7.80 7.87
CA LEU A 14 -9.15 -7.54 8.19
C LEU A 14 -8.90 -6.09 8.60
N ARG A 15 -9.42 -5.17 7.81
CA ARG A 15 -9.22 -3.75 8.08
C ARG A 15 -10.04 -3.29 9.28
N SER A 16 -11.13 -3.98 9.60
CA SER A 16 -11.94 -3.59 10.75
C SER A 16 -11.60 -4.40 12.01
N ARG A 17 -10.67 -5.32 11.88
CA ARG A 17 -10.25 -6.18 12.98
C ARG A 17 -8.78 -6.03 13.37
N LEU A 18 -8.09 -5.03 12.82
CA LEU A 18 -6.67 -4.90 13.08
C LEU A 18 -6.40 -4.08 14.35
N ALA A 19 -5.30 -4.41 15.02
CA ALA A 19 -4.87 -3.70 16.22
C ALA A 19 -3.40 -3.98 16.49
N PHE A 20 -2.63 -2.96 16.79
CA PHE A 20 -1.22 -3.15 17.08
C PHE A 20 -0.91 -2.72 18.51
N GLU A 21 0.19 -3.21 19.05
CA GLU A 21 0.57 -2.84 20.40
C GLU A 21 1.81 -1.96 20.38
N TYR A 22 1.71 -0.88 21.14
CA TYR A 22 2.77 0.08 21.28
C TYR A 22 3.04 0.31 22.77
N ASN A 23 4.24 -0.07 23.21
CA ASN A 23 4.64 0.10 24.61
C ASN A 23 3.67 -0.59 25.57
N GLY A 24 3.06 -1.67 25.11
CA GLY A 24 2.13 -2.39 25.95
C GLY A 24 0.70 -1.91 25.77
N GLN A 25 0.52 -0.80 25.06
CA GLN A 25 -0.82 -0.26 24.84
C GLN A 25 -1.37 -0.77 23.51
N LEU A 26 -2.64 -1.13 23.51
CA LEU A 26 -3.28 -1.61 22.30
C LEU A 26 -3.90 -0.47 21.49
N ILE A 27 -3.52 -0.39 20.23
CA ILE A 27 -4.02 0.63 19.32
C ILE A 27 -4.67 -0.03 18.11
N LYS A 28 -5.99 0.06 18.04
CA LYS A 28 -6.76 -0.55 16.95
C LYS A 28 -6.49 0.15 15.62
N ILE A 29 -6.40 -0.64 14.55
CA ILE A 29 -6.15 -0.10 13.21
C ILE A 29 -7.26 -0.49 12.24
N LEU A 30 -7.98 0.54 11.81
CA LEU A 30 -9.08 0.37 10.86
C LEU A 30 -8.69 0.87 9.48
N SER A 31 -9.63 0.73 8.55
CA SER A 31 -9.46 1.15 7.17
C SER A 31 -9.13 2.64 7.03
N LYS A 32 -9.35 3.40 8.09
CA LYS A 32 -9.07 4.83 8.05
C LYS A 32 -7.58 5.09 7.94
N ASN A 33 -6.81 4.13 8.40
CA ASN A 33 -5.36 4.24 8.35
C ASN A 33 -4.76 3.20 7.40
N ILE A 34 -5.60 2.33 6.88
CA ILE A 34 -5.14 1.29 5.99
C ILE A 34 -5.99 1.20 4.73
N VAL A 35 -5.34 1.32 3.58
CA VAL A 35 -6.03 1.27 2.30
C VAL A 35 -5.68 -0.01 1.56
N ALA A 36 -6.71 -0.78 1.23
CA ALA A 36 -6.52 -2.02 0.51
C ALA A 36 -6.13 -1.74 -0.94
N VAL A 37 -4.98 -2.25 -1.34
CA VAL A 37 -4.49 -2.06 -2.68
C VAL A 37 -4.21 -3.40 -3.35
N GLY A 38 -4.57 -3.45 -4.62
CA GLY A 38 -4.34 -4.64 -5.37
C GLY A 38 -5.42 -4.86 -6.41
N SER A 39 -5.66 -6.13 -6.67
CA SER A 39 -6.68 -6.55 -7.59
C SER A 39 -8.05 -6.04 -7.12
N LEU A 40 -8.23 -5.90 -5.80
CA LEU A 40 -9.49 -5.37 -5.26
C LEU A 40 -9.71 -3.94 -5.74
N ARG A 41 -8.61 -3.22 -5.88
CA ARG A 41 -8.66 -1.85 -6.32
C ARG A 41 -9.06 -1.78 -7.79
N ARG A 42 -8.52 -2.70 -8.59
CA ARG A 42 -8.84 -2.71 -10.03
C ARG A 42 -9.96 -3.69 -10.40
N GLU A 43 -10.52 -4.38 -9.40
CA GLU A 43 -11.64 -5.31 -9.60
C GLU A 43 -11.30 -6.52 -10.50
N GLU A 44 -10.23 -7.24 -10.15
CA GLU A 44 -9.78 -8.42 -10.89
C GLU A 44 -10.65 -9.64 -10.57
N LYS A 45 -10.67 -10.58 -11.49
CA LYS A 45 -11.49 -11.78 -11.34
C LYS A 45 -10.92 -12.75 -10.29
N MET A 46 -9.60 -12.89 -10.23
CA MET A 46 -8.97 -13.79 -9.28
C MET A 46 -7.83 -13.11 -8.51
N LEU A 47 -7.47 -13.70 -7.36
CA LEU A 47 -6.39 -13.15 -6.53
C LEU A 47 -5.68 -14.25 -5.73
N ASN A 48 -4.55 -13.90 -5.13
CA ASN A 48 -3.76 -14.82 -4.31
C ASN A 48 -3.38 -14.15 -2.99
N ASP A 49 -2.99 -12.88 -3.04
CA ASP A 49 -2.63 -12.13 -1.84
C ASP A 49 -3.21 -10.73 -1.90
N VAL A 50 -3.61 -10.20 -0.75
CA VAL A 50 -4.17 -8.87 -0.71
C VAL A 50 -3.17 -7.93 -0.11
N ASP A 51 -3.07 -6.72 -0.64
CA ASP A 51 -2.10 -5.80 -0.13
C ASP A 51 -2.78 -4.65 0.58
N LEU A 52 -2.20 -4.27 1.70
CA LEU A 52 -2.76 -3.23 2.51
C LEU A 52 -1.72 -2.18 2.90
N LEU A 53 -1.89 -0.98 2.37
CA LEU A 53 -1.00 0.12 2.68
C LEU A 53 -1.48 0.79 3.95
N ILE A 54 -0.62 0.86 4.93
CA ILE A 54 -0.96 1.47 6.19
C ILE A 54 -0.38 2.88 6.21
N ILE A 55 -1.25 3.87 6.09
CA ILE A 55 -0.85 5.26 6.06
C ILE A 55 -0.83 5.87 7.45
N VAL A 56 0.33 6.31 7.87
CA VAL A 56 0.47 6.92 9.17
C VAL A 56 0.96 8.36 9.02
N PRO A 57 0.29 9.32 9.68
CA PRO A 57 0.66 10.74 9.62
C PRO A 57 1.94 11.05 10.39
N GLU A 58 2.45 10.06 11.10
CA GLU A 58 3.67 10.25 11.87
C GLU A 58 4.65 9.13 11.62
N LYS A 59 5.91 9.51 11.55
CA LYS A 59 6.98 8.56 11.36
C LYS A 59 7.07 7.67 12.59
N LYS A 60 6.75 8.26 13.73
CA LYS A 60 6.79 7.54 14.99
C LYS A 60 5.68 6.52 15.02
N LEU A 61 4.43 6.98 14.95
CA LEU A 61 3.27 6.09 14.96
C LEU A 61 3.40 5.00 13.91
N LEU A 62 4.06 5.30 12.80
CA LEU A 62 4.27 4.34 11.73
C LEU A 62 5.16 3.23 12.21
N LYS A 63 6.25 3.62 12.85
CA LYS A 63 7.21 2.67 13.38
C LYS A 63 6.69 2.00 14.66
N HIS A 64 5.60 2.52 15.22
CA HIS A 64 5.01 1.96 16.44
C HIS A 64 4.19 0.71 16.16
N VAL A 65 3.81 0.51 14.91
CA VAL A 65 3.03 -0.66 14.54
C VAL A 65 3.92 -1.91 14.48
N LEU A 66 5.21 -1.69 14.22
CA LEU A 66 6.19 -2.77 14.13
C LEU A 66 6.31 -3.62 15.41
N PRO A 67 6.49 -3.00 16.62
CA PRO A 67 6.62 -3.72 17.90
C PRO A 67 5.64 -4.88 18.05
N ASN A 68 4.35 -4.63 17.86
CA ASN A 68 3.37 -5.70 17.97
C ASN A 68 2.16 -5.43 17.09
N ILE A 69 1.67 -6.49 16.46
CA ILE A 69 0.52 -6.42 15.60
C ILE A 69 -0.37 -7.63 15.86
N ARG A 70 -1.66 -7.40 16.03
CA ARG A 70 -2.59 -8.48 16.30
C ARG A 70 -3.91 -8.27 15.56
N ILE A 71 -4.65 -9.34 15.39
CA ILE A 71 -5.94 -9.30 14.73
C ILE A 71 -6.99 -9.90 15.66
N LYS A 72 -8.19 -9.34 15.64
CA LYS A 72 -9.25 -9.81 16.52
C LYS A 72 -9.77 -11.20 16.11
N GLY A 73 -9.38 -12.20 16.89
CA GLY A 73 -9.83 -13.57 16.64
C GLY A 73 -9.26 -14.22 15.39
N LEU A 74 -8.03 -13.91 15.02
CA LEU A 74 -7.45 -14.47 13.81
C LEU A 74 -6.06 -15.08 14.05
N SER A 75 -5.70 -16.06 13.21
CA SER A 75 -4.38 -16.69 13.30
C SER A 75 -3.48 -16.08 12.24
N PHE A 76 -2.26 -15.68 12.61
CA PHE A 76 -1.35 -15.06 11.65
C PHE A 76 0.12 -15.38 11.91
N SER A 77 0.97 -15.00 10.96
CA SER A 77 2.42 -15.19 11.05
C SER A 77 3.11 -13.93 10.51
N VAL A 78 4.27 -13.57 11.06
CA VAL A 78 4.95 -12.33 10.66
C VAL A 78 6.22 -12.58 9.81
N LYS A 79 6.24 -12.00 8.60
CA LYS A 79 7.39 -12.09 7.71
C LYS A 79 7.82 -10.69 7.27
N VAL A 80 9.06 -10.55 6.84
CA VAL A 80 9.55 -9.26 6.37
C VAL A 80 9.76 -9.31 4.85
N CYS A 81 9.59 -8.17 4.20
CA CYS A 81 9.75 -8.09 2.75
C CYS A 81 10.66 -6.93 2.37
N GLY A 82 11.65 -7.20 1.54
CA GLY A 82 12.55 -6.15 1.12
C GLY A 82 13.27 -5.51 2.30
N GLU A 83 13.33 -4.20 2.27
CA GLU A 83 13.99 -3.45 3.32
C GLU A 83 13.01 -2.90 4.34
N ARG A 84 11.90 -2.34 3.87
CA ARG A 84 10.91 -1.73 4.75
C ARG A 84 9.51 -2.32 4.59
N LYS A 85 9.38 -3.31 3.72
CA LYS A 85 8.10 -3.95 3.46
C LYS A 85 7.90 -5.15 4.38
N CYS A 86 6.64 -5.50 4.64
CA CYS A 86 6.36 -6.64 5.51
C CYS A 86 5.29 -7.55 4.90
N VAL A 87 5.30 -8.81 5.31
CA VAL A 87 4.34 -9.79 4.80
C VAL A 87 3.78 -10.57 5.98
N LEU A 88 2.51 -10.89 5.93
CA LEU A 88 1.89 -11.63 7.00
C LEU A 88 1.00 -12.72 6.41
N PHE A 89 0.88 -13.80 7.14
CA PHE A 89 0.06 -14.91 6.72
C PHE A 89 -1.13 -14.95 7.65
N ILE A 90 -2.30 -15.23 7.14
CA ILE A 90 -3.50 -15.25 7.98
C ILE A 90 -4.33 -16.49 7.72
N GLU A 91 -4.87 -17.08 8.78
CA GLU A 91 -5.69 -18.27 8.63
C GLU A 91 -6.83 -18.29 9.64
N TRP A 92 -7.97 -18.78 9.17
CA TRP A 92 -9.18 -18.91 9.98
C TRP A 92 -10.21 -19.76 9.27
N GLU A 93 -11.01 -20.50 10.02
CA GLU A 93 -12.05 -21.36 9.47
C GLU A 93 -11.44 -22.42 8.56
N LYS A 94 -10.30 -22.94 8.98
CA LYS A 94 -9.57 -23.97 8.25
C LYS A 94 -9.08 -23.45 6.89
N LYS A 95 -9.07 -22.13 6.73
CA LYS A 95 -8.63 -21.52 5.49
C LYS A 95 -7.41 -20.64 5.76
N THR A 96 -6.62 -20.41 4.73
CA THR A 96 -5.39 -19.62 4.83
C THR A 96 -5.32 -18.59 3.71
N TYR A 97 -4.78 -17.42 4.02
CA TYR A 97 -4.62 -16.35 3.04
C TYR A 97 -3.31 -15.60 3.28
N GLN A 98 -2.91 -14.83 2.29
CA GLN A 98 -1.67 -14.05 2.37
C GLN A 98 -1.98 -12.57 2.43
N LEU A 99 -1.36 -11.89 3.39
CA LEU A 99 -1.57 -10.47 3.59
C LEU A 99 -0.25 -9.71 3.46
N ASP A 100 -0.18 -8.86 2.46
CA ASP A 100 0.99 -8.03 2.22
C ASP A 100 0.76 -6.69 2.89
N LEU A 101 1.62 -6.30 3.81
CA LEU A 101 1.43 -5.04 4.50
C LEU A 101 2.61 -4.11 4.29
N PHE A 102 2.31 -2.85 4.03
CA PHE A 102 3.34 -1.86 3.81
C PHE A 102 3.05 -0.62 4.63
N THR A 103 4.07 -0.08 5.27
CA THR A 103 3.92 1.12 6.06
C THR A 103 4.24 2.35 5.21
N ALA A 104 3.29 3.26 5.12
CA ALA A 104 3.45 4.46 4.32
C ALA A 104 3.15 5.71 5.14
N LEU A 105 3.65 6.85 4.70
CA LEU A 105 3.44 8.08 5.41
C LEU A 105 2.30 8.86 4.78
N ALA A 106 1.71 9.76 5.56
CA ALA A 106 0.59 10.57 5.08
C ALA A 106 1.04 11.46 3.92
N GLU A 107 2.33 11.71 3.86
CA GLU A 107 2.90 12.52 2.79
C GLU A 107 3.10 11.70 1.52
N GLU A 108 3.30 10.40 1.66
CA GLU A 108 3.53 9.55 0.49
C GLU A 108 2.23 8.94 -0.04
N LYS A 109 1.11 9.27 0.61
CA LYS A 109 -0.22 8.77 0.22
C LYS A 109 -0.43 8.70 -1.31
N PRO A 110 -0.36 9.83 -2.04
CA PRO A 110 -0.55 9.83 -3.49
C PRO A 110 0.43 8.93 -4.24
N TYR A 111 1.68 8.96 -3.81
CA TYR A 111 2.73 8.17 -4.43
C TYR A 111 2.51 6.68 -4.23
N ALA A 112 2.29 6.29 -2.98
CA ALA A 112 2.07 4.90 -2.62
C ALA A 112 0.92 4.29 -3.42
N ILE A 113 -0.20 5.00 -3.47
CA ILE A 113 -1.38 4.53 -4.20
C ILE A 113 -1.09 4.44 -5.70
N PHE A 114 -0.32 5.40 -6.21
CA PHE A 114 0.04 5.43 -7.61
C PHE A 114 0.85 4.18 -7.98
N HIS A 115 1.69 3.75 -7.07
CA HIS A 115 2.52 2.57 -7.27
C HIS A 115 1.66 1.31 -7.26
N PHE A 116 0.91 1.10 -6.20
CA PHE A 116 0.04 -0.08 -6.09
C PHE A 116 -1.19 0.02 -6.97
N THR A 117 -1.32 1.12 -7.71
CA THR A 117 -2.48 1.33 -8.57
C THR A 117 -2.78 0.12 -9.48
N GLY A 118 -1.94 -0.17 -10.48
CA GLY A 118 -2.20 -1.32 -11.31
C GLY A 118 -0.96 -2.13 -11.64
N PRO A 119 -0.49 -2.00 -12.89
CA PRO A 119 0.72 -2.65 -13.37
C PRO A 119 1.99 -1.83 -13.13
N VAL A 120 2.95 -2.46 -12.47
CA VAL A 120 4.26 -1.84 -12.17
C VAL A 120 4.93 -1.36 -13.46
N SER A 121 4.69 -2.08 -14.55
CA SER A 121 5.26 -1.75 -15.85
C SER A 121 5.02 -0.28 -16.22
N TYR A 122 3.80 0.21 -15.98
CA TYR A 122 3.46 1.59 -16.28
C TYR A 122 4.33 2.54 -15.45
N LEU A 123 4.59 2.16 -14.21
CA LEU A 123 5.41 2.96 -13.31
C LEU A 123 6.84 3.06 -13.84
N ILE A 124 7.40 1.90 -14.16
CA ILE A 124 8.76 1.83 -14.71
C ILE A 124 8.92 2.74 -15.92
N ARG A 125 7.92 2.72 -16.79
CA ARG A 125 7.95 3.55 -17.99
C ARG A 125 7.92 5.03 -17.63
N ILE A 126 7.12 5.37 -16.62
CA ILE A 126 7.00 6.75 -16.16
C ILE A 126 8.33 7.20 -15.54
N ARG A 127 8.97 6.28 -14.82
CA ARG A 127 10.24 6.56 -14.17
C ARG A 127 11.28 6.91 -15.23
N ALA A 128 11.29 6.13 -16.30
CA ALA A 128 12.22 6.34 -17.40
C ALA A 128 11.93 7.66 -18.10
N ALA A 129 10.65 7.92 -18.32
CA ALA A 129 10.22 9.15 -18.97
C ALA A 129 10.68 10.36 -18.16
N LEU A 130 10.46 10.30 -16.85
CA LEU A 130 10.89 11.38 -15.97
C LEU A 130 12.40 11.52 -16.03
N LYS A 131 13.10 10.39 -16.09
CA LYS A 131 14.56 10.40 -16.18
C LYS A 131 14.99 11.19 -17.41
N LYS A 132 14.22 11.07 -18.49
CA LYS A 132 14.49 11.79 -19.72
C LYS A 132 14.17 13.28 -19.50
N LYS A 133 13.24 13.54 -18.61
CA LYS A 133 12.84 14.91 -18.25
C LYS A 133 13.73 15.45 -17.14
N ASN A 134 14.68 14.62 -16.70
CA ASN A 134 15.64 14.98 -15.65
C ASN A 134 14.97 14.97 -14.28
N TYR A 135 14.06 14.04 -14.11
CA TYR A 135 13.31 13.88 -12.87
C TYR A 135 13.34 12.42 -12.42
N LYS A 136 13.10 12.19 -11.14
CA LYS A 136 13.06 10.84 -10.61
C LYS A 136 12.05 10.76 -9.47
N LEU A 137 11.11 9.84 -9.59
CA LEU A 137 10.08 9.65 -8.57
C LEU A 137 10.58 8.67 -7.52
N ASN A 138 10.14 8.87 -6.28
CA ASN A 138 10.51 8.01 -5.16
C ASN A 138 9.40 8.07 -4.13
N GLN A 139 9.31 7.05 -3.28
CA GLN A 139 8.27 6.99 -2.25
C GLN A 139 8.45 8.11 -1.23
N TYR A 140 9.60 8.76 -1.28
CA TYR A 140 9.91 9.85 -0.36
C TYR A 140 9.62 11.21 -0.99
N GLY A 141 9.59 11.25 -2.31
CA GLY A 141 9.33 12.49 -3.00
C GLY A 141 9.82 12.47 -4.42
N LEU A 142 10.07 13.63 -4.98
CA LEU A 142 10.55 13.74 -6.35
C LEU A 142 12.00 14.20 -6.35
N PHE A 143 12.75 13.80 -7.34
CA PHE A 143 14.13 14.20 -7.45
C PHE A 143 14.39 14.92 -8.75
N LYS A 144 14.56 16.23 -8.69
CA LYS A 144 14.86 16.99 -9.89
C LYS A 144 16.36 16.97 -10.06
N ASN A 145 16.81 16.12 -10.98
CA ASN A 145 18.22 15.90 -11.27
C ASN A 145 18.99 15.44 -10.02
N GLN A 146 19.20 16.36 -9.07
CA GLN A 146 19.91 16.05 -7.84
C GLN A 146 19.24 16.69 -6.62
N THR A 147 18.16 17.41 -6.85
CA THR A 147 17.45 18.10 -5.77
C THR A 147 16.11 17.43 -5.43
N LEU A 148 15.92 17.13 -4.15
CA LEU A 148 14.68 16.52 -3.68
C LEU A 148 13.56 17.56 -3.66
N VAL A 149 12.43 17.17 -4.21
CA VAL A 149 11.25 18.03 -4.29
C VAL A 149 10.07 17.36 -3.61
N PRO A 150 9.38 18.08 -2.69
CA PRO A 150 8.22 17.54 -1.98
C PRO A 150 6.97 17.48 -2.86
N LEU A 151 5.90 16.91 -2.32
CA LEU A 151 4.64 16.77 -3.07
C LEU A 151 3.58 17.75 -2.58
N LYS A 152 2.72 18.17 -3.50
CA LYS A 152 1.64 19.09 -3.17
C LYS A 152 0.32 18.52 -3.64
N ILE A 153 0.24 17.20 -3.64
CA ILE A 153 -0.95 16.51 -4.11
C ILE A 153 -1.42 15.45 -3.11
N THR A 154 -2.65 15.03 -3.27
CA THR A 154 -3.24 14.02 -2.40
C THR A 154 -4.12 13.06 -3.21
N THR A 155 -3.97 13.09 -4.52
CA THR A 155 -4.74 12.24 -5.41
C THR A 155 -3.86 11.71 -6.52
N GLU A 156 -4.13 10.49 -7.00
CA GLU A 156 -3.33 9.90 -8.08
C GLU A 156 -3.41 10.77 -9.32
N LYS A 157 -4.60 11.29 -9.58
CA LYS A 157 -4.83 12.16 -10.74
C LYS A 157 -4.01 13.43 -10.58
N GLU A 158 -4.09 14.03 -9.41
CA GLU A 158 -3.35 15.23 -9.12
C GLU A 158 -1.86 14.94 -9.25
N LEU A 159 -1.47 13.75 -8.82
CA LEU A 159 -0.08 13.32 -8.89
C LEU A 159 0.39 13.19 -10.33
N ILE A 160 -0.36 12.45 -11.15
CA ILE A 160 0.01 12.28 -12.56
C ILE A 160 0.04 13.64 -13.27
N LYS A 161 -0.94 14.48 -12.97
CA LYS A 161 -0.99 15.81 -13.56
C LYS A 161 0.20 16.64 -13.08
N GLU A 162 0.55 16.48 -11.81
CA GLU A 162 1.69 17.16 -11.21
C GLU A 162 2.99 16.65 -11.83
N LEU A 163 3.06 15.34 -12.04
CA LEU A 163 4.24 14.72 -12.63
C LEU A 163 4.37 15.11 -14.09
N GLY A 164 3.25 15.45 -14.72
CA GLY A 164 3.25 15.84 -16.10
C GLY A 164 2.98 14.68 -17.03
N PHE A 165 2.00 13.86 -16.67
CA PHE A 165 1.64 12.69 -17.46
C PHE A 165 0.13 12.55 -17.59
N THR A 166 -0.29 11.53 -18.30
CA THR A 166 -1.71 11.25 -18.49
C THR A 166 -2.10 10.03 -17.68
N TYR A 167 -3.36 9.95 -17.27
CA TYR A 167 -3.80 8.82 -16.49
C TYR A 167 -4.40 7.73 -17.38
N ARG A 168 -3.69 6.63 -17.46
CA ARG A 168 -4.13 5.47 -18.23
C ARG A 168 -4.95 4.56 -17.33
N ILE A 169 -5.57 3.55 -17.91
CA ILE A 169 -6.36 2.62 -17.11
C ILE A 169 -5.56 1.35 -16.86
N PRO A 170 -5.24 1.07 -15.58
CA PRO A 170 -4.47 -0.12 -15.21
C PRO A 170 -5.13 -1.42 -15.64
N LYS A 171 -6.43 -1.35 -15.85
CA LYS A 171 -7.23 -2.50 -16.25
C LYS A 171 -6.74 -3.10 -17.56
N LYS A 172 -6.37 -2.25 -18.49
CA LYS A 172 -5.90 -2.70 -19.80
C LYS A 172 -4.39 -2.61 -19.92
N ARG A 173 -3.72 -2.51 -18.78
CA ARG A 173 -2.25 -2.42 -18.71
C ARG A 173 -1.72 -1.13 -19.32
N LEU A 174 -0.91 -0.41 -18.55
CA LEU A 174 -0.32 0.85 -18.98
C LEU A 174 -1.35 1.75 -19.64
PG DGT B . -1.16 -9.76 -7.43
O1G DGT B . -0.01 -10.21 -8.24
O2G DGT B . -2.51 -10.33 -7.69
O3G DGT B . -0.81 -10.06 -5.88
O3B DGT B . -1.19 -8.15 -7.46
PB DGT B . -1.87 -7.45 -6.18
O1B DGT B . -2.31 -6.09 -6.58
O2B DGT B . -2.87 -8.39 -5.60
O3A DGT B . -0.54 -7.36 -5.27
PA DGT B . 0.23 -6.03 -4.78
O1A DGT B . 1.42 -6.56 -4.08
O2A DGT B . -0.74 -5.21 -4.01
O5' DGT B . 0.78 -5.06 -5.94
C5' DGT B . 0.03 -4.58 -7.05
C4' DGT B . 0.89 -3.45 -7.60
O4' DGT B . 1.60 -3.03 -6.43
C3' DGT B . 1.94 -3.87 -8.62
O3' DGT B . 1.91 -2.91 -9.69
C2' DGT B . 3.26 -3.84 -7.87
C1' DGT B . 2.98 -2.83 -6.78
N9 DGT B . 3.83 -3.13 -5.59
C8 DGT B . 4.91 -2.46 -5.20
N7 DGT B . 5.75 -3.35 -4.68
C5 DGT B . 5.18 -4.55 -4.70
C6 DGT B . 5.74 -5.75 -4.59
O6 DGT B . 6.91 -5.87 -4.22
N1 DGT B . 5.02 -6.87 -5.00
C2 DGT B . 3.71 -6.71 -5.47
N2 DGT B . 3.03 -7.72 -5.99
N3 DGT B . 3.20 -5.46 -5.51
C4 DGT B . 3.96 -4.40 -5.19
H5' DGT B . -0.95 -4.26 -6.70
H5'A DGT B . -0.07 -5.35 -7.80
H4' DGT B . 0.31 -2.62 -8.02
H3' DGT B . 1.73 -4.86 -9.01
HO3' DGT B . 2.39 -3.28 -10.47
H2' DGT B . 3.42 -4.79 -7.36
H2'A DGT B . 4.09 -3.47 -8.45
H1' DGT B . 3.15 -1.85 -7.18
H8 DGT B . 4.97 -1.39 -5.07
HN2 DGT B . 3.44 -8.63 -6.05
HN2A DGT B . 2.14 -7.54 -6.41
H16 DGT B . 5.46 -7.77 -5.03
MG MG C . 1.59 -7.89 -2.05
MG MG D . -0.91 -9.71 -4.65
N MET A 1 -5.78 -17.18 -5.41
CA MET A 1 -6.43 -17.96 -4.31
C MET A 1 -7.79 -17.35 -3.99
N LEU A 2 -7.78 -16.12 -3.51
CA LEU A 2 -8.99 -15.42 -3.16
C LEU A 2 -9.57 -14.71 -4.36
N THR A 3 -10.85 -14.42 -4.31
CA THR A 3 -11.54 -13.74 -5.40
C THR A 3 -11.83 -12.30 -4.99
N LEU A 4 -12.35 -11.50 -5.92
CA LEU A 4 -12.68 -10.11 -5.64
C LEU A 4 -13.61 -10.01 -4.44
N ILE A 5 -14.65 -10.84 -4.44
CA ILE A 5 -15.61 -10.84 -3.36
C ILE A 5 -14.97 -11.28 -2.04
N GLN A 6 -14.21 -12.36 -2.10
CA GLN A 6 -13.51 -12.86 -0.92
C GLN A 6 -12.58 -11.80 -0.38
N GLY A 7 -11.74 -11.26 -1.25
CA GLY A 7 -10.81 -10.21 -0.87
C GLY A 7 -11.52 -9.04 -0.21
N LYS A 8 -12.64 -8.64 -0.77
CA LYS A 8 -13.41 -7.54 -0.24
C LYS A 8 -13.96 -7.88 1.14
N LYS A 9 -14.46 -9.11 1.29
CA LYS A 9 -15.02 -9.56 2.56
C LYS A 9 -13.94 -9.63 3.64
N ILE A 10 -12.84 -10.30 3.30
CA ILE A 10 -11.75 -10.47 4.24
C ILE A 10 -11.07 -9.15 4.57
N VAL A 11 -10.79 -8.32 3.58
CA VAL A 11 -10.16 -7.03 3.83
C VAL A 11 -11.05 -6.19 4.74
N ASN A 12 -12.33 -6.13 4.40
CA ASN A 12 -13.30 -5.38 5.18
C ASN A 12 -13.22 -5.74 6.66
N HIS A 13 -13.25 -7.04 6.94
CA HIS A 13 -13.18 -7.51 8.32
C HIS A 13 -11.77 -7.34 8.88
N LEU A 14 -10.78 -7.62 8.05
CA LEU A 14 -9.38 -7.50 8.45
C LEU A 14 -9.07 -6.10 8.94
N ARG A 15 -9.71 -5.11 8.32
CA ARG A 15 -9.53 -3.72 8.70
C ARG A 15 -10.31 -3.41 9.96
N SER A 16 -11.52 -3.92 10.02
CA SER A 16 -12.39 -3.70 11.17
C SER A 16 -11.91 -4.46 12.41
N ARG A 17 -10.96 -5.37 12.23
CA ARG A 17 -10.44 -6.18 13.32
C ARG A 17 -8.95 -5.95 13.61
N LEU A 18 -8.32 -4.99 12.94
CA LEU A 18 -6.89 -4.79 13.14
C LEU A 18 -6.63 -4.02 14.42
N ALA A 19 -5.56 -4.37 15.10
CA ALA A 19 -5.15 -3.68 16.31
C ALA A 19 -3.69 -3.99 16.59
N PHE A 20 -2.92 -3.00 16.96
CA PHE A 20 -1.54 -3.23 17.27
C PHE A 20 -1.23 -2.78 18.69
N GLU A 21 -0.20 -3.35 19.27
CA GLU A 21 0.18 -2.98 20.62
C GLU A 21 1.47 -2.19 20.61
N TYR A 22 1.46 -1.14 21.38
CA TYR A 22 2.58 -0.26 21.51
C TYR A 22 2.87 0.01 22.98
N ASN A 23 4.03 -0.43 23.44
CA ASN A 23 4.45 -0.22 24.83
C ASN A 23 3.44 -0.77 25.83
N GLY A 24 2.74 -1.83 25.44
CA GLY A 24 1.76 -2.44 26.33
C GLY A 24 0.38 -1.84 26.18
N GLN A 25 0.23 -0.83 25.34
CA GLN A 25 -1.06 -0.20 25.11
C GLN A 25 -1.64 -0.70 23.79
N LEU A 26 -2.91 -1.03 23.78
CA LEU A 26 -3.57 -1.51 22.57
C LEU A 26 -4.08 -0.36 21.69
N ILE A 27 -3.77 -0.44 20.41
CA ILE A 27 -4.18 0.57 19.44
C ILE A 27 -4.86 -0.10 18.23
N LYS A 28 -6.19 0.02 18.15
CA LYS A 28 -6.97 -0.58 17.05
C LYS A 28 -6.75 0.19 15.74
N ILE A 29 -6.72 -0.54 14.62
CA ILE A 29 -6.49 0.09 13.30
C ILE A 29 -7.49 -0.40 12.23
N LEU A 30 -8.25 0.57 11.68
CA LEU A 30 -9.23 0.30 10.63
C LEU A 30 -8.71 0.73 9.27
N SER A 31 -9.50 0.45 8.24
CA SER A 31 -9.16 0.79 6.86
C SER A 31 -8.84 2.28 6.66
N LYS A 32 -9.24 3.11 7.62
CA LYS A 32 -8.97 4.55 7.55
C LYS A 32 -7.47 4.81 7.56
N ASN A 33 -6.74 3.83 8.07
CA ASN A 33 -5.30 3.91 8.18
C ASN A 33 -4.63 2.96 7.20
N ILE A 34 -5.32 1.87 6.87
CA ILE A 34 -4.80 0.87 5.95
C ILE A 34 -5.56 0.86 4.63
N VAL A 35 -4.84 1.05 3.54
CA VAL A 35 -5.44 1.08 2.22
C VAL A 35 -5.05 -0.17 1.43
N ALA A 36 -6.06 -0.97 1.08
CA ALA A 36 -5.83 -2.20 0.34
C ALA A 36 -5.52 -1.90 -1.12
N VAL A 37 -4.54 -2.60 -1.65
CA VAL A 37 -4.11 -2.45 -3.02
C VAL A 37 -3.83 -3.80 -3.65
N GLY A 38 -4.08 -3.87 -4.95
CA GLY A 38 -3.85 -5.07 -5.68
C GLY A 38 -4.80 -5.19 -6.84
N SER A 39 -4.99 -6.41 -7.31
CA SER A 39 -5.91 -6.68 -8.39
C SER A 39 -7.31 -6.34 -7.90
N LEU A 40 -7.49 -6.38 -6.57
CA LEU A 40 -8.74 -6.04 -5.92
C LEU A 40 -9.13 -4.61 -6.33
N ARG A 41 -8.15 -3.72 -6.35
CA ARG A 41 -8.38 -2.34 -6.73
C ARG A 41 -8.54 -2.28 -8.24
N ARG A 42 -7.86 -3.17 -8.94
CA ARG A 42 -7.94 -3.25 -10.40
C ARG A 42 -9.22 -3.94 -10.88
N GLU A 43 -10.03 -4.43 -9.92
CA GLU A 43 -11.30 -5.09 -10.21
C GLU A 43 -11.07 -6.45 -10.89
N GLU A 44 -10.10 -7.20 -10.38
CA GLU A 44 -9.77 -8.51 -10.92
C GLU A 44 -10.63 -9.60 -10.30
N LYS A 45 -10.93 -10.61 -11.08
CA LYS A 45 -11.76 -11.72 -10.64
C LYS A 45 -11.11 -12.48 -9.50
N MET A 46 -9.79 -12.63 -9.55
CA MET A 46 -9.08 -13.39 -8.52
C MET A 46 -7.60 -13.01 -8.44
N LEU A 47 -7.06 -12.94 -7.23
CA LEU A 47 -5.66 -12.61 -7.03
C LEU A 47 -5.01 -13.54 -6.00
N ASN A 48 -3.68 -13.55 -5.96
CA ASN A 48 -2.95 -14.41 -5.03
C ASN A 48 -2.84 -13.83 -3.63
N ASP A 49 -2.23 -12.67 -3.49
CA ASP A 49 -2.03 -12.07 -2.17
C ASP A 49 -2.74 -10.73 -2.04
N VAL A 50 -3.21 -10.39 -0.85
CA VAL A 50 -3.91 -9.13 -0.61
C VAL A 50 -2.93 -8.13 -0.05
N ASP A 51 -2.77 -7.04 -0.73
CA ASP A 51 -1.79 -6.08 -0.34
C ASP A 51 -2.42 -4.82 0.20
N LEU A 52 -1.76 -4.18 1.13
CA LEU A 52 -2.28 -2.98 1.73
C LEU A 52 -1.18 -2.14 2.34
N LEU A 53 -1.21 -0.85 2.07
CA LEU A 53 -0.22 0.06 2.62
C LEU A 53 -0.85 0.93 3.69
N ILE A 54 -0.19 1.00 4.84
CA ILE A 54 -0.65 1.79 5.95
C ILE A 54 -0.05 3.20 5.86
N ILE A 55 -0.92 4.20 5.92
CA ILE A 55 -0.46 5.58 5.85
C ILE A 55 -0.56 6.23 7.22
N VAL A 56 0.56 6.67 7.73
CA VAL A 56 0.60 7.29 9.05
C VAL A 56 1.25 8.67 8.98
N PRO A 57 0.62 9.70 9.58
CA PRO A 57 1.15 11.07 9.59
C PRO A 57 2.38 11.21 10.48
N GLU A 58 2.74 10.14 11.17
CA GLU A 58 3.89 10.16 12.05
C GLU A 58 4.76 8.94 11.83
N LYS A 59 6.05 9.18 11.72
CA LYS A 59 7.03 8.12 11.52
C LYS A 59 7.06 7.24 12.75
N LYS A 60 6.78 7.86 13.90
CA LYS A 60 6.78 7.16 15.16
C LYS A 60 5.65 6.16 15.20
N LEU A 61 4.41 6.65 15.14
CA LEU A 61 3.23 5.79 15.19
C LEU A 61 3.26 4.73 14.09
N LEU A 62 3.95 5.03 13.00
CA LEU A 62 4.07 4.10 11.89
C LEU A 62 4.91 2.92 12.32
N LYS A 63 6.04 3.22 12.94
CA LYS A 63 6.94 2.19 13.41
C LYS A 63 6.36 1.47 14.62
N HIS A 64 5.39 2.07 15.30
CA HIS A 64 4.76 1.47 16.48
C HIS A 64 3.95 0.24 16.15
N VAL A 65 3.57 0.11 14.88
CA VAL A 65 2.79 -1.02 14.44
C VAL A 65 3.61 -2.31 14.45
N LEU A 66 4.91 -2.15 14.23
CA LEU A 66 5.84 -3.28 14.17
C LEU A 66 5.99 -4.04 15.50
N PRO A 67 6.31 -3.36 16.65
CA PRO A 67 6.50 -4.01 17.96
C PRO A 67 5.46 -5.10 18.23
N ASN A 68 4.18 -4.77 18.14
CA ASN A 68 3.14 -5.75 18.37
C ASN A 68 1.95 -5.46 17.48
N ILE A 69 1.48 -6.49 16.79
CA ILE A 69 0.33 -6.37 15.90
C ILE A 69 -0.58 -7.59 16.06
N ARG A 70 -1.86 -7.35 16.23
CA ARG A 70 -2.81 -8.44 16.42
C ARG A 70 -4.08 -8.22 15.61
N ILE A 71 -4.88 -9.28 15.53
CA ILE A 71 -6.15 -9.23 14.82
C ILE A 71 -7.22 -9.93 15.67
N LYS A 72 -8.42 -9.36 15.70
CA LYS A 72 -9.51 -9.91 16.51
C LYS A 72 -10.00 -11.27 16.01
N GLY A 73 -9.65 -12.31 16.75
CA GLY A 73 -10.06 -13.67 16.46
C GLY A 73 -9.47 -14.27 15.19
N LEU A 74 -8.29 -13.81 14.79
CA LEU A 74 -7.67 -14.32 13.57
C LEU A 74 -6.30 -14.94 13.84
N SER A 75 -5.86 -15.84 12.94
CA SER A 75 -4.56 -16.47 13.07
C SER A 75 -3.62 -15.88 12.02
N PHE A 76 -2.43 -15.44 12.42
CA PHE A 76 -1.51 -14.82 11.46
C PHE A 76 -0.03 -15.11 11.77
N SER A 77 0.84 -14.63 10.88
CA SER A 77 2.29 -14.78 11.01
C SER A 77 2.96 -13.49 10.56
N VAL A 78 4.03 -13.07 11.24
CA VAL A 78 4.70 -11.79 10.92
C VAL A 78 6.06 -11.99 10.25
N LYS A 79 6.18 -11.53 9.01
CA LYS A 79 7.42 -11.61 8.25
C LYS A 79 7.83 -10.21 7.79
N VAL A 80 9.10 -10.01 7.53
CA VAL A 80 9.60 -8.73 7.08
C VAL A 80 10.03 -8.83 5.61
N CYS A 81 10.07 -7.71 4.90
CA CYS A 81 10.46 -7.71 3.50
C CYS A 81 11.25 -6.45 3.16
N GLY A 82 12.48 -6.63 2.71
CA GLY A 82 13.29 -5.49 2.36
C GLY A 82 13.55 -4.57 3.54
N GLU A 83 13.48 -3.28 3.30
CA GLU A 83 13.72 -2.28 4.33
C GLU A 83 12.43 -1.79 4.97
N ARG A 84 11.44 -1.44 4.15
CA ARG A 84 10.18 -0.92 4.66
C ARG A 84 8.98 -1.82 4.34
N LYS A 85 9.22 -2.93 3.67
CA LYS A 85 8.12 -3.83 3.33
C LYS A 85 7.94 -4.91 4.41
N CYS A 86 6.71 -5.35 4.57
CA CYS A 86 6.40 -6.38 5.54
C CYS A 86 5.47 -7.41 4.90
N VAL A 87 5.60 -8.65 5.33
CA VAL A 87 4.78 -9.73 4.79
C VAL A 87 4.13 -10.49 5.93
N LEU A 88 2.83 -10.62 5.89
CA LEU A 88 2.14 -11.35 6.94
C LEU A 88 1.29 -12.45 6.33
N PHE A 89 1.03 -13.48 7.10
CA PHE A 89 0.21 -14.57 6.65
C PHE A 89 -1.03 -14.63 7.52
N ILE A 90 -2.16 -14.95 6.94
CA ILE A 90 -3.40 -14.99 7.70
C ILE A 90 -4.13 -16.30 7.46
N GLU A 91 -4.67 -16.88 8.52
CA GLU A 91 -5.39 -18.13 8.40
C GLU A 91 -6.69 -18.06 9.21
N TRP A 92 -7.76 -18.50 8.54
CA TRP A 92 -9.09 -18.51 9.13
C TRP A 92 -10.02 -19.37 8.29
N GLU A 93 -11.02 -19.98 8.93
CA GLU A 93 -12.01 -20.82 8.24
C GLU A 93 -11.34 -22.02 7.57
N LYS A 94 -10.37 -22.59 8.27
CA LYS A 94 -9.61 -23.75 7.80
C LYS A 94 -8.87 -23.44 6.51
N LYS A 95 -8.52 -22.16 6.33
CA LYS A 95 -7.78 -21.75 5.13
C LYS A 95 -6.69 -20.77 5.52
N THR A 96 -5.70 -20.64 4.64
CA THR A 96 -4.56 -19.75 4.84
C THR A 96 -4.37 -18.83 3.63
N TYR A 97 -4.03 -17.56 3.89
CA TYR A 97 -3.84 -16.58 2.82
C TYR A 97 -2.62 -15.70 3.09
N GLN A 98 -2.18 -14.97 2.07
CA GLN A 98 -1.02 -14.08 2.18
C GLN A 98 -1.46 -12.62 2.28
N LEU A 99 -0.90 -11.93 3.25
CA LEU A 99 -1.21 -10.53 3.49
C LEU A 99 0.05 -9.67 3.37
N ASP A 100 0.14 -8.88 2.32
CA ASP A 100 1.29 -8.00 2.13
C ASP A 100 0.95 -6.63 2.72
N LEU A 101 1.82 -6.11 3.57
CA LEU A 101 1.58 -4.81 4.16
C LEU A 101 2.81 -3.94 4.06
N PHE A 102 2.59 -2.69 3.69
CA PHE A 102 3.69 -1.75 3.53
C PHE A 102 3.45 -0.52 4.39
N THR A 103 4.49 -0.06 5.04
CA THR A 103 4.41 1.10 5.92
C THR A 103 4.80 2.37 5.17
N ALA A 104 3.94 3.38 5.20
CA ALA A 104 4.20 4.63 4.50
C ALA A 104 3.76 5.83 5.32
N LEU A 105 4.25 7.00 4.95
CA LEU A 105 3.89 8.23 5.63
C LEU A 105 2.69 8.87 4.95
N ALA A 106 2.05 9.78 5.67
CA ALA A 106 0.88 10.48 5.16
C ALA A 106 1.18 11.19 3.85
N GLU A 107 2.43 11.59 3.69
CA GLU A 107 2.87 12.29 2.48
C GLU A 107 3.16 11.33 1.34
N GLU A 108 3.46 10.07 1.66
CA GLU A 108 3.76 9.08 0.63
C GLU A 108 2.49 8.49 0.03
N LYS A 109 1.37 8.80 0.67
CA LYS A 109 0.04 8.31 0.26
C LYS A 109 -0.18 8.28 -1.27
N PRO A 110 -0.15 9.43 -1.99
CA PRO A 110 -0.38 9.47 -3.44
C PRO A 110 0.61 8.62 -4.24
N TYR A 111 1.88 8.71 -3.88
CA TYR A 111 2.94 7.97 -4.57
C TYR A 111 2.75 6.47 -4.42
N ALA A 112 2.60 6.04 -3.18
CA ALA A 112 2.43 4.63 -2.85
C ALA A 112 1.25 4.04 -3.63
N ILE A 113 0.13 4.74 -3.61
CA ILE A 113 -1.06 4.28 -4.30
C ILE A 113 -0.81 4.19 -5.80
N PHE A 114 -0.12 5.18 -6.36
CA PHE A 114 0.18 5.19 -7.78
C PHE A 114 0.85 3.90 -8.20
N HIS A 115 1.85 3.50 -7.43
CA HIS A 115 2.59 2.29 -7.72
C HIS A 115 1.68 1.06 -7.68
N PHE A 116 1.04 0.86 -6.55
CA PHE A 116 0.17 -0.31 -6.37
C PHE A 116 -1.16 -0.18 -7.10
N THR A 117 -1.39 0.92 -7.80
CA THR A 117 -2.67 1.12 -8.49
C THR A 117 -3.02 -0.06 -9.42
N GLY A 118 -2.31 -0.20 -10.54
CA GLY A 118 -2.60 -1.30 -11.43
C GLY A 118 -1.39 -2.14 -11.77
N PRO A 119 -0.84 -2.01 -13.00
CA PRO A 119 0.31 -2.78 -13.41
C PRO A 119 1.64 -2.03 -13.29
N VAL A 120 2.62 -2.71 -12.71
CA VAL A 120 3.98 -2.18 -12.53
C VAL A 120 4.56 -1.65 -13.84
N SER A 121 4.22 -2.32 -14.94
CA SER A 121 4.71 -1.93 -16.26
C SER A 121 4.45 -0.44 -16.53
N TYR A 122 3.26 0.03 -16.19
CA TYR A 122 2.90 1.44 -16.38
C TYR A 122 3.88 2.35 -15.63
N LEU A 123 4.22 1.94 -14.42
CA LEU A 123 5.14 2.70 -13.58
C LEU A 123 6.51 2.79 -14.21
N ILE A 124 7.03 1.64 -14.64
CA ILE A 124 8.33 1.58 -15.28
C ILE A 124 8.40 2.52 -16.48
N ARG A 125 7.32 2.56 -17.25
CA ARG A 125 7.22 3.43 -18.41
C ARG A 125 7.34 4.89 -17.99
N ILE A 126 6.64 5.23 -16.92
CA ILE A 126 6.64 6.59 -16.37
C ILE A 126 8.02 6.91 -15.77
N ARG A 127 8.60 5.93 -15.09
CA ARG A 127 9.90 6.09 -14.47
C ARG A 127 10.96 6.46 -15.52
N ALA A 128 10.90 5.77 -16.65
CA ALA A 128 11.83 6.02 -17.73
C ALA A 128 11.59 7.39 -18.34
N ALA A 129 10.32 7.75 -18.49
CA ALA A 129 9.94 9.03 -19.04
C ALA A 129 10.48 10.17 -18.17
N LEU A 130 10.32 10.04 -16.87
CA LEU A 130 10.81 11.04 -15.95
C LEU A 130 12.33 11.15 -16.05
N LYS A 131 12.98 10.00 -16.13
CA LYS A 131 14.43 9.95 -16.26
C LYS A 131 14.88 10.76 -17.46
N LYS A 132 14.11 10.68 -18.54
CA LYS A 132 14.40 11.40 -19.77
C LYS A 132 14.17 12.90 -19.58
N LYS A 133 13.26 13.27 -18.68
CA LYS A 133 13.00 14.69 -18.42
C LYS A 133 13.77 15.18 -17.19
N ASN A 134 14.65 14.31 -16.68
CA ASN A 134 15.53 14.62 -15.53
C ASN A 134 14.76 14.66 -14.21
N TYR A 135 13.83 13.74 -14.09
CA TYR A 135 13.02 13.61 -12.88
C TYR A 135 13.15 12.18 -12.35
N LYS A 136 13.26 12.06 -11.04
CA LYS A 136 13.38 10.76 -10.41
C LYS A 136 12.36 10.64 -9.28
N LEU A 137 11.43 9.73 -9.41
CA LEU A 137 10.41 9.54 -8.39
C LEU A 137 10.89 8.51 -7.36
N ASN A 138 10.44 8.67 -6.13
CA ASN A 138 10.78 7.77 -5.05
C ASN A 138 9.69 7.85 -4.00
N GLN A 139 9.65 6.87 -3.10
CA GLN A 139 8.64 6.83 -2.05
C GLN A 139 8.66 8.10 -1.21
N TYR A 140 9.82 8.74 -1.14
CA TYR A 140 9.99 9.93 -0.32
C TYR A 140 9.55 11.21 -1.04
N GLY A 141 9.58 11.20 -2.36
CA GLY A 141 9.21 12.38 -3.10
C GLY A 141 9.75 12.38 -4.51
N LEU A 142 9.93 13.57 -5.08
CA LEU A 142 10.44 13.70 -6.43
C LEU A 142 11.85 14.28 -6.42
N PHE A 143 12.72 13.76 -7.25
CA PHE A 143 14.08 14.25 -7.32
C PHE A 143 14.31 14.97 -8.65
N LYS A 144 14.28 16.30 -8.60
CA LYS A 144 14.51 17.11 -9.79
C LYS A 144 15.95 17.57 -9.78
N ASN A 145 16.72 17.10 -10.78
CA ASN A 145 18.14 17.45 -10.88
C ASN A 145 18.88 17.02 -9.61
N GLN A 146 18.41 15.91 -9.04
CA GLN A 146 18.96 15.33 -7.81
C GLN A 146 18.53 16.09 -6.56
N THR A 147 17.63 17.05 -6.72
CA THR A 147 17.11 17.81 -5.60
C THR A 147 15.74 17.26 -5.20
N LEU A 148 15.60 16.87 -3.94
CA LEU A 148 14.33 16.32 -3.46
C LEU A 148 13.26 17.40 -3.37
N VAL A 149 12.12 17.10 -3.95
CA VAL A 149 10.98 17.97 -3.96
C VAL A 149 9.77 17.24 -3.38
N PRO A 150 9.14 17.81 -2.33
CA PRO A 150 7.96 17.22 -1.70
C PRO A 150 6.74 17.23 -2.61
N LEU A 151 5.61 16.77 -2.10
CA LEU A 151 4.39 16.69 -2.88
C LEU A 151 3.30 17.63 -2.38
N LYS A 152 2.59 18.24 -3.31
CA LYS A 152 1.47 19.12 -2.99
C LYS A 152 0.19 18.50 -3.49
N ILE A 153 0.22 17.17 -3.60
CA ILE A 153 -0.92 16.42 -4.09
C ILE A 153 -1.28 15.28 -3.14
N THR A 154 -2.46 14.72 -3.35
CA THR A 154 -2.94 13.62 -2.52
C THR A 154 -3.89 12.70 -3.32
N THR A 155 -3.78 12.77 -4.64
CA THR A 155 -4.63 11.97 -5.52
C THR A 155 -3.80 11.46 -6.69
N GLU A 156 -4.17 10.30 -7.23
CA GLU A 156 -3.46 9.71 -8.36
C GLU A 156 -3.48 10.66 -9.54
N LYS A 157 -4.67 11.23 -9.81
CA LYS A 157 -4.84 12.16 -10.91
C LYS A 157 -3.97 13.40 -10.70
N GLU A 158 -4.01 13.95 -9.50
CA GLU A 158 -3.22 15.12 -9.17
C GLU A 158 -1.73 14.80 -9.32
N LEU A 159 -1.34 13.61 -8.87
CA LEU A 159 0.05 13.18 -8.96
C LEU A 159 0.49 13.06 -10.41
N ILE A 160 -0.28 12.35 -11.24
CA ILE A 160 0.08 12.20 -12.64
C ILE A 160 0.13 13.56 -13.33
N LYS A 161 -0.82 14.43 -13.01
CA LYS A 161 -0.85 15.77 -13.60
C LYS A 161 0.39 16.55 -13.15
N GLU A 162 0.77 16.35 -11.88
CA GLU A 162 1.94 17.00 -11.33
C GLU A 162 3.20 16.46 -11.99
N LEU A 163 3.22 15.15 -12.25
CA LEU A 163 4.36 14.50 -12.89
C LEU A 163 4.47 14.92 -14.36
N GLY A 164 3.34 15.31 -14.94
CA GLY A 164 3.32 15.73 -16.32
C GLY A 164 2.78 14.66 -17.25
N PHE A 165 2.05 13.69 -16.69
CA PHE A 165 1.49 12.61 -17.48
C PHE A 165 -0.03 12.56 -17.36
N THR A 166 -0.64 11.63 -18.10
CA THR A 166 -2.07 11.47 -18.07
C THR A 166 -2.43 10.19 -17.32
N TYR A 167 -3.59 10.17 -16.69
CA TYR A 167 -4.03 9.01 -15.94
C TYR A 167 -4.77 8.02 -16.82
N ARG A 168 -4.15 6.87 -17.02
CA ARG A 168 -4.73 5.79 -17.78
C ARG A 168 -5.42 4.85 -16.82
N ILE A 169 -6.24 3.94 -17.32
CA ILE A 169 -6.91 3.00 -16.44
C ILE A 169 -6.13 1.69 -16.39
N PRO A 170 -5.79 1.23 -15.19
CA PRO A 170 -5.02 0.00 -15.01
C PRO A 170 -5.72 -1.24 -15.56
N LYS A 171 -7.04 -1.14 -15.65
CA LYS A 171 -7.87 -2.23 -16.16
C LYS A 171 -7.49 -2.61 -17.59
N LYS A 172 -7.07 -1.62 -18.37
CA LYS A 172 -6.72 -1.85 -19.77
C LYS A 172 -5.21 -1.95 -20.00
N ARG A 173 -4.44 -2.08 -18.92
CA ARG A 173 -2.97 -2.21 -18.99
C ARG A 173 -2.29 -0.95 -19.55
N LEU A 174 -1.45 -0.31 -18.73
CA LEU A 174 -0.74 0.90 -19.12
C LEU A 174 -1.68 1.93 -19.77
PG DGT B . -1.24 -10.36 -7.00
O1G DGT B . -1.91 -10.83 -8.23
O2G DGT B . -1.94 -10.55 -5.70
O3G DGT B . 0.14 -11.18 -6.88
O3B DGT B . -0.80 -8.82 -7.13
PB DGT B . -1.47 -7.76 -6.10
O1B DGT B . -1.79 -6.57 -6.92
O2B DGT B . -2.57 -8.40 -5.33
O3A DGT B . -0.27 -7.45 -5.09
PA DGT B . 0.31 -5.99 -4.71
O1A DGT B . 1.44 -6.27 -3.80
O2A DGT B . -0.82 -5.21 -4.18
O5' DGT B . 0.94 -5.14 -5.92
C5' DGT B . 0.38 -4.91 -7.22
C4' DGT B . 1.43 -4.04 -7.90
O4' DGT B . 2.29 -3.63 -6.83
C3' DGT B . 2.32 -4.77 -8.90
O3' DGT B . 2.56 -3.94 -10.05
C2' DGT B . 3.62 -4.97 -8.13
C1' DGT B . 3.66 -3.72 -7.27
N9 DGT B . 4.58 -3.91 -6.12
C8 DGT B . 5.66 -3.18 -5.87
N7 DGT B . 6.49 -3.92 -5.14
C5 DGT B . 5.92 -5.10 -4.94
C6 DGT B . 6.42 -6.22 -4.45
O6 DGT B . 7.57 -6.25 -4.01
N1 DGT B . 5.68 -7.41 -4.54
C2 DGT B . 4.42 -7.36 -5.13
N2 DGT B . 3.65 -8.42 -5.23
N3 DGT B . 3.96 -6.18 -5.59
C4 DGT B . 4.72 -5.08 -5.51
H5' DGT B . -0.59 -4.40 -7.18
H5'A DGT B . 0.29 -5.87 -7.73
H4' DGT B . 0.97 -3.17 -8.37
H3' DGT B . 1.87 -5.73 -9.17
HO3' DGT B . 1.70 -3.48 -10.28
H2' DGT B . 4.50 -5.02 -8.76
H2'A DGT B . 3.53 -5.85 -7.49
H1' DGT B . 3.93 -2.86 -7.87
H8 DGT B . 5.68 -2.09 -5.95
HN2 DGT B . 2.77 -8.39 -5.71
HN2A DGT B . 3.99 -9.31 -4.89
H16 DGT B . 6.09 -8.29 -4.29
MG MG C . 1.58 -8.69 -2.26
MG MG D . -1.76 -9.03 -3.70
#